data_7D74
#
_entry.id   7D74
#
_cell.length_a   1.00
_cell.length_b   1.00
_cell.length_c   1.00
_cell.angle_alpha   90.00
_cell.angle_beta   90.00
_cell.angle_gamma   90.00
#
_symmetry.space_group_name_H-M   'P 1'
#
loop_
_entity.id
_entity.type
_entity.pdbx_description
1 polymer 'Mannose-1-phosphate guanyltransferase alpha'
2 polymer 'Mannose-1-phosphate guanyltransferase beta'
3 non-polymer "GUANOSINE-5'-TRIPHOSPHATE"
#
loop_
_entity_poly.entity_id
_entity_poly.type
_entity_poly.pdbx_seq_one_letter_code
_entity_poly.pdbx_strand_id
1 'polypeptide(L)'
;MLKAVILIGGPQKGTRFRPLSFEVPKPLFPVAGVPMIQHHIEACAQVPGMQEILLIGFYQPDEPLTQFLEAAQQEFNLPV
RYLQEFAPLGTGGGLYHFRDQILAGSPEAFFVLNADVCSDFPLSAMLEAHRRQRHPFLLLGTTANRTQSLNYGCIVENPQ
THEVLHYVEKPSTFISDIINCGIYLFSPEALKPLRDVFQRNQQDGQLEDSPGLWPGAGTIRLEQDVFSALAGQGQIYVHL
TDGIWSQIKSAGSALYASRLYLSRYQDTHPERLAKHTPGGPWIRGNVYIHPTAKVAPSAVLGPNVSIGKGVTVGEGVRLR
ESIVLHGATLQEHTCVLHSIVGWGSTVGRWARVEGTPSDPNPNDPRARMDSESLFKDGKLLPAITILGCRVRIPAEVLIL
NSIVLPHKELSRSFTNQIIL
;
A,D,B,C
2 'polypeptide(L)'
;MKALILVGGYGTRLRPLTLSTPKPLVDFCNKPILLHQVEALAAAGVDHVILAVSYMSQVLEKEMKAQEQRLGIRISMSHE
EEPLGTAGPLALARDLLSETADPFFVLNSDVICDFPFQAMVQFHRHHGQEGSILVTKVEEPSKYGVVVCEADTGRIHRFV
EKPQVFVSNKINAGMYILSPAVLQRIQLQPTSIEKEVFPIMAKEGQLYAMELQGFWMDIGQPKDFLTGMCLFLQSLRQKQ
PERLCSGPGIVGNVLVDPSARIGQNCSIGPNVSLGPGVVVEDGVCIRRCTVLRDARIRSHSWLESCIVGWRCRVGQWVRM
ENVTVLGEDVIVNDELYLNGASVLPHKSIGESVPEPRIIM
;
E,F,G,H,I,J,K,L
#
# COMPACT_ATOMS: atom_id res chain seq x y z
N MET A 1 -3.60 26.95 -32.83
CA MET A 1 -3.44 26.17 -31.61
C MET A 1 -3.74 24.70 -31.87
N LEU A 2 -2.86 23.83 -31.39
CA LEU A 2 -2.99 22.39 -31.59
C LEU A 2 -2.96 21.68 -30.24
N LYS A 3 -3.57 20.51 -30.21
CA LYS A 3 -3.52 19.70 -29.01
C LYS A 3 -3.14 18.27 -29.35
N ALA A 4 -2.80 17.50 -28.31
CA ALA A 4 -2.39 16.12 -28.47
C ALA A 4 -3.01 15.28 -27.37
N VAL A 5 -3.67 14.20 -27.76
CA VAL A 5 -4.32 13.29 -26.84
C VAL A 5 -3.63 11.94 -26.99
N ILE A 6 -2.92 11.52 -25.96
CA ILE A 6 -2.25 10.23 -25.96
C ILE A 6 -3.13 9.27 -25.17
N LEU A 7 -3.70 8.29 -25.86
CA LEU A 7 -4.58 7.30 -25.25
C LEU A 7 -3.73 6.23 -24.58
N ILE A 8 -3.34 6.47 -23.34
CA ILE A 8 -2.76 5.39 -22.57
C ILE A 8 -3.86 4.45 -22.11
N GLY A 9 -3.49 3.25 -21.75
CA GLY A 9 -4.48 2.24 -21.43
C GLY A 9 -4.92 2.30 -19.99
N GLY A 10 -5.15 1.13 -19.43
CA GLY A 10 -5.35 0.99 -18.02
C GLY A 10 -4.66 -0.27 -17.55
N PRO A 11 -4.98 -0.72 -16.32
CA PRO A 11 -4.33 -1.92 -15.81
C PRO A 11 -4.74 -3.20 -16.50
N GLN A 12 -5.92 -3.23 -17.13
CA GLN A 12 -6.33 -4.42 -17.87
C GLN A 12 -5.59 -4.53 -19.19
N LYS A 13 -5.30 -3.40 -19.83
CA LYS A 13 -4.59 -3.41 -21.10
C LYS A 13 -3.12 -3.79 -20.92
N GLY A 14 -2.56 -3.56 -19.74
CA GLY A 14 -1.19 -3.91 -19.47
C GLY A 14 -0.95 -5.33 -19.02
N THR A 15 -2.00 -6.16 -18.91
CA THR A 15 -1.84 -7.53 -18.45
C THR A 15 -1.05 -8.37 -19.44
N ARG A 16 -1.20 -8.09 -20.74
CA ARG A 16 -0.37 -8.75 -21.75
C ARG A 16 1.10 -8.35 -21.66
N PHE A 17 1.40 -7.24 -20.98
CA PHE A 17 2.75 -6.82 -20.65
C PHE A 17 3.21 -7.36 -19.30
N ARG A 18 2.66 -8.50 -18.86
CA ARG A 18 2.50 -8.83 -17.43
C ARG A 18 3.77 -8.86 -16.55
N PRO A 19 4.89 -9.53 -16.88
CA PRO A 19 5.99 -9.59 -15.90
C PRO A 19 6.72 -8.27 -15.73
N LEU A 20 6.66 -7.39 -16.71
CA LEU A 20 7.20 -6.05 -16.59
C LEU A 20 6.17 -5.09 -16.04
N SER A 21 4.89 -5.32 -16.33
CA SER A 21 3.85 -4.43 -15.86
C SER A 21 3.42 -4.71 -14.42
N PHE A 22 4.08 -5.64 -13.72
CA PHE A 22 3.78 -5.86 -12.31
C PHE A 22 4.27 -4.71 -11.43
N GLU A 23 5.35 -4.02 -11.81
CA GLU A 23 5.83 -2.92 -10.97
C GLU A 23 5.46 -1.54 -11.48
N VAL A 24 5.71 -1.26 -12.76
CA VAL A 24 5.36 0.05 -13.31
C VAL A 24 4.30 -0.14 -14.39
N PRO A 25 3.48 0.89 -14.61
CA PRO A 25 2.53 0.84 -15.73
C PRO A 25 3.23 0.70 -17.08
N LYS A 26 2.57 -0.03 -17.97
CA LYS A 26 3.05 -0.22 -19.34
C LYS A 26 3.36 1.06 -20.12
N PRO A 27 2.62 2.19 -19.99
CA PRO A 27 3.09 3.43 -20.61
C PRO A 27 4.43 3.95 -20.11
N LEU A 28 4.78 3.70 -18.85
CA LEU A 28 6.03 4.21 -18.29
C LEU A 28 7.18 3.23 -18.41
N PHE A 29 7.06 2.21 -19.23
CA PHE A 29 8.17 1.28 -19.42
C PHE A 29 9.22 1.92 -20.33
N PRO A 30 10.50 1.90 -19.95
CA PRO A 30 11.53 2.55 -20.77
C PRO A 30 11.95 1.73 -21.98
N VAL A 31 11.58 2.20 -23.17
CA VAL A 31 12.14 1.69 -24.41
C VAL A 31 13.19 2.68 -24.91
N ALA A 32 14.40 2.17 -25.19
CA ALA A 32 15.59 2.95 -25.53
C ALA A 32 15.91 4.01 -24.48
N GLY A 33 15.68 3.68 -23.21
CA GLY A 33 16.13 4.47 -22.10
C GLY A 33 15.09 5.42 -21.51
N VAL A 34 14.20 5.94 -22.33
CA VAL A 34 13.17 6.86 -21.84
C VAL A 34 11.84 6.12 -21.89
N PRO A 35 10.85 6.47 -21.05
CA PRO A 35 9.55 5.79 -21.08
C PRO A 35 8.83 5.91 -22.43
N MET A 36 7.93 4.97 -22.68
CA MET A 36 7.44 4.76 -24.02
C MET A 36 6.49 5.86 -24.48
N ILE A 37 5.89 6.63 -23.57
CA ILE A 37 5.06 7.73 -24.02
C ILE A 37 5.82 9.04 -24.02
N GLN A 38 7.04 9.04 -23.46
CA GLN A 38 7.91 10.19 -23.61
C GLN A 38 8.38 10.39 -25.03
N HIS A 39 8.39 9.34 -25.86
CA HIS A 39 8.63 9.51 -27.29
C HIS A 39 7.50 10.28 -27.95
N HIS A 40 6.25 9.97 -27.57
CA HIS A 40 5.09 10.71 -28.08
C HIS A 40 5.11 12.15 -27.61
N ILE A 41 5.44 12.38 -26.34
CA ILE A 41 5.45 13.73 -25.78
C ILE A 41 6.60 14.54 -26.38
N GLU A 42 7.73 13.89 -26.65
CA GLU A 42 8.85 14.49 -27.39
C GLU A 42 8.42 14.95 -28.76
N ALA A 43 7.75 14.07 -29.50
CA ALA A 43 7.36 14.40 -30.87
C ALA A 43 6.24 15.42 -30.93
N CYS A 44 5.37 15.44 -29.92
CA CYS A 44 4.28 16.41 -29.91
C CYS A 44 4.77 17.78 -29.49
N ALA A 45 5.74 17.84 -28.57
CA ALA A 45 6.30 19.12 -28.18
C ALA A 45 7.16 19.75 -29.26
N GLN A 46 7.63 18.96 -30.23
CA GLN A 46 8.39 19.49 -31.35
C GLN A 46 7.49 20.19 -32.38
N VAL A 47 6.19 19.93 -32.35
CA VAL A 47 5.28 20.55 -33.33
C VAL A 47 5.01 21.98 -32.90
N PRO A 48 5.18 22.96 -33.80
CA PRO A 48 4.91 24.36 -33.42
C PRO A 48 3.41 24.63 -33.32
N GLY A 49 3.04 25.35 -32.27
CA GLY A 49 1.65 25.60 -31.98
C GLY A 49 0.98 24.59 -31.08
N MET A 50 1.74 23.64 -30.52
CA MET A 50 1.19 22.63 -29.63
C MET A 50 1.06 23.24 -28.24
N GLN A 51 -0.17 23.40 -27.77
CA GLN A 51 -0.38 24.05 -26.48
C GLN A 51 -0.40 23.06 -25.32
N GLU A 52 -1.06 21.91 -25.49
CA GLU A 52 -1.30 21.01 -24.39
C GLU A 52 -1.19 19.58 -24.86
N ILE A 53 -0.77 18.70 -23.94
CA ILE A 53 -0.75 17.27 -24.17
C ILE A 53 -1.60 16.63 -23.08
N LEU A 54 -2.67 15.97 -23.48
CA LEU A 54 -3.56 15.28 -22.55
C LEU A 54 -3.34 13.79 -22.65
N LEU A 55 -3.32 13.11 -21.52
CA LEU A 55 -3.24 11.66 -21.48
C LEU A 55 -4.54 11.13 -20.90
N ILE A 56 -5.24 10.31 -21.68
CA ILE A 56 -6.51 9.75 -21.26
C ILE A 56 -6.29 8.27 -21.01
N GLY A 57 -6.60 7.82 -19.80
CA GLY A 57 -6.50 6.41 -19.46
C GLY A 57 -7.22 6.17 -18.16
N PHE A 58 -7.30 4.92 -17.77
CA PHE A 58 -7.97 4.57 -16.53
C PHE A 58 -7.02 3.93 -15.52
N TYR A 59 -5.74 4.30 -15.59
CA TYR A 59 -4.83 4.06 -14.49
C TYR A 59 -5.19 4.99 -13.34
N GLN A 60 -5.04 4.51 -12.12
CA GLN A 60 -5.14 5.38 -10.96
C GLN A 60 -3.85 6.17 -10.81
N PRO A 61 -3.93 7.45 -10.43
CA PRO A 61 -2.70 8.25 -10.31
C PRO A 61 -1.88 7.87 -9.08
N ASP A 62 -0.80 7.14 -9.31
CA ASP A 62 0.16 6.75 -8.29
C ASP A 62 1.44 7.57 -8.46
N GLU A 63 2.45 7.25 -7.66
CA GLU A 63 3.69 8.04 -7.68
C GLU A 63 4.49 7.97 -8.99
N PRO A 64 4.64 6.82 -9.70
CA PRO A 64 5.34 6.88 -11.01
C PRO A 64 4.66 7.74 -12.07
N LEU A 65 3.34 7.71 -12.15
CA LEU A 65 2.64 8.49 -13.17
C LEU A 65 2.72 9.98 -12.88
N THR A 66 2.54 10.39 -11.62
CA THR A 66 2.61 11.80 -11.28
C THR A 66 4.04 12.33 -11.35
N GLN A 67 5.02 11.48 -11.00
CA GLN A 67 6.42 11.87 -11.13
C GLN A 67 6.80 12.05 -12.59
N PHE A 68 6.28 11.18 -13.47
CA PHE A 68 6.51 11.35 -14.89
C PHE A 68 5.85 12.61 -15.42
N LEU A 69 4.65 12.93 -14.92
CA LEU A 69 3.94 14.13 -15.37
C LEU A 69 4.69 15.41 -14.99
N GLU A 70 5.21 15.46 -13.76
CA GLU A 70 6.00 16.61 -13.33
C GLU A 70 7.31 16.71 -14.12
N ALA A 71 7.98 15.57 -14.35
CA ALA A 71 9.23 15.58 -15.11
C ALA A 71 9.02 15.97 -16.56
N ALA A 72 7.90 15.55 -17.17
CA ALA A 72 7.62 15.91 -18.56
C ALA A 72 7.22 17.36 -18.69
N GLN A 73 6.46 17.89 -17.70
CA GLN A 73 6.11 19.31 -17.70
C GLN A 73 7.35 20.19 -17.53
N GLN A 74 8.32 19.73 -16.74
CA GLN A 74 9.55 20.51 -16.59
C GLN A 74 10.45 20.38 -17.81
N GLU A 75 10.50 19.19 -18.42
CA GLU A 75 11.45 18.96 -19.51
C GLU A 75 10.98 19.60 -20.81
N PHE A 76 9.71 19.47 -21.16
CA PHE A 76 9.26 19.87 -22.48
C PHE A 76 8.54 21.20 -22.50
N ASN A 77 8.44 21.89 -21.36
CA ASN A 77 7.93 23.27 -21.23
C ASN A 77 6.48 23.37 -21.73
N LEU A 78 5.67 22.38 -21.34
CA LEU A 78 4.32 22.21 -21.85
C LEU A 78 3.46 21.64 -20.73
N PRO A 79 2.19 22.02 -20.67
CA PRO A 79 1.27 21.36 -19.73
C PRO A 79 0.93 19.96 -20.20
N VAL A 80 1.31 18.96 -19.39
CA VAL A 80 1.00 17.57 -19.65
C VAL A 80 0.05 17.13 -18.55
N ARG A 81 -1.23 16.97 -18.90
CA ARG A 81 -2.27 16.64 -17.95
C ARG A 81 -2.75 15.21 -18.14
N TYR A 82 -3.17 14.59 -17.05
CA TYR A 82 -3.70 13.24 -17.06
C TYR A 82 -5.19 13.30 -16.76
N LEU A 83 -6.00 12.90 -17.74
CA LEU A 83 -7.44 12.81 -17.58
C LEU A 83 -7.80 11.35 -17.30
N GLN A 84 -8.27 11.07 -16.11
CA GLN A 84 -8.59 9.71 -15.70
C GLN A 84 -10.07 9.44 -15.93
N GLU A 85 -10.37 8.42 -16.71
CA GLU A 85 -11.76 8.04 -16.95
C GLU A 85 -12.32 7.32 -15.72
N PHE A 86 -13.64 7.40 -15.58
CA PHE A 86 -14.34 6.72 -14.49
C PHE A 86 -14.49 5.23 -14.74
N ALA A 87 -14.35 4.80 -15.98
CA ALA A 87 -14.48 3.40 -16.37
C ALA A 87 -13.68 3.23 -17.66
N PRO A 88 -13.32 1.99 -18.01
CA PRO A 88 -12.76 1.77 -19.35
C PRO A 88 -13.79 2.00 -20.43
N LEU A 89 -13.63 3.08 -21.19
CA LEU A 89 -14.60 3.52 -22.18
C LEU A 89 -14.19 3.19 -23.60
N GLY A 90 -13.15 2.40 -23.78
CA GLY A 90 -12.70 2.11 -25.12
C GLY A 90 -11.81 3.21 -25.66
N THR A 91 -11.49 3.09 -26.95
CA THR A 91 -10.57 4.04 -27.57
C THR A 91 -11.25 5.33 -27.97
N GLY A 92 -12.56 5.33 -28.14
CA GLY A 92 -13.27 6.53 -28.55
C GLY A 92 -14.11 7.13 -27.45
N GLY A 93 -14.43 6.32 -26.45
CA GLY A 93 -15.27 6.80 -25.37
C GLY A 93 -14.57 7.77 -24.45
N GLY A 94 -13.25 7.64 -24.30
CA GLY A 94 -12.50 8.63 -23.55
C GLY A 94 -12.35 9.92 -24.32
N LEU A 95 -12.30 9.84 -25.65
CA LEU A 95 -12.26 11.05 -26.47
C LEU A 95 -13.59 11.78 -26.43
N TYR A 96 -14.70 11.04 -26.40
CA TYR A 96 -16.00 11.68 -26.35
C TYR A 96 -16.33 12.18 -24.94
N HIS A 97 -15.89 11.45 -23.91
CA HIS A 97 -16.21 11.84 -22.54
C HIS A 97 -15.46 13.09 -22.12
N PHE A 98 -14.24 13.28 -22.61
CA PHE A 98 -13.42 14.45 -22.29
C PHE A 98 -13.46 15.46 -23.43
N ARG A 99 -14.60 15.61 -24.09
CA ARG A 99 -14.68 16.50 -25.25
C ARG A 99 -14.60 17.97 -24.87
N ASP A 100 -15.00 18.31 -23.63
CA ASP A 100 -14.93 19.70 -23.20
C ASP A 100 -13.52 20.10 -22.81
N GLN A 101 -12.75 19.16 -22.29
CA GLN A 101 -11.35 19.43 -21.96
C GLN A 101 -10.46 19.38 -23.19
N ILE A 102 -10.85 18.61 -24.21
CA ILE A 102 -10.10 18.56 -25.46
C ILE A 102 -10.33 19.82 -26.29
N LEU A 103 -11.59 20.21 -26.44
CA LEU A 103 -11.93 21.38 -27.24
C LEU A 103 -11.80 22.70 -26.49
N ALA A 104 -11.26 22.70 -25.27
CA ALA A 104 -11.10 23.93 -24.52
C ALA A 104 -10.01 24.80 -25.14
N GLY A 105 -10.32 26.07 -25.35
CA GLY A 105 -9.42 26.97 -26.02
C GLY A 105 -9.53 26.98 -27.52
N SER A 106 -10.45 26.17 -28.07
CA SER A 106 -10.77 26.00 -29.49
C SER A 106 -9.55 25.68 -30.35
N PRO A 107 -9.02 24.47 -30.28
CA PRO A 107 -7.85 24.13 -31.09
C PRO A 107 -8.20 23.91 -32.55
N GLU A 108 -7.21 24.13 -33.41
CA GLU A 108 -7.38 23.90 -34.84
C GLU A 108 -7.51 22.41 -35.13
N ALA A 109 -6.66 21.59 -34.51
CA ALA A 109 -6.72 20.15 -34.64
C ALA A 109 -6.09 19.53 -33.40
N PHE A 110 -6.40 18.26 -33.17
CA PHE A 110 -5.71 17.55 -32.11
C PHE A 110 -5.32 16.16 -32.58
N PHE A 111 -4.06 15.82 -32.34
CA PHE A 111 -3.57 14.49 -32.61
C PHE A 111 -4.14 13.52 -31.59
N VAL A 112 -4.36 12.28 -32.03
CA VAL A 112 -4.77 11.19 -31.16
C VAL A 112 -3.78 10.06 -31.39
N LEU A 113 -2.98 9.76 -30.38
CA LEU A 113 -1.93 8.76 -30.51
C LEU A 113 -2.16 7.63 -29.53
N ASN A 114 -2.19 6.41 -30.03
CA ASN A 114 -2.17 5.24 -29.15
C ASN A 114 -0.82 5.13 -28.49
N ALA A 115 -0.81 4.88 -27.19
CA ALA A 115 0.44 4.94 -26.44
C ALA A 115 1.33 3.73 -26.66
N ASP A 116 0.83 2.66 -27.27
CA ASP A 116 1.63 1.46 -27.42
C ASP A 116 2.36 1.36 -28.75
N VAL A 117 2.33 2.39 -29.57
CA VAL A 117 3.00 2.31 -30.86
C VAL A 117 4.39 2.93 -30.75
N CYS A 118 5.32 2.38 -31.50
CA CYS A 118 6.64 2.95 -31.71
C CYS A 118 6.67 3.47 -33.13
N SER A 119 6.75 4.79 -33.30
CA SER A 119 6.73 5.36 -34.63
C SER A 119 7.85 6.37 -34.75
N ASP A 120 8.06 6.85 -35.97
CA ASP A 120 8.99 7.96 -36.15
C ASP A 120 8.25 9.27 -35.94
N PHE A 121 6.91 9.19 -35.87
CA PHE A 121 5.94 10.23 -35.57
C PHE A 121 6.02 11.39 -36.54
N PRO A 122 5.55 11.24 -37.77
CA PRO A 122 5.59 12.37 -38.71
C PRO A 122 4.38 13.29 -38.54
N LEU A 123 4.36 14.01 -37.41
CA LEU A 123 3.19 14.83 -37.10
C LEU A 123 3.14 16.10 -37.95
N SER A 124 4.29 16.60 -38.39
CA SER A 124 4.32 17.84 -39.16
C SER A 124 3.84 17.61 -40.59
N ALA A 125 4.28 16.51 -41.22
CA ALA A 125 3.79 16.12 -42.54
C ALA A 125 2.30 15.84 -42.53
N MET A 126 1.84 15.13 -41.50
CA MET A 126 0.42 14.82 -41.32
C MET A 126 -0.40 16.08 -41.09
N LEU A 127 0.13 17.00 -40.28
CA LEU A 127 -0.55 18.26 -40.00
C LEU A 127 -0.68 19.12 -41.23
N GLU A 128 0.36 19.15 -42.05
CA GLU A 128 0.33 19.97 -43.25
C GLU A 128 -0.58 19.37 -44.34
N ALA A 129 -0.63 18.04 -44.43
CA ALA A 129 -1.61 17.38 -45.30
C ALA A 129 -3.04 17.67 -44.84
N HIS A 130 -3.23 17.75 -43.53
CA HIS A 130 -4.53 18.12 -43.00
C HIS A 130 -4.84 19.59 -43.23
N ARG A 131 -3.82 20.46 -43.18
CA ARG A 131 -4.03 21.89 -43.39
C ARG A 131 -4.34 22.19 -44.85
N ARG A 132 -3.90 21.32 -45.75
CA ARG A 132 -4.35 21.43 -47.13
C ARG A 132 -5.77 20.91 -47.30
N GLN A 133 -6.10 19.75 -46.72
CA GLN A 133 -7.38 19.13 -47.09
C GLN A 133 -8.54 19.37 -46.12
N ARG A 134 -8.26 19.44 -44.80
CA ARG A 134 -9.24 19.82 -43.75
C ARG A 134 -10.43 18.87 -43.69
N HIS A 135 -10.14 17.61 -43.53
CA HIS A 135 -11.15 16.57 -43.35
C HIS A 135 -11.26 16.22 -41.86
N PRO A 136 -12.39 15.63 -41.42
CA PRO A 136 -12.54 15.33 -39.98
C PRO A 136 -11.53 14.32 -39.43
N PHE A 137 -11.31 13.20 -40.12
CA PHE A 137 -10.39 12.17 -39.65
C PHE A 137 -9.24 12.04 -40.63
N LEU A 138 -8.02 12.06 -40.12
CA LEU A 138 -6.85 11.72 -40.91
C LEU A 138 -6.13 10.59 -40.21
N LEU A 139 -5.85 9.53 -40.95
CA LEU A 139 -5.21 8.35 -40.40
C LEU A 139 -3.77 8.29 -40.88
N LEU A 140 -2.90 7.75 -40.05
CA LEU A 140 -1.57 7.36 -40.49
C LEU A 140 -1.60 5.88 -40.82
N GLY A 141 -1.15 5.53 -42.01
CA GLY A 141 -1.11 4.15 -42.43
C GLY A 141 0.26 3.79 -43.00
N THR A 142 0.61 2.53 -42.87
CA THR A 142 1.85 2.04 -43.44
C THR A 142 1.59 0.75 -44.21
N THR A 143 2.51 0.42 -45.10
CA THR A 143 2.37 -0.78 -45.90
C THR A 143 2.89 -1.99 -45.13
N ALA A 144 2.21 -3.12 -45.26
CA ALA A 144 2.54 -4.33 -44.54
C ALA A 144 2.63 -5.50 -45.52
N ASN A 145 3.06 -6.64 -45.00
CA ASN A 145 3.04 -7.88 -45.76
C ASN A 145 1.60 -8.36 -45.91
N ARG A 146 1.38 -9.21 -46.92
CA ARG A 146 0.04 -9.73 -47.16
C ARG A 146 -0.37 -10.72 -46.08
N THR A 147 0.58 -11.43 -45.48
CA THR A 147 0.24 -12.34 -44.39
C THR A 147 0.10 -11.61 -43.07
N GLN A 148 0.89 -10.54 -42.87
CA GLN A 148 0.88 -9.83 -41.60
C GLN A 148 -0.30 -8.88 -41.44
N SER A 149 -0.90 -8.44 -42.55
CA SER A 149 -2.00 -7.46 -42.50
C SER A 149 -3.23 -7.97 -41.78
N LEU A 150 -3.42 -9.28 -41.71
CA LEU A 150 -4.53 -9.85 -40.95
C LEU A 150 -4.40 -9.66 -39.45
N ASN A 151 -3.23 -9.24 -38.96
CA ASN A 151 -3.08 -8.90 -37.55
C ASN A 151 -3.48 -7.47 -37.24
N TYR A 152 -3.51 -6.58 -38.23
CA TYR A 152 -3.71 -5.16 -37.99
C TYR A 152 -4.94 -4.66 -38.73
N GLY A 153 -5.29 -3.40 -38.49
CA GLY A 153 -6.47 -2.81 -39.09
C GLY A 153 -6.26 -2.36 -40.50
N CYS A 154 -6.79 -3.12 -41.46
CA CYS A 154 -6.56 -2.85 -42.87
C CYS A 154 -7.47 -1.75 -43.40
N ILE A 155 -6.88 -0.94 -44.28
CA ILE A 155 -7.45 0.27 -44.83
C ILE A 155 -7.44 0.12 -46.34
N VAL A 156 -8.63 0.01 -46.95
CA VAL A 156 -8.79 0.03 -48.40
C VAL A 156 -9.12 1.46 -48.79
N GLU A 157 -8.25 2.06 -49.59
CA GLU A 157 -8.31 3.47 -49.93
C GLU A 157 -8.40 3.67 -51.43
N ASN A 158 -8.75 4.90 -51.81
CA ASN A 158 -8.72 5.33 -53.21
C ASN A 158 -7.46 6.16 -53.42
N PRO A 159 -6.59 5.79 -54.36
CA PRO A 159 -5.24 6.37 -54.38
C PRO A 159 -5.17 7.81 -54.88
N GLN A 160 -6.22 8.30 -55.55
CA GLN A 160 -6.22 9.67 -56.06
C GLN A 160 -6.47 10.67 -54.95
N THR A 161 -7.51 10.45 -54.15
CA THR A 161 -7.90 11.39 -53.11
C THR A 161 -7.38 10.99 -51.74
N HIS A 162 -6.75 9.81 -51.61
CA HIS A 162 -6.28 9.23 -50.35
C HIS A 162 -7.41 9.14 -49.32
N GLU A 163 -8.57 8.68 -49.76
CA GLU A 163 -9.74 8.54 -48.92
C GLU A 163 -10.02 7.06 -48.73
N VAL A 164 -10.14 6.62 -47.48
CA VAL A 164 -10.36 5.22 -47.20
C VAL A 164 -11.80 4.86 -47.52
N LEU A 165 -11.97 3.80 -48.30
CA LEU A 165 -13.29 3.30 -48.69
C LEU A 165 -13.74 2.12 -47.87
N HIS A 166 -12.82 1.45 -47.18
CA HIS A 166 -13.18 0.30 -46.37
C HIS A 166 -12.18 0.16 -45.23
N TYR A 167 -12.67 -0.26 -44.06
CA TYR A 167 -11.83 -0.47 -42.90
C TYR A 167 -12.26 -1.77 -42.24
N VAL A 168 -11.35 -2.74 -42.11
CA VAL A 168 -11.64 -3.94 -41.32
C VAL A 168 -10.52 -4.09 -40.30
N GLU A 169 -10.89 -4.30 -39.03
CA GLU A 169 -9.90 -4.27 -37.97
C GLU A 169 -9.04 -5.53 -37.94
N LYS A 170 -9.61 -6.70 -38.17
CA LYS A 170 -8.83 -7.93 -38.25
C LYS A 170 -9.47 -8.88 -39.24
N PRO A 171 -9.22 -8.69 -40.53
CA PRO A 171 -9.89 -9.51 -41.54
C PRO A 171 -9.27 -10.90 -41.64
N SER A 172 -10.13 -11.89 -41.86
CA SER A 172 -9.64 -13.26 -42.06
C SER A 172 -9.06 -13.45 -43.44
N THR A 173 -9.50 -12.65 -44.41
CA THR A 173 -8.95 -12.67 -45.76
C THR A 173 -8.17 -11.38 -46.00
N PHE A 174 -7.30 -11.42 -47.01
CA PHE A 174 -6.58 -10.22 -47.41
C PHE A 174 -7.55 -9.25 -48.07
N ILE A 175 -7.60 -8.03 -47.54
CA ILE A 175 -8.39 -6.99 -48.18
C ILE A 175 -7.50 -5.80 -48.57
N SER A 176 -6.41 -5.61 -47.83
CA SER A 176 -5.54 -4.47 -48.08
C SER A 176 -4.18 -4.72 -47.45
N ASP A 177 -3.16 -4.13 -48.05
CA ASP A 177 -1.81 -4.16 -47.50
C ASP A 177 -1.45 -2.89 -46.74
N ILE A 178 -2.38 -1.94 -46.61
CA ILE A 178 -2.18 -0.74 -45.82
C ILE A 178 -2.85 -0.94 -44.47
N ILE A 179 -2.09 -0.73 -43.40
CA ILE A 179 -2.58 -0.95 -42.05
C ILE A 179 -2.55 0.36 -41.28
N ASN A 180 -3.38 0.42 -40.25
CA ASN A 180 -3.54 1.60 -39.41
C ASN A 180 -2.41 1.68 -38.39
N CYS A 181 -1.78 2.84 -38.28
CA CYS A 181 -0.63 3.00 -37.43
C CYS A 181 -0.97 3.44 -36.01
N GLY A 182 -2.23 3.68 -35.71
CA GLY A 182 -2.57 4.19 -34.40
C GLY A 182 -2.25 5.64 -34.18
N ILE A 183 -1.92 6.39 -35.23
CA ILE A 183 -1.72 7.82 -35.18
C ILE A 183 -2.83 8.46 -35.98
N TYR A 184 -3.57 9.38 -35.37
CA TYR A 184 -4.67 10.05 -36.02
C TYR A 184 -4.54 11.55 -35.83
N LEU A 185 -5.10 12.29 -36.78
CA LEU A 185 -5.27 13.73 -36.66
C LEU A 185 -6.75 14.02 -36.76
N PHE A 186 -7.30 14.64 -35.73
CA PHE A 186 -8.73 14.87 -35.61
C PHE A 186 -9.01 16.36 -35.78
N SER A 187 -10.03 16.67 -36.55
CA SER A 187 -10.59 18.01 -36.56
C SER A 187 -11.58 18.10 -35.40
N PRO A 188 -11.98 19.31 -34.98
CA PRO A 188 -13.08 19.42 -34.01
C PRO A 188 -14.39 18.82 -34.51
N GLU A 189 -14.64 18.89 -35.83
CA GLU A 189 -15.79 18.26 -36.47
C GLU A 189 -15.84 16.76 -36.23
N ALA A 190 -14.68 16.10 -36.04
CA ALA A 190 -14.61 14.68 -35.78
C ALA A 190 -15.19 14.28 -34.43
N LEU A 191 -15.46 15.21 -33.51
CA LEU A 191 -16.17 14.80 -32.31
C LEU A 191 -17.67 14.74 -32.52
N LYS A 192 -18.15 15.23 -33.65
CA LYS A 192 -19.56 15.11 -34.02
C LYS A 192 -20.02 13.69 -34.42
N PRO A 193 -19.24 12.87 -35.15
CA PRO A 193 -19.72 11.48 -35.35
C PRO A 193 -19.72 10.63 -34.11
N LEU A 194 -18.75 10.84 -33.23
CA LEU A 194 -18.61 10.04 -32.01
C LEU A 194 -19.84 10.17 -31.12
N ARG A 195 -20.38 11.40 -31.02
CA ARG A 195 -21.64 11.68 -30.34
C ARG A 195 -22.78 10.84 -30.87
N ASP A 196 -22.89 10.74 -32.20
CA ASP A 196 -23.93 9.93 -32.82
C ASP A 196 -23.78 8.46 -32.43
N VAL A 197 -22.53 7.97 -32.37
CA VAL A 197 -22.25 6.60 -31.94
C VAL A 197 -22.71 6.42 -30.51
N PHE A 198 -22.45 7.42 -29.66
CA PHE A 198 -22.85 7.37 -28.25
C PHE A 198 -24.36 7.32 -28.13
N GLN A 199 -25.08 8.07 -28.98
CA GLN A 199 -26.52 8.07 -28.91
C GLN A 199 -27.08 6.74 -29.39
N ARG A 200 -26.38 6.09 -30.33
CA ARG A 200 -26.82 4.77 -30.78
C ARG A 200 -26.59 3.71 -29.73
N ASN A 201 -25.70 3.96 -28.76
CA ASN A 201 -25.57 3.00 -27.67
C ASN A 201 -26.61 3.22 -26.59
N GLN A 202 -27.32 4.35 -26.60
CA GLN A 202 -28.30 4.59 -25.56
C GLN A 202 -29.69 4.11 -25.95
N GLN A 203 -30.00 4.09 -27.24
CA GLN A 203 -31.29 3.61 -27.72
C GLN A 203 -31.30 2.07 -27.78
N GLY A 218 -21.81 4.46 -23.84
CA GLY A 218 -20.67 4.68 -22.97
C GLY A 218 -19.34 4.28 -23.60
N THR A 219 -19.17 2.99 -23.84
CA THR A 219 -17.95 2.44 -24.42
C THR A 219 -18.00 2.55 -25.93
N ILE A 220 -17.09 3.33 -26.50
CA ILE A 220 -16.99 3.53 -27.94
C ILE A 220 -15.63 3.03 -28.39
N ARG A 221 -15.65 2.05 -29.29
CA ARG A 221 -14.42 1.61 -29.95
C ARG A 221 -14.24 2.46 -31.20
N LEU A 222 -13.10 3.14 -31.30
CA LEU A 222 -12.88 4.10 -32.38
C LEU A 222 -12.73 3.41 -33.73
N GLU A 223 -12.22 2.19 -33.74
CA GLU A 223 -12.00 1.49 -35.00
C GLU A 223 -13.27 0.80 -35.48
N GLN A 224 -13.94 0.09 -34.59
CA GLN A 224 -15.08 -0.72 -35.00
C GLN A 224 -16.35 0.12 -35.18
N ASP A 225 -16.55 1.13 -34.33
CA ASP A 225 -17.81 1.88 -34.37
C ASP A 225 -17.73 3.12 -35.23
N VAL A 226 -16.57 3.74 -35.37
CA VAL A 226 -16.41 5.00 -36.07
C VAL A 226 -15.69 4.83 -37.39
N PHE A 227 -14.56 4.11 -37.38
CA PHE A 227 -13.74 4.04 -38.58
C PHE A 227 -14.33 3.09 -39.62
N SER A 228 -14.80 1.93 -39.19
CA SER A 228 -15.36 0.97 -40.14
C SER A 228 -16.73 1.41 -40.64
N ALA A 229 -17.46 2.18 -39.84
CA ALA A 229 -18.82 2.55 -40.20
C ALA A 229 -18.87 3.78 -41.08
N LEU A 230 -17.93 4.72 -40.92
CA LEU A 230 -17.88 5.94 -41.69
C LEU A 230 -16.94 5.86 -42.89
N ALA A 231 -16.41 4.68 -43.18
CA ALA A 231 -15.47 4.54 -44.29
C ALA A 231 -16.19 4.62 -45.62
N GLY A 232 -15.64 5.40 -46.55
CA GLY A 232 -16.24 5.57 -47.85
C GLY A 232 -17.19 6.73 -47.96
N GLN A 233 -17.53 7.39 -46.86
CA GLN A 233 -18.46 8.51 -46.85
C GLN A 233 -17.75 9.85 -46.88
N GLY A 234 -16.43 9.87 -47.12
CA GLY A 234 -15.71 11.11 -47.32
C GLY A 234 -15.21 11.78 -46.06
N GLN A 235 -15.29 11.13 -44.90
CA GLN A 235 -14.88 11.76 -43.66
C GLN A 235 -13.53 11.28 -43.15
N ILE A 236 -13.08 10.08 -43.55
CA ILE A 236 -11.82 9.52 -43.10
C ILE A 236 -10.86 9.49 -44.28
N TYR A 237 -9.64 9.97 -44.07
CA TYR A 237 -8.63 10.04 -45.11
C TYR A 237 -7.31 9.49 -44.56
N VAL A 238 -6.44 9.04 -45.45
CA VAL A 238 -5.21 8.35 -45.08
C VAL A 238 -4.00 9.20 -45.44
N HIS A 239 -2.97 9.15 -44.59
CA HIS A 239 -1.64 9.65 -44.89
C HIS A 239 -0.65 8.50 -44.74
N LEU A 240 0.12 8.24 -45.79
CA LEU A 240 1.00 7.08 -45.84
C LEU A 240 2.45 7.49 -45.59
N THR A 241 3.12 6.76 -44.69
CA THR A 241 4.52 7.03 -44.40
C THR A 241 5.34 5.77 -44.63
N ASP A 242 6.65 5.98 -44.69
CA ASP A 242 7.62 4.90 -44.85
C ASP A 242 8.55 4.77 -43.65
N GLY A 243 8.27 5.47 -42.55
CA GLY A 243 9.13 5.45 -41.39
C GLY A 243 8.95 4.19 -40.56
N ILE A 244 9.65 4.17 -39.43
CA ILE A 244 9.63 3.00 -38.55
C ILE A 244 8.29 2.92 -37.85
N TRP A 245 7.79 1.71 -37.65
CA TRP A 245 6.54 1.51 -36.95
C TRP A 245 6.52 0.12 -36.32
N SER A 246 6.02 0.05 -35.09
CA SER A 246 5.90 -1.20 -34.37
C SER A 246 4.80 -1.04 -33.32
N GLN A 247 4.24 -2.18 -32.92
CA GLN A 247 3.20 -2.22 -31.91
C GLN A 247 3.75 -2.94 -30.68
N ILE A 248 3.77 -2.27 -29.54
CA ILE A 248 4.25 -2.85 -28.30
C ILE A 248 3.05 -3.45 -27.59
N LYS A 249 2.84 -4.75 -27.74
CA LYS A 249 1.73 -5.44 -27.10
C LYS A 249 2.20 -6.37 -25.98
N SER A 250 3.07 -7.32 -26.31
CA SER A 250 3.64 -8.20 -25.31
C SER A 250 4.91 -7.60 -24.74
N ALA A 251 5.49 -8.29 -23.76
CA ALA A 251 6.65 -7.76 -23.07
C ALA A 251 7.90 -7.80 -23.94
N GLY A 252 8.02 -8.78 -24.84
CA GLY A 252 9.17 -8.87 -25.70
C GLY A 252 9.13 -7.96 -26.93
N SER A 253 7.98 -7.33 -27.21
CA SER A 253 7.89 -6.44 -28.36
C SER A 253 8.63 -5.13 -28.10
N ALA A 254 8.79 -4.79 -26.81
CA ALA A 254 9.51 -3.59 -26.40
C ALA A 254 10.98 -3.64 -26.79
N LEU A 255 11.54 -4.85 -26.92
CA LEU A 255 12.91 -5.00 -27.40
C LEU A 255 13.05 -4.59 -28.86
N TYR A 256 12.09 -4.97 -29.70
CA TYR A 256 12.12 -4.56 -31.10
C TYR A 256 11.85 -3.07 -31.24
N ALA A 257 10.96 -2.53 -30.40
CA ALA A 257 10.75 -1.08 -30.38
C ALA A 257 11.99 -0.35 -29.90
N SER A 258 12.76 -0.95 -28.99
CA SER A 258 14.01 -0.37 -28.55
C SER A 258 15.05 -0.35 -29.66
N ARG A 259 15.05 -1.40 -30.47
CA ARG A 259 15.94 -1.52 -31.61
C ARG A 259 15.65 -0.43 -32.63
N LEU A 260 14.37 -0.21 -32.91
CA LEU A 260 13.93 0.83 -33.86
C LEU A 260 14.23 2.24 -33.33
N TYR A 261 14.01 2.46 -32.04
CA TYR A 261 14.24 3.79 -31.48
C TYR A 261 15.73 4.11 -31.38
N LEU A 262 16.57 3.10 -31.13
CA LEU A 262 18.00 3.33 -31.11
C LEU A 262 18.54 3.59 -32.51
N SER A 263 17.91 3.00 -33.53
CA SER A 263 18.24 3.37 -34.90
C SER A 263 17.81 4.80 -35.21
N ARG A 264 16.67 5.22 -34.68
CA ARG A 264 16.17 6.57 -34.85
C ARG A 264 17.04 7.60 -34.14
N TYR A 265 17.72 7.18 -33.06
CA TYR A 265 18.56 8.08 -32.28
C TYR A 265 19.79 8.55 -33.04
N GLN A 266 20.17 7.87 -34.13
CA GLN A 266 21.31 8.31 -34.94
C GLN A 266 21.04 9.66 -35.61
N ASP A 267 19.78 9.94 -35.93
CA ASP A 267 19.41 11.25 -36.44
C ASP A 267 18.77 12.16 -35.40
N THR A 268 18.10 11.60 -34.39
CA THR A 268 17.30 12.43 -33.49
C THR A 268 18.05 12.86 -32.23
N HIS A 269 18.66 11.93 -31.51
CA HIS A 269 19.44 12.24 -30.31
C HIS A 269 20.80 11.57 -30.42
N PRO A 270 21.76 12.17 -31.14
CA PRO A 270 23.06 11.51 -31.32
C PRO A 270 23.91 11.49 -30.06
N GLU A 271 23.60 12.31 -29.06
CA GLU A 271 24.31 12.28 -27.79
C GLU A 271 23.85 11.15 -26.89
N ARG A 272 22.72 10.51 -27.20
CA ARG A 272 22.22 9.44 -26.35
C ARG A 272 22.91 8.11 -26.63
N LEU A 273 23.37 7.91 -27.87
CA LEU A 273 24.11 6.71 -28.20
C LEU A 273 25.51 6.78 -27.62
N ALA A 274 26.04 5.62 -27.23
CA ALA A 274 27.32 5.54 -26.57
C ALA A 274 28.42 5.26 -27.58
N LYS A 275 29.59 5.85 -27.35
CA LYS A 275 30.71 5.79 -28.26
C LYS A 275 31.84 4.95 -27.66
N HIS A 276 32.82 4.65 -28.51
CA HIS A 276 34.02 3.96 -28.04
C HIS A 276 34.90 4.91 -27.24
N THR A 277 35.16 4.53 -25.99
CA THR A 277 35.97 5.29 -25.05
C THR A 277 37.15 4.43 -24.64
N PRO A 278 38.37 4.99 -24.61
CA PRO A 278 39.55 4.18 -24.23
C PRO A 278 39.51 3.65 -22.80
N GLY A 279 38.85 4.35 -21.88
CA GLY A 279 38.65 3.83 -20.54
C GLY A 279 37.29 3.20 -20.36
N GLY A 280 36.63 2.87 -21.46
CA GLY A 280 35.28 2.36 -21.41
C GLY A 280 35.11 1.00 -22.06
N PRO A 281 33.87 0.51 -22.09
CA PRO A 281 33.60 -0.81 -22.67
C PRO A 281 33.59 -0.77 -24.20
N TRP A 282 33.77 -1.94 -24.80
CA TRP A 282 33.61 -2.08 -26.23
C TRP A 282 32.15 -1.97 -26.59
N ILE A 283 31.86 -1.36 -27.75
CA ILE A 283 30.49 -1.04 -28.13
C ILE A 283 30.33 -1.36 -29.61
N ARG A 284 29.37 -2.23 -29.92
CA ARG A 284 28.97 -2.52 -31.28
C ARG A 284 27.54 -2.04 -31.50
N GLY A 285 27.28 -1.53 -32.69
CA GLY A 285 25.93 -1.08 -33.03
C GLY A 285 25.50 0.14 -32.23
N ASN A 286 24.19 0.24 -32.02
CA ASN A 286 23.59 1.34 -31.26
C ASN A 286 23.41 0.90 -29.82
N VAL A 287 24.04 1.60 -28.89
CA VAL A 287 23.98 1.28 -27.47
C VAL A 287 23.60 2.55 -26.73
N TYR A 288 22.57 2.47 -25.89
CA TYR A 288 22.28 3.52 -24.92
C TYR A 288 22.80 3.08 -23.56
N ILE A 289 23.58 3.94 -22.91
CA ILE A 289 23.99 3.74 -21.53
C ILE A 289 23.57 4.99 -20.75
N HIS A 290 22.92 4.78 -19.61
CA HIS A 290 22.60 5.88 -18.72
C HIS A 290 23.89 6.41 -18.08
N PRO A 291 23.96 7.72 -17.80
CA PRO A 291 25.15 8.27 -17.14
C PRO A 291 25.37 7.76 -15.73
N THR A 292 24.33 7.35 -15.01
CA THR A 292 24.49 6.85 -13.66
C THR A 292 25.02 5.41 -13.65
N ALA A 293 24.81 4.67 -14.74
CA ALA A 293 25.23 3.28 -14.81
C ALA A 293 26.75 3.16 -14.89
N LYS A 294 27.29 2.20 -14.15
CA LYS A 294 28.72 1.94 -14.12
C LYS A 294 28.99 0.63 -14.86
N VAL A 295 29.62 0.73 -16.03
CA VAL A 295 29.95 -0.43 -16.85
C VAL A 295 31.45 -0.66 -16.77
N ALA A 296 31.85 -1.89 -16.54
CA ALA A 296 33.26 -2.25 -16.51
C ALA A 296 33.86 -2.20 -17.91
N PRO A 297 35.15 -1.87 -18.03
CA PRO A 297 35.75 -1.75 -19.37
C PRO A 297 35.96 -3.08 -20.09
N SER A 298 35.96 -4.20 -19.37
CA SER A 298 36.12 -5.49 -20.03
C SER A 298 34.84 -5.99 -20.68
N ALA A 299 33.70 -5.40 -20.32
CA ALA A 299 32.43 -5.76 -20.94
C ALA A 299 32.37 -5.25 -22.36
N VAL A 300 31.66 -5.98 -23.21
CA VAL A 300 31.31 -5.49 -24.54
C VAL A 300 29.80 -5.50 -24.65
N LEU A 301 29.24 -4.43 -25.21
CA LEU A 301 27.81 -4.21 -25.28
C LEU A 301 27.44 -4.16 -26.75
N GLY A 302 26.76 -5.20 -27.21
CA GLY A 302 26.55 -5.41 -28.62
C GLY A 302 25.44 -4.57 -29.18
N PRO A 303 24.91 -4.96 -30.34
CA PRO A 303 23.91 -4.13 -31.02
C PRO A 303 22.58 -4.10 -30.27
N ASN A 304 21.99 -2.90 -30.22
CA ASN A 304 20.64 -2.64 -29.71
C ASN A 304 20.50 -2.98 -28.22
N VAL A 305 21.34 -2.34 -27.41
CA VAL A 305 21.38 -2.57 -25.97
C VAL A 305 21.04 -1.27 -25.25
N SER A 306 20.11 -1.33 -24.30
CA SER A 306 19.72 -0.21 -23.47
C SER A 306 20.04 -0.50 -22.02
N ILE A 307 20.73 0.43 -21.36
CA ILE A 307 21.12 0.31 -19.96
C ILE A 307 20.47 1.44 -19.17
N GLY A 308 19.89 1.11 -18.02
CA GLY A 308 19.22 2.09 -17.18
C GLY A 308 20.12 2.60 -16.07
N LYS A 309 19.53 3.40 -15.18
CA LYS A 309 20.31 4.10 -14.16
C LYS A 309 20.66 3.17 -13.01
N GLY A 310 21.88 3.34 -12.47
CA GLY A 310 22.29 2.55 -11.34
C GLY A 310 22.58 1.10 -11.65
N VAL A 311 22.84 0.77 -12.92
CA VAL A 311 23.08 -0.60 -13.32
C VAL A 311 24.57 -0.87 -13.23
N THR A 312 24.95 -1.84 -12.41
CA THR A 312 26.33 -2.29 -12.33
C THR A 312 26.52 -3.45 -13.32
N VAL A 313 27.44 -3.27 -14.26
CA VAL A 313 27.76 -4.30 -15.25
C VAL A 313 29.20 -4.73 -14.99
N GLY A 314 29.39 -6.02 -14.70
CA GLY A 314 30.69 -6.54 -14.33
C GLY A 314 31.65 -6.69 -15.50
N GLU A 315 32.79 -7.29 -15.20
CA GLU A 315 33.83 -7.46 -16.20
C GLU A 315 33.57 -8.70 -17.04
N GLY A 316 33.80 -8.57 -18.35
CA GLY A 316 33.57 -9.68 -19.25
C GLY A 316 32.13 -9.93 -19.62
N VAL A 317 31.23 -8.99 -19.30
CA VAL A 317 29.81 -9.18 -19.56
C VAL A 317 29.55 -8.95 -21.05
N ARG A 318 28.93 -9.94 -21.69
CA ARG A 318 28.41 -9.78 -23.04
C ARG A 318 26.95 -9.39 -22.95
N LEU A 319 26.58 -8.30 -23.62
CA LEU A 319 25.21 -7.82 -23.66
C LEU A 319 24.85 -7.57 -25.11
N ARG A 320 23.87 -8.32 -25.63
CA ARG A 320 23.49 -8.12 -27.02
C ARG A 320 21.98 -8.18 -27.14
N GLU A 321 21.40 -7.16 -27.78
CA GLU A 321 19.96 -7.04 -28.06
C GLU A 321 19.13 -7.11 -26.79
N SER A 322 19.47 -6.28 -25.82
CA SER A 322 18.90 -6.44 -24.49
C SER A 322 18.44 -5.10 -23.94
N ILE A 323 17.63 -5.20 -22.89
CA ILE A 323 17.20 -4.05 -22.10
C ILE A 323 17.48 -4.39 -20.65
N VAL A 324 18.32 -3.60 -20.00
CA VAL A 324 18.65 -3.80 -18.60
C VAL A 324 18.02 -2.66 -17.82
N LEU A 325 17.00 -2.98 -17.02
CA LEU A 325 16.27 -1.96 -16.29
C LEU A 325 17.06 -1.53 -15.06
N HIS A 326 16.57 -0.49 -14.40
CA HIS A 326 17.37 0.24 -13.43
C HIS A 326 17.52 -0.53 -12.13
N GLY A 327 18.73 -0.48 -11.58
CA GLY A 327 19.04 -1.19 -10.36
C GLY A 327 19.58 -2.58 -10.56
N ALA A 328 19.55 -3.11 -11.77
CA ALA A 328 19.98 -4.48 -12.02
C ALA A 328 21.49 -4.61 -11.97
N THR A 329 21.95 -5.78 -11.54
CA THR A 329 23.37 -6.08 -11.40
C THR A 329 23.70 -7.33 -12.21
N LEU A 330 24.62 -7.18 -13.16
CA LEU A 330 25.17 -8.32 -13.88
C LEU A 330 26.59 -8.55 -13.38
N GLN A 331 26.83 -9.73 -12.82
CA GLN A 331 28.15 -10.06 -12.29
C GLN A 331 29.05 -10.49 -13.43
N GLU A 332 30.25 -10.96 -13.09
CA GLU A 332 31.33 -11.10 -14.06
C GLU A 332 31.11 -12.27 -15.01
N HIS A 333 31.50 -12.07 -16.27
CA HIS A 333 31.48 -13.08 -17.35
C HIS A 333 30.06 -13.60 -17.62
N THR A 334 29.08 -12.70 -17.54
CA THR A 334 27.68 -13.02 -17.74
C THR A 334 27.28 -12.67 -19.16
N CYS A 335 26.72 -13.64 -19.89
CA CYS A 335 26.26 -13.43 -21.25
C CYS A 335 24.74 -13.28 -21.26
N VAL A 336 24.26 -12.13 -21.73
CA VAL A 336 22.84 -11.82 -21.80
C VAL A 336 22.48 -11.46 -23.24
N LEU A 337 21.64 -12.28 -23.86
CA LEU A 337 21.24 -12.12 -25.26
C LEU A 337 19.74 -12.20 -25.37
N HIS A 338 19.14 -11.21 -26.04
CA HIS A 338 17.69 -11.15 -26.34
C HIS A 338 16.85 -11.22 -25.08
N SER A 339 17.17 -10.40 -24.10
CA SER A 339 16.53 -10.51 -22.80
C SER A 339 16.15 -9.15 -22.29
N ILE A 340 15.24 -9.15 -21.32
CA ILE A 340 14.87 -7.96 -20.58
C ILE A 340 15.11 -8.25 -19.11
N VAL A 341 16.06 -7.54 -18.52
CA VAL A 341 16.49 -7.77 -17.15
C VAL A 341 15.81 -6.73 -16.28
N GLY A 342 14.99 -7.19 -15.33
CA GLY A 342 14.10 -6.33 -14.58
C GLY A 342 14.81 -5.46 -13.55
N TRP A 343 13.98 -4.73 -12.79
CA TRP A 343 14.46 -3.72 -11.86
C TRP A 343 15.01 -4.37 -10.59
N GLY A 344 16.27 -4.09 -10.28
CA GLY A 344 16.88 -4.67 -9.11
C GLY A 344 17.20 -6.14 -9.20
N SER A 345 17.05 -6.74 -10.38
CA SER A 345 17.27 -8.17 -10.54
C SER A 345 18.74 -8.45 -10.80
N THR A 346 19.28 -9.43 -10.08
CA THR A 346 20.71 -9.70 -10.06
C THR A 346 21.00 -11.00 -10.78
N VAL A 347 21.97 -10.97 -11.69
CA VAL A 347 22.40 -12.16 -12.42
C VAL A 347 23.82 -12.50 -11.97
N GLY A 348 24.01 -13.72 -11.48
CA GLY A 348 25.28 -14.15 -10.94
C GLY A 348 26.33 -14.39 -12.00
N ARG A 349 27.52 -14.74 -11.53
CA ARG A 349 28.67 -14.84 -12.42
C ARG A 349 28.62 -16.13 -13.23
N TRP A 350 29.07 -16.02 -14.49
CA TRP A 350 29.04 -17.07 -15.52
C TRP A 350 27.63 -17.57 -15.83
N ALA A 351 26.61 -16.79 -15.52
CA ALA A 351 25.24 -17.15 -15.86
C ALA A 351 24.94 -16.66 -17.26
N ARG A 352 24.04 -17.37 -17.94
CA ARG A 352 23.69 -17.07 -19.31
C ARG A 352 22.19 -16.87 -19.39
N VAL A 353 21.77 -15.64 -19.68
CA VAL A 353 20.36 -15.29 -19.82
C VAL A 353 20.10 -15.09 -21.30
N GLU A 354 19.47 -16.06 -21.95
CA GLU A 354 19.36 -16.07 -23.39
C GLU A 354 17.91 -16.18 -23.83
N GLY A 355 17.55 -15.42 -24.87
CA GLY A 355 16.26 -15.55 -25.50
C GLY A 355 16.42 -15.74 -27.00
N THR A 356 15.29 -16.00 -27.64
CA THR A 356 15.22 -16.19 -29.08
C THR A 356 14.60 -14.94 -29.65
N PRO A 357 15.20 -14.37 -30.70
CA PRO A 357 14.62 -13.15 -31.25
C PRO A 357 13.26 -13.40 -31.88
N SER A 358 12.33 -12.47 -31.70
CA SER A 358 11.01 -12.61 -32.28
C SER A 358 10.38 -11.24 -32.46
N ASP A 359 10.99 -10.44 -33.34
CA ASP A 359 10.52 -9.09 -33.61
C ASP A 359 9.15 -9.10 -34.28
N PRO A 360 8.25 -8.26 -33.77
CA PRO A 360 6.91 -8.13 -34.32
C PRO A 360 6.81 -6.99 -35.35
N ASN A 361 7.32 -7.22 -36.54
CA ASN A 361 7.22 -6.21 -37.59
C ASN A 361 6.27 -6.69 -38.69
N PRO A 362 5.47 -5.79 -39.26
CA PRO A 362 4.50 -6.21 -40.28
C PRO A 362 5.09 -6.49 -41.66
N ASN A 363 6.41 -6.38 -41.83
CA ASN A 363 7.02 -6.64 -43.12
C ASN A 363 7.65 -8.03 -43.24
N ASP A 364 8.00 -8.65 -42.12
CA ASP A 364 8.56 -10.00 -42.15
C ASP A 364 7.46 -11.03 -42.34
N PRO A 365 7.59 -11.94 -43.33
CA PRO A 365 6.52 -12.91 -43.58
C PRO A 365 6.40 -13.98 -42.51
N ARG A 366 7.51 -14.43 -41.94
CA ARG A 366 7.47 -15.34 -40.80
C ARG A 366 7.75 -14.65 -39.47
N ALA A 367 7.35 -13.40 -39.35
CA ALA A 367 7.13 -12.82 -38.04
C ALA A 367 5.90 -13.47 -37.42
N ARG A 368 5.84 -13.46 -36.09
CA ARG A 368 4.84 -14.24 -35.41
C ARG A 368 3.49 -13.52 -35.39
N MET A 369 2.46 -14.30 -35.10
CA MET A 369 1.10 -13.91 -35.35
C MET A 369 0.49 -13.16 -34.15
N ASP A 370 1.23 -13.10 -33.02
CA ASP A 370 1.06 -12.10 -31.95
C ASP A 370 -0.29 -12.21 -31.25
N SER A 371 -0.58 -13.41 -30.75
CA SER A 371 -1.82 -13.63 -30.01
C SER A 371 -1.59 -13.42 -28.52
N GLU A 372 -2.68 -13.52 -27.76
CA GLU A 372 -2.61 -13.46 -26.30
C GLU A 372 -1.89 -14.67 -25.73
N SER A 373 -2.02 -15.82 -26.38
CA SER A 373 -1.37 -17.04 -25.92
C SER A 373 0.12 -16.99 -26.25
N LEU A 374 0.95 -17.26 -25.25
CA LEU A 374 2.38 -17.44 -25.43
C LEU A 374 2.73 -18.87 -25.78
N PHE A 375 1.74 -19.70 -26.06
CA PHE A 375 1.91 -21.14 -26.11
C PHE A 375 1.49 -21.68 -27.47
N LYS A 376 1.90 -22.92 -27.72
CA LYS A 376 1.47 -23.67 -28.90
C LYS A 376 1.56 -25.14 -28.55
N ASP A 377 0.42 -25.85 -28.59
CA ASP A 377 0.33 -27.31 -28.44
C ASP A 377 0.88 -27.76 -27.09
N GLY A 378 0.64 -26.94 -26.06
CA GLY A 378 1.25 -27.11 -24.76
C GLY A 378 2.61 -26.45 -24.63
N LYS A 379 3.39 -26.40 -25.71
CA LYS A 379 4.75 -25.92 -25.66
C LYS A 379 4.79 -24.39 -25.63
N LEU A 380 5.64 -23.86 -24.76
CA LEU A 380 5.91 -22.42 -24.77
C LEU A 380 6.72 -22.06 -26.01
N LEU A 381 6.34 -20.97 -26.64
CA LEU A 381 7.02 -20.55 -27.86
C LEU A 381 8.37 -19.93 -27.52
N PRO A 382 9.40 -20.16 -28.36
CA PRO A 382 10.70 -19.54 -28.11
C PRO A 382 10.66 -18.03 -28.37
N ALA A 383 10.89 -17.25 -27.34
CA ALA A 383 10.74 -15.81 -27.46
C ALA A 383 11.73 -15.14 -26.52
N ILE A 384 11.49 -13.87 -26.23
CA ILE A 384 12.39 -13.06 -25.41
C ILE A 384 12.35 -13.54 -23.97
N THR A 385 13.52 -13.73 -23.37
CA THR A 385 13.60 -14.07 -21.97
C THR A 385 13.33 -12.83 -21.12
N ILE A 386 12.35 -12.90 -20.23
CA ILE A 386 11.98 -11.77 -19.42
C ILE A 386 12.18 -12.12 -17.96
N LEU A 387 12.99 -11.34 -17.27
CA LEU A 387 13.14 -11.43 -15.82
C LEU A 387 12.35 -10.30 -15.19
N GLY A 388 11.54 -10.63 -14.19
CA GLY A 388 10.79 -9.62 -13.48
C GLY A 388 11.68 -8.86 -12.51
N CYS A 389 11.04 -8.01 -11.72
CA CYS A 389 11.81 -7.21 -10.78
C CYS A 389 12.26 -8.06 -9.59
N ARG A 390 13.49 -7.77 -9.13
CA ARG A 390 14.13 -8.41 -7.98
C ARG A 390 14.24 -9.93 -8.15
N VAL A 391 14.58 -10.36 -9.35
CA VAL A 391 14.79 -11.78 -9.65
C VAL A 391 16.27 -12.09 -9.47
N ARG A 392 16.58 -13.06 -8.62
CA ARG A 392 17.96 -13.44 -8.37
C ARG A 392 18.31 -14.68 -9.19
N ILE A 393 19.23 -14.53 -10.13
CA ILE A 393 19.75 -15.63 -10.93
C ILE A 393 21.06 -16.07 -10.28
N PRO A 394 21.20 -17.34 -9.90
CA PRO A 394 22.44 -17.79 -9.25
C PRO A 394 23.57 -17.93 -10.25
N ALA A 395 24.75 -18.23 -9.70
CA ALA A 395 25.95 -18.29 -10.52
C ALA A 395 25.97 -19.56 -11.36
N GLU A 396 26.46 -19.43 -12.60
CA GLU A 396 26.70 -20.52 -13.55
C GLU A 396 25.41 -21.26 -13.90
N VAL A 397 24.32 -20.50 -14.08
CA VAL A 397 23.00 -21.04 -14.32
C VAL A 397 22.44 -20.42 -15.59
N LEU A 398 21.90 -21.25 -16.48
CA LEU A 398 21.35 -20.81 -17.75
C LEU A 398 19.84 -20.60 -17.64
N ILE A 399 19.37 -19.44 -18.05
CA ILE A 399 17.95 -19.16 -18.21
C ILE A 399 17.70 -18.96 -19.70
N LEU A 400 17.08 -19.95 -20.34
CA LEU A 400 16.93 -19.97 -21.79
C LEU A 400 15.45 -19.95 -22.15
N ASN A 401 15.04 -18.93 -22.91
CA ASN A 401 13.68 -18.77 -23.47
C ASN A 401 12.60 -18.76 -22.39
N SER A 402 12.90 -18.23 -21.22
CA SER A 402 12.04 -18.39 -20.06
C SER A 402 11.49 -17.06 -19.59
N ILE A 403 10.34 -17.10 -18.94
CA ILE A 403 9.76 -15.95 -18.28
C ILE A 403 9.81 -16.22 -16.79
N VAL A 404 10.45 -15.33 -16.04
CA VAL A 404 10.58 -15.45 -14.60
C VAL A 404 9.77 -14.33 -13.96
N LEU A 405 8.82 -14.71 -13.11
CA LEU A 405 7.95 -13.73 -12.47
C LEU A 405 8.71 -13.04 -11.34
N PRO A 406 8.30 -11.83 -10.93
CA PRO A 406 9.13 -11.04 -10.02
C PRO A 406 9.26 -11.62 -8.62
N HIS A 407 10.33 -11.16 -7.95
CA HIS A 407 10.74 -11.56 -6.59
C HIS A 407 10.93 -13.07 -6.49
N LYS A 408 11.58 -13.64 -7.49
CA LYS A 408 11.86 -15.06 -7.54
C LYS A 408 13.36 -15.28 -7.39
N GLU A 409 13.74 -16.22 -6.53
CA GLU A 409 15.13 -16.62 -6.36
C GLU A 409 15.28 -18.01 -6.95
N LEU A 410 16.03 -18.11 -8.03
CA LEU A 410 16.21 -19.39 -8.69
C LEU A 410 17.45 -20.10 -8.14
N SER A 411 17.51 -21.40 -8.39
CA SER A 411 18.61 -22.22 -7.89
C SER A 411 19.20 -23.15 -8.94
N ARG A 412 18.55 -23.32 -10.09
CA ARG A 412 19.05 -24.21 -11.12
C ARG A 412 18.71 -23.61 -12.47
N SER A 413 19.10 -24.31 -13.53
CA SER A 413 18.87 -23.85 -14.88
C SER A 413 17.44 -24.15 -15.33
N PHE A 414 16.84 -23.20 -16.04
CA PHE A 414 15.48 -23.34 -16.55
C PHE A 414 15.49 -23.05 -18.04
N THR A 415 14.92 -23.96 -18.83
CA THR A 415 14.83 -23.80 -20.27
C THR A 415 13.38 -23.94 -20.72
N ASN A 416 12.90 -22.93 -21.45
CA ASN A 416 11.59 -22.92 -22.13
C ASN A 416 10.42 -23.07 -21.15
N GLN A 417 10.41 -22.23 -20.11
CA GLN A 417 9.44 -22.36 -19.04
C GLN A 417 8.87 -21.00 -18.69
N ILE A 418 7.83 -21.01 -17.86
CA ILE A 418 7.34 -19.82 -17.17
C ILE A 418 7.43 -20.12 -15.68
N ILE A 419 8.39 -19.50 -15.01
CA ILE A 419 8.67 -19.79 -13.61
C ILE A 419 7.80 -18.86 -12.77
N LEU A 420 6.79 -19.45 -12.14
CA LEU A 420 5.79 -18.67 -11.42
C LEU A 420 6.32 -18.13 -10.11
N MET B 1 -39.43 7.70 -14.60
CA MET B 1 -38.10 7.28 -14.17
C MET B 1 -37.39 8.42 -13.45
N LEU B 2 -36.81 8.12 -12.30
CA LEU B 2 -36.12 9.10 -11.49
C LEU B 2 -34.70 8.64 -11.21
N LYS B 3 -33.82 9.60 -10.97
CA LYS B 3 -32.45 9.28 -10.60
C LYS B 3 -32.04 10.07 -9.36
N ALA B 4 -30.91 9.65 -8.78
CA ALA B 4 -30.40 10.29 -7.58
C ALA B 4 -28.88 10.40 -7.69
N VAL B 5 -28.38 11.61 -7.49
CA VAL B 5 -26.96 11.91 -7.55
C VAL B 5 -26.53 12.36 -6.17
N ILE B 6 -25.73 11.55 -5.49
CA ILE B 6 -25.20 11.90 -4.19
C ILE B 6 -23.79 12.43 -4.38
N LEU B 7 -23.60 13.71 -4.12
CA LEU B 7 -22.30 14.36 -4.27
C LEU B 7 -21.46 14.07 -3.04
N ILE B 8 -20.75 12.94 -3.07
CA ILE B 8 -19.74 12.74 -2.06
C ILE B 8 -18.52 13.58 -2.40
N GLY B 9 -17.68 13.82 -1.42
CA GLY B 9 -16.57 14.73 -1.61
C GLY B 9 -15.36 14.04 -2.18
N GLY B 10 -14.20 14.47 -1.71
CA GLY B 10 -12.97 13.77 -1.99
C GLY B 10 -12.11 13.80 -0.75
N PRO B 11 -10.83 13.46 -0.88
CA PRO B 11 -9.96 13.43 0.30
C PRO B 11 -9.65 14.81 0.86
N GLN B 12 -9.76 15.87 0.07
CA GLN B 12 -9.53 17.22 0.58
C GLN B 12 -10.71 17.69 1.41
N LYS B 13 -11.92 17.31 1.03
CA LYS B 13 -13.12 17.70 1.76
C LYS B 13 -13.23 16.99 3.10
N GLY B 14 -12.61 15.81 3.23
CA GLY B 14 -12.63 15.08 4.47
C GLY B 14 -11.56 15.44 5.47
N THR B 15 -10.70 16.41 5.15
CA THR B 15 -9.62 16.80 6.06
C THR B 15 -10.15 17.45 7.33
N ARG B 16 -11.27 18.17 7.23
CA ARG B 16 -11.94 18.70 8.42
C ARG B 16 -12.53 17.61 9.29
N PHE B 17 -12.72 16.41 8.75
CA PHE B 17 -13.12 15.22 9.48
C PHE B 17 -11.91 14.43 9.98
N ARG B 18 -10.77 15.10 10.20
CA ARG B 18 -9.44 14.46 10.08
C ARG B 18 -9.13 13.23 10.95
N PRO B 19 -9.35 13.20 12.27
CA PRO B 19 -8.91 12.00 13.02
C PRO B 19 -9.73 10.76 12.75
N LEU B 20 -10.97 10.93 12.29
CA LEU B 20 -11.78 9.80 11.86
C LEU B 20 -11.58 9.50 10.39
N SER B 21 -11.29 10.52 9.59
CA SER B 21 -11.10 10.31 8.17
C SER B 21 -9.71 9.80 7.81
N PHE B 22 -8.85 9.52 8.80
CA PHE B 22 -7.55 8.95 8.50
C PHE B 22 -7.67 7.48 8.05
N GLU B 23 -8.67 6.74 8.50
CA GLU B 23 -8.79 5.34 8.09
C GLU B 23 -9.84 5.10 7.01
N VAL B 24 -11.06 5.60 7.21
CA VAL B 24 -12.11 5.42 6.21
C VAL B 24 -12.51 6.79 5.66
N PRO B 25 -13.00 6.81 4.42
CA PRO B 25 -13.55 8.06 3.87
C PRO B 25 -14.72 8.58 4.69
N LYS B 26 -14.80 9.91 4.76
CA LYS B 26 -15.89 10.59 5.45
C LYS B 26 -17.30 10.20 5.00
N PRO B 27 -17.61 9.91 3.72
CA PRO B 27 -18.92 9.36 3.41
C PRO B 27 -19.23 8.01 4.03
N LEU B 28 -18.23 7.17 4.29
CA LEU B 28 -18.48 5.85 4.85
C LEU B 28 -18.37 5.82 6.37
N PHE B 29 -18.40 6.97 7.03
CA PHE B 29 -18.36 6.98 8.48
C PHE B 29 -19.74 6.62 9.02
N PRO B 30 -19.84 5.68 9.97
CA PRO B 30 -21.14 5.25 10.47
C PRO B 30 -21.74 6.23 11.48
N VAL B 31 -22.82 6.91 11.08
CA VAL B 31 -23.66 7.65 12.01
C VAL B 31 -24.91 6.83 12.27
N ALA B 32 -25.21 6.62 13.55
CA ALA B 32 -26.28 5.74 14.05
C ALA B 32 -26.16 4.32 13.50
N GLY B 33 -24.92 3.84 13.34
CA GLY B 33 -24.65 2.47 13.04
C GLY B 33 -24.41 2.15 11.57
N VAL B 34 -25.07 2.87 10.67
CA VAL B 34 -24.88 2.63 9.24
C VAL B 34 -24.10 3.81 8.67
N PRO B 35 -23.35 3.64 7.57
CA PRO B 35 -22.59 4.76 6.98
C PRO B 35 -23.47 5.92 6.56
N MET B 36 -22.86 7.10 6.47
CA MET B 36 -23.63 8.32 6.41
C MET B 36 -24.30 8.54 5.07
N ILE B 37 -23.85 7.88 4.01
CA ILE B 37 -24.56 8.01 2.74
C ILE B 37 -25.52 6.86 2.52
N GLN B 38 -25.46 5.84 3.38
CA GLN B 38 -26.48 4.80 3.36
C GLN B 38 -27.85 5.33 3.81
N HIS B 39 -27.89 6.41 4.58
CA HIS B 39 -29.16 7.08 4.86
C HIS B 39 -29.76 7.70 3.60
N HIS B 40 -28.91 8.32 2.77
CA HIS B 40 -29.35 8.87 1.49
C HIS B 40 -29.81 7.78 0.55
N ILE B 41 -29.06 6.68 0.48
CA ILE B 41 -29.39 5.58 -0.43
C ILE B 41 -30.66 4.86 0.05
N GLU B 42 -30.85 4.77 1.37
CA GLU B 42 -32.09 4.27 1.96
C GLU B 42 -33.28 5.11 1.54
N ALA B 43 -33.15 6.42 1.66
CA ALA B 43 -34.27 7.30 1.36
C ALA B 43 -34.54 7.41 -0.13
N CYS B 44 -33.51 7.25 -0.96
CA CYS B 44 -33.71 7.32 -2.39
C CYS B 44 -34.30 6.02 -2.94
N ALA B 45 -33.93 4.88 -2.35
CA ALA B 45 -34.51 3.62 -2.76
C ALA B 45 -35.97 3.47 -2.33
N GLN B 46 -36.41 4.25 -1.34
CA GLN B 46 -37.81 4.23 -0.93
C GLN B 46 -38.72 4.98 -1.90
N VAL B 47 -38.16 5.82 -2.76
CA VAL B 47 -38.96 6.60 -3.70
C VAL B 47 -39.36 5.70 -4.87
N PRO B 48 -40.65 5.61 -5.21
CA PRO B 48 -41.05 4.76 -6.34
C PRO B 48 -40.66 5.38 -7.68
N GLY B 49 -40.14 4.53 -8.56
CA GLY B 49 -39.64 4.99 -9.83
C GLY B 49 -38.17 5.36 -9.85
N MET B 50 -37.45 5.12 -8.76
CA MET B 50 -36.02 5.42 -8.67
C MET B 50 -35.26 4.30 -9.35
N GLN B 51 -34.60 4.60 -10.47
CA GLN B 51 -33.91 3.56 -11.21
C GLN B 51 -32.46 3.39 -10.79
N GLU B 52 -31.75 4.50 -10.56
CA GLU B 52 -30.31 4.44 -10.34
C GLU B 52 -29.90 5.46 -9.30
N ILE B 53 -28.85 5.14 -8.57
CA ILE B 53 -28.22 6.07 -7.63
C ILE B 53 -26.76 6.21 -8.05
N LEU B 54 -26.38 7.42 -8.42
CA LEU B 54 -25.01 7.72 -8.80
C LEU B 54 -24.32 8.48 -7.69
N LEU B 55 -23.07 8.14 -7.41
CA LEU B 55 -22.25 8.87 -6.46
C LEU B 55 -21.11 9.52 -7.22
N ILE B 56 -21.04 10.84 -7.16
CA ILE B 56 -20.01 11.61 -7.84
C ILE B 56 -19.06 12.15 -6.80
N GLY B 57 -17.79 11.81 -6.92
CA GLY B 57 -16.77 12.32 -6.03
C GLY B 57 -15.41 12.04 -6.61
N PHE B 58 -14.37 12.54 -5.96
CA PHE B 58 -13.02 12.32 -6.44
C PHE B 58 -12.18 11.53 -5.44
N TYR B 59 -12.84 10.66 -4.67
CA TYR B 59 -12.13 9.59 -3.98
C TYR B 59 -11.66 8.56 -4.99
N GLN B 60 -10.49 8.00 -4.76
CA GLN B 60 -10.05 6.85 -5.54
C GLN B 60 -10.78 5.60 -5.05
N PRO B 61 -11.18 4.70 -5.95
CA PRO B 61 -11.91 3.51 -5.51
C PRO B 61 -11.01 2.49 -4.83
N ASP B 62 -11.11 2.44 -3.51
CA ASP B 62 -10.39 1.49 -2.67
C ASP B 62 -11.37 0.43 -2.17
N GLU B 63 -10.89 -0.46 -1.29
CA GLU B 63 -11.73 -1.56 -0.82
C GLU B 63 -12.94 -1.15 0.03
N PRO B 64 -12.90 -0.17 0.95
CA PRO B 64 -14.15 0.23 1.64
C PRO B 64 -15.24 0.78 0.74
N LEU B 65 -14.88 1.60 -0.26
CA LEU B 65 -15.88 2.19 -1.14
C LEU B 65 -16.53 1.14 -2.04
N THR B 66 -15.72 0.23 -2.60
CA THR B 66 -16.27 -0.80 -3.48
C THR B 66 -17.05 -1.84 -2.69
N GLN B 67 -16.61 -2.14 -1.46
CA GLN B 67 -17.36 -3.04 -0.59
C GLN B 67 -18.70 -2.45 -0.21
N PHE B 68 -18.74 -1.14 0.06
CA PHE B 68 -20.00 -0.47 0.33
C PHE B 68 -20.91 -0.46 -0.89
N LEU B 69 -20.33 -0.30 -2.09
CA LEU B 69 -21.13 -0.28 -3.31
C LEU B 69 -21.78 -1.63 -3.57
N GLU B 70 -21.03 -2.72 -3.37
CA GLU B 70 -21.58 -4.07 -3.53
C GLU B 70 -22.64 -4.36 -2.47
N ALA B 71 -22.39 -3.95 -1.22
CA ALA B 71 -23.37 -4.18 -0.15
C ALA B 71 -24.64 -3.37 -0.37
N ALA B 72 -24.53 -2.15 -0.88
CA ALA B 72 -25.71 -1.32 -1.12
C ALA B 72 -26.50 -1.82 -2.31
N GLN B 73 -25.81 -2.31 -3.36
CA GLN B 73 -26.49 -2.90 -4.50
C GLN B 73 -27.23 -4.18 -4.11
N GLN B 74 -26.66 -4.95 -3.20
CA GLN B 74 -27.36 -6.16 -2.75
C GLN B 74 -28.50 -5.83 -1.81
N GLU B 75 -28.32 -4.82 -0.94
CA GLU B 75 -29.32 -4.55 0.08
C GLU B 75 -30.54 -3.83 -0.48
N PHE B 76 -30.34 -2.84 -1.34
CA PHE B 76 -31.44 -1.98 -1.75
C PHE B 76 -32.00 -2.30 -3.13
N ASN B 77 -31.47 -3.35 -3.79
CA ASN B 77 -31.97 -3.89 -5.06
C ASN B 77 -31.97 -2.83 -6.16
N LEU B 78 -30.88 -2.09 -6.24
CA LEU B 78 -30.75 -0.93 -7.10
C LEU B 78 -29.31 -0.82 -7.56
N PRO B 79 -29.09 -0.37 -8.80
CA PRO B 79 -27.70 -0.08 -9.23
C PRO B 79 -27.18 1.18 -8.55
N VAL B 80 -26.13 1.02 -7.76
CA VAL B 80 -25.45 2.12 -7.10
C VAL B 80 -24.06 2.21 -7.73
N ARG B 81 -23.85 3.22 -8.56
CA ARG B 81 -22.61 3.39 -9.30
C ARG B 81 -21.82 4.56 -8.75
N TYR B 82 -20.50 4.45 -8.85
CA TYR B 82 -19.59 5.51 -8.43
C TYR B 82 -18.94 6.12 -9.65
N LEU B 83 -19.22 7.40 -9.90
CA LEU B 83 -18.60 8.14 -10.97
C LEU B 83 -17.47 8.97 -10.39
N GLN B 84 -16.24 8.65 -10.74
CA GLN B 84 -15.07 9.32 -10.21
C GLN B 84 -14.64 10.43 -11.16
N GLU B 85 -14.58 11.66 -10.64
CA GLU B 85 -14.12 12.77 -11.45
C GLU B 85 -12.61 12.73 -11.61
N PHE B 86 -12.14 13.33 -12.70
CA PHE B 86 -10.71 13.41 -12.98
C PHE B 86 -10.01 14.48 -12.14
N ALA B 87 -10.77 15.40 -11.58
CA ALA B 87 -10.26 16.50 -10.77
C ALA B 87 -11.38 16.95 -9.86
N PRO B 88 -11.08 17.65 -8.76
CA PRO B 88 -12.17 18.29 -8.01
C PRO B 88 -12.82 19.41 -8.79
N LEU B 89 -14.05 19.19 -9.23
CA LEU B 89 -14.75 20.11 -10.11
C LEU B 89 -15.79 20.96 -9.39
N GLY B 90 -15.81 20.93 -8.07
CA GLY B 90 -16.81 21.65 -7.35
C GLY B 90 -18.12 20.89 -7.28
N THR B 91 -19.14 21.59 -6.77
CA THR B 91 -20.42 20.94 -6.55
C THR B 91 -21.26 20.85 -7.83
N GLY B 92 -20.98 21.70 -8.82
CA GLY B 92 -21.76 21.67 -10.04
C GLY B 92 -20.99 21.13 -11.22
N GLY B 93 -19.67 21.13 -11.11
CA GLY B 93 -18.84 20.66 -12.20
C GLY B 93 -18.89 19.16 -12.39
N GLY B 94 -19.10 18.40 -11.31
CA GLY B 94 -19.31 16.98 -11.46
C GLY B 94 -20.68 16.65 -12.02
N LEU B 95 -21.66 17.50 -11.76
CA LEU B 95 -22.99 17.32 -12.36
C LEU B 95 -22.96 17.64 -13.85
N TYR B 96 -22.18 18.64 -14.24
CA TYR B 96 -22.10 18.98 -15.65
C TYR B 96 -21.19 18.02 -16.41
N HIS B 97 -20.13 17.53 -15.77
CA HIS B 97 -19.19 16.64 -16.45
C HIS B 97 -19.80 15.27 -16.71
N PHE B 98 -20.65 14.79 -15.81
CA PHE B 98 -21.31 13.50 -15.95
C PHE B 98 -22.74 13.66 -16.43
N ARG B 99 -23.00 14.63 -17.32
CA ARG B 99 -24.36 14.90 -17.77
C ARG B 99 -24.90 13.80 -18.67
N ASP B 100 -24.03 13.07 -19.36
CA ASP B 100 -24.49 12.00 -20.23
C ASP B 100 -24.85 10.75 -19.45
N GLN B 101 -24.15 10.52 -18.33
CA GLN B 101 -24.47 9.39 -17.46
C GLN B 101 -25.68 9.69 -16.59
N ILE B 102 -25.91 10.97 -16.27
CA ILE B 102 -27.08 11.34 -15.47
C ILE B 102 -28.34 11.30 -16.32
N LEU B 103 -28.30 11.87 -17.51
CA LEU B 103 -29.46 11.92 -18.39
C LEU B 103 -29.66 10.65 -19.21
N ALA B 104 -28.89 9.59 -18.96
CA ALA B 104 -29.04 8.35 -19.70
C ALA B 104 -30.34 7.64 -19.31
N GLY B 105 -31.12 7.26 -20.31
CA GLY B 105 -32.41 6.68 -20.07
C GLY B 105 -33.54 7.67 -19.95
N SER B 106 -33.23 8.97 -20.08
CA SER B 106 -34.13 10.13 -20.03
C SER B 106 -34.99 10.15 -18.76
N PRO B 107 -34.42 10.49 -17.61
CA PRO B 107 -35.22 10.53 -16.38
C PRO B 107 -36.10 11.76 -16.32
N GLU B 108 -37.20 11.61 -15.56
CA GLU B 108 -38.11 12.73 -15.35
C GLU B 108 -37.47 13.81 -14.49
N ALA B 109 -36.80 13.39 -13.41
CA ALA B 109 -36.07 14.30 -12.54
C ALA B 109 -34.97 13.53 -11.85
N PHE B 110 -33.98 14.25 -11.35
CA PHE B 110 -32.97 13.60 -10.52
C PHE B 110 -32.69 14.44 -9.29
N PHE B 111 -32.70 13.78 -8.14
CA PHE B 111 -32.31 14.42 -6.90
C PHE B 111 -30.81 14.65 -6.88
N VAL B 112 -30.38 15.71 -6.22
CA VAL B 112 -28.98 16.00 -5.99
C VAL B 112 -28.82 16.22 -4.50
N LEU B 113 -28.12 15.31 -3.83
CA LEU B 113 -27.99 15.35 -2.38
C LEU B 113 -26.52 15.50 -2.00
N ASN B 114 -26.22 16.51 -1.20
CA ASN B 114 -24.90 16.59 -0.59
C ASN B 114 -24.75 15.48 0.44
N ALA B 115 -23.61 14.81 0.42
CA ALA B 115 -23.44 13.62 1.25
C ALA B 115 -23.22 13.93 2.71
N ASP B 116 -22.93 15.17 3.07
CA ASP B 116 -22.61 15.48 4.45
C ASP B 116 -23.82 15.96 5.26
N VAL B 117 -25.01 15.92 4.72
CA VAL B 117 -26.17 16.39 5.47
C VAL B 117 -26.85 15.21 6.14
N CYS B 118 -27.41 15.47 7.31
CA CYS B 118 -28.30 14.55 8.01
C CYS B 118 -29.69 15.14 7.91
N SER B 119 -30.57 14.46 7.18
CA SER B 119 -31.92 14.99 6.99
C SER B 119 -32.91 13.88 7.25
N ASP B 120 -34.19 14.25 7.29
CA ASP B 120 -35.23 13.24 7.35
C ASP B 120 -35.58 12.79 5.93
N PHE B 121 -35.08 13.54 4.94
CA PHE B 121 -35.12 13.33 3.50
C PHE B 121 -36.54 13.24 2.98
N PRO B 122 -37.27 14.34 2.89
CA PRO B 122 -38.63 14.29 2.35
C PRO B 122 -38.63 14.34 0.83
N LEU B 123 -38.17 13.26 0.20
CA LEU B 123 -38.03 13.26 -1.25
C LEU B 123 -39.37 13.12 -1.96
N SER B 124 -40.35 12.48 -1.31
CA SER B 124 -41.64 12.26 -1.94
C SER B 124 -42.47 13.54 -1.97
N ALA B 125 -42.47 14.29 -0.87
CA ALA B 125 -43.13 15.60 -0.82
C ALA B 125 -42.51 16.58 -1.79
N MET B 126 -41.17 16.58 -1.85
CA MET B 126 -40.42 17.44 -2.78
C MET B 126 -40.70 17.05 -4.23
N LEU B 127 -40.76 15.75 -4.51
CA LEU B 127 -41.03 15.26 -5.85
C LEU B 127 -42.42 15.62 -6.31
N GLU B 128 -43.40 15.54 -5.41
CA GLU B 128 -44.77 15.85 -5.78
C GLU B 128 -44.99 17.36 -5.94
N ALA B 129 -44.30 18.17 -5.15
CA ALA B 129 -44.29 19.62 -5.38
C ALA B 129 -43.68 19.97 -6.73
N HIS B 130 -42.64 19.23 -7.11
CA HIS B 130 -42.04 19.40 -8.42
C HIS B 130 -42.95 18.91 -9.54
N ARG B 131 -43.70 17.83 -9.29
CA ARG B 131 -44.60 17.30 -10.30
C ARG B 131 -45.80 18.21 -10.52
N ARG B 132 -46.15 19.00 -9.52
CA ARG B 132 -47.13 20.05 -9.74
C ARG B 132 -46.53 21.23 -10.49
N GLN B 133 -45.33 21.70 -10.12
CA GLN B 133 -44.89 22.98 -10.67
C GLN B 133 -43.92 22.88 -11.85
N ARG B 134 -43.03 21.87 -11.87
CA ARG B 134 -42.13 21.56 -13.00
C ARG B 134 -41.18 22.71 -13.34
N HIS B 135 -40.43 23.13 -12.36
CA HIS B 135 -39.42 24.15 -12.53
C HIS B 135 -38.05 23.49 -12.61
N PRO B 136 -37.03 24.17 -13.17
CA PRO B 136 -35.70 23.52 -13.30
C PRO B 136 -35.02 23.18 -11.99
N PHE B 137 -35.00 24.09 -11.03
CA PHE B 137 -34.34 23.87 -9.75
C PHE B 137 -35.38 23.91 -8.64
N LEU B 138 -35.37 22.90 -7.78
CA LEU B 138 -36.15 22.92 -6.55
C LEU B 138 -35.20 22.71 -5.39
N LEU B 139 -35.26 23.61 -4.41
CA LEU B 139 -34.37 23.56 -3.27
C LEU B 139 -35.15 23.10 -2.05
N LEU B 140 -34.47 22.39 -1.15
CA LEU B 140 -34.99 22.14 0.17
C LEU B 140 -34.41 23.18 1.10
N GLY B 141 -35.28 23.85 1.85
CA GLY B 141 -34.85 24.87 2.79
C GLY B 141 -35.50 24.66 4.14
N THR B 142 -34.80 25.08 5.18
CA THR B 142 -35.35 25.01 6.52
C THR B 142 -35.14 26.35 7.22
N THR B 143 -35.92 26.57 8.27
CA THR B 143 -35.82 27.81 9.02
C THR B 143 -34.71 27.71 10.07
N ALA B 144 -33.98 28.79 10.24
CA ALA B 144 -32.84 28.83 11.16
C ALA B 144 -32.97 30.03 12.08
N ASN B 145 -32.07 30.09 13.05
CA ASN B 145 -31.96 31.26 13.91
C ASN B 145 -31.36 32.42 13.12
N ARG B 146 -31.60 33.64 13.61
CA ARG B 146 -31.08 34.83 12.94
C ARG B 146 -29.56 34.93 13.07
N THR B 147 -29.00 34.42 14.15
CA THR B 147 -27.56 34.43 14.31
C THR B 147 -26.90 33.28 13.56
N GLN B 148 -27.58 32.13 13.48
CA GLN B 148 -27.00 30.95 12.86
C GLN B 148 -27.04 30.99 11.34
N SER B 149 -27.96 31.76 10.75
CA SER B 149 -28.13 31.80 9.29
C SER B 149 -26.91 32.32 8.56
N LEU B 150 -26.06 33.11 9.21
CA LEU B 150 -24.83 33.56 8.59
C LEU B 150 -23.82 32.45 8.37
N ASN B 151 -24.03 31.26 8.95
CA ASN B 151 -23.19 30.12 8.65
C ASN B 151 -23.62 29.37 7.40
N TYR B 152 -24.87 29.50 6.97
CA TYR B 152 -25.43 28.68 5.91
C TYR B 152 -25.89 29.56 4.76
N GLY B 153 -26.31 28.90 3.68
CA GLY B 153 -26.72 29.60 2.47
C GLY B 153 -28.14 30.12 2.56
N CYS B 154 -28.29 31.43 2.76
CA CYS B 154 -29.60 32.02 2.96
C CYS B 154 -30.34 32.24 1.66
N ILE B 155 -31.66 32.03 1.74
CA ILE B 155 -32.58 32.02 0.62
C ILE B 155 -33.66 33.04 0.94
N VAL B 156 -33.70 34.13 0.17
CA VAL B 156 -34.78 35.11 0.25
C VAL B 156 -35.78 34.76 -0.84
N GLU B 157 -37.00 34.43 -0.41
CA GLU B 157 -38.03 33.90 -1.29
C GLU B 157 -39.27 34.78 -1.28
N ASN B 158 -40.15 34.53 -2.25
CA ASN B 158 -41.47 35.14 -2.29
C ASN B 158 -42.48 34.12 -1.80
N PRO B 159 -43.27 34.42 -0.77
CA PRO B 159 -44.03 33.35 -0.09
C PRO B 159 -45.23 32.85 -0.86
N GLN B 160 -45.70 33.57 -1.87
CA GLN B 160 -46.86 33.13 -2.64
C GLN B 160 -46.48 32.02 -3.62
N THR B 161 -45.43 32.24 -4.40
CA THR B 161 -45.03 31.29 -5.42
C THR B 161 -43.91 30.35 -4.99
N HIS B 162 -43.35 30.58 -3.78
CA HIS B 162 -42.20 29.86 -3.24
C HIS B 162 -41.01 29.89 -4.19
N GLU B 163 -40.74 31.06 -4.75
CA GLU B 163 -39.64 31.27 -5.68
C GLU B 163 -38.58 32.13 -5.00
N VAL B 164 -37.35 31.66 -5.01
CA VAL B 164 -36.27 32.37 -4.35
C VAL B 164 -35.88 33.58 -5.20
N LEU B 165 -35.84 34.75 -4.56
CA LEU B 165 -35.46 36.00 -5.21
C LEU B 165 -34.03 36.39 -4.94
N HIS B 166 -33.40 35.81 -3.92
CA HIS B 166 -32.02 36.14 -3.60
C HIS B 166 -31.38 34.95 -2.90
N TYR B 167 -30.10 34.73 -3.18
CA TYR B 167 -29.33 33.65 -2.56
C TYR B 167 -27.97 34.21 -2.19
N VAL B 168 -27.60 34.16 -0.91
CA VAL B 168 -26.24 34.49 -0.50
C VAL B 168 -25.70 33.31 0.31
N GLU B 169 -24.50 32.84 -0.02
CA GLU B 169 -24.01 31.62 0.58
C GLU B 169 -23.54 31.81 2.01
N LYS B 170 -22.89 32.92 2.32
CA LYS B 170 -22.49 33.21 3.71
C LYS B 170 -22.53 34.72 3.94
N PRO B 171 -23.72 35.27 4.19
CA PRO B 171 -23.82 36.73 4.33
C PRO B 171 -23.31 37.21 5.68
N SER B 172 -22.66 38.37 5.67
CA SER B 172 -22.20 38.98 6.91
C SER B 172 -23.34 39.63 7.68
N THR B 173 -24.40 40.03 6.98
CA THR B 173 -25.60 40.57 7.60
C THR B 173 -26.75 39.58 7.45
N PHE B 174 -27.76 39.74 8.29
CA PHE B 174 -28.97 38.94 8.16
C PHE B 174 -29.71 39.34 6.90
N ILE B 175 -29.98 38.36 6.03
CA ILE B 175 -30.81 38.63 4.86
C ILE B 175 -32.04 37.73 4.88
N SER B 176 -31.92 36.55 5.49
CA SER B 176 -33.01 35.59 5.49
C SER B 176 -32.80 34.58 6.61
N ASP B 177 -33.91 34.05 7.12
CA ASP B 177 -33.89 32.99 8.10
C ASP B 177 -34.12 31.61 7.48
N ILE B 178 -34.26 31.53 6.17
CA ILE B 178 -34.40 30.26 5.46
C ILE B 178 -33.04 29.91 4.88
N ILE B 179 -32.56 28.70 5.19
CA ILE B 179 -31.25 28.26 4.76
C ILE B 179 -31.40 27.04 3.86
N ASN B 180 -30.38 26.82 3.04
CA ASN B 180 -30.35 25.74 2.06
C ASN B 180 -29.95 24.44 2.74
N CYS B 181 -30.71 23.38 2.48
CA CYS B 181 -30.50 22.12 3.17
C CYS B 181 -29.54 21.18 2.44
N GLY B 182 -29.06 21.56 1.26
CA GLY B 182 -28.23 20.66 0.50
C GLY B 182 -28.97 19.53 -0.19
N ILE B 183 -30.30 19.60 -0.25
CA ILE B 183 -31.12 18.66 -0.98
C ILE B 183 -31.76 19.43 -2.12
N TYR B 184 -31.57 18.95 -3.34
CA TYR B 184 -32.12 19.60 -4.52
C TYR B 184 -32.85 18.58 -5.38
N LEU B 185 -33.82 19.07 -6.13
CA LEU B 185 -34.48 18.30 -7.17
C LEU B 185 -34.26 19.02 -8.48
N PHE B 186 -33.65 18.34 -9.44
CA PHE B 186 -33.25 18.94 -10.70
C PHE B 186 -34.13 18.38 -11.81
N SER B 187 -34.58 19.25 -12.68
CA SER B 187 -35.16 18.83 -13.93
C SER B 187 -34.01 18.62 -14.93
N PRO B 188 -34.25 17.90 -16.05
CA PRO B 188 -33.22 17.85 -17.10
C PRO B 188 -32.87 19.22 -17.66
N GLU B 189 -33.85 20.13 -17.73
CA GLU B 189 -33.63 21.53 -18.13
C GLU B 189 -32.59 22.23 -17.27
N ALA B 190 -32.45 21.82 -15.99
CA ALA B 190 -31.46 22.42 -15.09
C ALA B 190 -30.02 22.12 -15.49
N LEU B 191 -29.76 21.18 -16.41
CA LEU B 191 -28.38 21.06 -16.87
C LEU B 191 -28.05 22.06 -17.96
N LYS B 192 -29.05 22.75 -18.48
CA LYS B 192 -28.83 23.83 -19.44
C LYS B 192 -28.22 25.12 -18.86
N PRO B 193 -28.55 25.60 -17.65
CA PRO B 193 -27.78 26.75 -17.14
C PRO B 193 -26.35 26.46 -16.78
N LEU B 194 -26.08 25.25 -16.29
CA LEU B 194 -24.75 24.85 -15.85
C LEU B 194 -23.75 24.91 -17.01
N ARG B 195 -24.20 24.47 -18.20
CA ARG B 195 -23.44 24.59 -19.44
C ARG B 195 -23.03 26.02 -19.73
N ASP B 196 -23.97 26.96 -19.57
CA ASP B 196 -23.68 28.38 -19.78
C ASP B 196 -22.60 28.86 -18.81
N VAL B 197 -22.66 28.40 -17.55
CA VAL B 197 -21.64 28.73 -16.55
C VAL B 197 -20.30 28.20 -17.00
N PHE B 198 -20.29 26.97 -17.54
CA PHE B 198 -19.06 26.35 -18.01
C PHE B 198 -18.46 27.14 -19.16
N GLN B 199 -19.33 27.64 -20.06
CA GLN B 199 -18.82 28.41 -21.19
C GLN B 199 -18.28 29.75 -20.74
N ARG B 200 -18.85 30.30 -19.65
CA ARG B 200 -18.33 31.56 -19.11
C ARG B 200 -16.99 31.36 -18.43
N ASN B 201 -16.65 30.13 -18.04
CA ASN B 201 -15.33 29.91 -17.50
C ASN B 201 -14.30 29.70 -18.58
N GLN B 202 -14.73 29.47 -19.83
CA GLN B 202 -13.75 29.23 -20.88
C GLN B 202 -13.35 30.51 -21.60
N GLN B 203 -14.25 31.50 -21.65
CA GLN B 203 -13.94 32.78 -22.28
C GLN B 203 -13.13 33.67 -21.34
N GLY B 218 -14.36 24.63 -16.03
CA GLY B 218 -14.15 23.34 -15.41
C GLY B 218 -14.83 23.20 -14.05
N THR B 219 -14.33 23.98 -13.09
CA THR B 219 -14.84 23.95 -11.72
C THR B 219 -16.06 24.87 -11.61
N ILE B 220 -17.21 24.28 -11.31
CA ILE B 220 -18.46 25.01 -11.15
C ILE B 220 -18.94 24.82 -9.72
N ARG B 221 -19.09 25.93 -9.00
CA ARG B 221 -19.73 25.91 -7.69
C ARG B 221 -21.22 26.11 -7.91
N LEU B 222 -22.03 25.16 -7.43
CA LEU B 222 -23.46 25.18 -7.70
C LEU B 222 -24.16 26.31 -6.97
N GLU B 223 -23.65 26.71 -5.81
CA GLU B 223 -24.29 27.76 -5.03
C GLU B 223 -23.88 29.14 -5.52
N GLN B 224 -22.59 29.36 -5.72
CA GLN B 224 -22.10 30.69 -6.05
C GLN B 224 -22.32 31.04 -7.53
N ASP B 225 -22.18 30.07 -8.43
CA ASP B 225 -22.24 30.38 -9.84
C ASP B 225 -23.63 30.18 -10.44
N VAL B 226 -24.42 29.28 -9.90
CA VAL B 226 -25.71 28.93 -10.47
C VAL B 226 -26.86 29.44 -9.61
N PHE B 227 -26.81 29.22 -8.30
CA PHE B 227 -27.94 29.55 -7.45
C PHE B 227 -28.03 31.04 -7.16
N SER B 228 -26.90 31.69 -6.88
CA SER B 228 -26.92 33.11 -6.59
C SER B 228 -27.14 33.94 -7.84
N ALA B 229 -26.72 33.42 -9.00
CA ALA B 229 -26.79 34.20 -10.23
C ALA B 229 -28.16 34.08 -10.90
N LEU B 230 -28.83 32.96 -10.77
CA LEU B 230 -30.13 32.73 -11.38
C LEU B 230 -31.29 32.99 -10.44
N ALA B 231 -31.03 33.53 -9.25
CA ALA B 231 -32.09 33.77 -8.29
C ALA B 231 -32.93 34.97 -8.71
N GLY B 232 -34.24 34.80 -8.63
CA GLY B 232 -35.17 35.85 -9.01
C GLY B 232 -35.61 35.82 -10.46
N GLN B 233 -35.02 34.95 -11.28
CA GLN B 233 -35.37 34.84 -12.68
C GLN B 233 -36.36 33.72 -12.97
N GLY B 234 -36.95 33.14 -11.94
CA GLY B 234 -38.01 32.18 -12.11
C GLY B 234 -37.58 30.74 -12.32
N GLN B 235 -36.30 30.43 -12.14
CA GLN B 235 -35.82 29.08 -12.39
C GLN B 235 -35.58 28.28 -11.11
N ILE B 236 -35.35 28.94 -9.98
CA ILE B 236 -35.07 28.27 -8.71
C ILE B 236 -36.26 28.49 -7.79
N TYR B 237 -36.74 27.41 -7.18
CA TYR B 237 -37.90 27.45 -6.29
C TYR B 237 -37.56 26.68 -5.01
N VAL B 238 -38.27 27.00 -3.93
CA VAL B 238 -37.96 26.47 -2.60
C VAL B 238 -39.10 25.56 -2.14
N HIS B 239 -38.73 24.49 -1.44
CA HIS B 239 -39.66 23.66 -0.67
C HIS B 239 -39.20 23.65 0.78
N LEU B 240 -40.09 24.01 1.68
CA LEU B 240 -39.75 24.20 3.09
C LEU B 240 -40.23 23.01 3.92
N THR B 241 -39.34 22.48 4.77
CA THR B 241 -39.70 21.38 5.63
C THR B 241 -39.42 21.75 7.08
N ASP B 242 -39.99 20.95 7.99
CA ASP B 242 -39.80 21.10 9.41
C ASP B 242 -39.09 19.92 10.04
N GLY B 243 -38.55 19.00 9.24
CA GLY B 243 -37.91 17.81 9.75
C GLY B 243 -36.51 18.09 10.28
N ILE B 244 -35.84 17.00 10.67
CA ILE B 244 -34.51 17.11 11.25
C ILE B 244 -33.51 17.47 10.15
N TRP B 245 -32.53 18.30 10.50
CA TRP B 245 -31.49 18.67 9.56
C TRP B 245 -30.23 19.04 10.31
N SER B 246 -29.09 18.59 9.79
CA SER B 246 -27.80 18.90 10.37
C SER B 246 -26.74 18.79 9.28
N GLN B 247 -25.62 19.46 9.49
CA GLN B 247 -24.50 19.43 8.57
C GLN B 247 -23.32 18.77 9.27
N ILE B 248 -22.83 17.67 8.70
CA ILE B 248 -21.69 16.96 9.27
C ILE B 248 -20.44 17.51 8.60
N LYS B 249 -19.76 18.44 9.28
CA LYS B 249 -18.53 19.03 8.74
C LYS B 249 -17.32 18.59 9.53
N SER B 250 -17.29 18.84 10.84
CA SER B 250 -16.20 18.40 11.68
C SER B 250 -16.50 17.00 12.20
N ALA B 251 -15.53 16.45 12.95
CA ALA B 251 -15.65 15.08 13.41
C ALA B 251 -16.69 14.95 14.53
N GLY B 252 -16.86 15.99 15.35
CA GLY B 252 -17.84 15.93 16.41
C GLY B 252 -19.27 16.21 16.00
N SER B 253 -19.49 16.68 14.77
CA SER B 253 -20.85 16.95 14.30
C SER B 253 -21.61 15.65 14.02
N ALA B 254 -20.86 14.58 13.77
CA ALA B 254 -21.43 13.26 13.52
C ALA B 254 -22.15 12.72 14.74
N LEU B 255 -21.75 13.15 15.94
CA LEU B 255 -22.45 12.78 17.15
C LEU B 255 -23.85 13.37 17.22
N TYR B 256 -23.99 14.64 16.83
CA TYR B 256 -25.30 15.27 16.79
C TYR B 256 -26.17 14.69 15.69
N ALA B 257 -25.55 14.35 14.55
CA ALA B 257 -26.27 13.66 13.49
C ALA B 257 -26.71 12.27 13.92
N SER B 258 -25.90 11.61 14.76
CA SER B 258 -26.26 10.32 15.31
C SER B 258 -27.45 10.43 16.25
N ARG B 259 -27.50 11.51 17.03
CA ARG B 259 -28.59 11.76 17.96
C ARG B 259 -29.89 12.01 17.21
N LEU B 260 -29.83 12.75 16.10
CA LEU B 260 -30.99 13.01 15.26
C LEU B 260 -31.47 11.74 14.54
N TYR B 261 -30.53 10.93 14.04
CA TYR B 261 -30.92 9.71 13.33
C TYR B 261 -31.48 8.65 14.27
N LEU B 262 -30.97 8.59 15.50
CA LEU B 262 -31.53 7.65 16.48
C LEU B 262 -32.91 8.08 16.92
N SER B 263 -33.18 9.39 16.95
CA SER B 263 -34.54 9.85 17.17
C SER B 263 -35.45 9.49 15.99
N ARG B 264 -34.92 9.58 14.77
CA ARG B 264 -35.66 9.22 13.56
C ARG B 264 -35.96 7.71 13.50
N TYR B 265 -35.10 6.91 14.13
CA TYR B 265 -35.26 5.45 14.12
C TYR B 265 -36.49 4.99 14.89
N GLN B 266 -37.06 5.82 15.76
CA GLN B 266 -38.27 5.46 16.47
C GLN B 266 -39.46 5.27 15.53
N ASP B 267 -39.49 6.01 14.43
CA ASP B 267 -40.50 5.82 13.40
C ASP B 267 -40.01 5.03 12.20
N THR B 268 -38.71 5.08 11.88
CA THR B 268 -38.24 4.50 10.62
C THR B 268 -37.74 3.08 10.75
N HIS B 269 -36.85 2.80 11.71
CA HIS B 269 -36.34 1.45 11.95
C HIS B 269 -36.46 1.13 13.44
N PRO B 270 -37.64 0.71 13.90
CA PRO B 270 -37.81 0.47 15.34
C PRO B 270 -37.10 -0.78 15.84
N GLU B 271 -36.69 -1.67 14.94
CA GLU B 271 -35.92 -2.85 15.33
C GLU B 271 -34.44 -2.53 15.55
N ARG B 272 -33.98 -1.36 15.11
CA ARG B 272 -32.57 -1.02 15.27
C ARG B 272 -32.26 -0.50 16.66
N LEU B 273 -33.24 0.13 17.32
CA LEU B 273 -33.05 0.58 18.68
C LEU B 273 -33.07 -0.60 19.64
N ALA B 274 -32.30 -0.48 20.70
CA ALA B 274 -32.12 -1.57 21.66
C ALA B 274 -33.09 -1.40 22.82
N LYS B 275 -33.60 -2.51 23.32
CA LYS B 275 -34.61 -2.54 24.37
C LYS B 275 -34.03 -3.08 25.67
N HIS B 276 -34.81 -2.92 26.74
CA HIS B 276 -34.44 -3.49 28.02
C HIS B 276 -34.61 -5.01 28.00
N THR B 277 -33.52 -5.72 28.26
CA THR B 277 -33.48 -7.17 28.28
C THR B 277 -33.04 -7.62 29.67
N PRO B 278 -33.70 -8.62 30.26
CA PRO B 278 -33.31 -9.06 31.62
C PRO B 278 -31.91 -9.63 31.70
N GLY B 279 -31.40 -10.23 30.64
CA GLY B 279 -30.01 -10.67 30.63
C GLY B 279 -29.10 -9.67 29.94
N GLY B 280 -29.56 -8.43 29.78
CA GLY B 280 -28.82 -7.44 29.05
C GLY B 280 -28.51 -6.19 29.84
N PRO B 281 -27.87 -5.22 29.20
CA PRO B 281 -27.51 -3.97 29.89
C PRO B 281 -28.70 -3.04 30.07
N TRP B 282 -28.56 -2.13 31.03
CA TRP B 282 -29.54 -1.06 31.18
C TRP B 282 -29.43 -0.09 30.03
N ILE B 283 -30.57 0.44 29.60
CA ILE B 283 -30.62 1.27 28.40
C ILE B 283 -31.53 2.46 28.68
N ARG B 284 -30.99 3.67 28.51
CA ARG B 284 -31.76 4.91 28.59
C ARG B 284 -31.75 5.56 27.22
N GLY B 285 -32.88 6.16 26.86
CA GLY B 285 -32.97 6.87 25.60
C GLY B 285 -32.91 5.95 24.39
N ASN B 286 -32.41 6.49 23.29
CA ASN B 286 -32.26 5.74 22.05
C ASN B 286 -30.84 5.20 21.95
N VAL B 287 -30.71 3.88 21.88
CA VAL B 287 -29.42 3.20 21.84
C VAL B 287 -29.43 2.25 20.65
N TYR B 288 -28.43 2.33 19.79
CA TYR B 288 -28.18 1.32 18.78
C TYR B 288 -27.05 0.43 19.26
N ILE B 289 -27.27 -0.88 19.24
CA ILE B 289 -26.22 -1.87 19.48
C ILE B 289 -26.19 -2.80 18.28
N HIS B 290 -24.99 -3.03 17.74
CA HIS B 290 -24.83 -4.01 16.69
C HIS B 290 -25.02 -5.41 17.27
N PRO B 291 -25.56 -6.35 16.47
CA PRO B 291 -25.73 -7.73 16.96
C PRO B 291 -24.42 -8.46 17.25
N THR B 292 -23.33 -8.09 16.60
CA THR B 292 -22.05 -8.75 16.84
C THR B 292 -21.40 -8.25 18.13
N ALA B 293 -21.76 -7.05 18.58
CA ALA B 293 -21.16 -6.47 19.77
C ALA B 293 -21.63 -7.20 21.04
N LYS B 294 -20.69 -7.42 21.94
CA LYS B 294 -20.96 -8.10 23.21
C LYS B 294 -20.88 -7.07 24.33
N VAL B 295 -22.02 -6.74 24.92
CA VAL B 295 -22.11 -5.78 26.01
C VAL B 295 -22.39 -6.54 27.29
N ALA B 296 -21.64 -6.21 28.34
CA ALA B 296 -21.84 -6.82 29.64
C ALA B 296 -23.14 -6.32 30.27
N PRO B 297 -23.81 -7.14 31.09
CA PRO B 297 -25.10 -6.70 31.66
C PRO B 297 -24.97 -5.64 32.74
N SER B 298 -23.79 -5.47 33.34
CA SER B 298 -23.62 -4.44 34.36
C SER B 298 -23.45 -3.05 33.77
N ALA B 299 -23.16 -2.96 32.47
CA ALA B 299 -23.03 -1.68 31.80
C ALA B 299 -24.40 -1.04 31.64
N VAL B 300 -24.43 0.29 31.66
CA VAL B 300 -25.62 1.05 31.28
C VAL B 300 -25.24 1.96 30.13
N LEU B 301 -26.10 2.02 29.12
CA LEU B 301 -25.84 2.74 27.89
C LEU B 301 -26.88 3.83 27.77
N GLY B 302 -26.45 5.07 27.96
CA GLY B 302 -27.36 6.18 28.13
C GLY B 302 -27.91 6.69 26.83
N PRO B 303 -28.43 7.92 26.82
CA PRO B 303 -29.10 8.43 25.63
C PRO B 303 -28.13 8.69 24.49
N ASN B 304 -28.58 8.32 23.28
CA ASN B 304 -27.92 8.61 22.00
C ASN B 304 -26.54 7.95 21.90
N VAL B 305 -26.53 6.63 22.03
CA VAL B 305 -25.31 5.83 22.00
C VAL B 305 -25.38 4.86 20.83
N SER B 306 -24.32 4.83 20.02
CA SER B 306 -24.20 3.90 18.90
C SER B 306 -23.02 2.98 19.12
N ILE B 307 -23.25 1.67 18.98
CA ILE B 307 -22.21 0.65 19.17
C ILE B 307 -22.04 -0.09 17.85
N GLY B 308 -20.78 -0.30 17.45
CA GLY B 308 -20.48 -1.00 16.22
C GLY B 308 -20.19 -2.47 16.42
N LYS B 309 -19.77 -3.14 15.35
CA LYS B 309 -19.61 -4.58 15.37
C LYS B 309 -18.31 -5.00 16.07
N GLY B 310 -18.37 -6.09 16.81
CA GLY B 310 -17.19 -6.59 17.47
C GLY B 310 -16.70 -5.75 18.63
N VAL B 311 -17.57 -4.94 19.21
CA VAL B 311 -17.19 -4.06 20.31
C VAL B 311 -17.43 -4.79 21.61
N THR B 312 -16.37 -4.97 22.39
CA THR B 312 -16.48 -5.55 23.72
C THR B 312 -16.65 -4.40 24.72
N VAL B 313 -17.75 -4.42 25.46
CA VAL B 313 -18.05 -3.43 26.48
C VAL B 313 -18.04 -4.14 27.83
N GLY B 314 -17.16 -3.72 28.73
CA GLY B 314 -16.97 -4.38 30.00
C GLY B 314 -18.08 -4.10 31.00
N GLU B 315 -17.87 -4.59 32.22
CA GLU B 315 -18.86 -4.46 33.27
C GLU B 315 -18.75 -3.09 33.94
N GLY B 316 -19.88 -2.49 34.23
CA GLY B 316 -19.90 -1.19 34.87
C GLY B 316 -19.61 -0.03 33.95
N VAL B 317 -19.59 -0.24 32.64
CA VAL B 317 -19.27 0.82 31.69
C VAL B 317 -20.46 1.75 31.56
N ARG B 318 -20.21 3.04 31.79
CA ARG B 318 -21.18 4.08 31.48
C ARG B 318 -20.88 4.63 30.09
N LEU B 319 -21.90 4.65 29.23
CA LEU B 319 -21.77 5.17 27.88
C LEU B 319 -22.91 6.14 27.65
N ARG B 320 -22.60 7.41 27.44
CA ARG B 320 -23.66 8.39 27.21
C ARG B 320 -23.25 9.33 26.10
N GLU B 321 -24.14 9.49 25.11
CA GLU B 321 -23.98 10.39 23.97
C GLU B 321 -22.71 10.11 23.19
N SER B 322 -22.52 8.86 22.80
CA SER B 322 -21.24 8.43 22.27
C SER B 322 -21.42 7.60 21.00
N ILE B 323 -20.32 7.45 20.28
CA ILE B 323 -20.22 6.57 19.13
C ILE B 323 -19.00 5.70 19.36
N VAL B 324 -19.20 4.40 19.42
CA VAL B 324 -18.11 3.45 19.61
C VAL B 324 -17.95 2.69 18.30
N LEU B 325 -16.85 2.93 17.60
CA LEU B 325 -16.62 2.32 16.31
C LEU B 325 -16.16 0.88 16.47
N HIS B 326 -16.08 0.17 15.35
CA HIS B 326 -16.00 -1.28 15.38
C HIS B 326 -14.61 -1.76 15.79
N GLY B 327 -14.58 -2.79 16.62
CA GLY B 327 -13.35 -3.34 17.13
C GLY B 327 -12.87 -2.75 18.44
N ALA B 328 -13.51 -1.69 18.92
CA ALA B 328 -13.06 -1.01 20.12
C ALA B 328 -13.41 -1.81 21.36
N THR B 329 -12.58 -1.68 22.39
CA THR B 329 -12.73 -2.39 23.65
C THR B 329 -12.76 -1.39 24.79
N LEU B 330 -13.85 -1.39 25.54
CA LEU B 330 -13.94 -0.61 26.77
C LEU B 330 -13.86 -1.58 27.94
N GLN B 331 -12.85 -1.41 28.78
CA GLN B 331 -12.66 -2.30 29.93
C GLN B 331 -13.58 -1.85 31.06
N GLU B 332 -13.42 -2.47 32.22
CA GLU B 332 -14.42 -2.39 33.28
C GLU B 332 -14.42 -1.03 33.96
N HIS B 333 -15.63 -0.57 34.32
CA HIS B 333 -15.89 0.66 35.08
C HIS B 333 -15.38 1.91 34.35
N THR B 334 -15.51 1.90 33.02
CA THR B 334 -15.05 2.99 32.17
C THR B 334 -16.23 3.91 31.85
N CYS B 335 -16.07 5.19 32.11
CA CYS B 335 -17.10 6.19 31.82
C CYS B 335 -16.73 6.95 30.56
N VAL B 336 -17.58 6.88 29.54
CA VAL B 336 -17.37 7.54 28.26
C VAL B 336 -18.56 8.43 27.97
N LEU B 337 -18.33 9.74 27.90
CA LEU B 337 -19.38 10.74 27.70
C LEU B 337 -18.95 11.69 26.60
N HIS B 338 -19.85 11.90 25.62
CA HIS B 338 -19.68 12.84 24.51
C HIS B 338 -18.39 12.58 23.73
N SER B 339 -18.20 11.33 23.32
CA SER B 339 -16.94 10.94 22.72
C SER B 339 -17.18 10.07 21.50
N ILE B 340 -16.17 9.98 20.67
CA ILE B 340 -16.15 9.08 19.54
C ILE B 340 -14.92 8.19 19.70
N VAL B 341 -15.16 6.90 19.91
CA VAL B 341 -14.11 5.93 20.19
C VAL B 341 -13.81 5.20 18.89
N GLY B 342 -12.57 5.32 18.41
CA GLY B 342 -12.21 4.87 17.08
C GLY B 342 -12.11 3.35 16.95
N TRP B 343 -11.68 2.94 15.76
CA TRP B 343 -11.68 1.54 15.36
C TRP B 343 -10.51 0.80 16.01
N GLY B 344 -10.80 -0.23 16.78
CA GLY B 344 -9.76 -0.99 17.44
C GLY B 344 -9.12 -0.30 18.61
N SER B 345 -9.64 0.85 19.03
CA SER B 345 -9.04 1.62 20.10
C SER B 345 -9.52 1.11 21.45
N THR B 346 -8.60 0.90 22.36
CA THR B 346 -8.86 0.25 23.64
C THR B 346 -8.77 1.25 24.78
N VAL B 347 -9.80 1.27 25.63
CA VAL B 347 -9.83 2.14 26.81
C VAL B 347 -9.72 1.25 28.04
N GLY B 348 -8.72 1.52 28.88
CA GLY B 348 -8.45 0.71 30.05
C GLY B 348 -9.45 0.92 31.17
N ARG B 349 -9.27 0.15 32.23
CA ARG B 349 -10.26 0.13 33.31
C ARG B 349 -10.14 1.38 34.18
N TRP B 350 -11.30 1.85 34.64
CA TRP B 350 -11.51 3.09 35.41
C TRP B 350 -11.03 4.33 34.68
N ALA B 351 -10.92 4.28 33.36
CA ALA B 351 -10.56 5.45 32.58
C ALA B 351 -11.81 6.23 32.23
N ARG B 352 -11.66 7.53 32.09
CA ARG B 352 -12.78 8.41 31.81
C ARG B 352 -12.49 9.18 30.54
N VAL B 353 -13.28 8.92 29.49
CA VAL B 353 -13.14 9.60 28.21
C VAL B 353 -14.32 10.55 28.09
N GLU B 354 -14.09 11.84 28.30
CA GLU B 354 -15.15 12.81 28.43
C GLU B 354 -14.98 13.94 27.43
N GLY B 355 -16.10 14.38 26.84
CA GLY B 355 -16.12 15.55 26.01
C GLY B 355 -17.21 16.50 26.47
N THR B 356 -17.23 17.68 25.87
CA THR B 356 -18.26 18.67 26.18
C THR B 356 -19.19 18.74 24.98
N PRO B 357 -20.50 18.64 25.23
CA PRO B 357 -21.50 18.65 24.16
C PRO B 357 -21.46 19.92 23.32
N SER B 358 -21.34 19.77 22.01
CA SER B 358 -21.33 20.92 21.10
C SER B 358 -22.13 20.59 19.85
N ASP B 359 -23.44 20.71 19.95
CA ASP B 359 -24.34 20.40 18.85
C ASP B 359 -24.42 21.52 17.83
N PRO B 360 -24.13 21.21 16.57
CA PRO B 360 -24.18 22.17 15.46
C PRO B 360 -25.55 22.27 14.80
N ASN B 361 -26.54 22.79 15.51
CA ASN B 361 -27.88 22.95 14.95
C ASN B 361 -28.16 24.42 14.67
N PRO B 362 -28.86 24.72 13.58
CA PRO B 362 -29.12 26.12 13.23
C PRO B 362 -30.20 26.80 14.06
N ASN B 363 -30.80 26.12 15.03
CA ASN B 363 -31.84 26.72 15.85
C ASN B 363 -31.34 27.22 17.20
N ASP B 364 -30.24 26.68 17.70
CA ASP B 364 -29.68 27.12 18.98
C ASP B 364 -28.92 28.43 18.80
N PRO B 365 -29.21 29.46 19.59
CA PRO B 365 -28.53 30.75 19.40
C PRO B 365 -27.07 30.75 19.82
N ARG B 366 -26.71 30.02 20.87
CA ARG B 366 -25.31 29.84 21.25
C ARG B 366 -24.77 28.47 20.85
N ALA B 367 -25.26 27.92 19.74
CA ALA B 367 -24.50 26.91 19.02
C ALA B 367 -23.28 27.57 18.40
N ARG B 368 -22.25 26.77 18.16
CA ARG B 368 -20.97 27.34 17.77
C ARG B 368 -20.95 27.67 16.28
N MET B 369 -19.97 28.50 15.93
CA MET B 369 -19.97 29.20 14.65
C MET B 369 -19.27 28.38 13.57
N ASP B 370 -18.67 27.23 13.95
CA ASP B 370 -18.36 26.11 13.04
C ASP B 370 -17.33 26.47 11.95
N SER B 371 -16.19 27.00 12.40
CA SER B 371 -15.11 27.35 11.49
C SER B 371 -14.15 26.17 11.33
N GLU B 372 -13.18 26.35 10.43
CA GLU B 372 -12.11 25.38 10.24
C GLU B 372 -11.22 25.29 11.47
N SER B 373 -11.03 26.40 12.17
CA SER B 373 -10.21 26.43 13.37
C SER B 373 -10.94 25.78 14.53
N LEU B 374 -10.27 24.85 15.20
CA LEU B 374 -10.74 24.27 16.44
C LEU B 374 -10.32 25.08 17.65
N PHE B 375 -9.76 26.26 17.44
CA PHE B 375 -9.06 26.99 18.46
C PHE B 375 -9.68 28.37 18.66
N LYS B 376 -9.30 28.98 19.78
CA LYS B 376 -9.66 30.37 20.08
C LYS B 376 -8.60 30.91 21.01
N ASP B 377 -7.88 31.96 20.57
CA ASP B 377 -6.92 32.71 21.39
C ASP B 377 -5.80 31.83 21.90
N GLY B 378 -5.39 30.87 21.06
CA GLY B 378 -4.48 29.82 21.45
C GLY B 378 -5.16 28.61 22.08
N LYS B 379 -6.26 28.83 22.80
CA LYS B 379 -6.92 27.77 23.55
C LYS B 379 -7.75 26.89 22.64
N LEU B 380 -7.65 25.58 22.83
CA LEU B 380 -8.53 24.63 22.16
C LEU B 380 -9.94 24.77 22.73
N LEU B 381 -10.92 24.76 21.86
CA LEU B 381 -12.30 24.91 22.29
C LEU B 381 -12.81 23.62 22.91
N PRO B 382 -13.63 23.69 23.95
CA PRO B 382 -14.19 22.46 24.54
C PRO B 382 -15.22 21.82 23.63
N ALA B 383 -14.94 20.62 23.17
CA ALA B 383 -15.78 19.97 22.17
C ALA B 383 -15.74 18.47 22.40
N ILE B 384 -16.15 17.72 21.38
CA ILE B 384 -16.26 16.28 21.46
C ILE B 384 -14.86 15.66 21.52
N THR B 385 -14.66 14.74 22.46
CA THR B 385 -13.41 14.01 22.55
C THR B 385 -13.37 12.96 21.44
N ILE B 386 -12.34 12.99 20.61
CA ILE B 386 -12.24 12.05 19.49
C ILE B 386 -10.98 11.23 19.67
N LEU B 387 -11.13 9.92 19.72
CA LEU B 387 -10.02 8.99 19.68
C LEU B 387 -9.91 8.42 18.28
N GLY B 388 -8.71 8.43 17.72
CA GLY B 388 -8.50 7.84 16.42
C GLY B 388 -8.45 6.32 16.49
N CYS B 389 -8.11 5.72 15.36
CA CYS B 389 -8.07 4.27 15.33
C CYS B 389 -6.84 3.74 16.04
N ARG B 390 -7.01 2.61 16.74
CA ARG B 390 -5.96 1.90 17.47
C ARG B 390 -5.27 2.78 18.51
N VAL B 391 -6.06 3.58 19.22
CA VAL B 391 -5.58 4.42 20.29
C VAL B 391 -5.71 3.67 21.61
N ARG B 392 -4.60 3.50 22.32
CA ARG B 392 -4.63 2.79 23.59
C ARG B 392 -4.67 3.79 24.74
N ILE B 393 -5.76 3.77 25.49
CA ILE B 393 -5.92 4.59 26.69
C ILE B 393 -5.58 3.71 27.90
N PRO B 394 -4.62 4.10 28.73
CA PRO B 394 -4.25 3.25 29.87
C PRO B 394 -5.28 3.32 30.98
N ALA B 395 -5.06 2.49 31.99
CA ALA B 395 -6.03 2.37 33.07
C ALA B 395 -5.97 3.57 33.99
N GLU B 396 -7.15 3.99 34.46
CA GLU B 396 -7.33 5.06 35.46
C GLU B 396 -6.80 6.40 34.97
N VAL B 397 -7.03 6.70 33.69
CA VAL B 397 -6.50 7.89 33.03
C VAL B 397 -7.66 8.64 32.40
N LEU B 398 -7.70 9.95 32.61
CA LEU B 398 -8.76 10.80 32.09
C LEU B 398 -8.33 11.47 30.79
N ILE B 399 -9.15 11.34 29.76
CA ILE B 399 -9.00 12.08 28.51
C ILE B 399 -10.18 13.03 28.41
N LEU B 400 -9.93 14.31 28.63
CA LEU B 400 -11.00 15.31 28.72
C LEU B 400 -10.83 16.34 27.63
N ASN B 401 -11.86 16.49 26.79
CA ASN B 401 -11.95 17.50 25.72
C ASN B 401 -10.80 17.43 24.73
N SER B 402 -10.28 16.23 24.47
CA SER B 402 -9.04 16.09 23.74
C SER B 402 -9.26 15.36 22.43
N ILE B 403 -8.37 15.62 21.48
CA ILE B 403 -8.33 14.89 20.21
C ILE B 403 -7.05 14.08 20.20
N VAL B 404 -7.17 12.77 20.05
CA VAL B 404 -6.03 11.87 20.01
C VAL B 404 -5.93 11.31 18.60
N LEU B 405 -4.77 11.52 17.99
CA LEU B 405 -4.56 11.06 16.62
C LEU B 405 -4.30 9.55 16.63
N PRO B 406 -4.54 8.85 15.50
CA PRO B 406 -4.53 7.39 15.51
C PRO B 406 -3.17 6.77 15.78
N HIS B 407 -3.24 5.50 16.23
CA HIS B 407 -2.09 4.66 16.59
C HIS B 407 -1.22 5.31 17.66
N LYS B 408 -1.88 5.90 18.67
CA LYS B 408 -1.21 6.56 19.78
C LYS B 408 -1.43 5.75 21.04
N GLU B 409 -0.36 5.52 21.79
CA GLU B 409 -0.44 4.87 23.09
C GLU B 409 -0.15 5.91 24.15
N LEU B 410 -1.17 6.23 24.95
CA LEU B 410 -1.01 7.25 25.97
C LEU B 410 -0.57 6.61 27.29
N SER B 411 -0.05 7.45 28.18
CA SER B 411 0.45 6.97 29.45
C SER B 411 -0.01 7.81 30.64
N ARG B 412 -0.60 8.98 30.40
CA ARG B 412 -1.06 9.83 31.49
C ARG B 412 -2.34 10.53 31.05
N SER B 413 -2.87 11.36 31.93
CA SER B 413 -4.10 12.07 31.65
C SER B 413 -3.84 13.31 30.81
N PHE B 414 -4.73 13.56 29.85
CA PHE B 414 -4.63 14.71 28.96
C PHE B 414 -5.94 15.47 29.00
N THR B 415 -5.86 16.79 29.24
CA THR B 415 -7.04 17.65 29.27
C THR B 415 -6.86 18.81 28.30
N ASN B 416 -7.83 18.97 27.40
CA ASN B 416 -7.96 20.12 26.47
C ASN B 416 -6.78 20.24 25.52
N GLN B 417 -6.43 19.14 24.86
CA GLN B 417 -5.24 19.08 24.03
C GLN B 417 -5.55 18.43 22.70
N ILE B 418 -4.59 18.50 21.79
CA ILE B 418 -4.58 17.68 20.59
C ILE B 418 -3.29 16.88 20.62
N ILE B 419 -3.41 15.58 20.89
CA ILE B 419 -2.26 14.71 21.09
C ILE B 419 -1.87 14.17 19.72
N LEU B 420 -0.74 14.66 19.20
CA LEU B 420 -0.32 14.34 17.86
C LEU B 420 0.23 12.92 17.74
N MET C 1 3.40 -28.28 31.17
CA MET C 1 3.20 -27.21 30.20
C MET C 1 3.84 -27.55 28.87
N LEU C 2 3.08 -27.36 27.79
CA LEU C 2 3.53 -27.66 26.45
C LEU C 2 3.42 -26.44 25.57
N LYS C 3 4.25 -26.41 24.52
CA LYS C 3 4.16 -25.33 23.56
C LYS C 3 4.13 -25.89 22.14
N ALA C 4 3.79 -25.03 21.19
CA ALA C 4 3.70 -25.41 19.79
C ALA C 4 4.28 -24.30 18.93
N VAL C 5 5.21 -24.66 18.06
CA VAL C 5 5.86 -23.73 17.15
C VAL C 5 5.51 -24.16 15.75
N ILE C 6 4.72 -23.34 15.06
CA ILE C 6 4.35 -23.61 13.67
C ILE C 6 5.25 -22.77 12.79
N LEU C 7 6.12 -23.43 12.04
CA LEU C 7 7.07 -22.76 11.15
C LEU C 7 6.35 -22.41 9.86
N ILE C 8 5.71 -21.24 9.85
CA ILE C 8 5.24 -20.71 8.58
C ILE C 8 6.42 -20.15 7.80
N GLY C 9 6.25 -20.00 6.51
CA GLY C 9 7.35 -19.60 5.67
C GLY C 9 7.52 -18.11 5.60
N GLY C 10 7.88 -17.63 4.42
CA GLY C 10 7.86 -16.23 4.13
C GLY C 10 7.38 -16.04 2.71
N PRO C 11 7.56 -14.84 2.15
CA PRO C 11 7.09 -14.58 0.79
C PRO C 11 7.88 -15.32 -0.28
N GLN C 12 9.12 -15.71 -0.01
CA GLN C 12 9.89 -16.46 -0.99
C GLN C 12 9.42 -17.91 -1.04
N LYS C 13 9.03 -18.48 0.10
CA LYS C 13 8.56 -19.85 0.14
C LYS C 13 7.19 -20.00 -0.52
N GLY C 14 6.40 -18.94 -0.57
CA GLY C 14 5.10 -18.98 -1.19
C GLY C 14 5.09 -18.74 -2.68
N THR C 15 6.25 -18.51 -3.31
CA THR C 15 6.30 -18.24 -4.74
C THR C 15 5.88 -19.46 -5.56
N ARG C 16 6.17 -20.66 -5.08
CA ARG C 16 5.69 -21.88 -5.73
C ARG C 16 4.18 -22.03 -5.62
N PHE C 17 3.55 -21.31 -4.70
CA PHE C 17 2.10 -21.21 -4.58
C PHE C 17 1.54 -20.03 -5.37
N ARG C 18 2.23 -19.62 -6.44
CA ARG C 18 2.19 -18.23 -6.94
C ARG C 18 0.85 -17.62 -7.32
N PRO C 19 -0.04 -18.24 -8.14
CA PRO C 19 -1.26 -17.51 -8.53
C PRO C 19 -2.27 -17.34 -7.40
N LEU C 20 -2.22 -18.20 -6.39
CA LEU C 20 -3.04 -18.03 -5.20
C LEU C 20 -2.34 -17.19 -4.15
N SER C 21 -1.01 -17.25 -4.11
CA SER C 21 -0.27 -16.50 -3.12
C SER C 21 -0.04 -15.04 -3.52
N PHE C 22 -0.61 -14.59 -4.65
CA PHE C 22 -0.51 -13.18 -5.00
C PHE C 22 -1.37 -12.29 -4.11
N GLU C 23 -2.49 -12.80 -3.57
CA GLU C 23 -3.32 -11.96 -2.71
C GLU C 23 -3.16 -12.25 -1.23
N VAL C 24 -3.24 -13.51 -0.82
CA VAL C 24 -3.08 -13.84 0.60
C VAL C 24 -1.83 -14.71 0.76
N PRO C 25 -1.21 -14.65 1.94
CA PRO C 25 -0.10 -15.56 2.23
C PRO C 25 -0.52 -17.02 2.16
N LYS C 26 0.42 -17.85 1.69
CA LYS C 26 0.23 -19.30 1.60
C LYS C 26 -0.19 -19.98 2.91
N PRO C 27 0.27 -19.58 4.11
CA PRO C 27 -0.33 -20.16 5.33
C PRO C 27 -1.81 -19.86 5.53
N LEU C 28 -2.32 -18.73 5.04
CA LEU C 28 -3.71 -18.38 5.23
C LEU C 28 -4.61 -18.82 4.09
N PHE C 29 -4.15 -19.72 3.23
CA PHE C 29 -4.99 -20.21 2.15
C PHE C 29 -5.97 -21.24 2.71
N PRO C 30 -7.26 -21.13 2.41
CA PRO C 30 -8.25 -22.05 2.97
C PRO C 30 -8.28 -23.40 2.27
N VAL C 31 -7.82 -24.44 2.97
CA VAL C 31 -8.04 -25.82 2.54
C VAL C 31 -9.17 -26.40 3.39
N ALA C 32 -10.18 -26.96 2.71
CA ALA C 32 -11.44 -27.45 3.30
C ALA C 32 -12.14 -26.37 4.12
N GLY C 33 -12.06 -25.13 3.66
CA GLY C 33 -12.85 -24.05 4.20
C GLY C 33 -12.14 -23.17 5.22
N VAL C 34 -11.25 -23.74 6.01
CA VAL C 34 -10.53 -22.97 7.02
C VAL C 34 -9.09 -22.83 6.55
N PRO C 35 -8.35 -21.78 6.95
CA PRO C 35 -6.95 -21.63 6.53
C PRO C 35 -6.06 -22.79 6.96
N MET C 36 -4.95 -22.95 6.25
CA MET C 36 -4.21 -24.20 6.33
C MET C 36 -3.43 -24.34 7.63
N ILE C 37 -3.17 -23.25 8.36
CA ILE C 37 -2.52 -23.41 9.65
C ILE C 37 -3.53 -23.42 10.78
N GLN C 38 -4.79 -23.12 10.48
CA GLN C 38 -5.85 -23.31 11.47
C GLN C 38 -6.10 -24.77 11.78
N HIS C 39 -5.75 -25.68 10.86
CA HIS C 39 -5.76 -27.10 11.19
C HIS C 39 -4.72 -27.45 12.24
N HIS C 40 -3.52 -26.87 12.11
CA HIS C 40 -2.47 -27.06 13.10
C HIS C 40 -2.85 -26.46 14.45
N ILE C 41 -3.44 -25.25 14.43
CA ILE C 41 -3.83 -24.57 15.67
C ILE C 41 -5.00 -25.29 16.34
N GLU C 42 -5.91 -25.85 15.52
CA GLU C 42 -6.97 -26.72 16.01
C GLU C 42 -6.43 -27.93 16.73
N ALA C 43 -5.47 -28.62 16.11
CA ALA C 43 -4.94 -29.84 16.69
C ALA C 43 -4.04 -29.57 17.88
N CYS C 44 -3.38 -28.41 17.93
CA CYS C 44 -2.54 -28.10 19.07
C CYS C 44 -3.35 -27.62 20.25
N ALA C 45 -4.46 -26.91 20.01
CA ALA C 45 -5.33 -26.50 21.10
C ALA C 45 -6.11 -27.67 21.70
N GLN C 46 -6.23 -28.79 20.98
CA GLN C 46 -6.88 -29.97 21.54
C GLN C 46 -5.99 -30.73 22.51
N VAL C 47 -4.69 -30.47 22.50
CA VAL C 47 -3.77 -31.18 23.39
C VAL C 47 -3.87 -30.57 24.79
N PRO C 48 -4.08 -31.36 25.83
CA PRO C 48 -4.16 -30.80 27.19
C PRO C 48 -2.80 -30.37 27.70
N GLY C 49 -2.76 -29.20 28.32
CA GLY C 49 -1.52 -28.62 28.79
C GLY C 49 -0.83 -27.72 27.79
N MET C 50 -1.46 -27.43 26.66
CA MET C 50 -0.88 -26.56 25.64
C MET C 50 -1.11 -25.10 26.06
N GLN C 51 -0.03 -24.39 26.37
CA GLN C 51 -0.19 -23.02 26.86
C GLN C 51 -0.16 -22.00 25.74
N GLU C 52 0.72 -22.16 24.77
CA GLU C 52 0.95 -21.12 23.78
C GLU C 52 1.22 -21.75 22.43
N ILE C 53 0.84 -21.04 21.38
CA ILE C 53 1.15 -21.41 20.01
C ILE C 53 1.92 -20.26 19.38
N LEU C 54 3.16 -20.51 19.00
CA LEU C 54 3.99 -19.49 18.36
C LEU C 54 4.09 -19.80 16.87
N LEU C 55 4.02 -18.76 16.04
CA LEU C 55 4.23 -18.90 14.62
C LEU C 55 5.50 -18.13 14.25
N ILE C 56 6.48 -18.84 13.70
CA ILE C 56 7.74 -18.24 13.32
C ILE C 56 7.80 -18.21 11.80
N GLY C 57 7.97 -17.01 11.25
CA GLY C 57 8.10 -16.85 9.81
C GLY C 57 8.62 -15.46 9.53
N PHE C 58 8.91 -15.20 8.26
CA PHE C 58 9.40 -13.88 7.87
C PHE C 58 8.44 -13.17 6.93
N TYR C 59 7.15 -13.45 7.06
CA TYR C 59 6.12 -12.57 6.52
C TYR C 59 6.08 -11.28 7.32
N GLN C 60 5.83 -10.17 6.66
CA GLN C 60 5.56 -8.94 7.36
C GLN C 60 4.13 -8.95 7.87
N PRO C 61 3.87 -8.44 9.08
CA PRO C 61 2.50 -8.48 9.61
C PRO C 61 1.58 -7.48 8.92
N ASP C 62 0.72 -7.98 8.05
CA ASP C 62 -0.29 -7.22 7.35
C ASP C 62 -1.66 -7.55 7.94
N GLU C 63 -2.71 -7.00 7.34
CA GLU C 63 -4.06 -7.18 7.88
C GLU C 63 -4.59 -8.62 7.86
N PRO C 64 -4.39 -9.46 6.81
CA PRO C 64 -4.84 -10.86 6.92
C PRO C 64 -4.19 -11.67 8.03
N LEU C 65 -2.88 -11.51 8.26
CA LEU C 65 -2.21 -12.28 9.29
C LEU C 65 -2.63 -11.86 10.68
N THR C 66 -2.75 -10.55 10.93
CA THR C 66 -3.17 -10.08 12.25
C THR C 66 -4.65 -10.36 12.51
N GLN C 67 -5.48 -10.30 11.46
CA GLN C 67 -6.88 -10.67 11.59
C GLN C 67 -7.03 -12.15 11.92
N PHE C 68 -6.21 -12.99 11.29
CA PHE C 68 -6.22 -14.42 11.62
C PHE C 68 -5.75 -14.67 13.04
N LEU C 69 -4.75 -13.91 13.50
CA LEU C 69 -4.23 -14.08 14.86
C LEU C 69 -5.28 -13.74 15.90
N GLU C 70 -6.00 -12.63 15.68
CA GLU C 70 -7.07 -12.24 16.60
C GLU C 70 -8.23 -13.25 16.57
N ALA C 71 -8.59 -13.73 15.38
CA ALA C 71 -9.67 -14.71 15.28
C ALA C 71 -9.29 -16.04 15.90
N ALA C 72 -8.03 -16.46 15.77
CA ALA C 72 -7.59 -17.72 16.36
C ALA C 72 -7.48 -17.62 17.88
N GLN C 73 -7.04 -16.46 18.39
CA GLN C 73 -6.99 -16.24 19.83
C GLN C 73 -8.39 -16.21 20.44
N GLN C 74 -9.36 -15.68 19.71
CA GLN C 74 -10.73 -15.70 20.22
C GLN C 74 -11.36 -17.08 20.10
N GLU C 75 -11.06 -17.81 19.03
CA GLU C 75 -11.75 -19.07 18.78
C GLU C 75 -11.21 -20.19 19.67
N PHE C 76 -9.89 -20.28 19.82
CA PHE C 76 -9.31 -21.45 20.48
C PHE C 76 -8.89 -21.20 21.92
N ASN C 77 -9.13 -19.98 22.44
CA ASN C 77 -8.93 -19.62 23.86
C ASN C 77 -7.48 -19.81 24.28
N LEU C 78 -6.56 -19.38 23.42
CA LEU C 78 -5.14 -19.62 23.56
C LEU C 78 -4.38 -18.43 23.01
N PRO C 79 -3.25 -18.08 23.59
CA PRO C 79 -2.39 -17.05 22.99
C PRO C 79 -1.70 -17.59 21.75
N VAL C 80 -2.00 -16.98 20.60
CA VAL C 80 -1.36 -17.31 19.34
C VAL C 80 -0.54 -16.11 18.92
N ARG C 81 0.77 -16.22 19.05
CA ARG C 81 1.68 -15.11 18.79
C ARG C 81 2.46 -15.36 17.50
N TYR C 82 2.82 -14.28 16.83
CA TYR C 82 3.61 -14.34 15.61
C TYR C 82 4.99 -13.75 15.89
N LEU C 83 6.01 -14.59 15.79
CA LEU C 83 7.39 -14.15 15.94
C LEU C 83 7.99 -13.97 14.55
N GLN C 84 8.29 -12.74 14.19
CA GLN C 84 8.81 -12.42 12.87
C GLN C 84 10.32 -12.39 12.91
N GLU C 85 10.96 -13.21 12.08
CA GLU C 85 12.41 -13.19 11.99
C GLU C 85 12.90 -11.97 11.23
N PHE C 86 14.13 -11.56 11.52
CA PHE C 86 14.75 -10.43 10.83
C PHE C 86 15.24 -10.81 9.44
N ALA C 87 15.41 -12.08 9.17
CA ALA C 87 15.88 -12.59 7.90
C ALA C 87 15.37 -14.02 7.76
N PRO C 88 15.34 -14.57 6.54
CA PRO C 88 15.07 -16.01 6.42
C PRO C 88 16.21 -16.84 6.98
N LEU C 89 15.95 -17.50 8.11
CA LEU C 89 16.98 -18.21 8.85
C LEU C 89 16.89 -19.71 8.66
N GLY C 90 16.09 -20.19 7.73
CA GLY C 90 15.93 -21.61 7.55
C GLY C 90 14.95 -22.19 8.55
N THR C 91 14.88 -23.52 8.54
CA THR C 91 13.90 -24.21 9.39
C THR C 91 14.37 -24.33 10.83
N GLY C 92 15.66 -24.24 11.09
CA GLY C 92 16.17 -24.38 12.44
C GLY C 92 16.67 -23.08 13.02
N GLY C 93 16.97 -22.12 12.15
CA GLY C 93 17.49 -20.85 12.62
C GLY C 93 16.46 -19.99 13.30
N GLY C 94 15.19 -20.11 12.91
CA GLY C 94 14.14 -19.43 13.64
C GLY C 94 13.85 -20.07 14.98
N LEU C 95 14.06 -21.38 15.08
CA LEU C 95 13.92 -22.06 16.37
C LEU C 95 15.04 -21.69 17.31
N TYR C 96 16.25 -21.52 16.78
CA TYR C 96 17.36 -21.15 17.64
C TYR C 96 17.35 -19.66 17.98
N HIS C 97 16.89 -18.81 17.06
CA HIS C 97 16.88 -17.39 17.29
C HIS C 97 15.83 -16.99 18.31
N PHE C 98 14.71 -17.68 18.35
CA PHE C 98 13.63 -17.41 19.29
C PHE C 98 13.64 -18.40 20.44
N ARG C 99 14.82 -18.82 20.90
CA ARG C 99 14.92 -19.83 21.94
C ARG C 99 14.48 -19.31 23.29
N ASP C 100 14.58 -18.00 23.53
CA ASP C 100 14.16 -17.44 24.80
C ASP C 100 12.65 -17.30 24.88
N GLN C 101 12.00 -17.04 23.75
CA GLN C 101 10.55 -16.96 23.71
C GLN C 101 9.91 -18.35 23.68
N ILE C 102 10.62 -19.35 23.16
CA ILE C 102 10.11 -20.71 23.14
C ILE C 102 10.23 -21.34 24.53
N LEU C 103 11.39 -21.21 25.16
CA LEU C 103 11.62 -21.80 26.47
C LEU C 103 11.10 -20.95 27.62
N ALA C 104 10.36 -19.87 27.35
CA ALA C 104 9.82 -19.03 28.42
C ALA C 104 8.71 -19.75 29.15
N GLY C 105 8.78 -19.76 30.48
CA GLY C 105 7.84 -20.50 31.28
C GLY C 105 8.21 -21.94 31.52
N SER C 106 9.35 -22.39 30.98
CA SER C 106 9.95 -23.72 31.06
C SER C 106 8.97 -24.83 30.66
N PRO C 107 8.70 -25.00 29.37
CA PRO C 107 7.77 -26.06 28.94
C PRO C 107 8.42 -27.43 29.00
N GLU C 108 7.55 -28.43 29.16
CA GLU C 108 8.02 -29.82 29.16
C GLU C 108 8.49 -30.25 27.78
N ALA C 109 7.73 -29.90 26.75
CA ALA C 109 8.10 -30.16 25.37
C ALA C 109 7.41 -29.13 24.48
N PHE C 110 7.94 -28.99 23.27
CA PHE C 110 7.24 -28.15 22.30
C PHE C 110 7.22 -28.84 20.95
N PHE C 111 6.03 -28.89 20.36
CA PHE C 111 5.88 -29.39 19.00
C PHE C 111 6.46 -28.39 18.01
N VAL C 112 6.99 -28.90 16.92
CA VAL C 112 7.47 -28.09 15.81
C VAL C 112 6.78 -28.62 14.55
N LEU C 113 5.89 -27.83 13.98
CA LEU C 113 5.11 -28.27 12.83
C LEU C 113 5.40 -27.38 11.64
N ASN C 114 5.76 -28.00 10.52
CA ASN C 114 5.84 -27.26 9.26
C ASN C 114 4.44 -26.90 8.81
N ALA C 115 4.26 -25.66 8.38
CA ALA C 115 2.92 -25.16 8.11
C ALA C 115 2.34 -25.68 6.80
N ASP C 116 3.14 -26.28 5.94
CA ASP C 116 2.64 -26.71 4.64
C ASP C 116 2.19 -28.17 4.61
N VAL C 117 2.15 -28.85 5.73
CA VAL C 117 1.73 -30.25 5.72
C VAL C 117 0.25 -30.34 6.05
N CYS C 118 -0.40 -31.32 5.45
CA CYS C 118 -1.76 -31.73 5.80
C CYS C 118 -1.64 -33.07 6.50
N SER C 119 -1.96 -33.09 7.78
CA SER C 119 -1.83 -34.33 8.54
C SER C 119 -3.09 -34.56 9.34
N ASP C 120 -3.19 -35.74 9.94
CA ASP C 120 -4.29 -35.98 10.88
C ASP C 120 -3.87 -35.49 12.25
N PHE C 121 -2.58 -35.17 12.41
CA PHE C 121 -1.90 -34.58 13.56
C PHE C 121 -2.06 -35.42 14.82
N PRO C 122 -1.36 -36.54 14.92
CA PRO C 122 -1.46 -37.35 16.15
C PRO C 122 -0.53 -36.84 17.23
N LEU C 123 -0.84 -35.67 17.79
CA LEU C 123 0.07 -35.05 18.75
C LEU C 123 0.01 -35.73 20.11
N SER C 124 -1.13 -36.35 20.45
CA SER C 124 -1.28 -36.96 21.75
C SER C 124 -0.53 -38.29 21.83
N ALA C 125 -0.63 -39.10 20.77
CA ALA C 125 0.15 -40.34 20.66
C ALA C 125 1.65 -40.07 20.66
N MET C 126 2.05 -39.04 19.90
CA MET C 126 3.45 -38.63 19.84
C MET C 126 3.96 -38.11 21.17
N LEU C 127 3.12 -37.33 21.86
CA LEU C 127 3.47 -36.78 23.17
C LEU C 127 3.63 -37.87 24.21
N GLU C 128 2.76 -38.87 24.17
CA GLU C 128 2.83 -39.96 25.14
C GLU C 128 4.01 -40.90 24.88
N ALA C 129 4.35 -41.11 23.60
CA ALA C 129 5.57 -41.84 23.26
C ALA C 129 6.80 -41.09 23.74
N HIS C 130 6.76 -39.76 23.66
CA HIS C 130 7.84 -38.95 24.19
C HIS C 130 7.88 -38.96 25.71
N ARG C 131 6.71 -39.02 26.35
CA ARG C 131 6.66 -39.03 27.81
C ARG C 131 7.15 -40.37 28.36
N ARG C 132 7.06 -41.42 27.57
CA ARG C 132 7.70 -42.66 27.96
C ARG C 132 9.21 -42.61 27.73
N GLN C 133 9.67 -42.10 26.58
CA GLN C 133 11.09 -42.27 26.27
C GLN C 133 11.98 -41.07 26.57
N ARG C 134 11.48 -39.84 26.41
CA ARG C 134 12.16 -38.59 26.80
C ARG C 134 13.50 -38.39 26.08
N HIS C 135 13.45 -38.41 24.77
CA HIS C 135 14.60 -38.15 23.93
C HIS C 135 14.53 -36.72 23.40
N PRO C 136 15.66 -36.14 22.96
CA PRO C 136 15.62 -34.74 22.49
C PRO C 136 14.77 -34.50 21.25
N PHE C 137 14.90 -35.33 20.22
CA PHE C 137 14.14 -35.16 18.99
C PHE C 137 13.22 -36.35 18.79
N LEU C 138 11.95 -36.10 18.51
CA LEU C 138 11.03 -37.13 18.09
C LEU C 138 10.44 -36.71 16.75
N LEU C 139 10.52 -37.61 15.78
CA LEU C 139 10.05 -37.31 14.43
C LEU C 139 8.76 -38.08 14.17
N LEU C 140 7.89 -37.48 13.38
CA LEU C 140 6.76 -38.21 12.81
C LEU C 140 7.16 -38.68 11.43
N GLY C 141 6.98 -39.97 11.17
CA GLY C 141 7.31 -40.53 9.89
C GLY C 141 6.16 -41.39 9.38
N THR C 142 6.06 -41.46 8.06
CA THR C 142 5.06 -42.32 7.44
C THR C 142 5.70 -43.16 6.34
N THR C 143 5.04 -44.24 5.98
CA THR C 143 5.55 -45.12 4.94
C THR C 143 5.16 -44.59 3.56
N ALA C 144 6.08 -44.71 2.61
CA ALA C 144 5.89 -44.20 1.27
C ALA C 144 6.21 -45.29 0.26
N ASN C 145 5.93 -44.99 -1.01
CA ASN C 145 6.34 -45.86 -2.10
C ASN C 145 7.85 -45.78 -2.28
N ARG C 146 8.41 -46.80 -2.93
CA ARG C 146 9.84 -46.83 -3.16
C ARG C 146 10.27 -45.80 -4.21
N THR C 147 9.39 -45.48 -5.14
CA THR C 147 9.71 -44.45 -6.12
C THR C 147 9.47 -43.05 -5.57
N GLN C 148 8.46 -42.90 -4.70
CA GLN C 148 8.10 -41.59 -4.19
C GLN C 148 9.02 -41.10 -3.09
N SER C 149 9.70 -42.01 -2.38
CA SER C 149 10.54 -41.65 -1.24
C SER C 149 11.72 -40.76 -1.61
N LEU C 150 12.15 -40.79 -2.87
CA LEU C 150 13.21 -39.90 -3.33
C LEU C 150 12.79 -38.44 -3.38
N ASN C 151 11.49 -38.14 -3.25
CA ASN C 151 11.03 -36.77 -3.14
C ASN C 151 11.08 -36.23 -1.72
N TYR C 152 11.09 -37.09 -0.71
CA TYR C 152 10.95 -36.68 0.67
C TYR C 152 12.17 -37.11 1.48
N GLY C 153 12.21 -36.67 2.74
CA GLY C 153 13.32 -36.95 3.61
C GLY C 153 13.27 -38.33 4.22
N CYS C 154 14.09 -39.24 3.71
CA CYS C 154 14.06 -40.63 4.13
C CYS C 154 14.80 -40.85 5.44
N ILE C 155 14.22 -41.74 6.24
CA ILE C 155 14.62 -42.04 7.60
C ILE C 155 14.91 -43.54 7.67
N VAL C 156 16.17 -43.91 7.86
CA VAL C 156 16.57 -45.28 8.12
C VAL C 156 16.67 -45.46 9.62
N GLU C 157 15.83 -46.35 10.16
CA GLU C 157 15.66 -46.51 11.59
C GLU C 157 15.97 -47.94 12.02
N ASN C 158 16.12 -48.11 13.33
CA ASN C 158 16.24 -49.43 13.94
C ASN C 158 14.90 -49.79 14.54
N PRO C 159 14.29 -50.92 14.16
CA PRO C 159 12.86 -51.15 14.49
C PRO C 159 12.61 -51.49 15.95
N GLN C 160 13.63 -51.89 16.71
CA GLN C 160 13.43 -52.24 18.10
C GLN C 160 13.27 -51.00 18.98
N THR C 161 14.19 -50.05 18.84
CA THR C 161 14.20 -48.87 19.67
C THR C 161 13.54 -47.66 19.01
N HIS C 162 13.16 -47.79 17.73
CA HIS C 162 12.61 -46.71 16.89
C HIS C 162 13.54 -45.49 16.86
N GLU C 163 14.82 -45.75 16.70
CA GLU C 163 15.84 -44.71 16.64
C GLU C 163 16.38 -44.63 15.22
N VAL C 164 16.36 -43.43 14.65
CA VAL C 164 16.82 -43.27 13.27
C VAL C 164 18.34 -43.33 13.24
N LEU C 165 18.85 -44.18 12.35
CA LEU C 165 20.28 -44.35 12.16
C LEU C 165 20.82 -43.59 10.97
N HIS C 166 19.95 -43.16 10.06
CA HIS C 166 20.39 -42.42 8.88
C HIS C 166 19.26 -41.52 8.41
N TYR C 167 19.62 -40.34 7.92
CA TYR C 167 18.66 -39.38 7.39
C TYR C 167 19.24 -38.80 6.12
N VAL C 168 18.54 -38.96 5.00
CA VAL C 168 18.92 -38.25 3.77
C VAL C 168 17.70 -37.49 3.27
N GLU C 169 17.88 -36.20 2.96
CA GLU C 169 16.73 -35.35 2.66
C GLU C 169 16.16 -35.62 1.27
N LYS C 170 16.99 -35.87 0.27
CA LYS C 170 16.50 -36.22 -1.07
C LYS C 170 17.48 -37.16 -1.73
N PRO C 171 17.43 -38.45 -1.40
CA PRO C 171 18.41 -39.39 -1.94
C PRO C 171 18.11 -39.75 -3.39
N SER C 172 19.18 -39.90 -4.17
CA SER C 172 19.02 -40.33 -5.56
C SER C 172 18.74 -41.82 -5.66
N THR C 173 19.17 -42.60 -4.66
CA THR C 173 18.87 -44.02 -4.58
C THR C 173 17.90 -44.27 -3.44
N PHE C 174 17.24 -45.43 -3.49
CA PHE C 174 16.37 -45.84 -2.41
C PHE C 174 17.21 -46.18 -1.19
N ILE C 175 16.92 -45.54 -0.06
CA ILE C 175 17.59 -45.89 1.19
C ILE C 175 16.56 -46.32 2.23
N SER C 176 15.33 -45.80 2.11
CA SER C 176 14.30 -46.08 3.10
C SER C 176 12.93 -45.75 2.53
N ASP C 177 11.93 -46.48 3.00
CA ASP C 177 10.54 -46.21 2.65
C ASP C 177 9.82 -45.41 3.71
N ILE C 178 10.49 -45.00 4.78
CA ILE C 178 9.92 -44.15 5.81
C ILE C 178 10.37 -42.72 5.54
N ILE C 179 9.42 -41.80 5.45
CA ILE C 179 9.70 -40.42 5.14
C ILE C 179 9.27 -39.54 6.30
N ASN C 180 9.88 -38.36 6.36
CA ASN C 180 9.65 -37.39 7.43
C ASN C 180 8.38 -36.60 7.14
N CYS C 181 7.52 -36.50 8.15
CA CYS C 181 6.21 -35.88 7.97
C CYS C 181 6.21 -34.37 8.26
N GLY C 182 7.33 -33.81 8.68
CA GLY C 182 7.34 -32.41 9.06
C GLY C 182 6.69 -32.10 10.38
N ILE C 183 6.40 -33.11 11.19
CA ILE C 183 5.90 -32.95 12.54
C ILE C 183 6.98 -33.46 13.49
N TYR C 184 7.40 -32.61 14.42
CA TYR C 184 8.43 -32.97 15.37
C TYR C 184 7.97 -32.65 16.78
N LEU C 185 8.52 -33.38 17.73
CA LEU C 185 8.38 -33.08 19.14
C LEU C 185 9.76 -32.87 19.71
N PHE C 186 9.98 -31.68 20.28
CA PHE C 186 11.29 -31.27 20.74
C PHE C 186 11.28 -31.22 22.26
N SER C 187 12.33 -31.74 22.85
CA SER C 187 12.60 -31.49 24.25
C SER C 187 13.35 -30.16 24.36
N PRO C 188 13.41 -29.55 25.56
CA PRO C 188 14.28 -28.37 25.73
C PRO C 188 15.75 -28.67 25.45
N GLU C 189 16.20 -29.90 25.76
CA GLU C 189 17.55 -30.37 25.43
C GLU C 189 17.86 -30.28 23.94
N ALA C 190 16.84 -30.39 23.08
CA ALA C 190 17.03 -30.30 21.64
C ALA C 190 17.44 -28.91 21.17
N LEU C 191 17.35 -27.87 22.00
CA LEU C 191 17.92 -26.59 21.55
C LEU C 191 19.41 -26.53 21.79
N LYS C 192 19.97 -27.47 22.53
CA LYS C 192 21.42 -27.57 22.71
C LYS C 192 22.21 -28.03 21.48
N PRO C 193 21.76 -28.97 20.63
CA PRO C 193 22.54 -29.22 19.39
C PRO C 193 22.50 -28.10 18.39
N LEU C 194 21.38 -27.41 18.29
CA LEU C 194 21.18 -26.34 17.32
C LEU C 194 22.18 -25.21 17.54
N ARG C 195 22.44 -24.88 18.82
CA ARG C 195 23.48 -23.94 19.22
C ARG C 195 24.84 -24.32 18.69
N ASP C 196 25.20 -25.61 18.80
CA ASP C 196 26.47 -26.10 18.29
C ASP C 196 26.57 -25.90 16.77
N VAL C 197 25.45 -26.14 16.06
CA VAL C 197 25.39 -25.91 14.63
C VAL C 197 25.62 -24.45 14.32
N PHE C 198 25.02 -23.56 15.14
CA PHE C 198 25.17 -22.13 14.95
C PHE C 198 26.63 -21.71 15.16
N GLN C 199 27.30 -22.33 16.14
CA GLN C 199 28.69 -21.97 16.40
C GLN C 199 29.58 -22.47 15.27
N ARG C 200 29.20 -23.59 14.64
CA ARG C 200 29.97 -24.08 13.51
C ARG C 200 29.78 -23.21 12.28
N ASN C 201 28.72 -22.42 12.22
CA ASN C 201 28.60 -21.49 11.12
C ASN C 201 29.37 -20.20 11.36
N GLN C 202 29.82 -19.96 12.59
CA GLN C 202 30.54 -18.73 12.85
C GLN C 202 32.04 -18.88 12.69
N GLN C 203 32.57 -20.08 12.91
CA GLN C 203 33.98 -20.34 12.74
C GLN C 203 34.32 -20.56 11.27
N GLY C 218 24.01 -18.33 11.31
CA GLY C 218 22.71 -17.69 11.20
C GLY C 218 21.63 -18.59 10.67
N THR C 219 21.78 -19.00 9.41
CA THR C 219 20.81 -19.85 8.73
C THR C 219 21.10 -21.31 9.06
N ILE C 220 20.16 -21.96 9.73
CA ILE C 220 20.27 -23.36 10.12
C ILE C 220 19.13 -24.13 9.44
N ARG C 221 19.49 -25.10 8.61
CA ARG C 221 18.52 -26.03 8.07
C ARG C 221 18.39 -27.20 9.03
N LEU C 222 17.16 -27.45 9.51
CA LEU C 222 16.94 -28.43 10.55
C LEU C 222 17.16 -29.86 10.05
N GLU C 223 16.92 -30.10 8.76
CA GLU C 223 17.07 -31.44 8.23
C GLU C 223 18.51 -31.73 7.84
N GLN C 224 19.16 -30.81 7.14
CA GLN C 224 20.50 -31.07 6.63
C GLN C 224 21.58 -30.90 7.70
N ASP C 225 21.42 -29.94 8.60
CA ASP C 225 22.48 -29.65 9.55
C ASP C 225 22.31 -30.38 10.88
N VAL C 226 21.08 -30.67 11.29
CA VAL C 226 20.79 -31.24 12.60
C VAL C 226 20.35 -32.70 12.48
N PHE C 227 19.41 -32.98 11.57
CA PHE C 227 18.85 -34.33 11.52
C PHE C 227 19.77 -35.33 10.84
N SER C 228 20.42 -34.93 9.75
CA SER C 228 21.30 -35.85 9.05
C SER C 228 22.61 -36.02 9.80
N ALA C 229 23.03 -35.02 10.57
CA ALA C 229 24.33 -35.07 11.23
C ALA C 229 24.27 -35.79 12.56
N LEU C 230 23.14 -35.72 13.27
CA LEU C 230 22.98 -36.35 14.57
C LEU C 230 22.29 -37.71 14.49
N ALA C 231 22.08 -38.22 13.28
CA ALA C 231 21.38 -39.49 13.14
C ALA C 231 22.29 -40.65 13.52
N GLY C 232 21.75 -41.58 14.31
CA GLY C 232 22.52 -42.71 14.78
C GLY C 232 23.23 -42.51 16.10
N GLN C 233 23.22 -41.30 16.64
CA GLN C 233 23.89 -41.00 17.90
C GLN C 233 22.93 -41.02 19.08
N GLY C 234 21.72 -41.51 18.90
CA GLY C 234 20.79 -41.71 19.99
C GLY C 234 19.96 -40.51 20.39
N GLN C 235 19.97 -39.44 19.61
CA GLN C 235 19.23 -38.23 19.96
C GLN C 235 17.94 -38.05 19.17
N ILE C 236 17.82 -38.66 18.00
CA ILE C 236 16.65 -38.53 17.15
C ILE C 236 15.93 -39.87 17.11
N TYR C 237 14.61 -39.85 17.34
CA TYR C 237 13.79 -41.05 17.37
C TYR C 237 12.56 -40.83 16.51
N VAL C 238 11.96 -41.92 16.04
CA VAL C 238 10.85 -41.87 15.09
C VAL C 238 9.58 -42.37 15.75
N HIS C 239 8.45 -41.76 15.40
CA HIS C 239 7.12 -42.26 15.69
C HIS C 239 6.37 -42.42 14.37
N LEU C 240 5.85 -43.62 14.11
CA LEU C 240 5.26 -43.97 12.83
C LEU C 240 3.74 -43.96 12.93
N THR C 241 3.08 -43.29 11.98
CA THR C 241 1.63 -43.25 11.95
C THR C 241 1.13 -43.77 10.61
N ASP C 242 -0.16 -44.06 10.58
CA ASP C 242 -0.85 -44.52 9.38
C ASP C 242 -1.93 -43.55 8.91
N GLY C 243 -1.98 -42.35 9.48
CA GLY C 243 -3.01 -41.39 9.15
C GLY C 243 -2.73 -40.68 7.83
N ILE C 244 -3.59 -39.71 7.53
CA ILE C 244 -3.48 -38.97 6.28
C ILE C 244 -2.28 -38.02 6.35
N TRP C 245 -1.59 -37.87 5.21
CA TRP C 245 -0.46 -36.96 5.15
C TRP C 245 -0.28 -36.49 3.71
N SER C 246 0.01 -35.20 3.58
CA SER C 246 0.27 -34.60 2.28
C SER C 246 1.12 -33.36 2.47
N GLN C 247 1.81 -32.97 1.42
CA GLN C 247 2.65 -31.78 1.42
C GLN C 247 2.06 -30.78 0.45
N ILE C 248 1.71 -29.59 0.94
CA ILE C 248 1.15 -28.54 0.11
C ILE C 248 2.31 -27.67 -0.36
N LYS C 249 2.80 -27.92 -1.58
CA LYS C 249 3.91 -27.14 -2.12
C LYS C 249 3.45 -26.25 -3.27
N SER C 250 2.86 -26.84 -4.32
CA SER C 250 2.33 -26.07 -5.42
C SER C 250 0.89 -25.70 -5.14
N ALA C 251 0.29 -24.93 -6.07
CA ALA C 251 -1.05 -24.43 -5.85
C ALA C 251 -2.10 -25.53 -6.00
N GLY C 252 -1.85 -26.53 -6.85
CA GLY C 252 -2.80 -27.60 -7.01
C GLY C 252 -2.74 -28.69 -5.95
N SER C 253 -1.72 -28.68 -5.08
CA SER C 253 -1.62 -29.69 -4.04
C SER C 253 -2.63 -29.44 -2.94
N ALA C 254 -3.08 -28.19 -2.82
CA ALA C 254 -4.10 -27.80 -1.85
C ALA C 254 -5.43 -28.47 -2.11
N LEU C 255 -5.70 -28.84 -3.36
CA LEU C 255 -6.90 -29.58 -3.69
C LEU C 255 -6.87 -30.99 -3.10
N TYR C 256 -5.73 -31.66 -3.19
CA TYR C 256 -5.59 -32.99 -2.59
C TYR C 256 -5.63 -32.91 -1.07
N ALA C 257 -5.02 -31.87 -0.51
CA ALA C 257 -5.11 -31.66 0.94
C ALA C 257 -6.55 -31.36 1.37
N SER C 258 -7.32 -30.68 0.51
CA SER C 258 -8.72 -30.43 0.78
C SER C 258 -9.53 -31.71 0.77
N ARG C 259 -9.23 -32.62 -0.17
CA ARG C 259 -9.90 -33.92 -0.21
C ARG C 259 -9.61 -34.74 1.05
N LEU C 260 -8.35 -34.75 1.49
CA LEU C 260 -7.98 -35.45 2.71
C LEU C 260 -8.64 -34.86 3.95
N TYR C 261 -8.70 -33.53 4.04
CA TYR C 261 -9.29 -32.89 5.21
C TYR C 261 -10.81 -33.06 5.23
N LEU C 262 -11.46 -33.08 4.06
CA LEU C 262 -12.88 -33.32 4.02
C LEU C 262 -13.22 -34.75 4.37
N SER C 263 -12.32 -35.69 4.06
CA SER C 263 -12.49 -37.05 4.55
C SER C 263 -12.30 -37.12 6.06
N ARG C 264 -11.37 -36.33 6.60
CA ARG C 264 -11.14 -36.27 8.04
C ARG C 264 -12.31 -35.62 8.78
N TYR C 265 -13.06 -34.76 8.10
CA TYR C 265 -14.19 -34.07 8.71
C TYR C 265 -15.34 -35.00 9.05
N GLN C 266 -15.38 -36.21 8.47
CA GLN C 266 -16.43 -37.17 8.81
C GLN C 266 -16.33 -37.63 10.27
N ASP C 267 -15.13 -37.65 10.82
CA ASP C 267 -14.94 -37.96 12.24
C ASP C 267 -14.69 -36.72 13.08
N THR C 268 -14.11 -35.66 12.51
CA THR C 268 -13.66 -34.54 13.35
C THR C 268 -14.68 -33.42 13.45
N HIS C 269 -15.21 -32.93 12.33
CA HIS C 269 -16.22 -31.89 12.32
C HIS C 269 -17.38 -32.32 11.43
N PRO C 270 -18.31 -33.15 11.95
CA PRO C 270 -19.39 -33.64 11.09
C PRO C 270 -20.42 -32.59 10.74
N GLU C 271 -20.46 -31.47 11.46
CA GLU C 271 -21.36 -30.38 11.12
C GLU C 271 -20.84 -29.52 9.97
N ARG C 272 -19.57 -29.67 9.60
CA ARG C 272 -19.02 -28.85 8.53
C ARG C 272 -19.36 -29.41 7.16
N LEU C 273 -19.55 -30.72 7.05
CA LEU C 273 -19.96 -31.31 5.78
C LEU C 273 -21.43 -31.01 5.53
N ALA C 274 -21.76 -30.87 4.25
CA ALA C 274 -23.10 -30.47 3.84
C ALA C 274 -23.93 -31.70 3.51
N LYS C 275 -25.21 -31.65 3.84
CA LYS C 275 -26.12 -32.77 3.71
C LYS C 275 -27.14 -32.49 2.61
N HIS C 276 -27.88 -33.54 2.25
CA HIS C 276 -28.98 -33.40 1.30
C HIS C 276 -30.15 -32.68 1.95
N THR C 277 -30.55 -31.55 1.35
CA THR C 277 -31.63 -30.72 1.82
C THR C 277 -32.67 -30.64 0.71
N PRO C 278 -33.97 -30.79 1.02
CA PRO C 278 -35.00 -30.72 -0.03
C PRO C 278 -35.10 -29.39 -0.74
N GLY C 279 -34.76 -28.29 -0.07
CA GLY C 279 -34.70 -27.00 -0.73
C GLY C 279 -33.29 -26.62 -1.13
N GLY C 280 -32.39 -27.60 -1.17
CA GLY C 280 -31.00 -27.33 -1.43
C GLY C 280 -30.44 -28.08 -2.63
N PRO C 281 -29.14 -27.91 -2.88
CA PRO C 281 -28.52 -28.58 -4.03
C PRO C 281 -28.25 -30.06 -3.77
N TRP C 282 -28.09 -30.80 -4.86
CA TRP C 282 -27.65 -32.18 -4.77
C TRP C 282 -26.20 -32.24 -4.33
N ILE C 283 -25.86 -33.24 -3.53
CA ILE C 283 -24.55 -33.32 -2.92
C ILE C 283 -24.06 -34.75 -2.99
N ARG C 284 -22.90 -34.95 -3.61
CA ARG C 284 -22.23 -36.25 -3.65
C ARG C 284 -20.92 -36.12 -2.89
N GLY C 285 -20.55 -37.19 -2.16
CA GLY C 285 -19.30 -37.20 -1.44
C GLY C 285 -19.26 -36.21 -0.28
N ASN C 286 -18.06 -35.74 0.02
CA ASN C 286 -17.85 -34.78 1.09
C ASN C 286 -17.81 -33.37 0.49
N VAL C 287 -18.73 -32.52 0.93
CA VAL C 287 -18.85 -31.15 0.43
C VAL C 287 -18.86 -30.22 1.63
N TYR C 288 -18.01 -29.21 1.62
CA TYR C 288 -18.11 -28.10 2.56
C TYR C 288 -18.75 -26.92 1.83
N ILE C 289 -19.79 -26.35 2.44
CA ILE C 289 -20.38 -25.10 1.99
C ILE C 289 -20.38 -24.13 3.15
N HIS C 290 -19.88 -22.91 2.92
CA HIS C 290 -19.96 -21.87 3.92
C HIS C 290 -21.41 -21.44 4.11
N PRO C 291 -21.79 -21.04 5.33
CA PRO C 291 -23.17 -20.57 5.55
C PRO C 291 -23.53 -19.29 4.81
N THR C 292 -22.55 -18.43 4.51
CA THR C 292 -22.85 -17.19 3.80
C THR C 292 -23.05 -17.44 2.30
N ALA C 293 -22.52 -18.54 1.77
CA ALA C 293 -22.63 -18.84 0.35
C ALA C 293 -24.05 -19.23 -0.02
N LYS C 294 -24.51 -18.72 -1.17
CA LYS C 294 -25.84 -19.00 -1.68
C LYS C 294 -25.71 -19.90 -2.90
N VAL C 295 -26.12 -21.15 -2.76
CA VAL C 295 -26.07 -22.14 -3.82
C VAL C 295 -27.48 -22.38 -4.32
N ALA C 296 -27.65 -22.37 -5.64
CA ALA C 296 -28.94 -22.65 -6.25
C ALA C 296 -29.29 -24.13 -6.10
N PRO C 297 -30.58 -24.47 -5.99
CA PRO C 297 -30.96 -25.88 -5.80
C PRO C 297 -30.76 -26.75 -7.03
N SER C 298 -30.66 -26.18 -8.22
CA SER C 298 -30.45 -26.99 -9.41
C SER C 298 -29.00 -27.42 -9.58
N ALA C 299 -28.07 -26.78 -8.85
CA ALA C 299 -26.68 -27.17 -8.89
C ALA C 299 -26.47 -28.50 -8.17
N VAL C 300 -25.49 -29.26 -8.63
CA VAL C 300 -25.03 -30.44 -7.90
C VAL C 300 -23.55 -30.26 -7.63
N LEU C 301 -23.15 -30.58 -6.40
CA LEU C 301 -21.79 -30.35 -5.93
C LEU C 301 -21.19 -31.69 -5.60
N GLY C 302 -20.24 -32.14 -6.42
CA GLY C 302 -19.76 -33.49 -6.38
C GLY C 302 -18.76 -33.72 -5.29
N PRO C 303 -17.98 -34.80 -5.41
CA PRO C 303 -17.07 -35.16 -4.32
C PRO C 303 -15.92 -34.17 -4.17
N ASN C 304 -15.61 -33.88 -2.90
CA ASN C 304 -14.44 -33.10 -2.46
C ASN C 304 -14.50 -31.66 -2.98
N VAL C 305 -15.57 -30.96 -2.62
CA VAL C 305 -15.82 -29.59 -3.06
C VAL C 305 -15.88 -28.68 -1.83
N SER C 306 -15.13 -27.58 -1.87
CA SER C 306 -15.12 -26.58 -0.81
C SER C 306 -15.62 -25.25 -1.35
N ILE C 307 -16.59 -24.64 -0.66
CA ILE C 307 -17.18 -23.37 -1.05
C ILE C 307 -16.91 -22.36 0.04
N GLY C 308 -16.48 -21.15 -0.34
CA GLY C 308 -16.19 -20.10 0.61
C GLY C 308 -17.35 -19.15 0.80
N LYS C 309 -17.09 -18.08 1.56
CA LYS C 309 -18.16 -17.16 1.95
C LYS C 309 -18.52 -16.20 0.82
N GLY C 310 -19.81 -15.90 0.69
CA GLY C 310 -20.24 -14.97 -0.32
C GLY C 310 -20.15 -15.48 -1.73
N VAL C 311 -20.13 -16.79 -1.92
CA VAL C 311 -20.01 -17.38 -3.24
C VAL C 311 -21.41 -17.61 -3.79
N THR C 312 -21.72 -16.99 -4.92
CA THR C 312 -22.97 -17.23 -5.62
C THR C 312 -22.75 -18.35 -6.63
N VAL C 313 -23.51 -19.43 -6.50
CA VAL C 313 -23.44 -20.56 -7.42
C VAL C 313 -24.78 -20.64 -8.14
N GLY C 314 -24.75 -20.53 -9.46
CA GLY C 314 -25.96 -20.48 -10.26
C GLY C 314 -26.65 -21.81 -10.41
N GLU C 315 -27.69 -21.81 -11.25
CA GLU C 315 -28.48 -23.01 -11.46
C GLU C 315 -27.83 -23.91 -12.50
N GLY C 316 -27.85 -25.21 -12.23
CA GLY C 316 -27.26 -26.17 -13.13
C GLY C 316 -25.76 -26.28 -13.06
N VAL C 317 -25.14 -25.68 -12.05
CA VAL C 317 -23.68 -25.69 -11.92
C VAL C 317 -23.22 -27.05 -11.44
N ARG C 318 -22.32 -27.67 -12.20
CA ARG C 318 -21.62 -28.86 -11.77
C ARG C 318 -20.30 -28.46 -11.14
N LEU C 319 -20.06 -28.91 -9.92
CA LEU C 319 -18.83 -28.64 -9.20
C LEU C 319 -18.28 -29.96 -8.68
N ARG C 320 -17.10 -30.36 -9.15
CA ARG C 320 -16.53 -31.60 -8.70
C ARG C 320 -15.04 -31.44 -8.46
N GLU C 321 -14.59 -31.84 -7.27
CA GLU C 321 -13.18 -31.82 -6.86
C GLU C 321 -12.57 -30.43 -6.96
N SER C 322 -13.24 -29.45 -6.35
CA SER C 322 -12.89 -28.07 -6.58
C SER C 322 -12.80 -27.30 -5.28
N ILE C 323 -12.18 -26.13 -5.37
CA ILE C 323 -12.14 -25.16 -4.29
C ILE C 323 -12.59 -23.83 -4.88
N VAL C 324 -13.68 -23.28 -4.35
CA VAL C 324 -14.19 -21.99 -4.81
C VAL C 324 -13.95 -20.99 -3.69
N LEU C 325 -13.04 -20.05 -3.94
CA LEU C 325 -12.67 -19.09 -2.91
C LEU C 325 -13.72 -18.00 -2.81
N HIS C 326 -13.57 -17.15 -1.80
CA HIS C 326 -14.66 -16.29 -1.36
C HIS C 326 -14.88 -15.13 -2.33
N GLY C 327 -16.15 -14.81 -2.59
CA GLY C 327 -16.52 -13.76 -3.50
C GLY C 327 -16.71 -14.20 -4.93
N ALA C 328 -16.37 -15.44 -5.27
CA ALA C 328 -16.46 -15.91 -6.64
C ALA C 328 -17.90 -16.17 -7.05
N THR C 329 -18.17 -15.98 -8.33
CA THR C 329 -19.50 -16.14 -8.91
C THR C 329 -19.43 -17.13 -10.06
N LEU C 330 -20.18 -18.21 -9.95
CA LEU C 330 -20.35 -19.15 -11.05
C LEU C 330 -21.76 -18.95 -11.61
N GLN C 331 -21.86 -18.58 -12.88
CA GLN C 331 -23.14 -18.37 -13.51
C GLN C 331 -23.74 -19.70 -13.94
N GLU C 332 -24.85 -19.66 -14.66
CA GLU C 332 -25.69 -20.82 -14.85
C GLU C 332 -25.08 -21.83 -15.81
N HIS C 333 -25.28 -23.11 -15.52
CA HIS C 333 -24.86 -24.26 -16.34
C HIS C 333 -23.36 -24.30 -16.54
N THR C 334 -22.61 -23.95 -15.50
CA THR C 334 -21.15 -23.90 -15.54
C THR C 334 -20.60 -25.17 -14.92
N CYS C 335 -19.73 -25.86 -15.66
CA CYS C 335 -19.10 -27.09 -15.18
C CYS C 335 -17.66 -26.79 -14.76
N VAL C 336 -17.36 -27.03 -13.49
CA VAL C 336 -16.03 -26.78 -12.92
C VAL C 336 -15.53 -28.08 -12.30
N LEU C 337 -14.44 -28.61 -12.85
CA LEU C 337 -13.86 -29.87 -12.43
C LEU C 337 -12.36 -29.70 -12.21
N HIS C 338 -11.87 -30.14 -11.05
CA HIS C 338 -10.44 -30.14 -10.68
C HIS C 338 -9.83 -28.75 -10.79
N SER C 339 -10.48 -27.77 -10.19
CA SER C 339 -10.06 -26.39 -10.36
C SER C 339 -10.05 -25.67 -9.03
N ILE C 340 -9.35 -24.54 -9.00
CA ILE C 340 -9.35 -23.63 -7.88
C ILE C 340 -9.79 -22.28 -8.43
N VAL C 341 -10.94 -21.81 -7.99
CA VAL C 341 -11.54 -20.58 -8.48
C VAL C 341 -11.25 -19.48 -7.47
N GLY C 342 -10.52 -18.46 -7.90
CA GLY C 342 -9.98 -17.47 -7.00
C GLY C 342 -11.02 -16.50 -6.44
N TRP C 343 -10.50 -15.52 -5.68
CA TRP C 343 -11.32 -14.60 -4.91
C TRP C 343 -11.93 -13.54 -5.83
N GLY C 344 -13.26 -13.45 -5.84
CA GLY C 344 -13.93 -12.49 -6.68
C GLY C 344 -13.92 -12.80 -8.15
N SER C 345 -13.46 -13.97 -8.54
CA SER C 345 -13.34 -14.34 -9.95
C SER C 345 -14.66 -14.90 -10.45
N THR C 346 -15.10 -14.41 -11.60
CA THR C 346 -16.43 -14.70 -12.13
C THR C 346 -16.32 -15.59 -13.36
N VAL C 347 -17.10 -16.67 -13.37
CA VAL C 347 -17.15 -17.59 -14.50
C VAL C 347 -18.53 -17.46 -15.14
N GLY C 348 -18.54 -17.15 -16.43
CA GLY C 348 -19.78 -16.91 -17.17
C GLY C 348 -20.55 -18.18 -17.45
N ARG C 349 -21.72 -17.99 -18.05
CA ARG C 349 -22.65 -19.10 -18.24
C ARG C 349 -22.20 -20.01 -19.37
N TRP C 350 -22.44 -21.31 -19.17
CA TRP C 350 -22.02 -22.42 -20.03
C TRP C 350 -20.51 -22.50 -20.23
N ALA C 351 -19.73 -21.92 -19.32
CA ALA C 351 -18.28 -22.03 -19.38
C ALA C 351 -17.85 -23.28 -18.65
N ARG C 352 -16.73 -23.83 -19.08
CA ARG C 352 -16.22 -25.07 -18.53
C ARG C 352 -14.79 -24.83 -18.04
N VAL C 353 -14.60 -24.91 -16.74
CA VAL C 353 -13.28 -24.73 -16.13
C VAL C 353 -12.82 -26.11 -15.66
N GLU C 354 -11.90 -26.71 -16.41
CA GLU C 354 -11.55 -28.10 -16.19
C GLU C 354 -10.05 -28.26 -15.98
N GLY C 355 -9.69 -29.13 -15.03
CA GLY C 355 -8.31 -29.50 -14.83
C GLY C 355 -8.16 -31.01 -14.84
N THR C 356 -6.94 -31.45 -14.85
CA THR C 356 -6.57 -32.85 -14.79
C THR C 356 -6.15 -33.19 -13.38
N PRO C 357 -6.67 -34.27 -12.79
CA PRO C 357 -6.30 -34.59 -11.40
C PRO C 357 -4.79 -34.82 -11.20
N SER C 358 -4.23 -34.22 -10.16
CA SER C 358 -2.81 -34.37 -9.85
C SER C 358 -2.55 -34.31 -8.36
N ASP C 359 -2.85 -35.41 -7.66
CA ASP C 359 -2.65 -35.46 -6.20
C ASP C 359 -1.28 -35.99 -5.85
N PRO C 360 -0.50 -35.17 -5.14
CA PRO C 360 0.86 -35.55 -4.74
C PRO C 360 0.93 -36.39 -3.47
N ASN C 361 0.49 -37.65 -3.53
CA ASN C 361 0.58 -38.54 -2.39
C ASN C 361 1.77 -39.46 -2.53
N PRO C 362 2.46 -39.78 -1.43
CA PRO C 362 3.64 -40.63 -1.51
C PRO C 362 3.37 -42.11 -1.70
N ASN C 363 2.10 -42.53 -1.81
CA ASN C 363 1.79 -43.94 -1.99
C ASN C 363 1.49 -44.31 -3.44
N ASP C 364 1.10 -43.36 -4.27
CA ASP C 364 0.83 -43.63 -5.68
C ASP C 364 2.14 -43.73 -6.46
N PRO C 365 2.36 -44.81 -7.21
CA PRO C 365 3.64 -44.94 -7.94
C PRO C 365 3.78 -43.99 -9.10
N ARG C 366 2.71 -43.69 -9.83
CA ARG C 366 2.74 -42.68 -10.87
C ARG C 366 2.09 -41.36 -10.44
N ALA C 367 2.21 -41.03 -9.15
CA ALA C 367 2.09 -39.65 -8.74
C ALA C 367 3.30 -38.87 -9.24
N ARG C 368 3.12 -37.56 -9.40
CA ARG C 368 4.13 -36.78 -10.09
C ARG C 368 5.28 -36.43 -9.14
N MET C 369 6.38 -36.02 -9.75
CA MET C 369 7.67 -35.96 -9.09
C MET C 369 7.88 -34.60 -8.43
N ASP C 370 6.98 -33.64 -8.66
CA ASP C 370 6.74 -32.46 -7.81
C ASP C 370 7.95 -31.51 -7.76
N SER C 371 8.39 -31.10 -8.95
CA SER C 371 9.49 -30.16 -9.06
C SER C 371 8.98 -28.73 -9.09
N GLU C 372 9.92 -27.78 -9.11
CA GLU C 372 9.59 -26.37 -9.26
C GLU C 372 9.04 -26.09 -10.65
N SER C 373 9.52 -26.81 -11.65
CA SER C 373 9.06 -26.62 -13.02
C SER C 373 7.68 -27.22 -13.19
N LEU C 374 6.77 -26.44 -13.75
CA LEU C 374 5.45 -26.91 -14.17
C LEU C 374 5.47 -27.48 -15.57
N PHE C 375 6.64 -27.64 -16.16
CA PHE C 375 6.78 -27.89 -17.59
C PHE C 375 7.53 -29.18 -17.84
N LYS C 376 7.43 -29.63 -19.08
CA LYS C 376 8.19 -30.77 -19.57
C LYS C 376 8.34 -30.61 -21.06
N ASP C 377 9.60 -30.50 -21.54
CA ASP C 377 9.95 -30.49 -22.96
C ASP C 377 9.29 -29.33 -23.70
N GLY C 378 9.17 -28.20 -23.00
CA GLY C 378 8.40 -27.06 -23.46
C GLY C 378 6.94 -27.12 -23.09
N LYS C 379 6.37 -28.33 -23.02
CA LYS C 379 4.94 -28.51 -22.81
C LYS C 379 4.57 -28.32 -21.34
N LEU C 380 3.51 -27.58 -21.10
CA LEU C 380 2.95 -27.48 -19.75
C LEU C 380 2.32 -28.82 -19.36
N LEU C 381 2.56 -29.24 -18.15
CA LEU C 381 2.03 -30.52 -17.70
C LEU C 381 0.55 -30.39 -17.38
N PRO C 382 -0.26 -31.42 -17.67
CA PRO C 382 -1.69 -31.37 -17.33
C PRO C 382 -1.92 -31.47 -15.84
N ALA C 383 -2.47 -30.42 -15.25
CA ALA C 383 -2.59 -30.35 -13.81
C ALA C 383 -3.85 -29.56 -13.47
N ILE C 384 -3.93 -29.08 -12.23
CA ILE C 384 -5.09 -28.39 -11.72
C ILE C 384 -5.21 -27.03 -12.39
N THR C 385 -6.39 -26.70 -12.86
CA THR C 385 -6.65 -25.37 -13.41
C THR C 385 -6.79 -24.37 -12.27
N ILE C 386 -5.98 -23.31 -12.30
CA ILE C 386 -5.99 -22.32 -11.23
C ILE C 386 -6.37 -20.98 -11.83
N LEU C 387 -7.43 -20.39 -11.31
CA LEU C 387 -7.79 -19.03 -11.62
C LEU C 387 -7.37 -18.13 -10.47
N GLY C 388 -6.69 -17.03 -10.79
CA GLY C 388 -6.31 -16.08 -9.78
C GLY C 388 -7.48 -15.23 -9.33
N CYS C 389 -7.18 -14.24 -8.50
CA CYS C 389 -8.24 -13.39 -7.99
C CYS C 389 -8.71 -12.42 -9.07
N ARG C 390 -10.03 -12.17 -9.07
CA ARG C 390 -10.71 -11.24 -9.99
C ARG C 390 -10.47 -11.58 -11.45
N VAL C 391 -10.52 -12.88 -11.77
CA VAL C 391 -10.38 -13.36 -13.14
C VAL C 391 -11.77 -13.51 -13.73
N ARG C 392 -12.01 -12.84 -14.85
CA ARG C 392 -13.30 -12.91 -15.51
C ARG C 392 -13.24 -13.91 -16.66
N ILE C 393 -14.01 -14.97 -16.55
CA ILE C 393 -14.15 -15.98 -17.60
C ILE C 393 -15.43 -15.66 -18.37
N PRO C 394 -15.37 -15.45 -19.68
CA PRO C 394 -16.58 -15.10 -20.42
C PRO C 394 -17.47 -16.30 -20.64
N ALA C 395 -18.64 -16.05 -21.21
CA ALA C 395 -19.64 -17.08 -21.37
C ALA C 395 -19.27 -18.03 -22.50
N GLU C 396 -19.56 -19.32 -22.28
CA GLU C 396 -19.39 -20.41 -23.25
C GLU C 396 -17.93 -20.58 -23.69
N VAL C 397 -17.02 -20.46 -22.73
CA VAL C 397 -15.58 -20.48 -22.98
C VAL C 397 -14.97 -21.55 -22.10
N LEU C 398 -14.11 -22.40 -22.68
CA LEU C 398 -13.46 -23.48 -21.97
C LEU C 398 -12.07 -23.06 -21.51
N ILE C 399 -11.78 -23.25 -20.24
CA ILE C 399 -10.43 -23.10 -19.69
C ILE C 399 -9.98 -24.48 -19.24
N LEU C 400 -9.08 -25.09 -19.99
CA LEU C 400 -8.68 -26.48 -19.78
C LEU C 400 -7.20 -26.53 -19.44
N ASN C 401 -6.88 -27.09 -18.26
CA ASN C 401 -5.50 -27.35 -17.78
C ASN C 401 -4.65 -26.10 -17.74
N SER C 402 -5.25 -24.95 -17.45
CA SER C 402 -4.59 -23.67 -17.61
C SER C 402 -4.41 -22.96 -16.28
N ILE C 403 -3.41 -22.10 -16.20
CA ILE C 403 -3.19 -21.23 -15.06
C ILE C 403 -3.43 -19.81 -15.54
N VAL C 404 -4.37 -19.12 -14.90
CA VAL C 404 -4.71 -17.75 -15.25
C VAL C 404 -4.27 -16.86 -14.10
N LEU C 405 -3.43 -15.88 -14.41
CA LEU C 405 -2.90 -14.98 -13.40
C LEU C 405 -3.96 -13.95 -13.02
N PRO C 406 -3.89 -13.34 -11.83
CA PRO C 406 -5.00 -12.53 -11.34
C PRO C 406 -5.25 -11.25 -12.13
N HIS C 407 -6.49 -10.76 -11.97
CA HIS C 407 -7.03 -9.56 -12.63
C HIS C 407 -6.93 -9.65 -14.14
N LYS C 408 -7.27 -10.81 -14.67
CA LYS C 408 -7.24 -11.07 -16.10
C LYS C 408 -8.66 -11.25 -16.61
N GLU C 409 -8.98 -10.58 -17.71
CA GLU C 409 -10.27 -10.74 -18.37
C GLU C 409 -10.04 -11.47 -19.68
N LEU C 410 -10.55 -12.70 -19.75
CA LEU C 410 -10.35 -13.50 -20.95
C LEU C 410 -11.48 -13.28 -21.93
N SER C 411 -11.24 -13.67 -23.17
CA SER C 411 -12.21 -13.49 -24.23
C SER C 411 -12.42 -14.72 -25.10
N ARG C 412 -11.56 -15.74 -24.99
CA ARG C 412 -11.69 -16.93 -25.80
C ARG C 412 -11.25 -18.13 -24.96
N SER C 413 -11.30 -19.31 -25.57
CA SER C 413 -10.94 -20.53 -24.88
C SER C 413 -9.44 -20.72 -24.86
N PHE C 414 -8.92 -21.19 -23.73
CA PHE C 414 -7.50 -21.44 -23.53
C PHE C 414 -7.31 -22.86 -23.05
N THR C 415 -6.44 -23.62 -23.72
CA THR C 415 -6.13 -24.99 -23.34
C THR C 415 -4.63 -25.15 -23.15
N ASN C 416 -4.24 -25.67 -21.98
CA ASN C 416 -2.87 -26.08 -21.63
C ASN C 416 -1.88 -24.91 -21.69
N GLN C 417 -2.22 -23.81 -21.04
CA GLN C 417 -1.44 -22.59 -21.14
C GLN C 417 -1.23 -21.98 -19.76
N ILE C 418 -0.37 -20.97 -19.70
CA ILE C 418 -0.26 -20.08 -18.55
C ILE C 418 -0.54 -18.68 -19.07
N ILE C 419 -1.71 -18.15 -18.73
CA ILE C 419 -2.16 -16.87 -19.27
C ILE C 419 -1.64 -15.78 -18.33
N LEU C 420 -0.66 -15.03 -18.79
CA LEU C 420 0.02 -14.06 -17.97
C LEU C 420 -0.83 -12.82 -17.71
N MET D 1 38.63 -5.52 15.95
CA MET D 1 37.36 -5.40 15.26
C MET D 1 36.32 -4.74 16.16
N LEU D 2 35.61 -3.75 15.60
CA LEU D 2 34.61 -2.99 16.34
C LEU D 2 33.28 -3.07 15.62
N LYS D 3 32.20 -2.89 16.38
CA LYS D 3 30.88 -2.84 15.77
C LYS D 3 30.11 -1.64 16.31
N ALA D 4 29.00 -1.34 15.64
CA ALA D 4 28.17 -0.20 16.00
C ALA D 4 26.70 -0.61 15.88
N VAL D 5 25.96 -0.37 16.94
CA VAL D 5 24.54 -0.70 17.01
C VAL D 5 23.79 0.61 17.19
N ILE D 6 23.06 1.02 16.18
CA ILE D 6 22.25 2.23 16.24
C ILE D 6 20.81 1.81 16.55
N LEU D 7 20.35 2.17 17.73
CA LEU D 7 19.00 1.82 18.17
C LEU D 7 18.02 2.82 17.58
N ILE D 8 17.55 2.54 16.37
CA ILE D 8 16.43 3.30 15.86
C ILE D 8 15.16 2.81 16.53
N GLY D 9 14.13 3.63 16.48
CA GLY D 9 12.92 3.31 17.21
C GLY D 9 11.98 2.44 16.42
N GLY D 10 10.70 2.71 16.58
CA GLY D 10 9.69 2.13 15.74
C GLY D 10 8.64 3.17 15.45
N PRO D 11 7.49 2.74 14.92
CA PRO D 11 6.43 3.71 14.59
C PRO D 11 5.78 4.35 15.80
N GLN D 12 5.83 3.70 16.97
CA GLN D 12 5.25 4.30 18.17
C GLN D 12 6.16 5.40 18.71
N LYS D 13 7.47 5.22 18.59
CA LYS D 13 8.42 6.23 19.08
C LYS D 13 8.42 7.47 18.20
N GLY D 14 8.02 7.35 16.95
CA GLY D 14 7.97 8.48 16.05
C GLY D 14 6.69 9.28 16.09
N THR D 15 5.72 8.90 16.94
CA THR D 15 4.45 9.61 17.02
C THR D 15 4.61 11.03 17.55
N ARG D 16 5.58 11.23 18.46
CA ARG D 16 5.91 12.57 18.93
C ARG D 16 6.53 13.44 17.84
N PHE D 17 7.04 12.81 16.78
CA PHE D 17 7.52 13.48 15.58
C PHE D 17 6.42 13.64 14.53
N ARG D 18 5.15 13.69 14.96
CA ARG D 18 4.01 13.26 14.14
C ARG D 18 3.79 13.90 12.77
N PRO D 19 3.77 15.24 12.59
CA PRO D 19 3.44 15.76 11.24
C PRO D 19 4.52 15.52 10.20
N LEU D 20 5.76 15.34 10.63
CA LEU D 20 6.84 14.97 9.73
C LEU D 20 6.96 13.46 9.61
N SER D 21 6.62 12.73 10.66
CA SER D 21 6.73 11.28 10.63
C SER D 21 5.55 10.61 9.96
N PHE D 22 4.60 11.37 9.40
CA PHE D 22 3.51 10.76 8.66
C PHE D 22 3.97 10.19 7.32
N GLU D 23 5.01 10.75 6.68
CA GLU D 23 5.45 10.21 5.40
C GLU D 23 6.71 9.36 5.50
N VAL D 24 7.76 9.84 6.17
CA VAL D 24 8.99 9.07 6.30
C VAL D 24 9.21 8.76 7.77
N PRO D 25 9.90 7.64 8.05
CA PRO D 25 10.29 7.35 9.44
C PRO D 25 11.18 8.44 10.03
N LYS D 26 10.98 8.66 11.32
CA LYS D 26 11.79 9.62 12.08
C LYS D 26 13.31 9.43 12.00
N PRO D 27 13.88 8.21 11.94
CA PRO D 27 15.32 8.10 11.67
C PRO D 27 15.76 8.64 10.31
N LEU D 28 14.91 8.60 9.29
CA LEU D 28 15.29 9.06 7.96
C LEU D 28 14.92 10.51 7.70
N PHE D 29 14.62 11.28 8.74
CA PHE D 29 14.33 12.70 8.54
C PHE D 29 15.63 13.45 8.34
N PRO D 30 15.73 14.30 7.31
CA PRO D 30 16.99 15.01 7.05
C PRO D 30 17.20 16.21 7.94
N VAL D 31 18.18 16.10 8.85
CA VAL D 31 18.69 17.25 9.59
C VAL D 31 20.01 17.68 8.95
N ALA D 32 20.10 18.96 8.61
CA ALA D 32 21.22 19.56 7.86
C ALA D 32 21.47 18.85 6.54
N GLY D 33 20.40 18.41 5.88
CA GLY D 33 20.44 17.91 4.54
C GLY D 33 20.53 16.40 4.40
N VAL D 34 21.19 15.72 5.34
CA VAL D 34 21.31 14.27 5.27
C VAL D 34 20.43 13.69 6.37
N PRO D 35 19.93 12.44 6.23
CA PRO D 35 19.09 11.84 7.28
C PRO D 35 19.80 11.73 8.63
N MET D 36 18.99 11.64 9.69
CA MET D 36 19.53 11.87 11.02
C MET D 36 20.38 10.71 11.53
N ILE D 37 20.25 9.51 10.95
CA ILE D 37 21.14 8.44 11.38
C ILE D 37 22.32 8.30 10.44
N GLN D 38 22.31 9.02 9.32
CA GLN D 38 23.49 9.10 8.48
C GLN D 38 24.62 9.85 9.15
N HIS D 39 24.33 10.73 10.11
CA HIS D 39 25.37 11.33 10.93
C HIS D 39 26.06 10.29 11.81
N HIS D 40 25.27 9.37 12.40
CA HIS D 40 25.82 8.27 13.19
C HIS D 40 26.64 7.32 12.32
N ILE D 41 26.13 7.00 11.13
CA ILE D 41 26.82 6.07 10.24
C ILE D 41 28.10 6.70 9.68
N GLU D 42 28.06 8.02 9.44
CA GLU D 42 29.26 8.79 9.08
C GLU D 42 30.31 8.70 10.16
N ALA D 43 29.92 8.94 11.41
CA ALA D 43 30.89 8.96 12.49
C ALA D 43 31.39 7.57 12.85
N CYS D 44 30.58 6.54 12.64
CA CYS D 44 31.01 5.19 12.93
C CYS D 44 31.92 4.64 11.85
N ALA D 45 31.67 5.02 10.58
CA ALA D 45 32.55 4.60 9.50
C ALA D 45 33.91 5.30 9.54
N GLN D 46 34.02 6.44 10.23
CA GLN D 46 35.29 7.11 10.39
C GLN D 46 36.20 6.43 11.41
N VAL D 47 35.65 5.57 12.26
CA VAL D 47 36.45 4.89 13.28
C VAL D 47 37.21 3.74 12.64
N PRO D 48 38.54 3.66 12.81
CA PRO D 48 39.29 2.55 12.21
C PRO D 48 39.03 1.23 12.93
N GLY D 49 38.84 0.18 12.14
CA GLY D 49 38.50 -1.12 12.67
C GLY D 49 37.01 -1.39 12.80
N MET D 50 36.18 -0.49 12.29
CA MET D 50 34.72 -0.67 12.34
C MET D 50 34.30 -1.60 11.21
N GLN D 51 33.82 -2.78 11.56
CA GLN D 51 33.48 -3.75 10.52
C GLN D 51 32.03 -3.64 10.06
N GLU D 52 31.10 -3.45 10.99
CA GLU D 52 29.69 -3.53 10.66
C GLU D 52 28.92 -2.49 11.44
N ILE D 53 27.82 -2.03 10.86
CA ILE D 53 26.88 -1.14 11.53
C ILE D 53 25.51 -1.81 11.49
N LEU D 54 24.98 -2.13 12.66
CA LEU D 54 23.67 -2.75 12.77
C LEU D 54 22.66 -1.73 13.25
N LEU D 55 21.47 -1.74 12.66
CA LEU D 55 20.38 -0.90 13.11
C LEU D 55 19.28 -1.79 13.67
N ILE D 56 18.96 -1.60 14.93
CA ILE D 56 17.93 -2.40 15.60
C ILE D 56 16.73 -1.51 15.83
N GLY D 57 15.58 -1.92 15.31
CA GLY D 57 14.35 -1.20 15.51
C GLY D 57 13.19 -2.08 15.09
N PHE D 58 11.99 -1.59 15.33
CA PHE D 58 10.80 -2.35 14.96
C PHE D 58 9.97 -1.64 13.90
N TYR D 59 10.62 -0.84 13.05
CA TYR D 59 10.02 -0.42 11.79
C TYR D 59 9.94 -1.60 10.85
N GLN D 60 8.88 -1.67 10.07
CA GLN D 60 8.82 -2.64 8.99
C GLN D 60 9.66 -2.15 7.82
N PRO D 61 10.38 -3.04 7.14
CA PRO D 61 11.23 -2.60 6.02
C PRO D 61 10.43 -2.21 4.80
N ASP D 62 10.30 -0.92 4.57
CA ASP D 62 9.64 -0.34 3.42
C ASP D 62 10.70 0.23 2.47
N GLU D 63 10.25 0.90 1.40
CA GLU D 63 11.19 1.40 0.40
C GLU D 63 12.14 2.52 0.88
N PRO D 64 11.74 3.52 1.70
CA PRO D 64 12.75 4.47 2.21
C PRO D 64 13.86 3.87 3.05
N LEU D 65 13.53 2.91 3.92
CA LEU D 65 14.55 2.32 4.79
C LEU D 65 15.52 1.46 4.00
N THR D 66 15.02 0.65 3.05
CA THR D 66 15.90 -0.20 2.26
C THR D 66 16.72 0.61 1.26
N GLN D 67 16.13 1.69 0.73
CA GLN D 67 16.86 2.59 -0.15
C GLN D 67 17.99 3.31 0.61
N PHE D 68 17.72 3.70 1.85
CA PHE D 68 18.77 4.29 2.67
C PHE D 68 19.86 3.28 3.00
N LEU D 69 19.48 2.02 3.23
CA LEU D 69 20.47 0.99 3.55
C LEU D 69 21.40 0.73 2.38
N GLU D 70 20.84 0.65 1.17
CA GLU D 70 21.66 0.46 -0.03
C GLU D 70 22.55 1.68 -0.30
N ALA D 71 22.01 2.90 -0.11
CA ALA D 71 22.80 4.10 -0.32
C ALA D 71 23.92 4.24 0.70
N ALA D 72 23.67 3.84 1.95
CA ALA D 72 24.69 3.93 2.99
C ALA D 72 25.77 2.87 2.80
N GLN D 73 25.38 1.67 2.35
CA GLN D 73 26.35 0.62 2.05
C GLN D 73 27.23 1.01 0.88
N GLN D 74 26.67 1.71 -0.11
CA GLN D 74 27.50 2.17 -1.23
C GLN D 74 28.38 3.35 -0.85
N GLU D 75 27.85 4.26 -0.01
CA GLU D 75 28.58 5.48 0.28
C GLU D 75 29.72 5.26 1.26
N PHE D 76 29.49 4.48 2.32
CA PHE D 76 30.47 4.39 3.39
C PHE D 76 31.31 3.13 3.36
N ASN D 77 31.11 2.26 2.34
CA ASN D 77 31.93 1.08 2.08
C ASN D 77 31.93 0.11 3.26
N LEU D 78 30.75 -0.11 3.81
CA LEU D 78 30.55 -0.85 5.05
C LEU D 78 29.22 -1.58 4.98
N PRO D 79 29.13 -2.77 5.56
CA PRO D 79 27.83 -3.44 5.67
C PRO D 79 26.96 -2.76 6.71
N VAL D 80 25.84 -2.21 6.26
CA VAL D 80 24.85 -1.59 7.14
C VAL D 80 23.60 -2.47 7.09
N ARG D 81 23.36 -3.21 8.15
CA ARG D 81 22.26 -4.16 8.21
C ARG D 81 21.18 -3.66 9.15
N TYR D 82 19.94 -4.04 8.85
CA TYR D 82 18.79 -3.69 9.67
C TYR D 82 18.26 -4.95 10.33
N LEU D 83 18.34 -5.00 11.65
CA LEU D 83 17.78 -6.09 12.43
C LEU D 83 16.43 -5.67 12.97
N GLN D 84 15.37 -6.30 12.50
CA GLN D 84 14.01 -5.93 12.89
C GLN D 84 13.56 -6.82 14.03
N GLU D 85 13.18 -6.20 15.15
CA GLU D 85 12.67 -6.96 16.27
C GLU D 85 11.25 -7.44 16.00
N PHE D 86 10.87 -8.52 16.65
CA PHE D 86 9.53 -9.07 16.54
C PHE D 86 8.50 -8.28 17.34
N ALA D 87 8.96 -7.48 18.30
CA ALA D 87 8.11 -6.69 19.17
C ALA D 87 8.96 -5.52 19.67
N PRO D 88 8.33 -4.45 20.16
CA PRO D 88 9.12 -3.42 20.85
C PRO D 88 9.68 -3.94 22.17
N LEU D 89 10.99 -4.14 22.22
CA LEU D 89 11.65 -4.77 23.35
C LEU D 89 12.37 -3.77 24.24
N GLY D 90 12.16 -2.48 24.04
CA GLY D 90 12.86 -1.51 24.83
C GLY D 90 14.25 -1.25 24.28
N THR D 91 15.02 -0.47 25.05
CA THR D 91 16.34 -0.08 24.61
C THR D 91 17.38 -1.16 24.83
N GLY D 92 17.13 -2.09 25.75
CA GLY D 92 18.11 -3.13 26.02
C GLY D 92 17.67 -4.49 25.53
N GLY D 93 16.38 -4.65 25.30
CA GLY D 93 15.86 -5.93 24.85
C GLY D 93 16.23 -6.26 23.43
N GLY D 94 16.38 -5.25 22.57
CA GLY D 94 16.89 -5.49 21.24
C GLY D 94 18.37 -5.81 21.22
N LEU D 95 19.12 -5.27 22.18
CA LEU D 95 20.53 -5.61 22.30
C LEU D 95 20.70 -7.03 22.82
N TYR D 96 19.83 -7.46 23.72
CA TYR D 96 19.94 -8.82 24.23
C TYR D 96 19.38 -9.84 23.25
N HIS D 97 18.34 -9.49 22.51
CA HIS D 97 17.72 -10.42 21.58
C HIS D 97 18.61 -10.69 20.38
N PHE D 98 19.37 -9.70 19.93
CA PHE D 98 20.28 -9.84 18.79
C PHE D 98 21.72 -10.00 19.25
N ARG D 99 21.93 -10.72 20.37
CA ARG D 99 23.27 -10.86 20.92
C ARG D 99 24.16 -11.74 20.07
N ASP D 100 23.58 -12.66 19.30
CA ASP D 100 24.39 -13.53 18.46
C ASP D 100 24.83 -12.83 17.19
N GLN D 101 24.01 -11.91 16.68
CA GLN D 101 24.38 -11.12 15.52
C GLN D 101 25.32 -9.98 15.90
N ILE D 102 25.25 -9.50 17.13
CA ILE D 102 26.16 -8.45 17.58
C ILE D 102 27.54 -9.03 17.86
N LEU D 103 27.60 -10.14 18.59
CA LEU D 103 28.88 -10.75 18.95
C LEU D 103 29.45 -11.65 17.86
N ALA D 104 28.86 -11.67 16.66
CA ALA D 104 29.38 -12.50 15.58
C ALA D 104 30.70 -11.93 15.05
N GLY D 105 31.69 -12.79 14.94
CA GLY D 105 33.02 -12.36 14.55
C GLY D 105 33.89 -11.91 15.70
N SER D 106 33.38 -11.95 16.93
CA SER D 106 34.01 -11.61 18.20
C SER D 106 34.61 -10.21 18.19
N PRO D 107 33.80 -9.16 18.27
CA PRO D 107 34.34 -7.79 18.26
C PRO D 107 34.95 -7.42 19.60
N GLU D 108 35.90 -6.48 19.54
CA GLU D 108 36.54 -5.98 20.75
C GLU D 108 35.57 -5.15 21.57
N ALA D 109 34.79 -4.29 20.91
CA ALA D 109 33.77 -3.49 21.57
C ALA D 109 32.73 -3.12 20.51
N PHE D 110 31.55 -2.75 21.00
CA PHE D 110 30.55 -2.21 20.08
C PHE D 110 29.90 -0.98 20.68
N PHE D 111 29.83 0.07 19.87
CA PHE D 111 29.11 1.27 20.25
C PHE D 111 27.61 1.01 20.22
N VAL D 112 26.89 1.69 21.11
CA VAL D 112 25.44 1.66 21.13
C VAL D 112 24.98 3.11 21.10
N LEU D 113 24.36 3.52 20.01
CA LEU D 113 23.96 4.91 19.82
C LEU D 113 22.46 5.01 19.67
N ASN D 114 21.82 5.83 20.49
CA ASN D 114 20.42 6.16 20.28
C ASN D 114 20.31 7.02 19.03
N ALA D 115 19.33 6.70 18.18
CA ALA D 115 19.26 7.34 16.88
C ALA D 115 18.72 8.76 16.93
N ASP D 116 18.14 9.19 18.05
CA ASP D 116 17.53 10.50 18.11
C ASP D 116 18.46 11.58 18.66
N VAL D 117 19.72 11.29 18.90
CA VAL D 117 20.61 12.30 19.45
C VAL D 117 21.38 12.96 18.31
N CYS D 118 21.66 14.24 18.49
CA CYS D 118 22.57 15.00 17.64
C CYS D 118 23.82 15.24 18.46
N SER D 119 24.93 14.64 18.06
CA SER D 119 26.16 14.79 18.81
C SER D 119 27.29 15.13 17.87
N ASP D 120 28.45 15.45 18.44
CA ASP D 120 29.63 15.62 17.61
C ASP D 120 30.29 14.26 17.43
N PHE D 121 29.85 13.26 18.21
CA PHE D 121 30.19 11.84 18.22
C PHE D 121 31.67 11.62 18.43
N PRO D 122 32.18 11.79 19.66
CA PRO D 122 33.60 11.53 19.89
C PRO D 122 33.87 10.05 20.16
N LEU D 123 33.74 9.24 19.12
CA LEU D 123 33.85 7.79 19.29
C LEU D 123 35.30 7.36 19.47
N SER D 124 36.25 8.12 18.93
CA SER D 124 37.66 7.73 19.01
C SER D 124 38.22 8.01 20.40
N ALA D 125 37.89 9.16 20.99
CA ALA D 125 38.26 9.48 22.36
C ALA D 125 37.64 8.50 23.35
N MET D 126 36.36 8.18 23.14
CA MET D 126 35.65 7.22 23.98
C MET D 126 36.24 5.83 23.85
N LEU D 127 36.60 5.42 22.63
CA LEU D 127 37.19 4.12 22.37
C LEU D 127 38.55 3.99 23.03
N GLU D 128 39.34 5.05 22.98
CA GLU D 128 40.67 5.01 23.57
C GLU D 128 40.63 5.04 25.10
N ALA D 129 39.66 5.76 25.67
CA ALA D 129 39.43 5.70 27.12
C ALA D 129 39.00 4.29 27.55
N HIS D 130 38.22 3.63 26.70
CA HIS D 130 37.84 2.26 26.96
C HIS D 130 39.02 1.30 26.78
N ARG D 131 39.89 1.57 25.82
CA ARG D 131 41.05 0.71 25.58
C ARG D 131 42.06 0.83 26.71
N ARG D 132 42.07 1.97 27.39
CA ARG D 132 42.86 2.04 28.62
C ARG D 132 42.19 1.32 29.78
N GLN D 133 40.89 1.50 29.98
CA GLN D 133 40.31 1.01 31.23
C GLN D 133 39.60 -0.34 31.13
N ARG D 134 38.94 -0.65 30.01
CA ARG D 134 38.33 -1.96 29.71
C ARG D 134 37.25 -2.37 30.72
N HIS D 135 36.27 -1.52 30.88
CA HIS D 135 35.13 -1.77 31.73
C HIS D 135 33.95 -2.20 30.86
N PRO D 136 32.93 -2.87 31.44
CA PRO D 136 31.80 -3.34 30.60
C PRO D 136 30.97 -2.22 29.97
N PHE D 137 30.61 -1.20 30.72
CA PHE D 137 29.79 -0.11 30.21
C PHE D 137 30.58 1.19 30.27
N LEU D 138 30.61 1.92 29.17
CA LEU D 138 31.15 3.27 29.14
C LEU D 138 30.06 4.19 28.63
N LEU D 139 29.78 5.25 29.37
CA LEU D 139 28.73 6.19 29.02
C LEU D 139 29.34 7.48 28.53
N LEU D 140 28.67 8.13 27.60
CA LEU D 140 28.99 9.51 27.26
C LEU D 140 28.06 10.41 28.05
N GLY D 141 28.64 11.37 28.75
CA GLY D 141 27.87 12.31 29.53
C GLY D 141 28.30 13.73 29.24
N THR D 142 27.35 14.66 29.39
CA THR D 142 27.66 16.07 29.23
C THR D 142 27.08 16.85 30.40
N THR D 143 27.61 18.04 30.61
CA THR D 143 27.14 18.89 31.70
C THR D 143 25.91 19.67 31.26
N ALA D 144 24.96 19.81 32.18
CA ALA D 144 23.70 20.48 31.90
C ALA D 144 23.42 21.53 32.97
N ASN D 145 22.37 22.31 32.74
CA ASN D 145 21.89 23.24 33.75
C ASN D 145 21.24 22.48 34.90
N ARG D 146 21.14 23.13 36.05
CA ARG D 146 20.54 22.49 37.21
C ARG D 146 19.03 22.33 37.05
N THR D 147 18.39 23.22 36.30
CA THR D 147 16.97 23.09 36.06
C THR D 147 16.69 22.10 34.92
N GLN D 148 17.57 22.04 33.93
CA GLN D 148 17.35 21.19 32.77
C GLN D 148 17.65 19.73 33.03
N SER D 149 18.50 19.41 34.01
CA SER D 149 18.91 18.04 34.28
C SER D 149 17.78 17.13 34.69
N LEU D 150 16.69 17.69 35.23
CA LEU D 150 15.52 16.88 35.55
C LEU D 150 14.78 16.34 34.33
N ASN D 151 15.11 16.82 33.12
CA ASN D 151 14.57 16.26 31.91
C ASN D 151 15.35 15.04 31.41
N TYR D 152 16.61 14.88 31.81
CA TYR D 152 17.49 13.87 31.25
C TYR D 152 17.98 12.93 32.35
N GLY D 153 18.69 11.89 31.93
CA GLY D 153 19.18 10.89 32.85
C GLY D 153 20.44 11.30 33.58
N CYS D 154 20.30 11.66 34.85
CA CYS D 154 21.41 12.19 35.62
C CYS D 154 22.31 11.09 36.14
N ILE D 155 23.60 11.40 36.14
CA ILE D 155 24.70 10.50 36.43
C ILE D 155 25.50 11.14 37.57
N VAL D 156 25.46 10.51 38.75
CA VAL D 156 26.31 10.90 39.87
C VAL D 156 27.54 10.01 39.85
N GLU D 157 28.71 10.62 39.67
CA GLU D 157 29.96 9.92 39.44
C GLU D 157 30.98 10.28 40.51
N ASN D 158 32.04 9.47 40.55
CA ASN D 158 33.22 9.76 41.37
C ASN D 158 34.30 10.33 40.47
N PRO D 159 34.82 11.53 40.75
CA PRO D 159 35.64 12.24 39.75
C PRO D 159 37.03 11.67 39.55
N GLN D 160 37.52 10.85 40.48
CA GLN D 160 38.86 10.29 40.35
C GLN D 160 38.89 9.15 39.34
N THR D 161 37.97 8.20 39.48
CA THR D 161 37.94 7.02 38.64
C THR D 161 36.96 7.13 37.48
N HIS D 162 36.16 8.20 37.44
CA HIS D 162 35.09 8.44 36.46
C HIS D 162 34.10 7.27 36.43
N GLU D 163 33.72 6.80 37.61
CA GLU D 163 32.78 5.70 37.76
C GLU D 163 31.48 6.23 38.33
N VAL D 164 30.37 5.92 37.66
CA VAL D 164 29.09 6.43 38.10
C VAL D 164 28.63 5.66 39.32
N LEU D 165 28.26 6.39 40.37
CA LEU D 165 27.78 5.81 41.60
C LEU D 165 26.26 5.83 41.72
N HIS D 166 25.58 6.64 40.91
CA HIS D 166 24.13 6.72 40.96
C HIS D 166 23.61 7.13 39.59
N TYR D 167 22.46 6.58 39.20
CA TYR D 167 21.83 6.92 37.94
C TYR D 167 20.34 7.06 38.21
N VAL D 168 19.76 8.23 37.92
CA VAL D 168 18.31 8.40 37.95
C VAL D 168 17.88 8.97 36.61
N GLU D 169 16.86 8.34 35.99
CA GLU D 169 16.51 8.70 34.63
C GLU D 169 15.77 10.03 34.54
N LYS D 170 14.87 10.33 35.48
CA LYS D 170 14.19 11.62 35.51
C LYS D 170 13.90 12.00 36.94
N PRO D 171 14.90 12.55 37.65
CA PRO D 171 14.70 12.86 39.07
C PRO D 171 13.88 14.13 39.26
N SER D 172 13.03 14.10 40.29
CA SER D 172 12.25 15.28 40.63
C SER D 172 13.09 16.32 41.34
N THR D 173 14.16 15.90 42.02
CA THR D 173 15.10 16.80 42.65
C THR D 173 16.43 16.78 41.90
N PHE D 174 17.23 17.81 42.10
CA PHE D 174 18.56 17.85 41.54
C PHE D 174 19.44 16.81 42.23
N ILE D 175 20.03 15.92 41.45
CA ILE D 175 20.99 14.97 42.01
C ILE D 175 22.35 15.13 41.33
N SER D 176 22.35 15.59 40.07
CA SER D 176 23.58 15.71 39.31
C SER D 176 23.37 16.65 38.14
N ASP D 177 24.45 17.31 37.74
CA ASP D 177 24.45 18.15 36.56
C ASP D 177 25.06 17.45 35.35
N ILE D 178 25.44 16.19 35.48
CA ILE D 178 25.93 15.39 34.36
C ILE D 178 24.79 14.52 33.87
N ILE D 179 24.51 14.60 32.56
CA ILE D 179 23.40 13.86 31.98
C ILE D 179 23.93 12.90 30.93
N ASN D 180 23.14 11.87 30.67
CA ASN D 180 23.49 10.80 29.74
C ASN D 180 23.23 11.24 28.31
N CYS D 181 24.20 11.04 27.44
CA CYS D 181 24.12 11.52 26.07
C CYS D 181 23.51 10.52 25.10
N GLY D 182 23.17 9.32 25.56
CA GLY D 182 22.68 8.31 24.64
C GLY D 182 23.73 7.68 23.77
N ILE D 183 25.00 7.90 24.06
CA ILE D 183 26.11 7.24 23.38
C ILE D 183 26.79 6.34 24.40
N TYR D 184 26.92 5.06 24.06
CA TYR D 184 27.53 4.10 24.95
C TYR D 184 28.57 3.30 24.21
N LEU D 185 29.55 2.81 24.95
CA LEU D 185 30.52 1.85 24.45
C LEU D 185 30.41 0.60 25.30
N PHE D 186 30.11 -0.52 24.66
CA PHE D 186 29.84 -1.77 25.36
C PHE D 186 30.99 -2.73 25.11
N SER D 187 31.42 -3.41 26.16
CA SER D 187 32.28 -4.56 26.01
C SER D 187 31.39 -5.78 25.76
N PRO D 188 31.95 -6.89 25.26
CA PRO D 188 31.15 -8.13 25.19
C PRO D 188 30.65 -8.60 26.54
N GLU D 189 31.44 -8.36 27.61
CA GLU D 189 31.04 -8.66 28.98
C GLU D 189 29.75 -7.95 29.38
N ALA D 190 29.46 -6.79 28.78
CA ALA D 190 28.24 -6.05 29.06
C ALA D 190 26.97 -6.75 28.60
N LEU D 191 27.06 -7.80 27.77
CA LEU D 191 25.84 -8.53 27.48
C LEU D 191 25.52 -9.55 28.56
N LYS D 192 26.44 -9.80 29.47
CA LYS D 192 26.19 -10.65 30.62
C LYS D 192 25.25 -10.07 31.69
N PRO D 193 25.27 -8.78 32.04
CA PRO D 193 24.22 -8.31 32.97
C PRO D 193 22.83 -8.29 32.39
N LEU D 194 22.71 -7.98 31.11
CA LEU D 194 21.42 -7.87 30.43
C LEU D 194 20.65 -9.19 30.48
N ARG D 195 21.37 -10.30 30.30
CA ARG D 195 20.85 -11.65 30.46
C ARG D 195 20.23 -11.87 31.84
N ASP D 196 20.93 -11.42 32.89
CA ASP D 196 20.42 -11.53 34.25
C ASP D 196 19.11 -10.76 34.41
N VAL D 197 19.03 -9.57 33.79
CA VAL D 197 17.82 -8.76 33.80
C VAL D 197 16.70 -9.51 33.13
N PHE D 198 17.02 -10.17 32.00
CA PHE D 198 16.02 -10.94 31.25
C PHE D 198 15.50 -12.11 32.09
N GLN D 199 16.40 -12.75 32.85
CA GLN D 199 15.97 -13.88 33.67
C GLN D 199 15.11 -13.39 34.83
N ARG D 200 15.37 -12.17 35.31
CA ARG D 200 14.54 -11.62 36.37
C ARG D 200 13.16 -11.24 35.86
N ASN D 201 12.99 -11.05 34.55
CA ASN D 201 11.66 -10.81 34.03
C ASN D 201 10.89 -12.11 33.81
N GLN D 202 11.57 -13.25 33.84
CA GLN D 202 10.87 -14.50 33.58
C GLN D 202 10.37 -15.15 34.88
N GLN D 203 11.05 -14.92 35.99
CA GLN D 203 10.63 -15.45 37.28
C GLN D 203 9.51 -14.60 37.88
N GLY D 218 11.46 -10.14 28.52
CA GLY D 218 11.40 -9.70 27.13
C GLY D 218 11.83 -8.27 26.93
N THR D 219 11.04 -7.34 27.47
CA THR D 219 11.29 -5.91 27.34
C THR D 219 12.28 -5.46 28.42
N ILE D 220 13.44 -5.01 28.00
CA ILE D 220 14.49 -4.53 28.90
C ILE D 220 14.73 -3.06 28.59
N ARG D 221 14.54 -2.21 29.59
CA ARG D 221 14.92 -0.81 29.49
C ARG D 221 16.37 -0.69 29.97
N LEU D 222 17.24 -0.17 29.10
CA LEU D 222 18.68 -0.15 29.40
C LEU D 222 19.01 0.82 30.53
N GLU D 223 18.23 1.89 30.67
CA GLU D 223 18.51 2.89 31.69
C GLU D 223 17.95 2.48 33.04
N GLN D 224 16.68 2.04 33.06
CA GLN D 224 16.02 1.77 34.33
C GLN D 224 16.43 0.42 34.91
N ASP D 225 16.64 -0.59 34.07
CA ASP D 225 16.88 -1.94 34.58
C ASP D 225 18.37 -2.26 34.70
N VAL D 226 19.22 -1.67 33.88
CA VAL D 226 20.63 -2.00 33.83
C VAL D 226 21.49 -0.88 34.40
N PHE D 227 21.24 0.37 33.99
CA PHE D 227 22.12 1.46 34.38
C PHE D 227 21.88 1.91 35.82
N SER D 228 20.62 2.02 36.22
CA SER D 228 20.32 2.46 37.57
C SER D 228 20.59 1.37 38.59
N ALA D 229 20.48 0.11 38.18
CA ALA D 229 20.63 -0.99 39.12
C ALA D 229 22.08 -1.39 39.33
N LEU D 230 22.93 -1.24 38.32
CA LEU D 230 24.34 -1.61 38.40
C LEU D 230 25.24 -0.44 38.72
N ALA D 231 24.67 0.72 39.04
CA ALA D 231 25.48 1.90 39.31
C ALA D 231 26.14 1.79 40.68
N GLY D 232 27.43 2.11 40.73
CA GLY D 232 28.19 2.04 41.95
C GLY D 232 28.88 0.71 42.19
N GLN D 233 28.62 -0.30 41.36
CA GLN D 233 29.22 -1.61 41.51
C GLN D 233 30.44 -1.81 40.62
N GLY D 234 30.95 -0.75 40.01
CA GLY D 234 32.18 -0.80 39.26
C GLY D 234 32.07 -1.25 37.83
N GLN D 235 30.87 -1.36 37.29
CA GLN D 235 30.70 -1.83 35.91
C GLN D 235 30.39 -0.73 34.91
N ILE D 236 29.84 0.40 35.36
CA ILE D 236 29.48 1.51 34.49
C ILE D 236 30.42 2.68 34.77
N TYR D 237 30.99 3.25 33.71
CA TYR D 237 31.93 4.35 33.82
C TYR D 237 31.52 5.45 32.84
N VAL D 238 31.96 6.68 33.12
CA VAL D 238 31.53 7.84 32.36
C VAL D 238 32.71 8.43 31.60
N HIS D 239 32.44 8.93 30.39
CA HIS D 239 33.35 9.77 29.63
C HIS D 239 32.65 11.09 29.34
N LEU D 240 33.29 12.20 29.72
CA LEU D 240 32.68 13.52 29.65
C LEU D 240 33.21 14.30 28.46
N THR D 241 32.32 14.88 27.67
CA THR D 241 32.70 15.69 26.53
C THR D 241 32.11 17.08 26.65
N ASP D 242 32.65 17.98 25.84
CA ASP D 242 32.19 19.37 25.75
C ASP D 242 31.62 19.71 24.39
N GLY D 243 31.41 18.72 23.53
CA GLY D 243 30.93 18.96 22.18
C GLY D 243 29.43 19.23 22.15
N ILE D 244 28.92 19.36 20.92
CA ILE D 244 27.51 19.67 20.73
C ILE D 244 26.67 18.45 21.06
N TRP D 245 25.51 18.67 21.66
CA TRP D 245 24.60 17.58 21.98
C TRP D 245 23.17 18.11 22.03
N SER D 246 22.25 17.32 21.48
CA SER D 246 20.85 17.66 21.48
C SER D 246 20.04 16.38 21.34
N GLN D 247 18.80 16.44 21.79
CA GLN D 247 17.87 15.31 21.70
C GLN D 247 16.74 15.69 20.76
N ILE D 248 16.57 14.92 19.69
CA ILE D 248 15.51 15.16 18.72
C ILE D 248 14.30 14.33 19.15
N LYS D 249 13.36 14.94 19.85
CA LYS D 249 12.17 14.24 20.31
C LYS D 249 10.93 14.72 19.56
N SER D 250 10.63 16.01 19.61
CA SER D 250 9.51 16.57 18.88
C SER D 250 9.96 17.00 17.50
N ALA D 251 9.00 17.47 16.70
CA ALA D 251 9.30 17.81 15.31
C ALA D 251 10.12 19.08 15.20
N GLY D 252 9.95 20.02 16.13
CA GLY D 252 10.71 21.26 16.09
C GLY D 252 12.12 21.17 16.65
N SER D 253 12.46 20.06 17.32
CA SER D 253 13.81 19.90 17.88
C SER D 253 14.83 19.65 16.77
N ALA D 254 14.36 19.13 15.63
CA ALA D 254 15.20 18.87 14.48
C ALA D 254 15.78 20.15 13.90
N LEU D 255 15.10 21.28 14.09
CA LEU D 255 15.63 22.57 13.67
C LEU D 255 16.86 22.97 14.47
N TYR D 256 16.82 22.75 15.79
CA TYR D 256 17.98 23.05 16.63
C TYR D 256 19.12 22.08 16.36
N ALA D 257 18.79 20.81 16.09
CA ALA D 257 19.81 19.85 15.69
C ALA D 257 20.42 20.22 14.33
N SER D 258 19.61 20.80 13.45
CA SER D 258 20.11 21.27 12.16
C SER D 258 21.07 22.44 12.34
N ARG D 259 20.77 23.31 13.29
CA ARG D 259 21.62 24.45 13.58
C ARG D 259 22.97 23.98 14.10
N LEU D 260 22.95 23.01 15.01
CA LEU D 260 24.18 22.44 15.58
C LEU D 260 25.00 21.71 14.51
N TYR D 261 24.35 20.95 13.63
CA TYR D 261 25.07 20.20 12.62
C TYR D 261 25.64 21.12 11.55
N LEU D 262 24.95 22.22 11.24
CA LEU D 262 25.50 23.17 10.27
C LEU D 262 26.67 23.93 10.86
N SER D 263 26.68 24.14 12.17
CA SER D 263 27.86 24.68 12.82
C SER D 263 29.01 23.68 12.79
N ARG D 264 28.70 22.39 12.95
CA ARG D 264 29.71 21.33 12.88
C ARG D 264 30.29 21.17 11.47
N TYR D 265 29.50 21.53 10.45
CA TYR D 265 29.93 21.39 9.06
C TYR D 265 31.07 22.34 8.71
N GLN D 266 31.31 23.39 9.50
CA GLN D 266 32.42 24.29 9.24
C GLN D 266 33.77 23.59 9.40
N ASP D 267 33.85 22.59 10.27
CA ASP D 267 35.05 21.78 10.39
C ASP D 267 34.93 20.42 9.71
N THR D 268 33.73 19.87 9.58
CA THR D 268 33.61 18.48 9.12
C THR D 268 33.37 18.36 7.63
N HIS D 269 32.40 19.09 7.07
CA HIS D 269 32.12 19.07 5.64
C HIS D 269 32.03 20.51 5.14
N PRO D 270 33.17 21.16 4.87
CA PRO D 270 33.13 22.57 4.46
C PRO D 270 32.58 22.78 3.05
N GLU D 271 32.52 21.73 2.23
CA GLU D 271 31.93 21.83 0.91
C GLU D 271 30.41 21.78 0.94
N ARG D 272 29.81 21.39 2.06
CA ARG D 272 28.36 21.29 2.14
C ARG D 272 27.72 22.65 2.42
N LEU D 273 28.43 23.55 3.09
CA LEU D 273 27.91 24.89 3.32
C LEU D 273 27.98 25.70 2.03
N ALA D 274 27.03 26.60 1.86
CA ALA D 274 26.90 27.38 0.64
C ALA D 274 27.59 28.72 0.81
N LYS D 275 28.20 29.20 -0.27
CA LYS D 275 29.00 30.42 -0.26
C LYS D 275 28.31 31.51 -1.07
N HIS D 276 28.85 32.72 -0.94
CA HIS D 276 28.37 33.83 -1.74
C HIS D 276 28.82 33.68 -3.19
N THR D 277 27.86 33.65 -4.09
CA THR D 277 28.10 33.51 -5.53
C THR D 277 27.51 34.72 -6.22
N PRO D 278 28.23 35.33 -7.18
CA PRO D 278 27.70 36.53 -7.86
C PRO D 278 26.43 36.27 -8.67
N GLY D 279 26.24 35.07 -9.18
CA GLY D 279 24.99 34.73 -9.83
C GLY D 279 24.04 33.99 -8.92
N GLY D 280 24.28 34.05 -7.62
CA GLY D 280 23.50 33.29 -6.67
C GLY D 280 22.83 34.14 -5.61
N PRO D 281 22.14 33.49 -4.67
CA PRO D 281 21.44 34.21 -3.62
C PRO D 281 22.38 34.73 -2.53
N TRP D 282 21.89 35.73 -1.79
CA TRP D 282 22.61 36.19 -0.62
C TRP D 282 22.53 35.15 0.47
N ILE D 283 23.60 35.02 1.25
CA ILE D 283 23.71 33.95 2.23
C ILE D 283 24.32 34.52 3.51
N ARG D 284 23.60 34.38 4.61
CA ARG D 284 24.08 34.73 5.94
C ARG D 284 24.20 33.47 6.76
N GLY D 285 25.24 33.41 7.60
CA GLY D 285 25.42 32.27 8.48
C GLY D 285 25.74 30.99 7.73
N ASN D 286 25.36 29.86 8.33
CA ASN D 286 25.57 28.54 7.75
C ASN D 286 24.32 28.12 6.99
N VAL D 287 24.46 27.89 5.70
CA VAL D 287 23.34 27.51 4.83
C VAL D 287 23.76 26.26 4.06
N TYR D 288 22.92 25.23 4.11
CA TYR D 288 23.05 24.09 3.21
C TYR D 288 22.04 24.23 2.09
N ILE D 289 22.51 24.12 0.86
CA ILE D 289 21.64 24.05 -0.32
C ILE D 289 21.99 22.78 -1.08
N HIS D 290 20.98 21.98 -1.41
CA HIS D 290 21.19 20.82 -2.27
C HIS D 290 21.55 21.27 -3.68
N PRO D 291 22.38 20.51 -4.39
CA PRO D 291 22.72 20.88 -5.77
C PRO D 291 21.55 20.82 -6.75
N THR D 292 20.53 20.00 -6.48
CA THR D 292 19.38 19.91 -7.36
C THR D 292 18.43 21.10 -7.17
N ALA D 293 18.47 21.73 -5.99
CA ALA D 293 17.57 22.84 -5.70
C ALA D 293 17.93 24.08 -6.50
N LYS D 294 16.91 24.76 -7.01
CA LYS D 294 17.08 25.97 -7.80
C LYS D 294 16.60 27.16 -6.97
N VAL D 295 17.54 27.99 -6.53
CA VAL D 295 17.25 29.17 -5.73
C VAL D 295 17.44 30.40 -6.61
N ALA D 296 16.46 31.31 -6.56
CA ALA D 296 16.55 32.55 -7.30
C ALA D 296 17.59 33.47 -6.68
N PRO D 297 18.25 34.32 -7.48
CA PRO D 297 19.31 35.18 -6.92
C PRO D 297 18.79 36.31 -6.06
N SER D 298 17.52 36.69 -6.18
CA SER D 298 16.98 37.75 -5.33
C SER D 298 16.65 37.29 -3.92
N ALA D 299 16.58 35.98 -3.71
CA ALA D 299 16.34 35.43 -2.38
C ALA D 299 17.57 35.62 -1.51
N VAL D 300 17.35 35.78 -0.20
CA VAL D 300 18.41 35.72 0.77
C VAL D 300 18.07 34.63 1.77
N LEU D 301 19.07 33.82 2.10
CA LEU D 301 18.89 32.64 2.94
C LEU D 301 19.72 32.85 4.19
N GLY D 302 19.04 33.07 5.31
CA GLY D 302 19.67 33.54 6.52
C GLY D 302 20.34 32.43 7.28
N PRO D 303 20.61 32.67 8.56
CA PRO D 303 21.37 31.69 9.35
C PRO D 303 20.59 30.41 9.61
N ASN D 304 21.31 29.29 9.49
CA ASN D 304 20.85 27.93 9.83
C ASN D 304 19.66 27.49 8.98
N VAL D 305 19.88 27.48 7.67
CA VAL D 305 18.86 27.13 6.69
C VAL D 305 19.31 25.90 5.92
N SER D 306 18.44 24.89 5.82
CA SER D 306 18.69 23.68 5.06
C SER D 306 17.69 23.56 3.92
N ILE D 307 18.18 23.33 2.71
CA ILE D 307 17.35 23.20 1.51
C ILE D 307 17.55 21.80 0.94
N GLY D 308 16.45 21.13 0.58
CA GLY D 308 16.51 19.80 0.03
C GLY D 308 16.48 19.80 -1.50
N LYS D 309 16.38 18.60 -2.06
CA LYS D 309 16.50 18.44 -3.50
C LYS D 309 15.20 18.81 -4.21
N GLY D 310 15.33 19.43 -5.38
CA GLY D 310 14.16 19.79 -6.15
C GLY D 310 13.34 20.90 -5.57
N VAL D 311 13.91 21.73 -4.72
CA VAL D 311 13.19 22.82 -4.08
C VAL D 311 13.33 24.06 -4.93
N THR D 312 12.20 24.59 -5.40
CA THR D 312 12.17 25.85 -6.13
C THR D 312 11.94 26.97 -5.12
N VAL D 313 12.88 27.91 -5.06
CA VAL D 313 12.79 29.07 -4.18
C VAL D 313 12.69 30.30 -5.06
N GLY D 314 11.59 31.05 -4.92
CA GLY D 314 11.32 32.18 -5.77
C GLY D 314 12.16 33.41 -5.46
N GLU D 315 11.83 34.50 -6.15
CA GLU D 315 12.58 35.74 -5.99
C GLU D 315 12.09 36.51 -4.78
N GLY D 316 13.02 37.08 -4.04
CA GLY D 316 12.68 37.84 -2.86
C GLY D 316 12.33 37.02 -1.64
N VAL D 317 12.60 35.72 -1.67
CA VAL D 317 12.25 34.83 -0.56
C VAL D 317 13.24 35.04 0.58
N ARG D 318 12.73 35.35 1.76
CA ARG D 318 13.51 35.35 2.98
C ARG D 318 13.37 34.00 3.65
N LEU D 319 14.49 33.37 3.96
CA LEU D 319 14.51 32.08 4.64
C LEU D 319 15.48 32.19 5.81
N ARG D 320 14.98 32.05 7.03
CA ARG D 320 15.85 32.14 8.18
C ARG D 320 15.48 31.08 9.19
N GLU D 321 16.48 30.30 9.63
CA GLU D 321 16.37 29.26 10.65
C GLU D 321 15.32 28.21 10.26
N SER D 322 15.45 27.66 9.07
CA SER D 322 14.39 26.85 8.52
C SER D 322 14.94 25.57 7.92
N ILE D 323 14.03 24.63 7.68
CA ILE D 323 14.30 23.39 6.96
C ILE D 323 13.25 23.28 5.88
N VAL D 324 13.68 23.25 4.63
CA VAL D 324 12.77 23.10 3.49
C VAL D 324 12.99 21.72 2.91
N LEU D 325 12.01 20.85 3.07
CA LEU D 325 12.14 19.48 2.62
C LEU D 325 11.94 19.39 1.11
N HIS D 326 12.20 18.21 0.57
CA HIS D 326 12.39 18.08 -0.88
C HIS D 326 11.05 18.15 -1.62
N GLY D 327 11.08 18.84 -2.76
CA GLY D 327 9.90 19.03 -3.57
C GLY D 327 9.10 20.26 -3.25
N ALA D 328 9.43 20.98 -2.18
CA ALA D 328 8.66 22.13 -1.76
C ALA D 328 8.93 23.33 -2.66
N THR D 329 7.91 24.17 -2.80
CA THR D 329 7.96 25.36 -3.65
C THR D 329 7.61 26.58 -2.83
N LEU D 330 8.52 27.53 -2.76
CA LEU D 330 8.24 28.83 -2.15
C LEU D 330 8.15 29.85 -3.28
N GLN D 331 6.99 30.49 -3.40
CA GLN D 331 6.77 31.47 -4.45
C GLN D 331 7.37 32.81 -4.02
N GLU D 332 7.13 33.84 -4.81
CA GLU D 332 7.89 35.08 -4.72
C GLU D 332 7.52 35.89 -3.48
N HIS D 333 8.54 36.53 -2.89
CA HIS D 333 8.41 37.44 -1.73
C HIS D 333 7.82 36.76 -0.52
N THR D 334 8.18 35.50 -0.31
CA THR D 334 7.69 34.69 0.80
C THR D 334 8.70 34.71 1.93
N CYS D 335 8.26 35.06 3.13
CA CYS D 335 9.12 35.09 4.31
C CYS D 335 8.84 33.86 5.17
N VAL D 336 9.86 33.04 5.38
CA VAL D 336 9.75 31.82 6.17
C VAL D 336 10.79 31.87 7.27
N LEU D 337 10.32 31.90 8.52
CA LEU D 337 11.18 32.01 9.69
C LEU D 337 10.79 30.96 10.72
N HIS D 338 11.78 30.20 11.20
CA HIS D 338 11.64 29.19 12.25
C HIS D 338 10.58 28.13 11.90
N SER D 339 10.71 27.58 10.69
CA SER D 339 9.68 26.70 10.19
C SER D 339 10.29 25.47 9.56
N ILE D 340 9.47 24.43 9.41
CA ILE D 340 9.83 23.24 8.68
C ILE D 340 8.79 23.06 7.59
N VAL D 341 9.22 23.18 6.34
CA VAL D 341 8.34 23.14 5.18
C VAL D 341 8.42 21.74 4.60
N GLY D 342 7.29 21.04 4.58
CA GLY D 342 7.26 19.63 4.26
C GLY D 342 7.47 19.31 2.79
N TRP D 343 7.35 18.02 2.48
CA TRP D 343 7.68 17.49 1.16
C TRP D 343 6.57 17.81 0.17
N GLY D 344 6.92 18.51 -0.91
CA GLY D 344 5.94 18.87 -1.91
C GLY D 344 4.98 19.95 -1.50
N SER D 345 5.19 20.58 -0.36
CA SER D 345 4.27 21.59 0.14
C SER D 345 4.60 22.94 -0.47
N THR D 346 3.58 23.63 -0.95
CA THR D 346 3.74 24.85 -1.72
C THR D 346 3.26 26.05 -0.91
N VAL D 347 4.09 27.09 -0.85
CA VAL D 347 3.75 28.33 -0.16
C VAL D 347 3.60 29.42 -1.21
N GLY D 348 2.42 30.07 -1.23
CA GLY D 348 2.11 31.06 -2.23
C GLY D 348 2.84 32.37 -2.01
N ARG D 349 2.62 33.30 -2.94
CA ARG D 349 3.38 34.53 -2.95
C ARG D 349 2.89 35.50 -1.87
N TRP D 350 3.84 36.23 -1.28
CA TRP D 350 3.67 37.15 -0.15
C TRP D 350 3.10 36.47 1.09
N ALA D 351 3.23 35.15 1.20
CA ALA D 351 2.80 34.44 2.39
C ALA D 351 3.93 34.44 3.41
N ARG D 352 3.57 34.40 4.68
CA ARG D 352 4.52 34.45 5.76
C ARG D 352 4.33 33.23 6.65
N VAL D 353 5.31 32.35 6.67
CA VAL D 353 5.29 31.14 7.48
C VAL D 353 6.26 31.36 8.62
N GLU D 354 5.76 31.65 9.82
CA GLU D 354 6.59 32.09 10.92
C GLU D 354 6.38 31.21 12.14
N GLY D 355 7.49 30.90 12.83
CA GLY D 355 7.42 30.22 14.10
C GLY D 355 8.21 30.98 15.14
N THR D 356 8.09 30.54 16.39
CA THR D 356 8.80 31.16 17.50
C THR D 356 9.92 30.20 17.86
N PRO D 357 11.14 30.71 18.04
CA PRO D 357 12.28 29.85 18.35
C PRO D 357 12.12 29.08 19.67
N SER D 358 12.21 27.77 19.59
CA SER D 358 12.09 26.92 20.77
C SER D 358 13.13 25.80 20.67
N ASP D 359 14.24 25.94 21.39
CA ASP D 359 15.30 24.96 21.34
C ASP D 359 15.41 24.10 22.59
N PRO D 360 15.65 22.81 22.40
CA PRO D 360 15.79 21.83 23.48
C PRO D 360 17.26 21.64 23.87
N ASN D 361 17.88 22.67 24.43
CA ASN D 361 19.28 22.61 24.84
C ASN D 361 19.36 22.52 26.36
N PRO D 362 20.20 21.61 26.90
CA PRO D 362 20.24 21.47 28.35
C PRO D 362 21.01 22.57 29.08
N ASN D 363 21.54 23.56 28.38
CA ASN D 363 22.29 24.63 29.03
C ASN D 363 21.48 25.90 29.24
N ASP D 364 20.43 26.12 28.46
CA ASP D 364 19.58 27.29 28.62
C ASP D 364 18.63 27.10 29.79
N PRO D 365 18.58 28.05 30.74
CA PRO D 365 17.70 27.86 31.91
C PRO D 365 16.22 27.97 31.60
N ARG D 366 15.83 28.85 30.69
CA ARG D 366 14.44 28.92 30.23
C ARG D 366 14.24 28.28 28.87
N ALA D 367 15.01 27.24 28.56
CA ALA D 367 14.60 26.28 27.55
C ALA D 367 13.41 25.50 28.08
N ARG D 368 12.61 24.96 27.16
CA ARG D 368 11.34 24.39 27.55
C ARG D 368 11.52 22.99 28.09
N MET D 369 10.49 22.53 28.77
CA MET D 369 10.57 21.36 29.63
C MET D 369 10.24 20.07 28.87
N ASP D 370 9.82 20.20 27.60
CA ASP D 370 9.89 19.14 26.58
C ASP D 370 9.01 17.92 26.92
N SER D 371 7.74 18.17 27.17
CA SER D 371 6.79 17.12 27.46
C SER D 371 6.12 16.63 26.17
N GLU D 372 5.30 15.59 26.33
CA GLU D 372 4.49 15.09 25.21
C GLU D 372 3.42 16.10 24.81
N SER D 373 2.91 16.86 25.78
CA SER D 373 1.89 17.87 25.49
C SER D 373 2.52 19.07 24.82
N LEU D 374 1.93 19.49 23.70
CA LEU D 374 2.29 20.74 23.04
C LEU D 374 1.51 21.92 23.60
N PHE D 375 0.78 21.72 24.69
CA PHE D 375 -0.22 22.66 25.14
C PHE D 375 0.07 23.12 26.56
N LYS D 376 -0.61 24.20 26.94
CA LYS D 376 -0.57 24.70 28.31
C LYS D 376 -1.86 25.46 28.53
N ASP D 377 -2.68 25.00 29.50
CA ASP D 377 -3.89 25.68 29.96
C ASP D 377 -4.90 25.86 28.84
N GLY D 378 -4.96 24.87 27.95
CA GLY D 378 -5.70 24.95 26.72
C GLY D 378 -4.94 25.57 25.57
N LYS D 379 -4.04 26.52 25.86
CA LYS D 379 -3.35 27.27 24.84
C LYS D 379 -2.20 26.46 24.24
N LEU D 380 -2.09 26.49 22.92
CA LEU D 380 -0.94 25.91 22.24
C LEU D 380 0.29 26.76 22.52
N LEU D 381 1.39 26.10 22.81
CA LEU D 381 2.62 26.82 23.12
C LEU D 381 3.25 27.38 21.85
N PRO D 382 3.84 28.57 21.91
CA PRO D 382 4.52 29.13 20.73
C PRO D 382 5.79 28.38 20.40
N ALA D 383 5.83 27.74 19.23
CA ALA D 383 6.94 26.88 18.89
C ALA D 383 7.14 26.94 17.39
N ILE D 384 7.86 25.94 16.87
CA ILE D 384 8.23 25.89 15.46
C ILE D 384 6.98 25.61 14.62
N THR D 385 6.79 26.38 13.56
CA THR D 385 5.71 26.14 12.62
C THR D 385 6.07 24.94 11.74
N ILE D 386 5.22 23.94 11.71
CA ILE D 386 5.49 22.73 10.96
C ILE D 386 4.40 22.56 9.91
N LEU D 387 4.79 22.50 8.65
CA LEU D 387 3.90 22.14 7.56
C LEU D 387 4.15 20.70 7.17
N GLY D 388 3.09 19.91 7.06
CA GLY D 388 3.22 18.53 6.64
C GLY D 388 3.45 18.45 5.13
N CYS D 389 3.45 17.21 4.65
CA CYS D 389 3.69 17.02 3.22
C CYS D 389 2.47 17.41 2.42
N ARG D 390 2.72 18.01 1.25
CA ARG D 390 1.71 18.44 0.27
C ARG D 390 0.70 19.41 0.87
N VAL D 391 1.19 20.34 1.68
CA VAL D 391 0.36 21.37 2.28
C VAL D 391 0.40 22.60 1.38
N ARG D 392 -0.75 23.06 0.93
CA ARG D 392 -0.83 24.23 0.07
C ARG D 392 -1.17 25.46 0.89
N ILE D 393 -0.26 26.42 0.95
CA ILE D 393 -0.47 27.70 1.60
C ILE D 393 -0.84 28.71 0.53
N PRO D 394 -2.00 29.37 0.63
CA PRO D 394 -2.40 30.32 -0.42
C PRO D 394 -1.60 31.61 -0.33
N ALA D 395 -1.84 32.47 -1.32
CA ALA D 395 -1.08 33.70 -1.44
C ALA D 395 -1.53 34.71 -0.39
N GLU D 396 -0.56 35.45 0.14
CA GLU D 396 -0.75 36.57 1.09
C GLU D 396 -1.44 36.12 2.37
N VAL D 397 -1.04 34.96 2.88
CA VAL D 397 -1.67 34.33 4.04
C VAL D 397 -0.57 34.03 5.05
N LEU D 398 -0.81 34.38 6.31
CA LEU D 398 0.14 34.18 7.39
C LEU D 398 -0.18 32.89 8.15
N ILE D 399 0.83 32.04 8.30
CA ILE D 399 0.76 30.87 9.18
C ILE D 399 1.74 31.10 10.31
N LEU D 400 1.22 31.41 11.50
CA LEU D 400 2.04 31.82 12.63
C LEU D 400 1.87 30.82 13.76
N ASN D 401 3.00 30.22 14.19
CA ASN D 401 3.09 29.31 15.34
C ASN D 401 2.17 28.10 15.22
N SER D 402 1.93 27.62 14.00
CA SER D 402 0.89 26.65 13.76
C SER D 402 1.48 25.33 13.27
N ILE D 403 0.74 24.25 13.51
CA ILE D 403 1.06 22.94 12.97
C ILE D 403 -0.02 22.59 11.97
N VAL D 404 0.37 22.33 10.73
CA VAL D 404 -0.55 21.98 9.67
C VAL D 404 -0.30 20.52 9.30
N LEU D 405 -1.34 19.71 9.39
CA LEU D 405 -1.23 18.30 9.10
C LEU D 405 -1.19 18.08 7.59
N PRO D 406 -0.63 16.96 7.11
CA PRO D 406 -0.36 16.83 5.67
C PRO D 406 -1.61 16.75 4.80
N HIS D 407 -1.38 17.06 3.51
CA HIS D 407 -2.39 17.10 2.45
C HIS D 407 -3.54 18.04 2.80
N LYS D 408 -3.20 19.20 3.33
CA LYS D 408 -4.17 20.22 3.70
C LYS D 408 -4.02 21.42 2.79
N GLU D 409 -5.14 21.90 2.28
CA GLU D 409 -5.18 23.11 1.47
C GLU D 409 -5.84 24.21 2.29
N LEU D 410 -5.06 25.22 2.66
CA LEU D 410 -5.59 26.29 3.48
C LEU D 410 -6.12 27.41 2.60
N SER D 411 -6.94 28.27 3.22
CA SER D 411 -7.56 29.37 2.50
C SER D 411 -7.49 30.69 3.22
N ARG D 412 -7.09 30.72 4.49
CA ARG D 412 -7.01 31.95 5.25
C ARG D 412 -5.83 31.85 6.21
N SER D 413 -5.62 32.91 6.98
CA SER D 413 -4.53 32.96 7.92
C SER D 413 -4.87 32.21 9.20
N PHE D 414 -3.88 31.48 9.73
CA PHE D 414 -4.03 30.71 10.96
C PHE D 414 -2.93 31.09 11.91
N THR D 415 -3.29 31.44 13.15
CA THR D 415 -2.32 31.80 14.18
C THR D 415 -2.54 30.94 15.42
N ASN D 416 -1.47 30.28 15.88
CA ASN D 416 -1.39 29.53 17.14
C ASN D 416 -2.40 28.37 17.20
N GLN D 417 -2.41 27.54 16.15
CA GLN D 417 -3.41 26.50 16.01
C GLN D 417 -2.75 25.19 15.61
N ILE D 418 -3.52 24.11 15.64
CA ILE D 418 -3.17 22.85 15.02
C ILE D 418 -4.26 22.55 14.00
N ILE D 419 -3.94 22.69 12.73
CA ILE D 419 -4.93 22.56 11.66
C ILE D 419 -4.97 21.10 11.25
N LEU D 420 -6.05 20.42 11.62
CA LEU D 420 -6.16 19.00 11.42
C LEU D 420 -6.40 18.62 9.97
N MET E 1 -28.24 -81.13 -18.57
CA MET E 1 -27.41 -79.98 -18.25
C MET E 1 -27.19 -79.09 -19.48
N LYS E 2 -27.52 -77.82 -19.35
CA LYS E 2 -27.45 -76.88 -20.45
C LYS E 2 -26.36 -75.86 -20.19
N ALA E 3 -26.26 -74.91 -21.12
CA ALA E 3 -25.33 -73.80 -21.00
C ALA E 3 -25.85 -72.60 -21.77
N LEU E 4 -25.35 -71.43 -21.42
CA LEU E 4 -25.71 -70.21 -22.12
C LEU E 4 -24.43 -69.51 -22.60
N ILE E 5 -24.47 -68.99 -23.81
CA ILE E 5 -23.37 -68.22 -24.36
C ILE E 5 -23.83 -66.78 -24.50
N LEU E 6 -23.03 -65.86 -23.96
CA LEU E 6 -23.29 -64.46 -24.22
C LEU E 6 -22.54 -64.06 -25.49
N VAL E 7 -23.31 -63.67 -26.50
CA VAL E 7 -22.76 -63.32 -27.80
C VAL E 7 -23.54 -62.17 -28.43
N GLY E 8 -24.34 -61.53 -27.58
CA GLY E 8 -25.17 -60.42 -27.96
C GLY E 8 -24.61 -59.57 -29.07
N GLY E 9 -23.96 -58.46 -28.73
CA GLY E 9 -23.52 -57.58 -29.78
C GLY E 9 -22.09 -57.21 -30.08
N TYR E 10 -22.01 -56.30 -31.03
CA TYR E 10 -20.79 -55.70 -31.56
C TYR E 10 -19.78 -55.41 -30.48
N GLY E 11 -18.61 -56.04 -30.58
CA GLY E 11 -17.56 -55.82 -29.63
C GLY E 11 -16.79 -54.60 -30.09
N THR E 12 -16.92 -53.51 -29.35
CA THR E 12 -16.27 -52.26 -29.69
C THR E 12 -14.78 -52.42 -29.96
N ARG E 13 -14.07 -53.18 -29.12
CA ARG E 13 -12.65 -53.35 -29.41
C ARG E 13 -12.58 -54.23 -30.67
N LEU E 14 -11.45 -54.21 -31.37
CA LEU E 14 -11.28 -54.98 -32.61
C LEU E 14 -12.40 -54.66 -33.60
N ARG E 15 -12.79 -53.39 -33.59
CA ARG E 15 -13.85 -52.82 -34.42
C ARG E 15 -13.71 -52.99 -35.93
N PRO E 16 -12.52 -52.98 -36.58
CA PRO E 16 -12.50 -53.27 -38.03
C PRO E 16 -12.91 -54.68 -38.41
N LEU E 17 -12.84 -55.64 -37.50
CA LEU E 17 -13.35 -56.98 -37.77
C LEU E 17 -14.82 -57.10 -37.40
N THR E 18 -15.24 -56.41 -36.32
CA THR E 18 -16.60 -56.51 -35.82
C THR E 18 -17.59 -55.78 -36.74
N LEU E 19 -17.10 -54.88 -37.59
CA LEU E 19 -18.01 -54.11 -38.42
C LEU E 19 -18.61 -54.94 -39.55
N SER E 20 -17.92 -55.97 -40.02
CA SER E 20 -18.46 -56.77 -41.12
C SER E 20 -19.10 -58.07 -40.64
N THR E 21 -18.36 -58.89 -39.90
CA THR E 21 -18.91 -60.06 -39.25
C THR E 21 -19.07 -59.80 -37.75
N PRO E 22 -19.97 -60.49 -37.07
CA PRO E 22 -20.05 -60.37 -35.61
C PRO E 22 -18.81 -60.92 -34.92
N LYS E 23 -18.58 -60.39 -33.71
CA LYS E 23 -17.42 -60.77 -32.90
C LYS E 23 -17.27 -62.26 -32.60
N PRO E 24 -18.32 -63.05 -32.32
CA PRO E 24 -18.09 -64.50 -32.20
C PRO E 24 -17.87 -65.20 -33.53
N LEU E 25 -18.14 -64.55 -34.66
CA LEU E 25 -18.02 -65.17 -35.98
C LEU E 25 -16.65 -64.95 -36.61
N VAL E 26 -15.79 -64.17 -35.97
CA VAL E 26 -14.45 -63.91 -36.49
C VAL E 26 -13.59 -65.15 -36.31
N ASP E 27 -12.86 -65.48 -37.36
CA ASP E 27 -12.06 -66.69 -37.47
C ASP E 27 -10.85 -66.62 -36.56
N PHE E 28 -10.79 -67.52 -35.58
CA PHE E 28 -9.66 -67.60 -34.65
C PHE E 28 -8.96 -68.92 -34.88
N CYS E 29 -7.81 -68.86 -35.57
CA CYS E 29 -7.06 -70.00 -36.11
C CYS E 29 -7.96 -70.90 -36.95
N ASN E 30 -8.45 -70.29 -38.04
CA ASN E 30 -9.22 -70.94 -39.11
C ASN E 30 -10.50 -71.59 -38.61
N LYS E 31 -11.12 -71.00 -37.59
CA LYS E 31 -12.34 -71.48 -36.97
C LYS E 31 -12.93 -70.34 -36.17
N PRO E 32 -14.24 -70.11 -36.22
CA PRO E 32 -14.85 -69.11 -35.35
C PRO E 32 -14.74 -69.51 -33.89
N ILE E 33 -14.61 -68.51 -33.02
CA ILE E 33 -14.34 -68.77 -31.61
C ILE E 33 -15.59 -69.36 -30.94
N LEU E 34 -16.78 -69.04 -31.45
CA LEU E 34 -17.98 -69.70 -30.96
C LEU E 34 -18.06 -71.15 -31.39
N LEU E 35 -17.47 -71.53 -32.54
CA LEU E 35 -17.35 -72.94 -32.87
C LEU E 35 -16.40 -73.65 -31.91
N HIS E 36 -15.34 -72.96 -31.46
CA HIS E 36 -14.45 -73.49 -30.44
C HIS E 36 -15.21 -73.78 -29.15
N GLN E 37 -16.03 -72.81 -28.70
CA GLN E 37 -16.70 -72.99 -27.42
C GLN E 37 -17.83 -74.02 -27.51
N VAL E 38 -18.55 -74.05 -28.64
CA VAL E 38 -19.62 -75.05 -28.77
C VAL E 38 -19.07 -76.44 -29.09
N GLU E 39 -17.89 -76.56 -29.72
CA GLU E 39 -17.29 -77.86 -29.94
C GLU E 39 -16.74 -78.46 -28.65
N ALA E 40 -16.09 -77.62 -27.83
CA ALA E 40 -15.61 -78.12 -26.54
C ALA E 40 -16.78 -78.38 -25.61
N LEU E 41 -17.87 -77.63 -25.78
CA LEU E 41 -19.05 -77.81 -24.96
C LEU E 41 -19.78 -79.10 -25.33
N ALA E 42 -19.78 -79.46 -26.62
CA ALA E 42 -20.32 -80.75 -27.05
C ALA E 42 -19.39 -81.90 -26.68
N ALA E 43 -18.08 -81.63 -26.57
CA ALA E 43 -17.18 -82.60 -25.95
C ALA E 43 -17.45 -82.76 -24.47
N ALA E 44 -18.07 -81.77 -23.82
CA ALA E 44 -18.44 -81.91 -22.42
C ALA E 44 -19.65 -82.84 -22.24
N GLY E 45 -20.61 -82.79 -23.15
CA GLY E 45 -21.83 -83.57 -23.04
C GLY E 45 -23.10 -82.76 -22.80
N VAL E 46 -23.05 -81.43 -22.93
CA VAL E 46 -24.23 -80.61 -22.81
C VAL E 46 -25.15 -80.86 -24.01
N ASP E 47 -26.42 -81.20 -23.74
CA ASP E 47 -27.33 -81.59 -24.82
C ASP E 47 -27.86 -80.42 -25.66
N HIS E 48 -28.08 -79.25 -25.06
CA HIS E 48 -28.37 -78.05 -25.84
C HIS E 48 -27.84 -76.80 -25.14
N VAL E 49 -27.40 -75.83 -25.94
CA VAL E 49 -26.88 -74.55 -25.45
C VAL E 49 -27.71 -73.41 -26.03
N ILE E 50 -27.90 -72.36 -25.24
CA ILE E 50 -28.69 -71.20 -25.64
C ILE E 50 -27.71 -70.09 -25.92
N LEU E 51 -27.95 -69.32 -26.97
CA LEU E 51 -27.08 -68.20 -27.28
C LEU E 51 -27.93 -66.95 -27.37
N ALA E 52 -27.57 -65.92 -26.61
CA ALA E 52 -28.46 -64.76 -26.49
C ALA E 52 -27.90 -63.54 -27.20
N VAL E 53 -28.57 -63.13 -28.30
CA VAL E 53 -28.09 -62.13 -29.24
C VAL E 53 -29.04 -60.94 -29.29
N SER E 54 -28.54 -59.73 -29.01
CA SER E 54 -29.29 -58.49 -29.22
C SER E 54 -29.20 -57.96 -30.64
N TYR E 55 -28.00 -57.93 -31.21
CA TYR E 55 -27.81 -57.55 -32.60
C TYR E 55 -28.49 -58.57 -33.50
N MET E 56 -29.27 -58.12 -34.49
CA MET E 56 -29.63 -59.05 -35.54
C MET E 56 -28.44 -59.53 -36.33
N SER E 57 -28.27 -60.83 -36.32
CA SER E 57 -27.22 -61.53 -37.03
C SER E 57 -27.85 -62.75 -37.70
N GLN E 58 -28.35 -62.53 -38.92
CA GLN E 58 -28.97 -63.59 -39.68
C GLN E 58 -27.94 -64.58 -40.21
N VAL E 59 -26.71 -64.11 -40.41
CA VAL E 59 -25.63 -64.99 -40.83
C VAL E 59 -25.23 -65.90 -39.68
N LEU E 60 -25.24 -65.38 -38.43
CA LEU E 60 -25.02 -66.21 -37.25
C LEU E 60 -26.15 -67.22 -37.07
N GLU E 61 -27.39 -66.81 -37.35
CA GLU E 61 -28.54 -67.68 -37.32
C GLU E 61 -28.40 -68.86 -38.28
N LYS E 62 -28.06 -68.58 -39.54
CA LYS E 62 -27.98 -69.65 -40.54
C LYS E 62 -26.73 -70.51 -40.34
N GLU E 63 -25.62 -69.90 -39.89
CA GLU E 63 -24.42 -70.67 -39.54
C GLU E 63 -24.63 -71.56 -38.33
N MET E 64 -25.38 -71.08 -37.31
CA MET E 64 -25.67 -71.98 -36.20
C MET E 64 -26.68 -73.06 -36.54
N LYS E 65 -27.69 -72.80 -37.38
CA LYS E 65 -28.58 -73.88 -37.81
C LYS E 65 -27.81 -74.97 -38.56
N ALA E 66 -26.81 -74.57 -39.37
CA ALA E 66 -25.90 -75.54 -39.98
C ALA E 66 -25.11 -76.31 -38.92
N GLN E 67 -24.60 -75.61 -37.91
CA GLN E 67 -23.80 -76.27 -36.87
C GLN E 67 -24.66 -77.12 -35.93
N GLU E 68 -25.95 -76.80 -35.87
CA GLU E 68 -26.93 -77.64 -35.18
C GLU E 68 -27.07 -78.98 -35.89
N GLN E 69 -27.25 -78.95 -37.22
CA GLN E 69 -27.21 -80.17 -38.02
C GLN E 69 -25.87 -80.88 -37.91
N ARG E 70 -24.77 -80.13 -37.76
CA ARG E 70 -23.44 -80.72 -37.74
C ARG E 70 -23.17 -81.52 -36.46
N LEU E 71 -23.18 -80.86 -35.29
CA LEU E 71 -22.69 -81.55 -34.10
C LEU E 71 -23.71 -82.46 -33.42
N GLY E 72 -25.00 -82.30 -33.69
CA GLY E 72 -25.99 -83.15 -33.07
C GLY E 72 -26.52 -82.67 -31.74
N ILE E 73 -26.10 -81.50 -31.27
CA ILE E 73 -26.69 -80.88 -30.10
C ILE E 73 -27.64 -79.79 -30.56
N ARG E 74 -28.74 -79.63 -29.83
CA ARG E 74 -29.73 -78.63 -30.18
C ARG E 74 -29.25 -77.24 -29.78
N ILE E 75 -29.86 -76.22 -30.39
CA ILE E 75 -29.61 -74.82 -30.04
C ILE E 75 -30.88 -74.01 -30.23
N SER E 76 -31.38 -73.42 -29.14
CA SER E 76 -32.41 -72.40 -29.17
C SER E 76 -31.76 -71.02 -29.01
N MET E 77 -32.31 -70.03 -29.71
CA MET E 77 -31.68 -68.72 -29.83
C MET E 77 -32.54 -67.68 -29.12
N SER E 78 -32.02 -67.13 -28.02
CA SER E 78 -32.68 -66.04 -27.31
C SER E 78 -32.50 -64.74 -28.07
N HIS E 79 -33.61 -64.10 -28.45
CA HIS E 79 -33.60 -62.92 -29.30
C HIS E 79 -34.02 -61.69 -28.52
N GLU E 80 -33.19 -60.65 -28.57
CA GLU E 80 -33.40 -59.43 -27.81
C GLU E 80 -33.59 -58.27 -28.78
N GLU E 81 -34.51 -57.36 -28.44
CA GLU E 81 -34.78 -56.22 -29.32
C GLU E 81 -33.94 -55.00 -28.97
N GLU E 82 -33.75 -54.69 -27.68
CA GLU E 82 -32.70 -53.74 -27.36
C GLU E 82 -31.59 -54.47 -26.60
N PRO E 83 -30.41 -53.86 -26.38
CA PRO E 83 -29.39 -54.50 -25.52
C PRO E 83 -29.83 -54.77 -24.10
N LEU E 84 -29.73 -56.04 -23.71
CA LEU E 84 -30.01 -56.45 -22.35
C LEU E 84 -28.76 -56.65 -21.51
N GLY E 85 -27.59 -56.30 -22.03
CA GLY E 85 -26.35 -56.41 -21.29
C GLY E 85 -25.86 -57.84 -21.17
N THR E 86 -25.39 -58.23 -19.98
CA THR E 86 -24.99 -59.61 -19.73
C THR E 86 -25.83 -60.31 -18.66
N ALA E 87 -26.60 -59.58 -17.87
CA ALA E 87 -27.52 -60.22 -16.92
C ALA E 87 -28.92 -60.39 -17.49
N GLY E 88 -29.43 -59.39 -18.20
CA GLY E 88 -30.64 -59.51 -19.00
C GLY E 88 -30.82 -60.71 -19.93
N PRO E 89 -29.76 -61.14 -20.65
CA PRO E 89 -29.86 -62.40 -21.40
C PRO E 89 -30.16 -63.63 -20.55
N LEU E 90 -29.72 -63.65 -19.29
CA LEU E 90 -30.12 -64.72 -18.38
C LEU E 90 -31.60 -64.63 -18.04
N ALA E 91 -32.10 -63.42 -17.76
CA ALA E 91 -33.48 -63.23 -17.36
C ALA E 91 -34.47 -63.38 -18.51
N LEU E 92 -34.02 -63.22 -19.76
CA LEU E 92 -34.95 -63.44 -20.88
C LEU E 92 -35.09 -64.92 -21.22
N ALA E 93 -34.02 -65.70 -21.07
CA ALA E 93 -34.12 -67.15 -21.20
C ALA E 93 -34.23 -67.85 -19.86
N ARG E 94 -34.94 -67.23 -18.90
CA ARG E 94 -34.94 -67.74 -17.53
C ARG E 94 -35.84 -68.95 -17.33
N ASP E 95 -36.88 -69.11 -18.13
CA ASP E 95 -37.70 -70.31 -18.01
C ASP E 95 -37.03 -71.53 -18.63
N LEU E 96 -36.19 -71.34 -19.66
CA LEU E 96 -35.51 -72.47 -20.30
C LEU E 96 -34.38 -72.98 -19.45
N LEU E 97 -33.86 -72.15 -18.55
CA LEU E 97 -32.94 -72.57 -17.53
C LEU E 97 -33.65 -72.94 -16.22
N SER E 98 -34.93 -72.58 -16.09
CA SER E 98 -35.74 -72.85 -14.92
C SER E 98 -36.62 -74.10 -15.07
N GLU E 99 -36.67 -74.72 -16.26
CA GLU E 99 -37.33 -76.02 -16.47
C GLU E 99 -36.78 -77.09 -15.53
N THR E 100 -35.46 -77.18 -15.40
CA THR E 100 -34.82 -78.29 -14.69
C THR E 100 -33.89 -77.71 -13.63
N ALA E 101 -33.94 -78.28 -12.43
CA ALA E 101 -33.14 -77.78 -11.31
C ALA E 101 -31.76 -78.43 -11.36
N ASP E 102 -30.87 -77.82 -12.16
CA ASP E 102 -29.54 -78.36 -12.46
C ASP E 102 -28.63 -77.18 -12.79
N PRO E 103 -27.40 -77.17 -12.28
CA PRO E 103 -26.49 -76.04 -12.55
C PRO E 103 -26.09 -75.96 -14.01
N PHE E 104 -26.10 -74.74 -14.53
CA PHE E 104 -25.87 -74.48 -15.94
C PHE E 104 -24.61 -73.62 -16.10
N PHE E 105 -23.94 -73.78 -17.23
CA PHE E 105 -22.81 -72.91 -17.52
C PHE E 105 -23.37 -71.63 -18.14
N VAL E 106 -22.69 -70.50 -17.92
CA VAL E 106 -22.76 -69.34 -18.79
C VAL E 106 -21.33 -68.94 -19.16
N LEU E 107 -21.15 -68.50 -20.41
CA LEU E 107 -19.85 -68.46 -21.03
C LEU E 107 -19.74 -67.22 -21.91
N ASN E 108 -18.69 -66.43 -21.65
CA ASN E 108 -18.39 -65.25 -22.45
C ASN E 108 -17.81 -65.70 -23.77
N SER E 109 -18.12 -64.95 -24.84
CA SER E 109 -17.70 -65.42 -26.16
C SER E 109 -16.23 -65.10 -26.43
N ASP E 110 -15.70 -64.02 -25.86
CA ASP E 110 -14.34 -63.58 -26.18
C ASP E 110 -13.26 -64.44 -25.54
N VAL E 111 -13.62 -65.35 -24.64
CA VAL E 111 -12.64 -66.18 -23.97
C VAL E 111 -12.21 -67.31 -24.90
N ILE E 112 -10.91 -67.44 -25.11
CA ILE E 112 -10.34 -68.70 -25.59
C ILE E 112 -9.34 -69.21 -24.57
N CYS E 113 -9.52 -70.48 -24.19
CA CYS E 113 -8.69 -71.12 -23.18
C CYS E 113 -8.86 -72.62 -23.36
N ASP E 114 -8.25 -73.37 -22.46
CA ASP E 114 -8.40 -74.81 -22.48
C ASP E 114 -9.50 -75.18 -21.47
N PHE E 115 -10.61 -75.73 -21.96
CA PHE E 115 -11.88 -75.64 -21.23
C PHE E 115 -12.02 -76.81 -20.29
N PRO E 116 -11.92 -76.63 -18.96
CA PRO E 116 -12.08 -77.75 -18.02
C PRO E 116 -13.52 -77.84 -17.52
N PHE E 117 -14.41 -78.33 -18.40
CA PHE E 117 -15.84 -78.39 -18.07
C PHE E 117 -16.12 -79.43 -16.98
N GLN E 118 -15.54 -80.63 -17.12
CA GLN E 118 -15.78 -81.72 -16.18
C GLN E 118 -15.21 -81.42 -14.81
N ALA E 119 -14.03 -80.81 -14.76
CA ALA E 119 -13.41 -80.45 -13.49
C ALA E 119 -14.17 -79.33 -12.80
N MET E 120 -14.76 -78.44 -13.60
CA MET E 120 -15.58 -77.36 -13.06
C MET E 120 -16.90 -77.89 -12.50
N VAL E 121 -17.51 -78.88 -13.18
CA VAL E 121 -18.69 -79.54 -12.64
C VAL E 121 -18.34 -80.26 -11.35
N GLN E 122 -17.16 -80.91 -11.29
CA GLN E 122 -16.74 -81.59 -10.07
C GLN E 122 -16.47 -80.61 -8.94
N PHE E 123 -15.95 -79.43 -9.26
CA PHE E 123 -15.70 -78.42 -8.23
C PHE E 123 -16.99 -77.80 -7.73
N HIS E 124 -17.94 -77.53 -8.64
CA HIS E 124 -19.24 -76.98 -8.23
C HIS E 124 -20.04 -77.98 -7.41
N ARG E 125 -19.93 -79.26 -7.77
CA ARG E 125 -20.65 -80.29 -7.03
C ARG E 125 -19.98 -80.49 -5.67
N HIS E 126 -18.65 -80.33 -5.64
CA HIS E 126 -17.91 -80.50 -4.39
C HIS E 126 -18.22 -79.39 -3.40
N HIS E 127 -18.23 -78.13 -3.85
CA HIS E 127 -18.39 -77.05 -2.89
C HIS E 127 -19.83 -76.84 -2.49
N GLY E 128 -20.77 -77.11 -3.40
CA GLY E 128 -22.17 -77.19 -3.03
C GLY E 128 -22.91 -75.90 -2.75
N GLN E 129 -22.51 -74.78 -3.36
CA GLN E 129 -23.23 -73.52 -3.17
C GLN E 129 -23.67 -72.99 -4.53
N GLU E 130 -24.09 -71.72 -4.56
CA GLU E 130 -24.87 -71.17 -5.66
C GLU E 130 -24.06 -71.02 -6.96
N GLY E 131 -22.98 -70.26 -6.93
CA GLY E 131 -22.25 -69.90 -8.14
C GLY E 131 -20.78 -70.24 -8.07
N SER E 132 -20.23 -70.69 -9.19
CA SER E 132 -18.82 -71.03 -9.30
C SER E 132 -18.18 -70.21 -10.42
N ILE E 133 -17.03 -69.60 -10.13
CA ILE E 133 -16.32 -68.73 -11.05
C ILE E 133 -14.97 -69.37 -11.38
N LEU E 134 -14.61 -69.37 -12.66
CA LEU E 134 -13.22 -69.64 -13.04
C LEU E 134 -12.37 -68.38 -12.92
N VAL E 135 -11.19 -68.54 -12.34
CA VAL E 135 -10.24 -67.44 -12.21
C VAL E 135 -8.92 -67.88 -12.81
N THR E 136 -8.08 -66.90 -13.14
CA THR E 136 -6.80 -67.19 -13.75
C THR E 136 -5.76 -66.22 -13.21
N LYS E 137 -4.49 -66.55 -13.47
CA LYS E 137 -3.36 -65.65 -13.27
C LYS E 137 -3.28 -64.63 -14.40
N VAL E 138 -2.66 -63.49 -14.10
CA VAL E 138 -2.18 -62.58 -15.11
C VAL E 138 -0.91 -61.96 -14.55
N GLU E 139 -0.07 -61.45 -15.46
CA GLU E 139 1.20 -60.86 -15.09
C GLU E 139 1.08 -59.39 -14.71
N GLU E 140 -0.13 -58.82 -14.75
CA GLU E 140 -0.33 -57.39 -14.90
C GLU E 140 -1.65 -57.04 -14.21
N PRO E 141 -1.68 -56.94 -12.87
CA PRO E 141 -2.97 -56.85 -12.16
C PRO E 141 -3.65 -55.50 -12.26
N SER E 142 -2.97 -54.48 -12.77
CA SER E 142 -3.52 -53.13 -12.80
C SER E 142 -4.25 -52.80 -14.09
N LYS E 143 -4.88 -53.79 -14.73
CA LYS E 143 -5.83 -53.56 -15.80
C LYS E 143 -7.20 -54.21 -15.59
N TYR E 144 -7.29 -55.23 -14.73
CA TYR E 144 -8.40 -56.17 -14.65
C TYR E 144 -8.79 -56.38 -13.19
N GLY E 145 -10.07 -56.66 -12.97
CA GLY E 145 -10.60 -56.63 -11.61
C GLY E 145 -10.32 -57.91 -10.85
N VAL E 146 -9.85 -57.77 -9.61
CA VAL E 146 -9.21 -58.85 -8.89
C VAL E 146 -10.22 -59.55 -7.96
N VAL E 147 -9.91 -60.81 -7.64
CA VAL E 147 -10.72 -61.75 -6.84
C VAL E 147 -9.85 -62.37 -5.74
N VAL E 148 -10.21 -62.16 -4.48
CA VAL E 148 -9.51 -62.76 -3.36
C VAL E 148 -9.97 -64.20 -3.19
N CYS E 149 -9.10 -65.02 -2.60
CA CYS E 149 -9.29 -66.46 -2.51
C CYS E 149 -8.55 -66.99 -1.29
N GLU E 150 -9.26 -67.71 -0.43
CA GLU E 150 -8.61 -68.45 0.64
C GLU E 150 -8.22 -69.80 0.09
N ALA E 151 -7.15 -70.37 0.63
CA ALA E 151 -6.69 -71.67 0.16
C ALA E 151 -7.60 -72.78 0.66
N ASP E 152 -7.68 -73.85 -0.16
CA ASP E 152 -8.25 -75.18 0.06
C ASP E 152 -9.78 -75.18 0.04
N THR E 153 -10.40 -74.01 -0.06
CA THR E 153 -11.83 -73.89 -0.37
C THR E 153 -12.10 -73.09 -1.63
N GLY E 154 -11.39 -71.99 -1.84
CA GLY E 154 -11.57 -71.13 -2.99
C GLY E 154 -12.71 -70.15 -2.93
N ARG E 155 -13.12 -69.73 -1.73
CA ARG E 155 -14.27 -68.82 -1.61
C ARG E 155 -13.81 -67.39 -1.85
N ILE E 156 -14.66 -66.62 -2.53
CA ILE E 156 -14.39 -65.21 -2.81
C ILE E 156 -15.01 -64.36 -1.71
N HIS E 157 -14.16 -63.86 -0.81
CA HIS E 157 -14.63 -62.95 0.25
C HIS E 157 -15.08 -61.62 -0.32
N ARG E 158 -14.39 -61.13 -1.35
CA ARG E 158 -14.54 -59.76 -1.81
C ARG E 158 -14.30 -59.70 -3.31
N PHE E 159 -15.18 -59.01 -4.02
CA PHE E 159 -15.09 -58.83 -5.46
C PHE E 159 -14.71 -57.38 -5.75
N VAL E 160 -13.54 -57.17 -6.34
CA VAL E 160 -12.99 -55.83 -6.52
C VAL E 160 -12.86 -55.59 -8.01
N GLU E 161 -13.51 -54.53 -8.52
CA GLU E 161 -13.34 -54.16 -9.92
C GLU E 161 -12.10 -53.31 -10.13
N LYS E 162 -11.82 -52.43 -9.19
CA LYS E 162 -10.76 -51.46 -9.37
C LYS E 162 -9.45 -52.02 -8.85
N PRO E 163 -8.42 -52.08 -9.68
CA PRO E 163 -7.10 -52.56 -9.23
C PRO E 163 -6.34 -51.58 -8.34
N GLN E 164 -5.01 -51.78 -8.31
CA GLN E 164 -3.99 -50.81 -7.89
C GLN E 164 -3.89 -50.77 -6.37
N VAL E 165 -4.44 -51.77 -5.68
CA VAL E 165 -4.21 -51.97 -4.26
C VAL E 165 -3.46 -53.27 -3.98
N PHE E 166 -3.45 -54.23 -4.91
CA PHE E 166 -2.84 -55.56 -4.82
C PHE E 166 -3.32 -56.34 -3.60
N VAL E 167 -4.62 -56.61 -3.62
CA VAL E 167 -5.25 -57.53 -2.66
C VAL E 167 -5.39 -58.94 -3.26
N SER E 168 -5.23 -59.08 -4.57
CA SER E 168 -5.33 -60.39 -5.23
C SER E 168 -4.52 -60.41 -6.52
N ASN E 169 -4.08 -61.61 -6.89
CA ASN E 169 -3.47 -61.85 -8.20
C ASN E 169 -4.52 -62.25 -9.22
N LYS E 170 -5.49 -63.06 -8.82
CA LYS E 170 -6.33 -63.71 -9.81
C LYS E 170 -7.43 -62.81 -10.32
N ILE E 171 -7.84 -63.07 -11.55
CA ILE E 171 -8.87 -62.29 -12.23
C ILE E 171 -9.85 -63.24 -12.91
N ASN E 172 -11.06 -62.72 -13.15
CA ASN E 172 -12.17 -63.46 -13.72
C ASN E 172 -11.84 -64.00 -15.11
N ALA E 173 -12.30 -65.23 -15.39
CA ALA E 173 -11.99 -65.92 -16.64
C ALA E 173 -13.20 -66.07 -17.56
N GLY E 174 -14.32 -65.42 -17.24
CA GLY E 174 -15.48 -65.43 -18.11
C GLY E 174 -16.23 -66.74 -18.17
N MET E 175 -16.20 -67.51 -17.08
CA MET E 175 -16.76 -68.86 -17.06
C MET E 175 -17.47 -69.02 -15.74
N TYR E 176 -18.80 -69.15 -15.78
CA TYR E 176 -19.57 -69.25 -14.54
C TYR E 176 -20.48 -70.46 -14.59
N ILE E 177 -20.62 -71.13 -13.45
CA ILE E 177 -21.64 -72.15 -13.24
C ILE E 177 -22.64 -71.58 -12.26
N LEU E 178 -23.90 -71.50 -12.68
CA LEU E 178 -24.92 -70.88 -11.85
C LEU E 178 -26.06 -71.85 -11.58
N SER E 179 -26.58 -71.76 -10.37
CA SER E 179 -27.77 -72.46 -9.94
C SER E 179 -29.00 -71.68 -10.39
N PRO E 180 -30.17 -72.32 -10.43
CA PRO E 180 -31.40 -71.56 -10.78
C PRO E 180 -31.79 -70.46 -9.79
N ALA E 181 -31.35 -70.52 -8.53
CA ALA E 181 -31.68 -69.45 -7.56
C ALA E 181 -30.97 -68.14 -7.91
N VAL E 182 -29.74 -68.25 -8.41
CA VAL E 182 -29.02 -67.10 -8.95
C VAL E 182 -29.80 -66.46 -10.08
N LEU E 183 -30.34 -67.28 -10.99
CA LEU E 183 -31.26 -66.82 -12.01
C LEU E 183 -32.53 -66.21 -11.40
N GLN E 184 -32.98 -66.73 -10.25
CA GLN E 184 -34.17 -66.17 -9.60
C GLN E 184 -33.91 -64.76 -9.09
N ARG E 185 -32.65 -64.42 -8.78
CA ARG E 185 -32.32 -63.02 -8.47
C ARG E 185 -32.43 -62.11 -9.68
N ILE E 186 -32.06 -62.60 -10.86
CA ILE E 186 -31.75 -61.76 -12.00
C ILE E 186 -33.02 -61.16 -12.59
N GLN E 187 -33.04 -59.83 -12.69
CA GLN E 187 -34.17 -59.09 -13.22
C GLN E 187 -33.99 -58.83 -14.71
N LEU E 188 -35.08 -58.41 -15.35
CA LEU E 188 -35.13 -58.35 -16.80
C LEU E 188 -34.54 -57.07 -17.39
N GLN E 189 -34.40 -56.00 -16.59
CA GLN E 189 -33.88 -54.75 -17.12
C GLN E 189 -32.37 -54.86 -17.36
N PRO E 190 -31.83 -54.11 -18.35
CA PRO E 190 -30.42 -54.30 -18.74
C PRO E 190 -29.38 -53.80 -17.74
N THR E 191 -29.13 -54.60 -16.72
CA THR E 191 -27.89 -54.53 -15.97
C THR E 191 -26.93 -55.63 -16.44
N SER E 192 -25.68 -55.49 -16.05
CA SER E 192 -24.73 -56.56 -16.30
C SER E 192 -24.46 -57.32 -15.02
N ILE E 193 -24.19 -58.63 -15.16
CA ILE E 193 -24.13 -59.52 -14.02
C ILE E 193 -22.90 -59.27 -13.15
N GLU E 194 -21.74 -59.03 -13.79
CA GLU E 194 -20.46 -58.91 -13.09
C GLU E 194 -20.33 -57.61 -12.31
N LYS E 195 -21.31 -56.72 -12.43
CA LYS E 195 -21.22 -55.40 -11.82
C LYS E 195 -22.06 -55.32 -10.53
N GLU E 196 -23.28 -55.90 -10.53
CA GLU E 196 -23.93 -56.03 -9.22
C GLU E 196 -24.31 -57.44 -8.82
N VAL E 197 -24.70 -58.32 -9.76
CA VAL E 197 -25.28 -59.59 -9.37
C VAL E 197 -24.22 -60.49 -8.75
N PHE E 198 -23.04 -60.54 -9.35
CA PHE E 198 -21.88 -61.20 -8.74
C PHE E 198 -21.38 -60.46 -7.51
N PRO E 199 -21.60 -59.14 -7.40
CA PRO E 199 -21.11 -58.41 -6.21
C PRO E 199 -21.89 -58.73 -4.94
N ILE E 200 -23.22 -58.79 -5.02
CA ILE E 200 -24.00 -59.16 -3.84
C ILE E 200 -23.90 -60.67 -3.60
N MET E 201 -23.59 -61.45 -4.66
CA MET E 201 -23.38 -62.88 -4.52
C MET E 201 -22.09 -63.15 -3.76
N ALA E 202 -21.06 -62.34 -4.01
CA ALA E 202 -19.83 -62.42 -3.26
C ALA E 202 -19.94 -61.77 -1.89
N LYS E 203 -20.87 -60.82 -1.73
CA LYS E 203 -21.06 -60.13 -0.46
C LYS E 203 -21.63 -61.05 0.61
N GLU E 204 -22.64 -61.85 0.26
CA GLU E 204 -23.05 -62.91 1.18
C GLU E 204 -22.26 -64.19 0.96
N GLY E 205 -21.21 -64.14 0.14
CA GLY E 205 -20.21 -65.18 0.09
C GLY E 205 -20.60 -66.47 -0.58
N GLN E 206 -21.66 -66.46 -1.40
CA GLN E 206 -22.08 -67.68 -2.11
C GLN E 206 -21.16 -68.02 -3.27
N LEU E 207 -20.34 -67.07 -3.72
CA LEU E 207 -19.46 -67.29 -4.86
C LEU E 207 -18.22 -68.07 -4.44
N TYR E 208 -17.87 -69.08 -5.23
CA TYR E 208 -16.68 -69.90 -5.03
C TYR E 208 -15.83 -69.82 -6.30
N ALA E 209 -14.52 -70.01 -6.16
CA ALA E 209 -13.59 -69.80 -7.27
C ALA E 209 -12.70 -71.01 -7.52
N MET E 210 -12.47 -71.28 -8.81
CA MET E 210 -11.73 -72.41 -9.34
C MET E 210 -10.64 -71.90 -10.27
N GLU E 211 -9.46 -72.48 -10.17
CA GLU E 211 -8.29 -72.04 -10.90
C GLU E 211 -8.04 -72.93 -12.10
N LEU E 212 -7.53 -72.34 -13.18
CA LEU E 212 -7.01 -73.19 -14.25
C LEU E 212 -5.53 -73.45 -14.01
N GLN E 213 -4.91 -74.20 -14.92
CA GLN E 213 -3.45 -74.26 -14.90
C GLN E 213 -2.79 -73.24 -15.80
N GLY E 214 -3.26 -73.08 -17.03
CA GLY E 214 -2.63 -72.12 -17.92
C GLY E 214 -3.43 -71.98 -19.17
N PHE E 215 -2.88 -71.16 -20.09
CA PHE E 215 -3.47 -70.88 -21.41
C PHE E 215 -4.89 -70.31 -21.27
N TRP E 216 -4.93 -69.06 -20.86
CA TRP E 216 -6.17 -68.29 -20.90
C TRP E 216 -5.94 -67.00 -21.66
N MET E 217 -6.92 -66.59 -22.46
CA MET E 217 -6.87 -65.27 -23.07
C MET E 217 -8.27 -64.77 -23.42
N ASP E 218 -8.61 -63.61 -22.87
CA ASP E 218 -9.67 -62.77 -23.42
C ASP E 218 -9.11 -62.08 -24.65
N ILE E 219 -9.75 -62.28 -25.81
CA ILE E 219 -9.20 -61.75 -27.05
C ILE E 219 -10.12 -60.68 -27.64
N GLY E 220 -10.82 -59.95 -26.76
CA GLY E 220 -11.71 -58.89 -27.18
C GLY E 220 -11.00 -57.85 -28.03
N GLN E 221 -9.80 -57.45 -27.61
CA GLN E 221 -8.99 -56.47 -28.34
C GLN E 221 -8.17 -57.15 -29.44
N PRO E 222 -7.52 -56.36 -30.31
CA PRO E 222 -6.71 -56.95 -31.40
C PRO E 222 -5.33 -57.42 -30.97
N LYS E 223 -4.66 -56.70 -30.07
CA LYS E 223 -3.36 -57.17 -29.58
C LYS E 223 -3.55 -58.41 -28.71
N ASP E 224 -4.64 -58.45 -27.95
CA ASP E 224 -5.02 -59.65 -27.22
C ASP E 224 -5.44 -60.78 -28.15
N PHE E 225 -6.01 -60.45 -29.32
CA PHE E 225 -6.29 -61.45 -30.35
C PHE E 225 -5.01 -62.09 -30.85
N LEU E 226 -3.98 -61.26 -31.06
CA LEU E 226 -2.71 -61.79 -31.55
C LEU E 226 -2.00 -62.61 -30.49
N THR E 227 -2.03 -62.16 -29.23
CA THR E 227 -1.27 -62.90 -28.23
C THR E 227 -2.03 -64.16 -27.80
N GLY E 228 -3.37 -64.17 -27.98
CA GLY E 228 -4.13 -65.38 -27.78
C GLY E 228 -3.98 -66.36 -28.92
N MET E 229 -3.78 -65.86 -30.16
CA MET E 229 -3.45 -66.74 -31.27
C MET E 229 -2.09 -67.39 -31.07
N CYS E 230 -1.15 -66.62 -30.52
CA CYS E 230 0.19 -67.12 -30.22
C CYS E 230 0.15 -68.21 -29.15
N LEU E 231 -0.63 -67.97 -28.08
CA LEU E 231 -0.72 -68.96 -27.01
C LEU E 231 -1.57 -70.17 -27.40
N PHE E 232 -2.55 -69.99 -28.32
CA PHE E 232 -3.30 -71.12 -28.83
C PHE E 232 -2.46 -72.00 -29.73
N LEU E 233 -1.59 -71.39 -30.54
CA LEU E 233 -0.71 -72.22 -31.36
C LEU E 233 0.37 -72.90 -30.52
N GLN E 234 0.77 -72.28 -29.40
CA GLN E 234 1.60 -72.93 -28.38
C GLN E 234 0.94 -74.20 -27.85
N SER E 235 -0.28 -74.06 -27.31
CA SER E 235 -1.01 -75.18 -26.73
C SER E 235 -1.39 -76.24 -27.77
N LEU E 236 -1.54 -75.81 -29.03
CA LEU E 236 -1.92 -76.74 -30.08
C LEU E 236 -0.70 -77.47 -30.64
N ARG E 237 0.48 -76.84 -30.57
CA ARG E 237 1.73 -77.55 -30.79
C ARG E 237 1.93 -78.62 -29.72
N GLN E 238 1.53 -78.31 -28.49
CA GLN E 238 1.82 -79.22 -27.39
C GLN E 238 0.79 -80.35 -27.28
N LYS E 239 -0.42 -80.19 -27.84
CA LYS E 239 -1.40 -81.29 -27.93
C LYS E 239 -1.52 -81.94 -29.31
N GLN E 240 -1.66 -81.17 -30.40
CA GLN E 240 -1.80 -81.73 -31.75
C GLN E 240 -0.60 -81.28 -32.60
N PRO E 241 0.59 -81.85 -32.41
CA PRO E 241 1.73 -81.39 -33.21
C PRO E 241 1.69 -81.87 -34.66
N GLU E 242 0.75 -82.76 -35.02
CA GLU E 242 0.53 -83.20 -36.39
C GLU E 242 -0.27 -82.21 -37.21
N ARG E 243 -0.97 -81.28 -36.56
CA ARG E 243 -1.95 -80.48 -37.28
C ARG E 243 -1.36 -79.19 -37.82
N LEU E 244 -0.35 -78.65 -37.14
CA LEU E 244 0.44 -77.56 -37.68
C LEU E 244 1.26 -78.02 -38.87
N CYS E 245 1.46 -77.14 -39.84
CA CYS E 245 2.11 -77.52 -41.07
C CYS E 245 3.62 -77.29 -40.99
N SER E 246 4.40 -78.35 -41.27
CA SER E 246 5.86 -78.24 -41.30
C SER E 246 6.34 -78.07 -42.73
N GLY E 247 7.39 -77.25 -42.86
CA GLY E 247 7.99 -77.02 -44.14
C GLY E 247 9.42 -76.57 -44.02
N PRO E 248 10.10 -76.49 -45.16
CA PRO E 248 11.46 -75.93 -45.12
C PRO E 248 11.48 -74.42 -44.91
N GLY E 249 10.53 -73.70 -45.49
CA GLY E 249 10.42 -72.26 -45.26
C GLY E 249 9.42 -71.88 -44.19
N ILE E 250 9.06 -72.82 -43.34
CA ILE E 250 8.13 -72.60 -42.23
C ILE E 250 8.90 -72.67 -40.92
N VAL E 251 8.80 -71.61 -40.13
CA VAL E 251 9.48 -71.49 -38.85
C VAL E 251 8.43 -71.51 -37.74
N GLY E 252 8.67 -72.32 -36.72
CA GLY E 252 7.83 -72.29 -35.54
C GLY E 252 6.49 -72.99 -35.72
N ASN E 253 5.52 -72.57 -34.92
CA ASN E 253 4.19 -73.19 -34.91
C ASN E 253 3.26 -72.42 -35.83
N VAL E 254 3.04 -72.97 -37.02
CA VAL E 254 2.23 -72.35 -38.06
C VAL E 254 1.07 -73.26 -38.42
N LEU E 255 -0.15 -72.73 -38.38
CA LEU E 255 -1.35 -73.42 -38.82
C LEU E 255 -1.75 -72.89 -40.19
N VAL E 256 -1.89 -73.79 -41.15
CA VAL E 256 -2.23 -73.46 -42.54
C VAL E 256 -3.43 -74.30 -42.95
N ASP E 257 -4.49 -73.64 -43.40
CA ASP E 257 -5.67 -74.33 -43.90
C ASP E 257 -5.34 -75.07 -45.19
N PRO E 258 -5.99 -76.21 -45.46
CA PRO E 258 -5.73 -76.94 -46.73
C PRO E 258 -6.07 -76.16 -47.99
N SER E 259 -6.98 -75.19 -47.92
CA SER E 259 -7.29 -74.39 -49.10
C SER E 259 -6.30 -73.25 -49.30
N ALA E 260 -5.42 -73.01 -48.34
CA ALA E 260 -4.42 -71.95 -48.45
C ALA E 260 -3.31 -72.36 -49.42
N ARG E 261 -2.75 -71.37 -50.09
CA ARG E 261 -1.68 -71.58 -51.07
C ARG E 261 -0.49 -70.70 -50.70
N ILE E 262 0.66 -71.33 -50.48
CA ILE E 262 1.88 -70.63 -50.07
C ILE E 262 2.88 -70.72 -51.21
N GLY E 263 3.40 -69.55 -51.64
CA GLY E 263 4.27 -69.49 -52.82
C GLY E 263 5.67 -70.00 -52.54
N GLN E 264 6.52 -69.98 -53.57
CA GLN E 264 7.87 -70.49 -53.39
C GLN E 264 8.78 -69.42 -52.77
N ASN E 265 9.80 -69.88 -52.03
CA ASN E 265 10.90 -69.08 -51.45
C ASN E 265 10.37 -67.92 -50.59
N CYS E 266 9.52 -68.26 -49.62
CA CYS E 266 9.06 -67.29 -48.62
C CYS E 266 9.16 -67.91 -47.24
N SER E 267 9.57 -67.09 -46.26
CA SER E 267 9.71 -67.50 -44.87
C SER E 267 8.51 -67.00 -44.07
N ILE E 268 7.60 -67.91 -43.73
CA ILE E 268 6.52 -67.57 -42.81
C ILE E 268 6.91 -68.00 -41.41
N GLY E 269 7.08 -67.00 -40.54
CA GLY E 269 7.66 -67.16 -39.23
C GLY E 269 6.68 -67.68 -38.21
N PRO E 270 7.05 -67.54 -36.93
CA PRO E 270 6.30 -68.21 -35.86
C PRO E 270 4.96 -67.56 -35.60
N ASN E 271 4.03 -68.39 -35.10
CA ASN E 271 2.71 -67.99 -34.62
C ASN E 271 1.86 -67.37 -35.73
N VAL E 272 1.69 -68.11 -36.82
CA VAL E 272 0.94 -67.64 -37.97
C VAL E 272 -0.20 -68.61 -38.24
N SER E 273 -1.43 -68.09 -38.26
CA SER E 273 -2.60 -68.86 -38.65
C SER E 273 -3.09 -68.33 -39.99
N LEU E 274 -3.06 -69.18 -41.00
CA LEU E 274 -3.34 -68.78 -42.37
C LEU E 274 -4.71 -69.38 -42.74
N GLY E 275 -5.63 -68.53 -43.19
CA GLY E 275 -7.01 -68.94 -43.32
C GLY E 275 -7.29 -69.72 -44.59
N PRO E 276 -8.55 -70.12 -44.75
CA PRO E 276 -8.94 -70.88 -45.95
C PRO E 276 -8.97 -69.99 -47.19
N GLY E 277 -8.33 -70.46 -48.25
CA GLY E 277 -8.36 -69.80 -49.53
C GLY E 277 -7.46 -68.59 -49.69
N VAL E 278 -6.46 -68.42 -48.83
CA VAL E 278 -5.56 -67.28 -48.93
C VAL E 278 -4.45 -67.59 -49.92
N VAL E 279 -3.92 -66.55 -50.56
CA VAL E 279 -2.87 -66.69 -51.56
C VAL E 279 -1.66 -65.91 -51.08
N VAL E 280 -0.63 -66.62 -50.64
CA VAL E 280 0.65 -66.04 -50.27
C VAL E 280 1.61 -66.26 -51.43
N GLU E 281 2.16 -65.16 -51.95
CA GLU E 281 3.02 -65.22 -53.12
C GLU E 281 4.47 -65.38 -52.70
N ASP E 282 5.38 -65.13 -53.65
CA ASP E 282 6.80 -65.42 -53.49
C ASP E 282 7.49 -64.34 -52.67
N GLY E 283 8.30 -64.77 -51.71
CA GLY E 283 9.12 -63.84 -50.96
C GLY E 283 8.43 -63.08 -49.86
N VAL E 284 7.29 -63.57 -49.39
CA VAL E 284 6.50 -62.85 -48.38
C VAL E 284 6.84 -63.39 -47.01
N CYS E 285 7.27 -62.51 -46.12
CA CYS E 285 7.53 -62.88 -44.74
C CYS E 285 6.32 -62.55 -43.89
N ILE E 286 5.75 -63.55 -43.24
CA ILE E 286 4.69 -63.33 -42.26
C ILE E 286 5.13 -63.92 -40.93
N ARG E 287 5.20 -63.09 -39.89
CA ARG E 287 5.44 -63.52 -38.52
C ARG E 287 4.37 -62.93 -37.62
N ARG E 288 3.82 -63.75 -36.72
CA ARG E 288 2.85 -63.34 -35.70
C ARG E 288 1.58 -62.68 -36.26
N CYS E 289 1.26 -62.85 -37.53
CA CYS E 289 0.03 -62.29 -38.10
C CYS E 289 -0.99 -63.39 -38.28
N THR E 290 -2.26 -63.00 -38.31
CA THR E 290 -3.34 -63.92 -38.61
C THR E 290 -4.06 -63.39 -39.87
N VAL E 291 -4.15 -64.24 -40.87
CA VAL E 291 -4.68 -63.85 -42.17
C VAL E 291 -6.02 -64.56 -42.34
N LEU E 292 -7.10 -63.79 -42.30
CA LEU E 292 -8.43 -64.36 -42.43
C LEU E 292 -8.68 -64.70 -43.89
N ARG E 293 -9.84 -65.32 -44.15
CA ARG E 293 -10.06 -66.09 -45.37
C ARG E 293 -10.15 -65.19 -46.62
N ASP E 294 -9.82 -65.79 -47.77
CA ASP E 294 -9.84 -65.18 -49.11
C ASP E 294 -8.91 -63.98 -49.27
N ALA E 295 -7.96 -63.76 -48.36
CA ALA E 295 -7.10 -62.58 -48.41
C ALA E 295 -5.82 -62.89 -49.17
N ARG E 296 -5.48 -62.05 -50.13
CA ARG E 296 -4.31 -62.25 -50.98
C ARG E 296 -3.21 -61.29 -50.58
N ILE E 297 -2.03 -61.84 -50.28
CA ILE E 297 -0.85 -61.07 -49.93
C ILE E 297 0.14 -61.23 -51.09
N ARG E 298 0.38 -60.15 -51.83
CA ARG E 298 1.24 -60.23 -53.00
C ARG E 298 2.71 -60.25 -52.60
N SER E 299 3.57 -60.35 -53.61
CA SER E 299 4.95 -60.81 -53.47
C SER E 299 5.83 -59.79 -52.75
N HIS E 300 6.87 -60.32 -52.10
CA HIS E 300 7.93 -59.57 -51.41
C HIS E 300 7.41 -58.65 -50.32
N SER E 301 6.32 -59.03 -49.65
CA SER E 301 5.79 -58.23 -48.57
C SER E 301 6.37 -58.68 -47.24
N TRP E 302 6.35 -57.76 -46.28
CA TRP E 302 6.76 -58.06 -44.92
C TRP E 302 5.59 -57.77 -44.00
N LEU E 303 5.32 -58.69 -43.09
CA LEU E 303 4.14 -58.61 -42.25
C LEU E 303 4.53 -59.11 -40.86
N GLU E 304 4.47 -58.25 -39.86
CA GLU E 304 4.68 -58.69 -38.49
C GLU E 304 3.57 -58.18 -37.60
N SER E 305 2.97 -59.08 -36.81
CA SER E 305 1.90 -58.76 -35.84
C SER E 305 0.71 -58.09 -36.56
N CYS E 306 -0.01 -58.83 -37.36
CA CYS E 306 -1.09 -58.17 -38.07
C CYS E 306 -2.30 -59.01 -38.26
N ILE E 307 -3.43 -58.32 -38.38
CA ILE E 307 -4.72 -58.99 -38.59
C ILE E 307 -5.19 -58.57 -39.98
N VAL E 308 -5.09 -59.48 -40.93
CA VAL E 308 -5.50 -59.21 -42.30
C VAL E 308 -6.91 -59.76 -42.47
N GLY E 309 -7.85 -58.90 -42.83
CA GLY E 309 -9.24 -59.29 -42.88
C GLY E 309 -9.60 -60.13 -44.08
N TRP E 310 -10.90 -60.20 -44.35
CA TRP E 310 -11.40 -61.06 -45.41
C TRP E 310 -11.34 -60.34 -46.75
N ARG E 311 -10.87 -61.06 -47.77
CA ARG E 311 -10.79 -60.62 -49.17
C ARG E 311 -9.94 -59.36 -49.33
N CYS E 312 -8.85 -59.28 -48.58
CA CYS E 312 -7.93 -58.16 -48.71
C CYS E 312 -6.97 -58.37 -49.86
N ARG E 313 -6.30 -57.30 -50.27
CA ARG E 313 -5.27 -57.43 -51.29
C ARG E 313 -4.09 -56.58 -50.83
N VAL E 314 -3.18 -57.21 -50.10
CA VAL E 314 -1.93 -56.57 -49.69
C VAL E 314 -0.97 -56.64 -50.87
N GLY E 315 -0.44 -55.48 -51.27
CA GLY E 315 0.32 -55.38 -52.51
C GLY E 315 1.74 -55.89 -52.43
N GLN E 316 2.65 -55.29 -53.20
CA GLN E 316 4.03 -55.72 -53.25
C GLN E 316 4.93 -54.76 -52.49
N TRP E 317 5.90 -55.32 -51.76
CA TRP E 317 6.85 -54.58 -50.93
C TRP E 317 6.16 -53.70 -49.88
N VAL E 318 5.03 -54.17 -49.34
CA VAL E 318 4.41 -53.52 -48.20
C VAL E 318 4.99 -54.08 -46.91
N ARG E 319 5.27 -53.18 -45.99
CA ARG E 319 5.69 -53.50 -44.65
C ARG E 319 4.53 -53.17 -43.74
N MET E 320 4.12 -54.13 -42.92
CA MET E 320 3.03 -53.95 -41.99
C MET E 320 3.48 -54.43 -40.62
N GLU E 321 3.59 -53.52 -39.67
CA GLU E 321 3.98 -53.91 -38.34
C GLU E 321 3.04 -53.31 -37.32
N ASN E 322 3.36 -53.53 -36.07
CA ASN E 322 2.58 -53.03 -34.94
C ASN E 322 1.07 -53.08 -35.16
N VAL E 323 0.53 -54.30 -35.18
CA VAL E 323 -0.90 -54.57 -35.37
C VAL E 323 -1.68 -53.64 -36.31
N THR E 324 -1.48 -53.80 -37.60
CA THR E 324 -2.22 -52.99 -38.57
C THR E 324 -3.46 -53.75 -39.00
N VAL E 325 -4.49 -53.69 -38.17
CA VAL E 325 -5.76 -54.38 -38.42
C VAL E 325 -6.47 -53.94 -39.69
N LEU E 326 -6.52 -54.83 -40.68
CA LEU E 326 -7.22 -54.54 -41.91
C LEU E 326 -8.63 -55.11 -41.82
N GLY E 327 -9.61 -54.34 -42.28
CA GLY E 327 -10.99 -54.77 -42.31
C GLY E 327 -11.27 -55.71 -43.47
N GLU E 328 -12.50 -55.68 -43.97
CA GLU E 328 -12.79 -56.50 -45.15
C GLU E 328 -12.62 -55.68 -46.42
N ASP E 329 -12.05 -56.32 -47.44
CA ASP E 329 -11.96 -55.81 -48.82
C ASP E 329 -11.13 -54.51 -48.87
N VAL E 330 -10.09 -54.47 -48.04
CA VAL E 330 -9.06 -53.43 -48.10
C VAL E 330 -7.97 -53.84 -49.08
N ILE E 331 -7.81 -53.06 -50.13
CA ILE E 331 -6.66 -53.21 -51.01
C ILE E 331 -5.60 -52.24 -50.46
N VAL E 332 -4.38 -52.74 -50.34
CA VAL E 332 -3.22 -51.91 -50.00
C VAL E 332 -2.36 -51.85 -51.25
N ASN E 333 -2.05 -50.64 -51.68
CA ASN E 333 -1.20 -50.46 -52.85
C ASN E 333 0.22 -50.93 -52.56
N ASP E 334 0.98 -51.11 -53.63
CA ASP E 334 2.33 -51.59 -53.50
C ASP E 334 3.29 -50.51 -53.03
N GLU E 335 4.32 -50.97 -52.28
CA GLU E 335 5.39 -50.16 -51.67
C GLU E 335 4.86 -49.14 -50.66
N LEU E 336 4.20 -49.62 -49.61
CA LEU E 336 3.70 -48.77 -48.56
C LEU E 336 4.12 -49.30 -47.19
N TYR E 337 3.94 -48.48 -46.17
CA TYR E 337 4.33 -48.82 -44.82
C TYR E 337 3.16 -48.53 -43.89
N LEU E 338 2.72 -49.56 -43.16
CA LEU E 338 1.61 -49.44 -42.23
C LEU E 338 2.11 -49.78 -40.83
N ASN E 339 1.89 -48.88 -39.89
CA ASN E 339 2.28 -49.03 -38.50
C ASN E 339 1.11 -48.57 -37.65
N GLY E 340 0.37 -49.51 -37.07
CA GLY E 340 -0.74 -49.16 -36.23
C GLY E 340 -2.01 -48.75 -36.94
N ALA E 341 -2.06 -48.87 -38.27
CA ALA E 341 -3.19 -48.40 -39.05
C ALA E 341 -4.37 -49.37 -38.88
N SER E 342 -5.35 -48.95 -38.10
CA SER E 342 -6.62 -49.68 -37.99
C SER E 342 -7.50 -49.21 -39.13
N VAL E 343 -7.59 -50.00 -40.19
CA VAL E 343 -8.24 -49.56 -41.42
C VAL E 343 -9.64 -50.14 -41.49
N LEU E 344 -10.60 -49.26 -41.76
CA LEU E 344 -12.00 -49.63 -41.84
C LEU E 344 -12.25 -50.41 -43.14
N PRO E 345 -13.36 -51.17 -43.23
CA PRO E 345 -13.61 -51.97 -44.44
C PRO E 345 -13.83 -51.14 -45.69
N HIS E 346 -13.54 -51.79 -46.83
CA HIS E 346 -13.74 -51.28 -48.19
C HIS E 346 -12.95 -49.99 -48.44
N LYS E 347 -11.75 -49.93 -47.90
CA LYS E 347 -10.86 -48.79 -48.08
C LYS E 347 -9.73 -49.14 -49.04
N SER E 348 -9.21 -48.14 -49.73
CA SER E 348 -8.03 -48.32 -50.57
C SER E 348 -6.96 -47.36 -50.09
N ILE E 349 -5.82 -47.92 -49.68
CA ILE E 349 -4.73 -47.15 -49.09
C ILE E 349 -3.67 -46.92 -50.14
N GLY E 350 -3.34 -45.65 -50.39
CA GLY E 350 -2.25 -45.28 -51.26
C GLY E 350 -1.23 -44.40 -50.56
N GLU E 351 -1.38 -44.29 -49.24
CA GLU E 351 -0.60 -43.40 -48.38
C GLU E 351 0.02 -44.19 -47.24
N SER E 352 1.29 -43.94 -46.96
CA SER E 352 1.95 -44.64 -45.88
C SER E 352 1.46 -44.13 -44.52
N VAL E 353 1.27 -45.04 -43.59
CA VAL E 353 0.80 -44.69 -42.24
C VAL E 353 1.93 -44.91 -41.25
N PRO E 354 2.71 -43.88 -40.93
CA PRO E 354 3.91 -44.08 -40.10
C PRO E 354 3.62 -44.25 -38.63
N GLU E 355 2.58 -43.58 -38.12
CA GLU E 355 2.18 -43.64 -36.73
C GLU E 355 0.81 -44.28 -36.59
N PRO E 356 0.50 -44.91 -35.44
CA PRO E 356 -0.81 -45.54 -35.25
C PRO E 356 -1.99 -44.57 -35.27
N ARG E 357 -2.82 -44.70 -36.30
CA ARG E 357 -4.03 -43.90 -36.44
C ARG E 357 -5.06 -44.73 -37.19
N ILE E 358 -6.30 -44.26 -37.17
CA ILE E 358 -7.43 -44.96 -37.76
C ILE E 358 -7.69 -44.38 -39.14
N ILE E 359 -7.77 -45.25 -40.14
CA ILE E 359 -8.06 -44.85 -41.51
C ILE E 359 -9.53 -45.13 -41.79
N MET E 360 -10.27 -44.10 -42.17
CA MET E 360 -11.69 -44.26 -42.49
C MET E 360 -12.00 -43.70 -43.87
N MET F 1 -38.23 -36.34 -70.68
CA MET F 1 -36.90 -35.83 -70.35
C MET F 1 -36.51 -36.29 -68.97
N LYS F 2 -35.32 -36.86 -68.84
CA LYS F 2 -34.93 -37.67 -67.70
C LYS F 2 -33.75 -37.04 -66.95
N ALA F 3 -33.33 -37.72 -65.88
CA ALA F 3 -32.20 -37.28 -65.07
C ALA F 3 -31.60 -38.47 -64.36
N LEU F 4 -30.27 -38.56 -64.39
CA LEU F 4 -29.56 -39.57 -63.62
C LEU F 4 -28.96 -38.96 -62.35
N ILE F 5 -29.02 -39.73 -61.27
CA ILE F 5 -28.45 -39.37 -59.98
C ILE F 5 -27.35 -40.36 -59.65
N LEU F 6 -26.15 -39.83 -59.43
CA LEU F 6 -25.05 -40.62 -58.86
C LEU F 6 -25.25 -40.73 -57.35
N VAL F 7 -25.51 -41.93 -56.86
CA VAL F 7 -25.68 -42.14 -55.43
C VAL F 7 -25.40 -43.61 -55.19
N GLY F 8 -24.27 -44.04 -55.75
CA GLY F 8 -23.85 -45.42 -55.72
C GLY F 8 -23.32 -45.91 -54.39
N GLY F 9 -22.24 -45.31 -53.90
CA GLY F 9 -21.71 -45.81 -52.65
C GLY F 9 -20.70 -45.16 -51.74
N TYR F 10 -20.72 -45.76 -50.57
CA TYR F 10 -19.92 -45.53 -49.35
C TYR F 10 -19.08 -44.28 -49.36
N GLY F 11 -19.73 -43.13 -49.23
CA GLY F 11 -19.02 -41.88 -49.19
C GLY F 11 -18.19 -41.94 -47.93
N THR F 12 -16.89 -42.08 -48.11
CA THR F 12 -15.99 -42.17 -46.97
C THR F 12 -15.99 -40.88 -46.18
N ARG F 13 -16.05 -39.74 -46.86
CA ARG F 13 -16.09 -38.45 -46.19
C ARG F 13 -17.33 -38.45 -45.31
N LEU F 14 -17.19 -38.03 -44.06
CA LEU F 14 -18.34 -38.11 -43.15
C LEU F 14 -18.71 -39.58 -42.97
N ARG F 15 -17.65 -40.34 -42.67
CA ARG F 15 -17.71 -41.79 -42.45
C ARG F 15 -18.47 -42.25 -41.21
N PRO F 16 -18.51 -41.55 -40.05
CA PRO F 16 -19.41 -42.03 -38.98
C PRO F 16 -20.88 -41.99 -39.32
N LEU F 17 -21.31 -41.10 -40.21
CA LEU F 17 -22.70 -41.12 -40.63
C LEU F 17 -22.96 -42.17 -41.70
N THR F 18 -22.03 -42.34 -42.65
CA THR F 18 -22.28 -43.26 -43.75
C THR F 18 -22.01 -44.72 -43.41
N LEU F 19 -21.57 -45.02 -42.20
CA LEU F 19 -21.47 -46.42 -41.81
C LEU F 19 -22.83 -46.99 -41.43
N SER F 20 -23.79 -46.14 -41.07
CA SER F 20 -25.10 -46.61 -40.64
C SER F 20 -26.09 -46.65 -41.80
N THR F 21 -26.36 -45.50 -42.39
CA THR F 21 -27.21 -45.33 -43.55
C THR F 21 -26.34 -44.92 -44.74
N PRO F 22 -26.82 -45.01 -45.97
CA PRO F 22 -26.06 -44.47 -47.10
C PRO F 22 -25.93 -42.96 -47.06
N LYS F 23 -24.97 -42.47 -47.85
CA LYS F 23 -24.62 -41.05 -47.94
C LYS F 23 -25.78 -40.11 -48.25
N PRO F 24 -26.64 -40.47 -49.21
CA PRO F 24 -27.77 -39.59 -49.53
C PRO F 24 -28.99 -39.91 -48.66
N LEU F 25 -28.88 -40.97 -47.87
CA LEU F 25 -29.97 -41.37 -46.99
C LEU F 25 -29.91 -40.69 -45.64
N VAL F 26 -28.88 -39.86 -45.42
CA VAL F 26 -28.75 -39.11 -44.18
C VAL F 26 -29.64 -37.88 -44.28
N ASP F 27 -29.95 -37.25 -43.15
CA ASP F 27 -30.86 -36.12 -43.21
C ASP F 27 -30.09 -34.81 -43.21
N PHE F 28 -30.41 -33.96 -44.18
CA PHE F 28 -29.85 -32.63 -44.29
C PHE F 28 -31.00 -31.65 -44.12
N CYS F 29 -31.04 -30.99 -42.96
CA CYS F 29 -32.13 -30.11 -42.51
C CYS F 29 -33.48 -30.81 -42.56
N ASN F 30 -33.57 -31.89 -41.77
CA ASN F 30 -34.79 -32.68 -41.53
C ASN F 30 -35.36 -33.29 -42.80
N LYS F 31 -34.49 -33.63 -43.75
CA LYS F 31 -34.88 -34.23 -45.02
C LYS F 31 -33.65 -34.89 -45.61
N PRO F 32 -33.77 -36.09 -46.19
CA PRO F 32 -32.63 -36.69 -46.87
C PRO F 32 -32.22 -35.88 -48.10
N ILE F 33 -30.93 -36.04 -48.44
CA ILE F 33 -30.33 -35.28 -49.53
C ILE F 33 -30.96 -35.63 -50.87
N LEU F 34 -31.15 -36.91 -51.12
CA LEU F 34 -31.76 -37.38 -52.36
C LEU F 34 -33.20 -36.92 -52.50
N LEU F 35 -33.91 -36.75 -51.37
CA LEU F 35 -35.26 -36.20 -51.41
C LEU F 35 -35.26 -34.74 -51.86
N HIS F 36 -34.26 -33.96 -51.42
CA HIS F 36 -34.08 -32.58 -51.90
C HIS F 36 -33.86 -32.57 -53.42
N GLN F 37 -32.95 -33.42 -53.92
CA GLN F 37 -32.65 -33.45 -55.36
C GLN F 37 -33.85 -33.85 -56.20
N VAL F 38 -34.57 -34.91 -55.81
CA VAL F 38 -35.69 -35.32 -56.63
C VAL F 38 -36.94 -34.48 -56.42
N GLU F 39 -37.07 -33.77 -55.28
CA GLU F 39 -38.20 -32.84 -55.14
C GLU F 39 -38.01 -31.63 -56.04
N ALA F 40 -36.78 -31.12 -56.16
CA ALA F 40 -36.55 -30.06 -57.15
C ALA F 40 -36.59 -30.58 -58.58
N LEU F 41 -36.24 -31.85 -58.79
CA LEU F 41 -36.36 -32.48 -60.11
C LEU F 41 -37.83 -32.63 -60.54
N ALA F 42 -38.71 -32.99 -59.61
CA ALA F 42 -40.13 -33.04 -59.93
C ALA F 42 -40.75 -31.64 -59.98
N ALA F 43 -40.15 -30.66 -59.32
CA ALA F 43 -40.53 -29.27 -59.55
C ALA F 43 -40.10 -28.78 -60.93
N ALA F 44 -39.04 -29.39 -61.49
CA ALA F 44 -38.64 -29.09 -62.86
C ALA F 44 -39.58 -29.73 -63.87
N GLY F 45 -40.12 -30.89 -63.55
CA GLY F 45 -41.01 -31.60 -64.44
C GLY F 45 -40.45 -32.85 -65.09
N VAL F 46 -39.38 -33.43 -64.53
CA VAL F 46 -38.82 -34.67 -65.08
C VAL F 46 -39.73 -35.84 -64.75
N ASP F 47 -40.08 -36.62 -65.79
CA ASP F 47 -40.99 -37.76 -65.67
C ASP F 47 -40.44 -38.88 -64.83
N HIS F 48 -39.17 -39.24 -65.04
CA HIS F 48 -38.58 -40.37 -64.35
C HIS F 48 -37.09 -40.13 -64.18
N VAL F 49 -36.60 -40.51 -63.00
CA VAL F 49 -35.25 -40.24 -62.54
C VAL F 49 -34.58 -41.58 -62.26
N ILE F 50 -33.45 -41.83 -62.88
CA ILE F 50 -32.71 -43.06 -62.65
C ILE F 50 -31.65 -42.74 -61.63
N LEU F 51 -31.59 -43.52 -60.56
CA LEU F 51 -30.49 -43.45 -59.62
C LEU F 51 -29.67 -44.71 -59.80
N ALA F 52 -28.35 -44.57 -59.79
CA ALA F 52 -27.51 -45.72 -60.13
C ALA F 52 -26.63 -46.09 -58.93
N VAL F 53 -27.02 -47.17 -58.22
CA VAL F 53 -26.38 -47.58 -56.97
C VAL F 53 -25.55 -48.85 -57.18
N SER F 54 -24.37 -48.88 -56.57
CA SER F 54 -23.49 -50.05 -56.62
C SER F 54 -23.44 -50.80 -55.30
N TYR F 55 -23.46 -50.08 -54.19
CA TYR F 55 -23.60 -50.68 -52.87
C TYR F 55 -25.02 -51.25 -52.76
N MET F 56 -25.17 -52.47 -52.21
CA MET F 56 -26.52 -52.93 -51.87
C MET F 56 -27.18 -52.06 -50.83
N SER F 57 -28.19 -51.33 -51.27
CA SER F 57 -28.88 -50.34 -50.48
C SER F 57 -30.35 -50.69 -50.49
N GLN F 58 -30.73 -51.60 -49.61
CA GLN F 58 -32.10 -52.12 -49.63
C GLN F 58 -33.05 -51.13 -48.95
N VAL F 59 -32.56 -50.41 -47.95
CA VAL F 59 -33.37 -49.40 -47.29
C VAL F 59 -33.53 -48.18 -48.20
N LEU F 60 -32.58 -47.96 -49.11
CA LEU F 60 -32.75 -46.93 -50.12
C LEU F 60 -33.82 -47.31 -51.13
N GLU F 61 -33.94 -48.59 -51.49
CA GLU F 61 -35.03 -48.94 -52.40
C GLU F 61 -36.38 -48.96 -51.69
N LYS F 62 -36.37 -49.16 -50.38
CA LYS F 62 -37.59 -49.13 -49.62
C LYS F 62 -38.12 -47.69 -49.53
N GLU F 63 -37.22 -46.73 -49.31
CA GLU F 63 -37.64 -45.34 -49.18
C GLU F 63 -37.88 -44.69 -50.54
N MET F 64 -37.12 -45.09 -51.56
CA MET F 64 -37.34 -44.62 -52.93
C MET F 64 -38.63 -45.18 -53.52
N LYS F 65 -38.95 -46.45 -53.25
CA LYS F 65 -40.23 -47.03 -53.67
C LYS F 65 -41.42 -46.28 -53.07
N ALA F 66 -41.36 -46.05 -51.75
CA ALA F 66 -42.41 -45.32 -51.04
C ALA F 66 -42.53 -43.90 -51.55
N GLN F 67 -41.41 -43.27 -51.86
CA GLN F 67 -41.54 -41.87 -52.19
C GLN F 67 -41.68 -41.67 -53.71
N GLU F 68 -41.57 -42.78 -54.46
CA GLU F 68 -42.12 -42.89 -55.81
C GLU F 68 -43.64 -42.84 -55.78
N GLN F 69 -44.27 -43.58 -54.87
CA GLN F 69 -45.70 -43.29 -54.74
C GLN F 69 -45.98 -41.90 -54.17
N ARG F 70 -45.11 -41.36 -53.30
CA ARG F 70 -45.41 -40.09 -52.65
C ARG F 70 -45.40 -38.93 -53.63
N LEU F 71 -44.51 -38.97 -54.62
CA LEU F 71 -44.30 -37.76 -55.41
C LEU F 71 -45.01 -37.75 -56.76
N GLY F 72 -45.14 -38.90 -57.42
CA GLY F 72 -45.90 -38.98 -58.66
C GLY F 72 -45.07 -39.17 -59.91
N ILE F 73 -43.75 -39.18 -59.78
CA ILE F 73 -42.85 -39.49 -60.89
C ILE F 73 -42.33 -40.90 -60.71
N ARG F 74 -42.02 -41.55 -61.83
CA ARG F 74 -41.39 -42.86 -61.79
C ARG F 74 -39.93 -42.69 -61.37
N ILE F 75 -39.34 -43.78 -60.90
CA ILE F 75 -37.89 -43.90 -60.71
C ILE F 75 -37.43 -45.31 -61.08
N SER F 76 -36.37 -45.40 -61.88
CA SER F 76 -35.71 -46.66 -62.19
C SER F 76 -34.43 -46.77 -61.35
N MET F 77 -34.03 -48.01 -61.07
CA MET F 77 -32.90 -48.34 -60.21
C MET F 77 -31.85 -49.13 -61.00
N SER F 78 -30.74 -48.48 -61.38
CA SER F 78 -29.66 -49.18 -62.07
C SER F 78 -28.76 -49.90 -61.07
N HIS F 79 -28.80 -51.24 -61.05
CA HIS F 79 -28.02 -52.03 -60.09
C HIS F 79 -26.73 -52.56 -60.68
N GLU F 80 -25.66 -52.35 -59.92
CA GLU F 80 -24.29 -52.49 -60.37
C GLU F 80 -23.59 -53.39 -59.36
N GLU F 81 -22.89 -54.43 -59.85
CA GLU F 81 -22.39 -55.45 -58.92
C GLU F 81 -21.04 -55.07 -58.34
N GLU F 82 -20.12 -54.53 -59.15
CA GLU F 82 -18.95 -53.92 -58.53
C GLU F 82 -18.96 -52.42 -58.87
N PRO F 83 -18.21 -51.58 -58.14
CA PRO F 83 -18.17 -50.12 -58.42
C PRO F 83 -17.83 -49.74 -59.85
N LEU F 84 -18.74 -49.04 -60.51
CA LEU F 84 -18.40 -48.53 -61.83
C LEU F 84 -17.98 -47.07 -61.83
N GLY F 85 -17.84 -46.44 -60.66
CA GLY F 85 -17.39 -45.06 -60.62
C GLY F 85 -18.48 -44.05 -60.89
N THR F 86 -18.20 -43.05 -61.74
CA THR F 86 -19.18 -42.03 -62.09
C THR F 86 -19.49 -41.97 -63.59
N ALA F 87 -18.68 -42.59 -64.45
CA ALA F 87 -18.99 -42.70 -65.87
C ALA F 87 -19.65 -44.03 -66.21
N GLY F 88 -19.18 -45.12 -65.62
CA GLY F 88 -19.81 -46.41 -65.67
C GLY F 88 -21.30 -46.52 -65.33
N PRO F 89 -21.79 -45.80 -64.29
CA PRO F 89 -23.25 -45.72 -64.12
C PRO F 89 -24.00 -45.09 -65.29
N LEU F 90 -23.34 -44.20 -66.04
CA LEU F 90 -23.98 -43.56 -67.19
C LEU F 90 -23.99 -44.50 -68.39
N ALA F 91 -23.06 -45.46 -68.42
CA ALA F 91 -23.01 -46.48 -69.48
C ALA F 91 -23.77 -47.76 -69.14
N LEU F 92 -24.09 -48.02 -67.88
CA LEU F 92 -24.88 -49.22 -67.59
C LEU F 92 -26.38 -48.96 -67.76
N ALA F 93 -26.82 -47.74 -67.55
CA ALA F 93 -28.19 -47.39 -67.91
C ALA F 93 -28.25 -46.64 -69.23
N ARG F 94 -27.46 -47.09 -70.21
CA ARG F 94 -27.28 -46.33 -71.45
C ARG F 94 -28.36 -46.60 -72.48
N ASP F 95 -28.99 -47.78 -72.44
CA ASP F 95 -30.09 -48.06 -73.35
C ASP F 95 -31.34 -47.30 -72.94
N LEU F 96 -31.56 -47.08 -71.63
CA LEU F 96 -32.70 -46.29 -71.16
C LEU F 96 -32.55 -44.82 -71.49
N LEU F 97 -31.33 -44.32 -71.49
CA LEU F 97 -31.02 -42.93 -71.79
C LEU F 97 -30.86 -42.68 -73.28
N SER F 98 -30.70 -43.75 -74.05
CA SER F 98 -30.56 -43.70 -75.49
C SER F 98 -31.90 -43.91 -76.20
N GLU F 99 -32.97 -44.19 -75.44
CA GLU F 99 -34.31 -44.41 -76.01
C GLU F 99 -34.90 -43.13 -76.60
N THR F 100 -34.57 -41.97 -76.04
CA THR F 100 -35.11 -40.70 -76.51
C THR F 100 -33.95 -39.74 -76.63
N ALA F 101 -33.73 -39.25 -77.86
CA ALA F 101 -32.60 -38.37 -78.15
C ALA F 101 -32.78 -36.90 -77.86
N ASP F 102 -32.50 -36.53 -76.61
CA ASP F 102 -32.59 -35.16 -76.16
C ASP F 102 -31.55 -34.95 -75.08
N PRO F 103 -31.67 -33.86 -74.31
CA PRO F 103 -30.71 -33.63 -73.25
C PRO F 103 -31.20 -34.17 -71.91
N PHE F 104 -30.30 -34.73 -71.11
CA PHE F 104 -30.65 -35.23 -69.79
C PHE F 104 -29.76 -34.61 -68.73
N PHE F 105 -30.31 -34.45 -67.53
CA PHE F 105 -29.49 -34.06 -66.38
C PHE F 105 -28.71 -35.25 -65.84
N VAL F 106 -27.51 -34.98 -65.35
CA VAL F 106 -26.83 -35.88 -64.43
C VAL F 106 -26.38 -35.08 -63.23
N LEU F 107 -26.59 -35.64 -62.06
CA LEU F 107 -26.49 -34.93 -60.81
C LEU F 107 -25.62 -35.71 -59.84
N ASN F 108 -24.85 -34.98 -59.04
CA ASN F 108 -24.16 -35.51 -57.88
C ASN F 108 -25.08 -35.38 -56.67
N SER F 109 -25.06 -36.38 -55.80
CA SER F 109 -25.85 -36.29 -54.58
C SER F 109 -25.35 -35.20 -53.65
N ASP F 110 -24.03 -35.11 -53.47
CA ASP F 110 -23.46 -34.36 -52.38
C ASP F 110 -23.49 -32.84 -52.58
N VAL F 111 -23.95 -32.36 -53.73
CA VAL F 111 -24.12 -30.92 -53.88
C VAL F 111 -25.52 -30.52 -53.41
N ILE F 112 -25.60 -29.42 -52.67
CA ILE F 112 -26.85 -28.79 -52.26
C ILE F 112 -26.78 -27.34 -52.67
N CYS F 113 -27.76 -26.92 -53.47
CA CYS F 113 -27.79 -25.56 -53.98
C CYS F 113 -29.20 -25.25 -54.43
N ASP F 114 -29.43 -23.98 -54.75
CA ASP F 114 -30.66 -23.57 -55.41
C ASP F 114 -30.59 -24.01 -56.86
N PHE F 115 -31.49 -24.93 -57.22
CA PHE F 115 -31.39 -25.74 -58.43
C PHE F 115 -32.05 -25.01 -59.59
N PRO F 116 -31.29 -24.37 -60.49
CA PRO F 116 -31.91 -23.63 -61.60
C PRO F 116 -32.05 -24.51 -62.83
N PHE F 117 -32.99 -25.46 -62.77
CA PHE F 117 -33.10 -26.51 -63.78
C PHE F 117 -33.58 -25.95 -65.12
N GLN F 118 -34.66 -25.17 -65.11
CA GLN F 118 -35.21 -24.61 -66.34
C GLN F 118 -34.30 -23.57 -66.98
N ALA F 119 -33.56 -22.80 -66.18
CA ALA F 119 -32.61 -21.85 -66.76
C ALA F 119 -31.39 -22.57 -67.33
N MET F 120 -31.01 -23.68 -66.71
CA MET F 120 -29.96 -24.54 -67.25
C MET F 120 -30.38 -25.13 -68.60
N VAL F 121 -31.65 -25.52 -68.73
CA VAL F 121 -32.21 -26.04 -69.99
C VAL F 121 -32.23 -24.97 -71.07
N GLN F 122 -32.65 -23.75 -70.69
CA GLN F 122 -32.63 -22.61 -71.61
C GLN F 122 -31.21 -22.30 -72.08
N PHE F 123 -30.22 -22.41 -71.18
CA PHE F 123 -28.83 -22.19 -71.56
C PHE F 123 -28.34 -23.29 -72.50
N HIS F 124 -28.80 -24.53 -72.28
CA HIS F 124 -28.32 -25.62 -73.11
C HIS F 124 -28.96 -25.57 -74.50
N ARG F 125 -30.18 -25.07 -74.60
CA ARG F 125 -30.77 -24.77 -75.90
C ARG F 125 -30.12 -23.58 -76.59
N HIS F 126 -29.68 -22.56 -75.84
CA HIS F 126 -29.09 -21.40 -76.49
C HIS F 126 -27.68 -21.71 -77.01
N HIS F 127 -26.90 -22.50 -76.28
CA HIS F 127 -25.55 -22.78 -76.78
C HIS F 127 -25.53 -23.93 -77.78
N GLY F 128 -26.38 -24.96 -77.60
CA GLY F 128 -26.62 -25.93 -78.65
C GLY F 128 -25.54 -26.97 -78.93
N GLN F 129 -24.69 -27.26 -77.96
CA GLN F 129 -23.61 -28.21 -78.16
C GLN F 129 -23.86 -29.39 -77.22
N GLU F 130 -22.86 -30.26 -77.11
CA GLU F 130 -22.99 -31.58 -76.51
C GLU F 130 -23.30 -31.54 -75.01
N GLY F 131 -22.39 -31.01 -74.21
CA GLY F 131 -22.53 -31.04 -72.76
C GLY F 131 -22.42 -29.66 -72.14
N SER F 132 -23.26 -29.40 -71.13
CA SER F 132 -23.27 -28.15 -70.38
C SER F 132 -22.99 -28.44 -68.91
N ILE F 133 -22.14 -27.60 -68.32
CA ILE F 133 -21.66 -27.77 -66.95
C ILE F 133 -22.28 -26.67 -66.10
N LEU F 134 -22.34 -26.90 -64.79
CA LEU F 134 -22.54 -25.82 -63.81
C LEU F 134 -21.24 -25.48 -63.11
N VAL F 135 -20.97 -24.19 -62.96
CA VAL F 135 -19.82 -23.71 -62.20
C VAL F 135 -20.25 -22.62 -61.23
N THR F 136 -19.54 -22.55 -60.11
CA THR F 136 -19.73 -21.53 -59.08
C THR F 136 -18.38 -20.97 -58.66
N LYS F 137 -18.44 -19.90 -57.87
CA LYS F 137 -17.26 -19.36 -57.19
C LYS F 137 -17.06 -20.03 -55.84
N VAL F 138 -15.79 -20.07 -55.42
CA VAL F 138 -15.40 -20.25 -54.02
C VAL F 138 -14.28 -19.25 -53.73
N GLU F 139 -13.95 -19.13 -52.45
CA GLU F 139 -12.87 -18.23 -52.07
C GLU F 139 -11.52 -18.92 -51.92
N GLU F 140 -11.48 -20.24 -51.98
CA GLU F 140 -10.25 -21.03 -51.90
C GLU F 140 -10.08 -21.82 -53.18
N PRO F 141 -9.35 -21.30 -54.15
CA PRO F 141 -9.15 -22.05 -55.39
C PRO F 141 -8.13 -23.16 -55.26
N SER F 142 -7.38 -23.20 -54.16
CA SER F 142 -6.34 -24.18 -53.86
C SER F 142 -6.88 -25.51 -53.32
N LYS F 143 -8.19 -25.77 -53.42
CA LYS F 143 -8.78 -27.01 -52.95
C LYS F 143 -9.52 -27.80 -54.03
N TYR F 144 -9.87 -27.20 -55.17
CA TYR F 144 -10.81 -27.77 -56.10
C TYR F 144 -10.38 -27.53 -57.53
N GLY F 145 -10.92 -28.33 -58.45
CA GLY F 145 -10.52 -28.22 -59.85
C GLY F 145 -11.17 -27.02 -60.51
N VAL F 146 -10.33 -26.21 -61.15
CA VAL F 146 -10.67 -24.90 -61.63
C VAL F 146 -10.90 -24.88 -63.15
N VAL F 147 -11.90 -24.11 -63.60
CA VAL F 147 -12.47 -24.22 -64.94
C VAL F 147 -12.52 -22.85 -65.62
N VAL F 148 -11.94 -22.75 -66.87
CA VAL F 148 -11.74 -21.46 -67.53
C VAL F 148 -13.03 -21.08 -68.25
N CYS F 149 -13.34 -19.78 -68.27
CA CYS F 149 -14.60 -19.27 -68.79
C CYS F 149 -14.35 -18.10 -69.73
N GLU F 150 -14.92 -18.16 -70.92
CA GLU F 150 -15.01 -17.02 -71.81
C GLU F 150 -16.32 -16.29 -71.55
N ALA F 151 -16.24 -14.96 -71.46
CA ALA F 151 -17.42 -14.14 -71.25
C ALA F 151 -18.33 -14.18 -72.48
N ASP F 152 -19.64 -14.14 -72.20
CA ASP F 152 -20.78 -14.00 -73.11
C ASP F 152 -21.06 -15.27 -73.92
N THR F 153 -20.21 -16.28 -73.83
CA THR F 153 -20.45 -17.58 -74.45
C THR F 153 -20.42 -18.73 -73.45
N GLY F 154 -19.60 -18.61 -72.42
CA GLY F 154 -19.49 -19.65 -71.41
C GLY F 154 -18.76 -20.89 -71.86
N ARG F 155 -18.03 -20.84 -72.97
CA ARG F 155 -17.37 -22.03 -73.47
C ARG F 155 -16.12 -22.33 -72.65
N ILE F 156 -15.91 -23.62 -72.39
CA ILE F 156 -14.81 -24.08 -71.56
C ILE F 156 -13.61 -24.30 -72.48
N HIS F 157 -12.54 -23.51 -72.27
CA HIS F 157 -11.36 -23.76 -73.07
C HIS F 157 -10.60 -24.95 -72.52
N ARG F 158 -10.27 -24.95 -71.22
CA ARG F 158 -9.67 -26.15 -70.65
C ARG F 158 -10.21 -26.52 -69.28
N PHE F 159 -9.95 -27.77 -68.91
CA PHE F 159 -10.29 -28.34 -67.60
C PHE F 159 -9.01 -28.70 -66.87
N VAL F 160 -8.77 -28.05 -65.73
CA VAL F 160 -7.57 -28.28 -64.91
C VAL F 160 -8.07 -28.73 -63.55
N GLU F 161 -7.68 -29.93 -63.11
CA GLU F 161 -8.08 -30.31 -61.75
C GLU F 161 -7.04 -29.89 -60.71
N LYS F 162 -5.80 -29.55 -61.16
CA LYS F 162 -4.93 -29.16 -60.05
C LYS F 162 -4.74 -27.65 -59.95
N PRO F 163 -4.87 -27.12 -58.73
CA PRO F 163 -4.69 -25.67 -58.49
C PRO F 163 -3.26 -25.18 -58.46
N GLN F 164 -3.10 -23.99 -57.84
CA GLN F 164 -1.88 -23.23 -57.51
C GLN F 164 -1.34 -22.45 -58.70
N VAL F 165 -2.15 -22.21 -59.72
CA VAL F 165 -1.70 -21.55 -60.93
C VAL F 165 -2.53 -20.29 -61.24
N PHE F 166 -3.72 -20.14 -60.66
CA PHE F 166 -4.70 -19.06 -60.94
C PHE F 166 -4.94 -18.83 -62.43
N VAL F 167 -5.52 -19.83 -63.10
CA VAL F 167 -6.06 -19.62 -64.45
C VAL F 167 -7.55 -19.26 -64.42
N SER F 168 -8.28 -19.60 -63.35
CA SER F 168 -9.67 -19.18 -63.24
C SER F 168 -10.15 -19.15 -61.79
N ASN F 169 -11.36 -18.62 -61.59
CA ASN F 169 -12.10 -18.69 -60.33
C ASN F 169 -12.99 -19.91 -60.26
N LYS F 170 -13.65 -20.26 -61.36
CA LYS F 170 -14.85 -21.07 -61.24
C LYS F 170 -14.55 -22.56 -61.13
N ILE F 171 -15.41 -23.23 -60.37
CA ILE F 171 -15.27 -24.64 -60.02
C ILE F 171 -16.59 -25.33 -60.32
N ASN F 172 -16.46 -26.57 -60.80
CA ASN F 172 -17.57 -27.46 -61.11
C ASN F 172 -18.53 -27.61 -59.94
N ALA F 173 -19.83 -27.55 -60.24
CA ALA F 173 -20.88 -27.65 -59.23
C ALA F 173 -21.55 -29.01 -59.21
N GLY F 174 -21.04 -29.99 -59.94
CA GLY F 174 -21.56 -31.34 -59.91
C GLY F 174 -22.88 -31.54 -60.62
N MET F 175 -23.18 -30.71 -61.61
CA MET F 175 -24.50 -30.70 -62.24
C MET F 175 -24.29 -30.50 -63.74
N TYR F 176 -24.65 -31.51 -64.53
CA TYR F 176 -24.37 -31.49 -65.95
C TYR F 176 -25.62 -31.82 -66.73
N ILE F 177 -25.77 -31.23 -67.92
CA ILE F 177 -26.70 -31.74 -68.92
C ILE F 177 -25.88 -32.34 -70.06
N LEU F 178 -26.21 -33.56 -70.44
CA LEU F 178 -25.45 -34.32 -71.40
C LEU F 178 -26.38 -34.77 -72.52
N SER F 179 -25.82 -34.88 -73.72
CA SER F 179 -26.49 -35.34 -74.93
C SER F 179 -26.30 -36.85 -75.09
N PRO F 180 -27.08 -37.52 -75.96
CA PRO F 180 -26.87 -38.96 -76.14
C PRO F 180 -25.57 -39.34 -76.86
N ALA F 181 -24.95 -38.42 -77.61
CA ALA F 181 -23.67 -38.71 -78.24
C ALA F 181 -22.55 -38.77 -77.21
N VAL F 182 -22.68 -37.97 -76.14
CA VAL F 182 -21.86 -38.09 -74.94
C VAL F 182 -21.96 -39.49 -74.35
N LEU F 183 -23.17 -40.04 -74.31
CA LEU F 183 -23.36 -41.41 -73.86
C LEU F 183 -22.78 -42.42 -74.83
N GLN F 184 -22.76 -42.10 -76.12
CA GLN F 184 -22.11 -42.96 -77.09
C GLN F 184 -20.60 -42.96 -76.89
N ARG F 185 -20.05 -41.88 -76.34
CA ARG F 185 -18.59 -41.83 -76.12
C ARG F 185 -18.14 -42.68 -74.93
N ILE F 186 -18.88 -42.70 -73.82
CA ILE F 186 -18.45 -43.40 -72.61
C ILE F 186 -18.60 -44.91 -72.74
N GLN F 187 -17.76 -45.61 -72.01
CA GLN F 187 -17.64 -47.06 -72.00
C GLN F 187 -18.11 -47.63 -70.67
N LEU F 188 -18.34 -48.94 -70.68
CA LEU F 188 -18.89 -49.68 -69.54
C LEU F 188 -17.87 -49.86 -68.40
N GLN F 189 -16.59 -49.68 -68.71
CA GLN F 189 -15.45 -49.62 -67.81
C GLN F 189 -15.72 -48.81 -66.54
N PRO F 190 -15.22 -49.24 -65.38
CA PRO F 190 -15.24 -48.33 -64.22
C PRO F 190 -14.20 -47.23 -64.31
N THR F 191 -14.46 -46.21 -65.12
CA THR F 191 -13.64 -45.01 -65.09
C THR F 191 -14.56 -43.90 -64.58
N SER F 192 -13.98 -42.79 -64.14
CA SER F 192 -14.78 -41.68 -63.65
C SER F 192 -14.84 -40.55 -64.68
N ILE F 193 -16.01 -39.92 -64.77
CA ILE F 193 -16.35 -39.12 -65.95
C ILE F 193 -15.57 -37.81 -65.97
N GLU F 194 -15.39 -37.17 -64.80
CA GLU F 194 -14.65 -35.92 -64.71
C GLU F 194 -13.14 -36.13 -64.82
N LYS F 195 -12.67 -37.36 -64.56
CA LYS F 195 -11.26 -37.72 -64.69
C LYS F 195 -10.82 -37.65 -66.15
N GLU F 196 -11.55 -38.32 -67.06
CA GLU F 196 -11.11 -38.27 -68.45
C GLU F 196 -12.18 -37.78 -69.42
N VAL F 197 -13.45 -38.16 -69.26
CA VAL F 197 -14.46 -37.91 -70.30
C VAL F 197 -14.73 -36.41 -70.44
N PHE F 198 -14.79 -35.69 -69.32
CA PHE F 198 -14.99 -34.24 -69.38
C PHE F 198 -13.72 -33.57 -69.91
N PRO F 199 -12.54 -34.18 -69.73
CA PRO F 199 -11.32 -33.57 -70.28
C PRO F 199 -11.17 -33.66 -71.79
N ILE F 200 -11.46 -34.81 -72.44
CA ILE F 200 -11.40 -34.82 -73.90
C ILE F 200 -12.53 -33.99 -74.52
N MET F 201 -13.69 -33.85 -73.85
CA MET F 201 -14.70 -32.92 -74.34
C MET F 201 -14.24 -31.48 -74.18
N ALA F 202 -13.49 -31.18 -73.13
CA ALA F 202 -12.90 -29.85 -73.00
C ALA F 202 -11.78 -29.61 -74.01
N LYS F 203 -11.08 -30.67 -74.45
CA LYS F 203 -10.06 -30.52 -75.49
C LYS F 203 -10.70 -30.31 -76.86
N GLU F 204 -11.83 -30.99 -77.10
CA GLU F 204 -12.63 -30.68 -78.29
C GLU F 204 -13.42 -29.39 -78.13
N GLY F 205 -13.61 -28.95 -76.89
CA GLY F 205 -14.29 -27.69 -76.64
C GLY F 205 -15.79 -27.73 -76.81
N GLN F 206 -16.39 -28.93 -76.77
CA GLN F 206 -17.85 -29.07 -76.84
C GLN F 206 -18.53 -28.59 -75.58
N LEU F 207 -17.77 -28.48 -74.51
CA LEU F 207 -18.30 -28.27 -73.16
C LEU F 207 -18.50 -26.77 -72.94
N TYR F 208 -19.65 -26.40 -72.38
CA TYR F 208 -19.96 -25.00 -72.05
C TYR F 208 -20.29 -24.90 -70.56
N ALA F 209 -20.19 -23.68 -70.03
CA ALA F 209 -20.31 -23.47 -68.59
C ALA F 209 -21.37 -22.43 -68.24
N MET F 210 -22.20 -22.77 -67.26
CA MET F 210 -23.31 -21.96 -66.78
C MET F 210 -23.11 -21.65 -65.31
N GLU F 211 -23.47 -20.43 -64.89
CA GLU F 211 -23.12 -19.92 -63.56
C GLU F 211 -24.37 -19.65 -62.71
N LEU F 212 -24.47 -20.37 -61.58
CA LEU F 212 -25.41 -20.05 -60.53
C LEU F 212 -24.97 -18.78 -59.80
N GLN F 213 -25.92 -18.02 -59.29
CA GLN F 213 -25.56 -16.80 -58.59
C GLN F 213 -25.04 -16.98 -57.16
N GLY F 214 -25.62 -17.85 -56.35
CA GLY F 214 -25.10 -18.03 -55.00
C GLY F 214 -25.74 -19.23 -54.33
N PHE F 215 -25.26 -19.50 -53.11
CA PHE F 215 -25.70 -20.64 -52.30
C PHE F 215 -25.45 -21.96 -53.05
N TRP F 216 -24.18 -22.34 -53.09
CA TRP F 216 -23.79 -23.69 -53.46
C TRP F 216 -22.91 -24.27 -52.37
N MET F 217 -23.15 -25.52 -52.01
CA MET F 217 -22.21 -26.20 -51.12
C MET F 217 -22.19 -27.69 -51.42
N ASP F 218 -21.00 -28.20 -51.67
CA ASP F 218 -20.72 -29.62 -51.65
C ASP F 218 -20.62 -30.04 -50.20
N ILE F 219 -21.41 -31.03 -49.79
CA ILE F 219 -21.43 -31.38 -48.37
C ILE F 219 -20.93 -32.80 -48.12
N GLY F 220 -19.95 -33.25 -48.92
CA GLY F 220 -19.44 -34.61 -48.76
C GLY F 220 -18.59 -34.83 -47.53
N GLN F 221 -18.15 -33.76 -46.88
CA GLN F 221 -17.33 -33.60 -45.69
C GLN F 221 -18.16 -33.07 -44.53
N PRO F 222 -17.82 -33.41 -43.28
CA PRO F 222 -18.65 -32.96 -42.14
C PRO F 222 -18.60 -31.46 -41.86
N LYS F 223 -17.43 -30.83 -41.98
CA LYS F 223 -17.38 -29.38 -41.83
C LYS F 223 -18.07 -28.69 -42.99
N ASP F 224 -17.98 -29.30 -44.18
CA ASP F 224 -18.74 -28.82 -45.32
C ASP F 224 -20.24 -29.08 -45.17
N PHE F 225 -20.59 -30.17 -44.48
CA PHE F 225 -21.99 -30.43 -44.12
C PHE F 225 -22.54 -29.34 -43.21
N LEU F 226 -21.74 -28.90 -42.23
CA LEU F 226 -22.21 -27.85 -41.34
C LEU F 226 -22.25 -26.50 -42.02
N THR F 227 -21.30 -26.21 -42.91
CA THR F 227 -21.32 -24.94 -43.65
C THR F 227 -22.48 -24.90 -44.65
N GLY F 228 -22.77 -26.02 -45.31
CA GLY F 228 -23.93 -26.10 -46.17
C GLY F 228 -25.24 -26.02 -45.41
N MET F 229 -25.27 -26.52 -44.17
CA MET F 229 -26.45 -26.38 -43.34
C MET F 229 -26.67 -24.92 -42.93
N CYS F 230 -25.59 -24.18 -42.67
CA CYS F 230 -25.71 -22.73 -42.43
C CYS F 230 -26.23 -21.99 -43.65
N LEU F 231 -25.68 -22.31 -44.84
CA LEU F 231 -26.11 -21.61 -46.05
C LEU F 231 -27.53 -21.98 -46.45
N PHE F 232 -27.94 -23.23 -46.21
CA PHE F 232 -29.31 -23.64 -46.49
C PHE F 232 -30.28 -22.98 -45.53
N LEU F 233 -29.90 -22.81 -44.27
CA LEU F 233 -30.80 -22.13 -43.34
C LEU F 233 -30.88 -20.64 -43.65
N GLN F 234 -29.81 -20.05 -44.20
CA GLN F 234 -29.88 -18.65 -44.63
C GLN F 234 -30.79 -18.49 -45.84
N SER F 235 -30.68 -19.39 -46.83
CA SER F 235 -31.57 -19.33 -47.98
C SER F 235 -33.01 -19.64 -47.60
N LEU F 236 -33.22 -20.54 -46.63
CA LEU F 236 -34.56 -20.81 -46.13
C LEU F 236 -35.10 -19.63 -45.34
N ARG F 237 -34.23 -18.84 -44.71
CA ARG F 237 -34.70 -17.61 -44.06
C ARG F 237 -35.15 -16.58 -45.09
N GLN F 238 -34.39 -16.42 -46.16
CA GLN F 238 -34.78 -15.44 -47.16
C GLN F 238 -35.87 -15.94 -48.10
N LYS F 239 -36.24 -17.22 -48.04
CA LYS F 239 -37.20 -17.74 -49.00
C LYS F 239 -38.47 -18.29 -48.34
N GLN F 240 -38.37 -18.98 -47.20
CA GLN F 240 -39.54 -19.41 -46.42
C GLN F 240 -39.32 -19.04 -44.96
N PRO F 241 -39.47 -17.75 -44.62
CA PRO F 241 -39.06 -17.30 -43.26
C PRO F 241 -39.99 -17.76 -42.16
N GLU F 242 -41.20 -18.22 -42.51
CA GLU F 242 -42.20 -18.71 -41.57
C GLU F 242 -42.11 -20.22 -41.33
N ARG F 243 -41.18 -20.91 -42.00
CA ARG F 243 -40.93 -22.32 -41.73
C ARG F 243 -39.91 -22.55 -40.63
N LEU F 244 -38.98 -21.61 -40.46
CA LEU F 244 -38.03 -21.67 -39.35
C LEU F 244 -38.74 -21.32 -38.05
N CYS F 245 -38.43 -22.08 -37.00
CA CYS F 245 -39.13 -21.90 -35.73
C CYS F 245 -38.60 -20.67 -35.01
N SER F 246 -39.54 -19.88 -34.48
CA SER F 246 -39.24 -18.65 -33.76
C SER F 246 -39.63 -18.82 -32.30
N GLY F 247 -38.86 -18.22 -31.40
CA GLY F 247 -39.12 -18.34 -30.00
C GLY F 247 -38.38 -17.31 -29.17
N PRO F 248 -38.65 -17.29 -27.87
CA PRO F 248 -37.90 -16.37 -27.00
C PRO F 248 -36.47 -16.84 -26.72
N GLY F 249 -36.27 -18.14 -26.54
CA GLY F 249 -34.94 -18.67 -26.32
C GLY F 249 -34.32 -19.23 -27.58
N ILE F 250 -34.70 -18.69 -28.73
CA ILE F 250 -34.23 -19.17 -30.03
C ILE F 250 -33.54 -18.00 -30.73
N VAL F 251 -32.29 -18.20 -31.12
CA VAL F 251 -31.47 -17.19 -31.77
C VAL F 251 -31.21 -17.62 -33.20
N GLY F 252 -31.32 -16.67 -34.14
CA GLY F 252 -30.91 -16.91 -35.51
C GLY F 252 -31.89 -17.75 -36.30
N ASN F 253 -31.35 -18.52 -37.25
CA ASN F 253 -32.15 -19.37 -38.12
C ASN F 253 -32.16 -20.79 -37.56
N VAL F 254 -33.26 -21.20 -36.96
CA VAL F 254 -33.36 -22.52 -36.35
C VAL F 254 -34.53 -23.27 -36.98
N LEU F 255 -34.25 -24.45 -37.52
CA LEU F 255 -35.26 -25.32 -38.11
C LEU F 255 -35.56 -26.46 -37.15
N VAL F 256 -36.81 -26.57 -36.71
CA VAL F 256 -37.20 -27.55 -35.72
C VAL F 256 -38.32 -28.39 -36.31
N ASP F 257 -38.15 -29.71 -36.28
CA ASP F 257 -39.20 -30.61 -36.73
C ASP F 257 -40.35 -30.57 -35.73
N PRO F 258 -41.59 -30.81 -36.17
CA PRO F 258 -42.71 -30.85 -35.21
C PRO F 258 -42.65 -31.95 -34.17
N SER F 259 -41.98 -33.09 -34.44
CA SER F 259 -41.81 -34.08 -33.37
C SER F 259 -40.74 -33.72 -32.37
N ALA F 260 -39.91 -32.72 -32.65
CA ALA F 260 -38.81 -32.39 -31.76
C ALA F 260 -39.30 -31.66 -30.52
N ARG F 261 -38.71 -32.00 -29.38
CA ARG F 261 -39.02 -31.37 -28.10
C ARG F 261 -37.85 -30.53 -27.66
N ILE F 262 -38.13 -29.30 -27.23
CA ILE F 262 -37.13 -28.38 -26.70
C ILE F 262 -37.57 -27.99 -25.29
N GLY F 263 -36.69 -28.20 -24.32
CA GLY F 263 -37.03 -27.99 -22.93
C GLY F 263 -37.06 -26.54 -22.52
N GLN F 264 -37.40 -26.33 -21.24
CA GLN F 264 -37.49 -25.00 -20.66
C GLN F 264 -36.11 -24.42 -20.43
N ASN F 265 -36.00 -23.10 -20.63
CA ASN F 265 -34.85 -22.27 -20.21
C ASN F 265 -33.54 -22.70 -20.87
N CYS F 266 -33.57 -22.84 -22.19
CA CYS F 266 -32.40 -23.24 -22.94
C CYS F 266 -32.28 -22.35 -24.17
N SER F 267 -31.04 -22.16 -24.63
CA SER F 267 -30.75 -21.18 -25.68
C SER F 267 -30.26 -21.91 -26.93
N ILE F 268 -31.17 -22.12 -27.87
CA ILE F 268 -30.82 -22.75 -29.15
C ILE F 268 -30.28 -21.65 -30.06
N GLY F 269 -28.98 -21.73 -30.35
CA GLY F 269 -28.30 -20.68 -31.07
C GLY F 269 -28.48 -20.77 -32.57
N PRO F 270 -27.73 -19.96 -33.33
CA PRO F 270 -27.99 -19.83 -34.76
C PRO F 270 -27.55 -21.04 -35.56
N ASN F 271 -28.24 -21.23 -36.70
CA ASN F 271 -27.97 -22.29 -37.69
C ASN F 271 -28.05 -23.69 -37.10
N VAL F 272 -29.18 -24.00 -36.48
CA VAL F 272 -29.40 -25.29 -35.84
C VAL F 272 -30.58 -25.96 -36.51
N SER F 273 -30.40 -27.22 -36.90
CA SER F 273 -31.47 -28.03 -37.47
C SER F 273 -31.68 -29.25 -36.59
N LEU F 274 -32.80 -29.29 -35.87
CA LEU F 274 -33.14 -30.39 -34.99
C LEU F 274 -34.05 -31.37 -35.72
N GLY F 275 -33.71 -32.65 -35.67
CA GLY F 275 -34.42 -33.65 -36.42
C GLY F 275 -35.72 -34.05 -35.78
N PRO F 276 -36.43 -34.98 -36.43
CA PRO F 276 -37.70 -35.47 -35.88
C PRO F 276 -37.50 -36.37 -34.68
N GLY F 277 -38.16 -36.04 -33.58
CA GLY F 277 -38.14 -36.87 -32.40
C GLY F 277 -37.01 -36.62 -31.43
N VAL F 278 -36.26 -35.55 -31.60
CA VAL F 278 -35.17 -35.26 -30.69
C VAL F 278 -35.74 -34.64 -29.42
N VAL F 279 -35.05 -34.86 -28.30
CA VAL F 279 -35.45 -34.35 -27.00
C VAL F 279 -34.30 -33.51 -26.46
N VAL F 280 -34.47 -32.19 -26.49
CA VAL F 280 -33.51 -31.26 -25.91
C VAL F 280 -34.04 -30.90 -24.52
N GLU F 281 -33.23 -31.11 -23.51
CA GLU F 281 -33.65 -30.89 -22.13
C GLU F 281 -33.33 -29.47 -21.70
N ASP F 282 -33.39 -29.21 -20.40
CA ASP F 282 -33.30 -27.86 -19.88
C ASP F 282 -31.87 -27.34 -19.85
N GLY F 283 -31.68 -26.09 -20.24
CA GLY F 283 -30.38 -25.46 -20.13
C GLY F 283 -29.35 -25.91 -21.13
N VAL F 284 -29.77 -26.45 -22.26
CA VAL F 284 -28.86 -26.91 -23.29
C VAL F 284 -28.65 -25.79 -24.30
N CYS F 285 -27.39 -25.42 -24.53
CA CYS F 285 -27.05 -24.44 -25.54
C CYS F 285 -26.54 -25.18 -26.77
N ILE F 286 -27.20 -24.99 -27.90
CA ILE F 286 -26.84 -25.65 -29.16
C ILE F 286 -26.70 -24.56 -30.21
N ARG F 287 -25.49 -24.39 -30.75
CA ARG F 287 -25.22 -23.47 -31.85
C ARG F 287 -24.57 -24.25 -32.99
N ARG F 288 -24.94 -23.93 -34.23
CA ARG F 288 -24.32 -24.43 -35.46
C ARG F 288 -24.29 -25.96 -35.59
N CYS F 289 -25.16 -26.65 -34.86
CA CYS F 289 -25.14 -28.10 -34.94
C CYS F 289 -26.32 -28.70 -35.67
N THR F 290 -26.13 -29.94 -36.09
CA THR F 290 -27.18 -30.70 -36.76
C THR F 290 -27.47 -31.94 -35.95
N VAL F 291 -28.63 -31.98 -35.31
CA VAL F 291 -29.03 -33.10 -34.48
C VAL F 291 -30.00 -33.95 -35.29
N LEU F 292 -29.56 -35.14 -35.68
CA LEU F 292 -30.39 -36.05 -36.46
C LEU F 292 -31.40 -36.72 -35.55
N ARG F 293 -32.24 -37.58 -36.14
CA ARG F 293 -33.49 -38.00 -35.53
C ARG F 293 -33.28 -38.92 -34.32
N ASP F 294 -34.24 -38.86 -33.39
CA ASP F 294 -34.33 -39.67 -32.17
C ASP F 294 -33.18 -39.45 -31.19
N ALA F 295 -32.42 -38.37 -31.32
CA ALA F 295 -31.25 -38.17 -30.48
C ALA F 295 -31.61 -37.31 -29.29
N ARG F 296 -31.26 -37.77 -28.10
CA ARG F 296 -31.60 -37.07 -26.86
C ARG F 296 -30.37 -36.38 -26.30
N ILE F 297 -30.47 -35.07 -26.11
CA ILE F 297 -29.39 -34.27 -25.54
C ILE F 297 -29.82 -33.84 -24.15
N ARG F 298 -29.18 -34.40 -23.12
CA ARG F 298 -29.61 -34.17 -21.76
C ARG F 298 -29.16 -32.79 -21.27
N SER F 299 -29.52 -32.47 -20.03
CA SER F 299 -29.58 -31.10 -19.56
C SER F 299 -28.20 -30.51 -19.32
N HIS F 300 -28.15 -29.17 -19.39
CA HIS F 300 -26.97 -28.34 -19.12
C HIS F 300 -25.79 -28.63 -20.05
N SER F 301 -26.05 -29.16 -21.24
CA SER F 301 -24.99 -29.44 -22.19
C SER F 301 -24.68 -28.20 -23.01
N TRP F 302 -23.56 -28.25 -23.72
CA TRP F 302 -23.13 -27.19 -24.62
C TRP F 302 -22.59 -27.80 -25.88
N LEU F 303 -23.17 -27.44 -27.01
CA LEU F 303 -22.87 -28.08 -28.28
C LEU F 303 -22.66 -26.96 -29.29
N GLU F 304 -21.49 -26.93 -29.93
CA GLU F 304 -21.23 -25.96 -30.97
C GLU F 304 -20.54 -26.63 -32.13
N SER F 305 -21.13 -26.50 -33.32
CA SER F 305 -20.61 -27.02 -34.59
C SER F 305 -20.38 -28.53 -34.51
N CYS F 306 -21.48 -29.26 -34.41
CA CYS F 306 -21.42 -30.71 -34.25
C CYS F 306 -22.46 -31.39 -35.14
N ILE F 307 -22.32 -32.70 -35.26
CA ILE F 307 -23.31 -33.55 -35.92
C ILE F 307 -23.62 -34.69 -34.96
N VAL F 308 -24.82 -34.72 -34.43
CA VAL F 308 -25.26 -35.73 -33.49
C VAL F 308 -26.06 -36.76 -34.25
N GLY F 309 -25.62 -38.02 -34.19
CA GLY F 309 -26.21 -39.07 -35.00
C GLY F 309 -27.56 -39.55 -34.49
N TRP F 310 -28.06 -40.59 -35.13
CA TRP F 310 -29.38 -41.12 -34.80
C TRP F 310 -29.33 -41.90 -33.50
N ARG F 311 -30.33 -41.65 -32.64
CA ARG F 311 -30.55 -42.34 -31.36
C ARG F 311 -29.35 -42.19 -30.42
N CYS F 312 -28.75 -41.00 -30.42
CA CYS F 312 -27.66 -40.73 -29.50
C CYS F 312 -28.21 -40.37 -28.12
N ARG F 313 -27.31 -40.32 -27.15
CA ARG F 313 -27.66 -39.86 -25.80
C ARG F 313 -26.47 -39.05 -25.28
N VAL F 314 -26.48 -37.75 -25.53
CA VAL F 314 -25.48 -36.87 -24.98
C VAL F 314 -25.88 -36.57 -23.54
N GLY F 315 -24.97 -36.86 -22.60
CA GLY F 315 -25.27 -36.74 -21.19
C GLY F 315 -25.29 -35.32 -20.67
N GLN F 316 -25.21 -35.17 -19.36
CA GLN F 316 -25.33 -33.86 -18.74
C GLN F 316 -23.95 -33.21 -18.59
N TRP F 317 -23.93 -31.88 -18.75
CA TRP F 317 -22.72 -31.04 -18.71
C TRP F 317 -21.65 -31.50 -19.69
N VAL F 318 -22.05 -31.96 -20.86
CA VAL F 318 -21.11 -32.36 -21.90
C VAL F 318 -20.86 -31.17 -22.81
N ARG F 319 -19.59 -30.90 -23.07
CA ARG F 319 -19.19 -29.87 -24.01
C ARG F 319 -18.69 -30.55 -25.27
N MET F 320 -19.24 -30.16 -26.42
CA MET F 320 -18.85 -30.70 -27.71
C MET F 320 -18.60 -29.54 -28.66
N GLU F 321 -17.39 -29.44 -29.18
CA GLU F 321 -17.04 -28.36 -30.09
C GLU F 321 -16.17 -28.95 -31.18
N ASN F 322 -15.91 -28.15 -32.22
CA ASN F 322 -15.03 -28.51 -33.33
C ASN F 322 -15.41 -29.73 -34.14
N VAL F 323 -16.47 -29.61 -34.93
CA VAL F 323 -16.99 -30.66 -35.81
C VAL F 323 -16.87 -32.10 -35.33
N THR F 324 -17.33 -32.36 -34.12
CA THR F 324 -17.29 -33.70 -33.59
C THR F 324 -18.50 -34.40 -34.15
N VAL F 325 -18.30 -35.50 -34.86
CA VAL F 325 -19.46 -36.20 -35.42
C VAL F 325 -19.68 -37.45 -34.59
N LEU F 326 -20.89 -37.59 -34.05
CA LEU F 326 -21.28 -38.82 -33.39
C LEU F 326 -22.03 -39.70 -34.37
N GLY F 327 -21.73 -41.00 -34.34
CA GLY F 327 -22.43 -41.96 -35.17
C GLY F 327 -23.78 -42.32 -34.59
N GLU F 328 -24.31 -43.45 -35.03
CA GLU F 328 -25.58 -43.89 -34.48
C GLU F 328 -25.36 -44.54 -33.13
N ASP F 329 -26.32 -44.33 -32.21
CA ASP F 329 -26.42 -45.00 -30.91
C ASP F 329 -25.18 -44.76 -30.03
N VAL F 330 -24.70 -43.54 -30.01
CA VAL F 330 -23.50 -43.20 -29.25
C VAL F 330 -23.92 -42.61 -27.91
N ILE F 331 -23.47 -43.23 -26.83
CA ILE F 331 -23.72 -42.74 -25.48
C ILE F 331 -22.50 -41.96 -25.04
N VAL F 332 -22.69 -40.67 -24.75
CA VAL F 332 -21.67 -39.85 -24.14
C VAL F 332 -22.02 -39.68 -22.67
N ASN F 333 -21.10 -40.07 -21.78
CA ASN F 333 -21.35 -39.99 -20.35
C ASN F 333 -21.34 -38.54 -19.87
N ASP F 334 -21.68 -38.34 -18.60
CA ASP F 334 -21.83 -36.99 -18.12
C ASP F 334 -20.48 -36.35 -17.83
N GLU F 335 -20.45 -35.02 -17.99
CA GLU F 335 -19.30 -34.15 -17.70
C GLU F 335 -18.08 -34.51 -18.51
N LEU F 336 -18.27 -34.64 -19.83
CA LEU F 336 -17.19 -34.96 -20.74
C LEU F 336 -16.96 -33.80 -21.70
N TYR F 337 -15.81 -33.83 -22.36
CA TYR F 337 -15.43 -32.79 -23.32
C TYR F 337 -14.97 -33.48 -24.59
N LEU F 338 -15.59 -33.11 -25.71
CA LEU F 338 -15.26 -33.68 -27.01
C LEU F 338 -14.87 -32.57 -27.95
N ASN F 339 -13.67 -32.67 -28.52
CA ASN F 339 -13.14 -31.71 -29.46
C ASN F 339 -12.61 -32.51 -30.65
N GLY F 340 -13.32 -32.50 -31.76
CA GLY F 340 -12.87 -33.20 -32.94
C GLY F 340 -13.09 -34.70 -32.92
N ALA F 341 -13.86 -35.21 -31.98
CA ALA F 341 -14.05 -36.65 -31.84
C ALA F 341 -15.01 -37.15 -32.91
N SER F 342 -14.50 -37.79 -33.94
CA SER F 342 -15.33 -38.54 -34.87
C SER F 342 -15.53 -39.92 -34.26
N VAL F 343 -16.70 -40.13 -33.67
CA VAL F 343 -16.99 -41.32 -32.89
C VAL F 343 -17.78 -42.29 -33.76
N LEU F 344 -17.30 -43.53 -33.84
CA LEU F 344 -17.92 -44.57 -34.64
C LEU F 344 -19.22 -45.02 -33.98
N PRO F 345 -20.14 -45.64 -34.74
CA PRO F 345 -21.44 -46.03 -34.18
C PRO F 345 -21.35 -47.08 -33.08
N HIS F 346 -22.38 -47.06 -32.21
CA HIS F 346 -22.57 -47.97 -31.08
C HIS F 346 -21.41 -47.93 -30.10
N LYS F 347 -20.88 -46.74 -29.87
CA LYS F 347 -19.79 -46.54 -28.92
C LYS F 347 -20.31 -45.88 -27.66
N SER F 348 -19.64 -46.16 -26.55
CA SER F 348 -19.93 -45.51 -25.26
C SER F 348 -18.68 -44.77 -24.82
N ILE F 349 -18.79 -43.46 -24.68
CA ILE F 349 -17.64 -42.62 -24.35
C ILE F 349 -17.68 -42.29 -22.86
N GLY F 350 -16.58 -42.55 -22.17
CA GLY F 350 -16.51 -42.24 -20.76
C GLY F 350 -15.33 -41.35 -20.42
N GLU F 351 -14.55 -40.99 -21.42
CA GLU F 351 -13.36 -40.18 -21.23
C GLU F 351 -13.47 -38.96 -22.13
N SER F 352 -12.86 -37.86 -21.72
CA SER F 352 -12.85 -36.67 -22.55
C SER F 352 -11.88 -36.84 -23.71
N VAL F 353 -12.22 -36.24 -24.84
CA VAL F 353 -11.37 -36.25 -26.03
C VAL F 353 -10.87 -34.83 -26.27
N PRO F 354 -9.66 -34.47 -25.84
CA PRO F 354 -9.26 -33.05 -25.90
C PRO F 354 -8.72 -32.60 -27.25
N GLU F 355 -8.07 -33.49 -28.01
CA GLU F 355 -7.62 -33.20 -29.36
C GLU F 355 -8.47 -33.96 -30.37
N PRO F 356 -8.56 -33.47 -31.65
CA PRO F 356 -9.28 -34.22 -32.68
C PRO F 356 -8.69 -35.58 -33.01
N ARG F 357 -9.42 -36.64 -32.66
CA ARG F 357 -9.02 -37.99 -33.00
C ARG F 357 -10.28 -38.82 -33.23
N ILE F 358 -10.08 -40.00 -33.79
CA ILE F 358 -11.18 -40.91 -34.12
C ILE F 358 -11.31 -41.94 -33.00
N ILE F 359 -12.52 -42.10 -32.50
CA ILE F 359 -12.81 -43.03 -31.41
C ILE F 359 -13.45 -44.27 -32.01
N MET F 360 -12.90 -45.44 -31.68
CA MET F 360 -13.48 -46.71 -32.11
C MET F 360 -13.29 -47.77 -31.03
N MET G 1 46.00 -23.92 -72.46
CA MET G 1 45.67 -23.32 -71.17
C MET G 1 45.60 -24.39 -70.10
N LYS G 2 45.67 -23.97 -68.83
CA LYS G 2 45.64 -24.86 -67.68
C LYS G 2 44.34 -24.65 -66.93
N ALA G 3 44.16 -25.40 -65.84
CA ALA G 3 42.93 -25.35 -65.06
C ALA G 3 43.25 -25.74 -63.62
N LEU G 4 42.65 -25.04 -62.66
CA LEU G 4 42.64 -25.48 -61.28
C LEU G 4 41.42 -26.32 -60.97
N ILE G 5 41.61 -27.33 -60.12
CA ILE G 5 40.52 -28.01 -59.45
C ILE G 5 40.64 -27.73 -57.96
N LEU G 6 39.60 -27.15 -57.39
CA LEU G 6 39.61 -26.83 -55.97
C LEU G 6 39.46 -28.12 -55.18
N GLY G 8 40.30 -29.95 -52.28
CA GLY G 8 41.04 -30.27 -51.06
C GLY G 8 40.44 -31.04 -49.89
N GLY G 9 39.60 -30.42 -49.08
CA GLY G 9 39.45 -30.95 -47.74
C GLY G 9 38.07 -31.10 -47.15
N TYR G 10 37.74 -32.36 -46.81
CA TYR G 10 36.66 -32.86 -45.94
C TYR G 10 35.31 -32.16 -46.15
N GLY G 11 34.68 -32.42 -47.30
CA GLY G 11 33.34 -31.93 -47.58
C GLY G 11 32.37 -32.36 -46.50
N THR G 12 31.93 -31.39 -45.70
CA THR G 12 31.24 -31.67 -44.45
C THR G 12 29.84 -32.23 -44.68
N ARG G 13 29.23 -31.88 -45.81
CA ARG G 13 27.95 -32.46 -46.17
C ARG G 13 28.22 -33.89 -46.66
N LEU G 14 27.19 -34.72 -46.74
CA LEU G 14 27.32 -36.13 -47.18
C LEU G 14 28.44 -36.85 -46.42
N ARG G 15 28.63 -36.39 -45.19
CA ARG G 15 29.66 -36.85 -44.26
C ARG G 15 29.83 -38.37 -44.10
N PRO G 16 28.79 -39.24 -44.15
CA PRO G 16 29.10 -40.69 -44.09
C PRO G 16 29.85 -41.25 -45.28
N LEU G 17 29.89 -40.52 -46.41
CA LEU G 17 30.71 -40.95 -47.53
C LEU G 17 32.10 -40.32 -47.48
N THR G 18 32.20 -39.06 -47.06
CA THR G 18 33.50 -38.40 -47.06
C THR G 18 34.41 -38.87 -45.94
N LEU G 19 33.88 -39.60 -44.96
CA LEU G 19 34.71 -40.08 -43.87
C LEU G 19 35.58 -41.25 -44.30
N SER G 20 35.24 -41.93 -45.38
CA SER G 20 36.01 -43.09 -45.83
C SER G 20 36.99 -42.72 -46.94
N THR G 21 36.48 -42.18 -48.04
CA THR G 21 37.29 -41.68 -49.13
C THR G 21 36.94 -40.22 -49.34
N PRO G 22 37.84 -39.41 -49.91
CA PRO G 22 37.55 -37.98 -50.12
C PRO G 22 36.36 -37.71 -51.03
N LYS G 23 35.82 -36.50 -50.88
CA LYS G 23 34.62 -36.07 -51.62
C LYS G 23 34.76 -36.08 -53.15
N PRO G 24 35.88 -35.70 -53.78
CA PRO G 24 35.95 -35.90 -55.24
C PRO G 24 36.15 -37.35 -55.67
N LEU G 25 36.36 -38.28 -54.74
CA LEU G 25 36.63 -39.65 -55.11
C LEU G 25 35.42 -40.57 -54.98
N VAL G 26 34.29 -40.10 -54.45
CA VAL G 26 33.12 -40.95 -54.32
C VAL G 26 32.49 -41.14 -55.71
N ASP G 27 31.98 -42.34 -55.97
CA ASP G 27 31.53 -42.66 -57.32
C ASP G 27 30.15 -42.05 -57.58
N PHE G 28 30.07 -41.29 -58.67
CA PHE G 28 28.85 -40.66 -59.12
C PHE G 28 28.50 -41.27 -60.47
N CYS G 29 27.54 -42.19 -60.46
CA CYS G 29 27.18 -43.05 -61.61
C CYS G 29 28.40 -43.81 -62.13
N ASN G 30 28.94 -44.66 -61.24
CA ASN G 30 30.03 -45.61 -61.50
C ASN G 30 31.31 -44.93 -61.97
N LYS G 31 31.55 -43.71 -61.48
CA LYS G 31 32.72 -42.91 -61.82
C LYS G 31 32.85 -41.82 -60.78
N PRO G 32 34.05 -41.53 -60.29
CA PRO G 32 34.24 -40.37 -59.41
C PRO G 32 34.02 -39.07 -60.16
N ILE G 33 33.57 -38.04 -59.42
CA ILE G 33 33.19 -36.76 -60.01
C ILE G 33 34.42 -36.04 -60.56
N LEU G 34 35.57 -36.22 -59.89
CA LEU G 34 36.84 -35.69 -60.38
C LEU G 34 37.23 -36.31 -61.71
N LEU G 35 36.95 -37.61 -61.87
CA LEU G 35 37.19 -38.25 -63.15
C LEU G 35 36.31 -37.66 -64.25
N HIS G 36 35.03 -37.37 -63.95
CA HIS G 36 34.14 -36.65 -64.87
C HIS G 36 34.72 -35.29 -65.28
N GLN G 37 35.19 -34.51 -64.29
CA GLN G 37 35.71 -33.18 -64.57
C GLN G 37 37.01 -33.23 -65.39
N VAL G 38 37.87 -34.22 -65.14
CA VAL G 38 39.09 -34.28 -65.93
C VAL G 38 38.89 -34.94 -67.30
N GLU G 39 37.89 -35.82 -67.46
CA GLU G 39 37.46 -36.25 -68.80
C GLU G 39 36.99 -35.07 -69.63
N ALA G 40 36.16 -34.21 -69.03
CA ALA G 40 35.65 -33.05 -69.77
C ALA G 40 36.76 -32.03 -70.04
N LEU G 41 37.72 -31.91 -69.12
CA LEU G 41 38.89 -31.05 -69.34
C LEU G 41 39.79 -31.58 -70.44
N ALA G 42 39.96 -32.90 -70.53
CA ALA G 42 40.75 -33.50 -71.60
C ALA G 42 40.03 -33.45 -72.93
N ALA G 43 38.70 -33.51 -72.92
CA ALA G 43 37.92 -33.28 -74.13
C ALA G 43 37.98 -31.81 -74.56
N ALA G 44 38.18 -30.89 -73.60
CA ALA G 44 38.35 -29.48 -73.95
C ALA G 44 39.70 -29.23 -74.63
N GLY G 45 40.75 -29.90 -74.15
CA GLY G 45 42.09 -29.72 -74.70
C GLY G 45 43.10 -29.16 -73.73
N VAL G 46 42.78 -29.07 -72.43
CA VAL G 46 43.73 -28.58 -71.44
C VAL G 46 44.86 -29.58 -71.27
N ASP G 47 46.10 -29.11 -71.47
CA ASP G 47 47.26 -30.03 -71.47
C ASP G 47 47.68 -30.46 -70.07
N HIS G 48 47.50 -29.61 -69.05
CA HIS G 48 47.74 -30.03 -67.68
C HIS G 48 46.87 -29.22 -66.72
N VAL G 49 46.53 -29.83 -65.59
CA VAL G 49 45.52 -29.33 -64.67
C VAL G 49 46.00 -29.57 -63.23
N ILE G 50 45.89 -28.54 -62.40
CA ILE G 50 46.45 -28.56 -61.05
C ILE G 50 45.31 -28.82 -60.08
N LEU G 51 45.49 -29.82 -59.23
CA LEU G 51 44.47 -30.21 -58.26
C LEU G 51 44.90 -29.97 -56.83
N ALA G 52 44.60 -28.78 -56.32
CA ALA G 52 44.94 -28.41 -54.95
C ALA G 52 44.33 -29.38 -53.93
N VAL G 53 45.09 -29.71 -52.89
CA VAL G 53 44.62 -30.63 -51.84
C VAL G 53 45.29 -30.33 -50.51
N SER G 54 44.50 -29.94 -49.51
CA SER G 54 45.08 -29.64 -48.20
C SER G 54 44.94 -30.79 -47.23
N TYR G 55 43.86 -31.57 -47.35
CA TYR G 55 43.76 -32.83 -46.63
C TYR G 55 44.76 -33.79 -47.26
N MET G 56 45.54 -34.48 -46.42
CA MET G 56 46.54 -35.41 -46.92
C MET G 56 45.84 -36.58 -47.58
N SER G 57 45.96 -36.66 -48.89
CA SER G 57 45.18 -37.60 -49.69
C SER G 57 46.16 -38.41 -50.52
N GLN G 58 46.63 -39.51 -49.93
CA GLN G 58 47.58 -40.36 -50.64
C GLN G 58 46.87 -41.22 -51.68
N VAL G 59 45.62 -41.63 -51.41
CA VAL G 59 44.89 -42.43 -52.39
C VAL G 59 44.44 -41.56 -53.56
N LEU G 60 44.31 -40.25 -53.34
CA LEU G 60 44.03 -39.35 -54.44
C LEU G 60 45.28 -39.16 -55.29
N GLU G 61 46.48 -39.10 -54.65
CA GLU G 61 47.75 -39.18 -55.36
C GLU G 61 47.79 -40.43 -56.25
N LYS G 62 47.43 -41.59 -55.65
CA LYS G 62 47.48 -42.92 -56.27
C LYS G 62 46.65 -42.97 -57.55
N GLU G 63 45.33 -42.80 -57.39
CA GLU G 63 44.40 -42.88 -58.52
C GLU G 63 44.60 -41.73 -59.49
N MET G 64 45.15 -40.60 -59.03
CA MET G 64 45.35 -39.49 -59.94
C MET G 64 46.60 -39.70 -60.80
N LYS G 65 47.69 -40.25 -60.23
CA LYS G 65 48.87 -40.64 -61.02
C LYS G 65 48.50 -41.70 -62.06
N ALA G 66 47.63 -42.65 -61.68
CA ALA G 66 47.13 -43.63 -62.65
C ALA G 66 46.30 -42.97 -63.75
N GLN G 67 45.58 -41.90 -63.42
CA GLN G 67 44.79 -41.22 -64.43
C GLN G 67 45.64 -40.31 -65.33
N GLU G 68 46.74 -39.76 -64.80
CA GLU G 68 47.75 -39.08 -65.62
C GLU G 68 48.32 -40.02 -66.66
N GLN G 69 48.58 -41.24 -66.24
CA GLN G 69 49.14 -42.24 -67.13
C GLN G 69 48.08 -42.77 -68.10
N ARG G 70 46.80 -42.74 -67.68
CA ARG G 70 45.69 -43.25 -68.49
C ARG G 70 45.27 -42.26 -69.58
N LEU G 71 45.22 -40.96 -69.26
CA LEU G 71 44.50 -40.01 -70.09
C LEU G 71 45.39 -39.16 -71.01
N GLY G 72 46.68 -39.02 -70.72
CA GLY G 72 47.58 -38.33 -71.62
C GLY G 72 47.82 -36.87 -71.28
N ILE G 73 47.21 -36.35 -70.24
CA ILE G 73 47.47 -34.98 -69.80
C ILE G 73 48.23 -35.06 -68.47
N ARG G 74 49.08 -34.07 -68.24
CA ARG G 74 49.81 -34.04 -66.97
C ARG G 74 48.92 -33.51 -65.86
N ILE G 75 49.35 -33.67 -64.61
CA ILE G 75 48.68 -33.08 -63.45
C ILE G 75 49.74 -32.65 -62.45
N SER G 76 49.61 -31.43 -61.94
CA SER G 76 50.45 -30.90 -60.87
C SER G 76 49.71 -30.99 -59.55
N MET G 77 50.45 -31.26 -58.47
CA MET G 77 49.85 -31.58 -57.18
C MET G 77 50.15 -30.44 -56.22
N SER G 78 49.21 -29.50 -56.07
CA SER G 78 49.39 -28.45 -55.09
C SER G 78 49.05 -28.97 -53.70
N HIS G 79 50.03 -28.92 -52.80
CA HIS G 79 49.91 -29.49 -51.47
C HIS G 79 49.97 -28.39 -50.41
N GLU G 80 48.96 -28.35 -49.57
CA GLU G 80 48.82 -27.36 -48.52
C GLU G 80 48.88 -28.05 -47.17
N GLU G 81 49.49 -27.40 -46.19
CA GLU G 81 49.61 -28.07 -44.90
C GLU G 81 48.52 -27.60 -43.95
N GLU G 82 48.15 -26.32 -44.06
CA GLU G 82 46.92 -25.78 -43.49
C GLU G 82 45.86 -25.70 -44.58
N PRO G 83 44.58 -25.70 -44.21
CA PRO G 83 43.53 -25.35 -45.17
C PRO G 83 43.63 -23.88 -45.57
N LEU G 84 43.91 -23.65 -46.86
CA LEU G 84 43.91 -22.29 -47.39
C LEU G 84 42.59 -21.88 -48.02
N GLY G 85 41.51 -22.61 -47.76
CA GLY G 85 40.21 -22.24 -48.27
C GLY G 85 40.06 -22.45 -49.78
N THR G 86 39.48 -21.48 -50.48
CA THR G 86 39.28 -21.62 -51.91
C THR G 86 39.98 -20.55 -52.75
N ALA G 87 40.50 -19.47 -52.14
CA ALA G 87 41.36 -18.55 -52.87
C ALA G 87 42.84 -18.80 -52.64
N GLY G 88 43.23 -19.10 -51.40
CA GLY G 88 44.55 -19.56 -51.05
C GLY G 88 45.18 -20.67 -51.90
N PRO G 89 44.39 -21.66 -52.36
CA PRO G 89 44.90 -22.57 -53.39
C PRO G 89 45.31 -21.91 -54.70
N LEU G 90 44.68 -20.79 -55.08
CA LEU G 90 45.16 -20.10 -56.29
C LEU G 90 46.51 -19.44 -56.03
N ALA G 91 46.68 -18.82 -54.87
CA ALA G 91 47.92 -18.12 -54.56
C ALA G 91 49.06 -19.06 -54.17
N LEU G 92 48.77 -20.30 -53.79
CA LEU G 92 49.85 -21.25 -53.58
C LEU G 92 50.47 -21.71 -54.90
N ALA G 93 49.64 -21.99 -55.90
CA ALA G 93 50.07 -22.40 -57.23
C ALA G 93 50.15 -21.22 -58.18
N ARG G 94 50.51 -20.04 -57.67
CA ARG G 94 50.44 -18.82 -58.47
C ARG G 94 51.62 -18.65 -59.41
N ASP G 95 52.79 -19.26 -59.11
CA ASP G 95 53.90 -19.13 -60.03
C ASP G 95 53.80 -20.09 -61.21
N LEU G 96 52.85 -21.02 -61.16
CA LEU G 96 52.58 -21.89 -62.30
C LEU G 96 51.58 -21.25 -63.27
N LEU G 97 50.53 -20.63 -62.73
CA LEU G 97 49.57 -19.85 -63.52
C LEU G 97 50.12 -18.50 -63.96
N SER G 98 51.20 -18.02 -63.33
CA SER G 98 51.81 -16.77 -63.77
C SER G 98 52.77 -16.94 -64.94
N GLU G 99 53.29 -18.15 -65.22
CA GLU G 99 54.31 -18.21 -66.26
C GLU G 99 53.75 -18.45 -67.65
N THR G 100 52.42 -18.36 -67.80
CA THR G 100 51.80 -18.17 -69.11
C THR G 100 50.64 -17.21 -68.94
N ALA G 101 50.73 -16.04 -69.59
CA ALA G 101 49.66 -15.04 -69.55
C ALA G 101 48.56 -15.48 -70.50
N ASP G 102 47.64 -16.25 -69.95
CA ASP G 102 46.60 -16.91 -70.72
C ASP G 102 45.52 -17.25 -69.71
N PRO G 103 44.24 -17.11 -70.07
CA PRO G 103 43.16 -17.36 -69.09
C PRO G 103 43.05 -18.83 -68.73
N PHE G 104 42.79 -19.07 -67.45
CA PHE G 104 42.79 -20.42 -66.90
C PHE G 104 41.46 -20.68 -66.22
N PHE G 105 40.99 -21.91 -66.34
CA PHE G 105 39.77 -22.28 -65.66
C PHE G 105 40.10 -22.51 -64.19
N VAL G 106 39.12 -22.30 -63.33
CA VAL G 106 39.17 -22.78 -61.96
C VAL G 106 37.81 -23.40 -61.66
N LEU G 107 37.82 -24.60 -61.10
CA LEU G 107 36.65 -25.47 -61.12
C LEU G 107 36.35 -25.95 -59.71
N ASN G 108 35.06 -26.02 -59.38
CA ASN G 108 34.62 -26.66 -58.15
C ASN G 108 34.36 -28.14 -58.41
N SER G 109 34.67 -28.98 -57.41
CA SER G 109 34.61 -30.41 -57.64
C SER G 109 33.20 -30.96 -57.46
N ASP G 110 32.41 -30.34 -56.56
CA ASP G 110 31.06 -30.81 -56.25
C ASP G 110 30.03 -30.53 -57.33
N VAL G 111 30.41 -29.94 -58.46
CA VAL G 111 29.43 -29.57 -59.46
C VAL G 111 29.49 -30.57 -60.61
N ILE G 112 28.35 -31.19 -60.93
CA ILE G 112 28.21 -31.98 -62.14
C ILE G 112 27.24 -31.25 -63.06
N CYS G 113 27.60 -31.25 -64.35
CA CYS G 113 26.81 -30.69 -65.44
C CYS G 113 27.41 -31.30 -66.69
N ASP G 114 26.93 -30.84 -67.85
CA ASP G 114 27.76 -31.04 -69.04
C ASP G 114 28.39 -29.70 -69.40
N PHE G 115 29.71 -29.75 -69.63
CA PHE G 115 30.57 -28.61 -69.40
C PHE G 115 30.81 -27.88 -70.71
N PRO G 116 30.33 -26.65 -70.88
CA PRO G 116 30.60 -25.90 -72.12
C PRO G 116 31.93 -25.14 -72.03
N PHE G 117 33.03 -25.86 -72.19
CA PHE G 117 34.34 -25.27 -71.95
C PHE G 117 34.76 -24.33 -73.08
N GLN G 118 34.69 -24.80 -74.33
CA GLN G 118 35.12 -23.97 -75.46
C GLN G 118 34.15 -22.84 -75.75
N ALA G 119 32.87 -23.01 -75.42
CA ALA G 119 31.92 -21.92 -75.57
C ALA G 119 32.16 -20.83 -74.52
N MET G 120 32.63 -21.23 -73.34
CA MET G 120 32.99 -20.28 -72.29
C MET G 120 34.33 -19.61 -72.59
N VAL G 121 35.19 -20.29 -73.34
CA VAL G 121 36.41 -19.69 -73.89
C VAL G 121 36.06 -18.64 -74.95
N GLN G 122 35.08 -18.97 -75.83
CA GLN G 122 34.49 -18.02 -76.77
C GLN G 122 33.94 -16.79 -76.06
N PHE G 123 33.19 -17.00 -74.99
CA PHE G 123 32.56 -15.91 -74.24
C PHE G 123 33.62 -15.03 -73.57
N HIS G 124 34.68 -15.64 -73.03
CA HIS G 124 35.71 -14.86 -72.34
C HIS G 124 36.57 -14.07 -73.31
N ARG G 125 36.59 -14.54 -74.56
CA ARG G 125 37.31 -13.92 -75.66
C ARG G 125 36.43 -12.80 -76.28
N HIS G 126 35.13 -12.90 -76.07
CA HIS G 126 34.18 -11.93 -76.60
C HIS G 126 34.00 -10.73 -75.66
N HIS G 127 33.96 -10.97 -74.35
CA HIS G 127 33.75 -9.83 -73.44
C HIS G 127 35.06 -9.14 -73.05
N GLY G 128 36.16 -9.88 -72.94
CA GLY G 128 37.49 -9.29 -72.90
C GLY G 128 37.95 -8.58 -71.63
N GLN G 129 37.39 -8.91 -70.47
CA GLN G 129 37.92 -8.46 -69.18
C GLN G 129 38.48 -9.60 -68.34
N GLU G 130 38.72 -9.27 -67.06
CA GLU G 130 39.46 -10.07 -66.09
C GLU G 130 38.91 -11.48 -65.95
N GLY G 131 37.72 -11.60 -65.39
CA GLY G 131 37.18 -12.90 -64.99
C GLY G 131 35.72 -13.06 -65.35
N SER G 132 35.37 -14.27 -65.77
CA SER G 132 34.00 -14.62 -66.09
C SER G 132 33.54 -15.74 -65.18
N ILE G 133 32.23 -15.77 -64.92
CA ILE G 133 31.58 -16.74 -64.05
C ILE G 133 30.66 -17.59 -64.92
N LEU G 134 30.28 -18.76 -64.43
CA LEU G 134 29.08 -19.42 -64.93
C LEU G 134 27.92 -19.24 -63.98
N VAL G 135 26.73 -18.99 -64.53
CA VAL G 135 25.51 -18.91 -63.73
C VAL G 135 24.48 -19.87 -64.31
N THR G 136 23.55 -20.31 -63.46
CA THR G 136 22.46 -21.21 -63.82
C THR G 136 21.17 -20.77 -63.15
N LYS G 137 20.06 -21.39 -63.58
CA LYS G 137 18.76 -21.20 -62.95
C LYS G 137 18.54 -22.20 -61.82
N VAL G 138 17.79 -21.78 -60.79
CA VAL G 138 17.23 -22.70 -59.81
C VAL G 138 15.77 -22.31 -59.59
N GLU G 139 15.06 -23.17 -58.86
CA GLU G 139 13.67 -22.93 -58.49
C GLU G 139 13.53 -22.25 -57.14
N GLU G 140 14.61 -22.19 -56.36
CA GLU G 140 14.60 -21.79 -54.95
C GLU G 140 15.63 -20.68 -54.79
N PRO G 141 15.25 -19.41 -54.95
CA PRO G 141 16.23 -18.32 -54.77
C PRO G 141 16.66 -18.11 -53.33
N SER G 142 15.87 -18.59 -52.36
CA SER G 142 16.13 -18.42 -50.95
C SER G 142 17.01 -19.52 -50.35
N LYS G 143 17.87 -20.14 -51.16
CA LYS G 143 18.88 -21.07 -50.66
C LYS G 143 20.30 -20.77 -51.15
N TYR G 144 20.50 -19.84 -52.07
CA TYR G 144 21.79 -19.64 -52.70
C TYR G 144 21.93 -18.16 -53.06
N GLY G 145 23.17 -17.70 -53.21
CA GLY G 145 23.41 -16.29 -53.45
C GLY G 145 23.23 -15.91 -54.91
N VAL G 146 22.58 -14.76 -55.13
CA VAL G 146 22.09 -14.39 -56.45
C VAL G 146 23.05 -13.40 -57.11
N VAL G 147 23.01 -13.39 -58.44
CA VAL G 147 23.85 -12.58 -59.34
C VAL G 147 22.98 -11.84 -60.36
N VAL G 148 23.10 -10.48 -60.40
CA VAL G 148 22.31 -9.69 -61.34
C VAL G 148 23.03 -9.75 -62.67
N CYS G 149 22.29 -9.73 -63.78
CA CYS G 149 22.87 -9.91 -65.10
C CYS G 149 22.14 -9.04 -66.11
N GLU G 150 22.88 -8.18 -66.80
CA GLU G 150 22.34 -7.35 -67.87
C GLU G 150 22.27 -8.16 -69.16
N ALA G 151 21.20 -7.95 -69.92
CA ALA G 151 21.04 -8.64 -71.20
C ALA G 151 22.02 -8.11 -72.24
N ASP G 152 22.42 -9.00 -73.16
CA ASP G 152 23.39 -8.82 -74.25
C ASP G 152 24.82 -8.50 -73.85
N THR G 153 25.11 -8.34 -72.56
CA THR G 153 26.49 -8.20 -72.12
C THR G 153 26.89 -9.24 -71.09
N GLY G 154 25.98 -9.65 -70.22
CA GLY G 154 26.30 -10.60 -69.17
C GLY G 154 27.13 -10.03 -68.04
N ARG G 155 27.21 -8.71 -67.92
CA ARG G 155 28.02 -8.13 -66.86
C ARG G 155 27.28 -8.20 -65.53
N ILE G 156 28.05 -8.43 -64.47
CA ILE G 156 27.50 -8.52 -63.13
C ILE G 156 27.69 -7.15 -62.47
N HIS G 157 26.56 -6.46 -62.27
CA HIS G 157 26.58 -5.23 -61.49
C HIS G 157 26.90 -5.52 -60.02
N ARG G 158 26.19 -6.45 -59.40
CA ARG G 158 26.37 -6.64 -57.98
C ARG G 158 26.30 -8.11 -57.63
N PHE G 159 26.97 -8.49 -56.55
CA PHE G 159 27.05 -9.89 -56.12
C PHE G 159 26.41 -9.98 -54.74
N VAL G 160 25.28 -10.65 -54.63
CA VAL G 160 24.57 -10.71 -53.36
C VAL G 160 24.74 -12.11 -52.76
N GLU G 161 25.24 -12.16 -51.52
CA GLU G 161 25.40 -13.45 -50.86
C GLU G 161 24.07 -13.90 -50.26
N LYS G 162 23.27 -12.96 -49.78
CA LYS G 162 22.06 -13.24 -49.01
C LYS G 162 20.81 -13.13 -49.87
N PRO G 163 19.94 -14.12 -49.75
CA PRO G 163 18.66 -14.07 -50.47
C PRO G 163 17.58 -13.27 -49.78
N GLN G 164 16.34 -13.49 -50.25
CA GLN G 164 15.02 -12.99 -49.79
C GLN G 164 14.72 -11.60 -50.29
N VAL G 165 15.41 -11.11 -51.32
CA VAL G 165 15.12 -9.79 -51.85
C VAL G 165 14.58 -9.88 -53.27
N PHE G 166 14.82 -11.00 -53.96
CA PHE G 166 14.56 -11.24 -55.39
C PHE G 166 15.14 -10.13 -56.25
N VAL G 167 16.47 -10.03 -56.28
CA VAL G 167 17.11 -9.16 -57.23
C VAL G 167 17.49 -9.93 -58.49
N SER G 168 17.55 -11.25 -58.39
CA SER G 168 18.06 -12.07 -59.48
C SER G 168 17.61 -13.51 -59.33
N ASN G 169 17.46 -14.17 -60.48
CA ASN G 169 17.23 -15.61 -60.56
C ASN G 169 18.52 -16.39 -60.49
N LYS G 170 19.59 -15.85 -61.06
CA LYS G 170 20.72 -16.65 -61.49
C LYS G 170 21.68 -16.88 -60.32
N ILE G 171 22.28 -18.07 -60.31
CA ILE G 171 23.03 -18.60 -59.18
C ILE G 171 24.40 -19.01 -59.71
N ASN G 172 25.46 -18.82 -58.91
CA ASN G 172 26.82 -19.30 -59.19
C ASN G 172 26.81 -20.77 -59.56
N ALA G 173 27.52 -21.12 -60.63
CA ALA G 173 27.54 -22.50 -61.08
C ALA G 173 28.83 -23.23 -60.80
N GLY G 174 29.86 -22.54 -60.31
CA GLY G 174 31.05 -23.22 -59.84
C GLY G 174 32.22 -23.30 -60.80
N MET G 175 32.06 -22.85 -62.04
CA MET G 175 33.22 -22.64 -62.90
C MET G 175 33.49 -21.16 -63.01
N TYR G 176 34.78 -20.80 -62.90
CA TYR G 176 35.22 -19.46 -63.18
C TYR G 176 36.36 -19.53 -64.17
N ILE G 177 36.52 -18.47 -64.94
CA ILE G 177 37.60 -18.34 -65.89
C ILE G 177 38.30 -17.03 -65.52
N LEU G 178 39.61 -17.11 -65.29
CA LEU G 178 40.34 -15.98 -64.69
C LEU G 178 41.63 -15.68 -65.43
N SER G 179 41.94 -14.39 -65.44
CA SER G 179 43.17 -13.83 -65.98
C SER G 179 44.25 -13.86 -64.91
N PRO G 180 45.53 -13.73 -65.29
CA PRO G 180 46.58 -13.66 -64.26
C PRO G 180 46.58 -12.39 -63.43
N ALA G 181 45.87 -11.33 -63.86
CA ALA G 181 45.82 -10.12 -63.05
C ALA G 181 44.94 -10.33 -61.82
N VAL G 182 43.93 -11.19 -61.97
CA VAL G 182 43.16 -11.68 -60.84
C VAL G 182 44.08 -12.42 -59.87
N LEU G 183 44.98 -13.24 -60.41
CA LEU G 183 45.95 -13.98 -59.59
C LEU G 183 46.96 -13.06 -58.91
N GLN G 184 47.30 -11.91 -59.53
CA GLN G 184 48.02 -10.87 -58.81
C GLN G 184 47.23 -10.37 -57.61
N ARG G 185 45.91 -10.23 -57.75
CA ARG G 185 45.11 -9.78 -56.61
C ARG G 185 44.97 -10.84 -55.50
N ILE G 186 45.04 -12.14 -55.84
CA ILE G 186 44.73 -13.20 -54.87
C ILE G 186 45.91 -13.38 -53.91
N GLN G 187 45.59 -13.73 -52.66
CA GLN G 187 46.38 -13.49 -51.47
C GLN G 187 46.55 -14.84 -50.78
N LEU G 188 47.76 -15.10 -50.22
CA LEU G 188 48.14 -16.47 -49.81
C LEU G 188 47.42 -16.97 -48.55
N GLN G 189 47.20 -16.10 -47.54
CA GLN G 189 46.49 -16.45 -46.30
C GLN G 189 45.08 -16.99 -46.59
N PRO G 190 44.53 -17.89 -45.70
CA PRO G 190 43.26 -18.59 -46.01
C PRO G 190 42.00 -17.74 -46.04
N THR G 191 41.81 -17.07 -47.17
CA THR G 191 40.57 -16.40 -47.52
C THR G 191 39.92 -17.24 -48.61
N SER G 192 38.60 -17.22 -48.68
CA SER G 192 37.88 -17.86 -49.77
C SER G 192 37.60 -16.85 -50.88
N ILE G 193 37.58 -17.35 -52.12
CA ILE G 193 37.52 -16.52 -53.32
C ILE G 193 36.17 -15.81 -53.44
N GLU G 194 35.08 -16.55 -53.23
CA GLU G 194 33.73 -16.04 -53.40
C GLU G 194 33.31 -15.07 -52.32
N LYS G 195 34.02 -15.04 -51.18
CA LYS G 195 33.65 -14.17 -50.08
C LYS G 195 34.10 -12.74 -50.34
N GLU G 196 35.39 -12.52 -50.68
CA GLU G 196 35.70 -11.14 -51.05
C GLU G 196 36.30 -10.93 -52.42
N VAL G 197 37.08 -11.88 -52.97
CA VAL G 197 37.84 -11.58 -54.19
C VAL G 197 36.91 -11.44 -55.38
N PHE G 198 35.78 -12.18 -55.36
CA PHE G 198 34.72 -11.96 -56.33
C PHE G 198 33.88 -10.74 -55.97
N PRO G 199 33.77 -10.37 -54.67
CA PRO G 199 33.01 -9.16 -54.30
C PRO G 199 33.68 -7.85 -54.74
N ILE G 200 35.00 -7.72 -54.62
CA ILE G 200 35.61 -6.47 -55.11
C ILE G 200 35.63 -6.50 -56.63
N MET G 201 35.75 -7.69 -57.23
CA MET G 201 35.81 -7.77 -58.69
C MET G 201 34.44 -7.48 -59.32
N ALA G 202 33.36 -7.81 -58.62
CA ALA G 202 32.04 -7.42 -59.07
C ALA G 202 31.74 -5.95 -58.75
N LYS G 203 32.26 -5.43 -57.63
CA LYS G 203 32.11 -4.03 -57.27
C LYS G 203 32.84 -3.11 -58.25
N GLU G 204 34.00 -3.56 -58.71
CA GLU G 204 34.80 -2.86 -59.71
C GLU G 204 34.27 -3.13 -61.11
N GLY G 205 33.39 -4.13 -61.24
CA GLY G 205 32.68 -4.39 -62.47
C GLY G 205 33.39 -5.27 -63.47
N GLN G 206 34.49 -5.91 -63.07
CA GLN G 206 35.27 -6.74 -63.98
C GLN G 206 34.58 -8.05 -64.31
N LEU G 207 33.63 -8.47 -63.46
CA LEU G 207 33.07 -9.81 -63.54
C LEU G 207 31.95 -9.87 -64.56
N TYR G 208 31.98 -10.90 -65.41
CA TYR G 208 30.91 -11.11 -66.37
C TYR G 208 30.31 -12.49 -66.14
N ALA G 209 29.11 -12.71 -66.69
CA ALA G 209 28.33 -13.91 -66.41
C ALA G 209 27.88 -14.60 -67.69
N MET G 210 28.10 -15.91 -67.74
CA MET G 210 27.72 -16.78 -68.83
C MET G 210 26.70 -17.78 -68.32
N GLU G 211 25.70 -18.14 -69.13
CA GLU G 211 24.59 -18.94 -68.66
C GLU G 211 24.61 -20.29 -69.35
N LEU G 212 24.29 -21.33 -68.58
CA LEU G 212 24.16 -22.68 -69.08
C LEU G 212 22.77 -22.88 -69.68
N GLN G 213 22.64 -23.94 -70.49
CA GLN G 213 21.33 -24.32 -71.03
C GLN G 213 20.51 -24.91 -69.89
N GLY G 214 20.97 -26.03 -69.34
CA GLY G 214 20.28 -26.73 -68.28
C GLY G 214 21.17 -27.86 -67.80
N PHE G 215 20.62 -28.70 -66.91
CA PHE G 215 21.33 -29.82 -66.27
C PHE G 215 22.57 -29.30 -65.51
N TRP G 216 22.29 -28.66 -64.39
CA TRP G 216 23.31 -28.28 -63.42
C TRP G 216 22.93 -28.85 -62.06
N MET G 217 23.90 -29.44 -61.36
CA MET G 217 23.66 -29.79 -59.97
C MET G 217 24.96 -29.67 -59.17
N ASP G 218 24.81 -29.11 -57.97
CA ASP G 218 25.84 -29.09 -56.94
C ASP G 218 25.52 -30.27 -56.01
N ILE G 219 26.39 -31.28 -55.99
CA ILE G 219 26.03 -32.53 -55.30
C ILE G 219 26.80 -32.64 -54.00
N GLY G 220 27.08 -31.49 -53.38
CA GLY G 220 27.74 -31.46 -52.09
C GLY G 220 26.92 -32.01 -50.94
N GLN G 221 25.60 -32.13 -51.10
CA GLN G 221 24.63 -32.67 -50.15
C GLN G 221 24.11 -34.03 -50.62
N PRO G 222 23.66 -34.91 -49.72
CA PRO G 222 23.20 -36.24 -50.18
C PRO G 222 21.89 -36.22 -50.97
N LYS G 223 20.92 -35.40 -50.59
CA LYS G 223 19.71 -35.28 -51.40
C LYS G 223 20.01 -34.59 -52.72
N ASP G 224 20.97 -33.67 -52.70
CA ASP G 224 21.48 -33.01 -53.90
C ASP G 224 22.29 -33.97 -54.75
N PHE G 225 22.98 -34.92 -54.11
CA PHE G 225 23.61 -36.04 -54.81
C PHE G 225 22.57 -36.88 -55.55
N LEU G 226 21.42 -37.13 -54.90
CA LEU G 226 20.40 -37.96 -55.53
C LEU G 226 19.70 -37.23 -56.67
N THR G 227 19.40 -35.95 -56.50
CA THR G 227 18.83 -35.18 -57.61
C THR G 227 19.83 -34.99 -58.76
N GLY G 228 21.11 -34.84 -58.45
CA GLY G 228 22.11 -34.80 -59.51
C GLY G 228 22.28 -36.11 -60.23
N MET G 229 22.11 -37.23 -59.53
CA MET G 229 22.17 -38.54 -60.19
C MET G 229 20.96 -38.77 -61.08
N CYS G 230 19.79 -38.28 -60.66
CA CYS G 230 18.58 -38.29 -61.50
C CYS G 230 18.78 -37.49 -62.79
N LEU G 231 19.27 -36.25 -62.66
CA LEU G 231 19.46 -35.43 -63.86
C LEU G 231 20.59 -35.94 -64.74
N PHE G 232 21.61 -36.57 -64.15
CA PHE G 232 22.68 -37.15 -64.95
C PHE G 232 22.20 -38.37 -65.72
N LEU G 233 21.32 -39.18 -65.12
CA LEU G 233 20.77 -40.29 -65.88
C LEU G 233 19.78 -39.82 -66.94
N GLN G 234 19.15 -38.66 -66.74
CA GLN G 234 18.34 -38.07 -67.82
C GLN G 234 19.21 -37.62 -68.98
N SER G 235 20.34 -36.97 -68.67
CA SER G 235 21.23 -36.47 -69.72
C SER G 235 21.93 -37.61 -70.43
N LEU G 236 22.29 -38.67 -69.70
CA LEU G 236 22.74 -39.90 -70.35
C LEU G 236 21.64 -40.54 -71.17
N ARG G 237 20.37 -40.38 -70.79
CA ARG G 237 19.31 -40.98 -71.59
C ARG G 237 19.17 -40.28 -72.94
N GLN G 238 19.08 -38.95 -72.96
CA GLN G 238 19.04 -38.40 -74.32
C GLN G 238 20.39 -38.00 -74.90
N LYS G 239 21.52 -38.48 -74.36
CA LYS G 239 22.80 -38.37 -75.07
C LYS G 239 23.39 -39.71 -75.44
N GLN G 240 23.36 -40.70 -74.53
CA GLN G 240 23.96 -42.01 -74.77
C GLN G 240 22.94 -43.07 -74.36
N PRO G 241 21.88 -43.27 -75.16
CA PRO G 241 20.79 -44.12 -74.68
C PRO G 241 21.12 -45.60 -74.69
N GLU G 242 22.18 -45.99 -75.39
CA GLU G 242 22.61 -47.38 -75.44
C GLU G 242 23.62 -47.73 -74.36
N ARG G 243 23.98 -46.79 -73.48
CA ARG G 243 24.86 -47.10 -72.36
C ARG G 243 24.07 -47.47 -71.12
N LEU G 244 22.86 -46.93 -70.97
CA LEU G 244 21.97 -47.36 -69.91
C LEU G 244 21.45 -48.77 -70.20
N CYS G 245 21.26 -49.54 -69.13
CA CYS G 245 20.89 -50.93 -69.27
C CYS G 245 19.39 -51.07 -69.48
N SER G 246 19.00 -51.93 -70.41
CA SER G 246 17.60 -52.25 -70.67
C SER G 246 17.32 -53.70 -70.26
N GLY G 247 16.13 -53.92 -69.73
CA GLY G 247 15.71 -55.24 -69.34
C GLY G 247 14.22 -55.36 -69.13
N PRO G 248 13.74 -56.58 -68.88
CA PRO G 248 12.31 -56.76 -68.60
C PRO G 248 11.90 -56.26 -67.23
N GLY G 249 12.70 -56.54 -66.21
CA GLY G 249 12.43 -56.06 -64.86
C GLY G 249 13.14 -54.76 -64.52
N ILE G 250 13.38 -53.95 -65.55
CA ILE G 250 14.09 -52.69 -65.45
C ILE G 250 13.16 -51.58 -65.90
N VAL G 251 13.01 -50.56 -65.05
CA VAL G 251 12.11 -49.45 -65.31
C VAL G 251 12.95 -48.18 -65.41
N GLY G 252 12.64 -47.37 -66.42
CA GLY G 252 13.25 -46.06 -66.54
C GLY G 252 14.71 -46.13 -66.98
N ASN G 253 15.48 -45.15 -66.55
CA ASN G 253 16.89 -45.06 -66.89
C ASN G 253 17.77 -45.59 -65.74
N VAL G 254 18.38 -46.75 -65.94
CA VAL G 254 19.32 -47.28 -64.96
C VAL G 254 20.70 -47.39 -65.60
N LEU G 255 21.73 -47.14 -64.81
CA LEU G 255 23.12 -47.36 -65.19
C LEU G 255 23.64 -48.53 -64.38
N VAL G 256 24.06 -49.59 -65.06
CA VAL G 256 24.53 -50.77 -64.37
C VAL G 256 25.93 -51.07 -64.88
N ASP G 257 26.86 -51.29 -63.97
CA ASP G 257 28.24 -51.56 -64.35
C ASP G 257 28.35 -53.04 -64.73
N PRO G 258 29.23 -53.39 -65.69
CA PRO G 258 29.31 -54.79 -66.13
C PRO G 258 29.75 -55.80 -65.07
N SER G 259 30.38 -55.35 -63.99
CA SER G 259 30.71 -56.26 -62.91
C SER G 259 29.55 -56.42 -61.92
N ALA G 260 28.53 -55.58 -62.02
CA ALA G 260 27.36 -55.70 -61.17
C ALA G 260 26.47 -56.84 -61.64
N ARG G 261 25.82 -57.51 -60.68
CA ARG G 261 24.91 -58.61 -60.96
C ARG G 261 23.55 -58.32 -60.35
N ILE G 262 22.49 -58.65 -61.08
CA ILE G 262 21.11 -58.49 -60.65
C ILE G 262 20.44 -59.87 -60.73
N GLY G 263 19.84 -60.31 -59.63
CA GLY G 263 19.08 -61.55 -59.62
C GLY G 263 17.77 -61.39 -60.36
N GLN G 264 17.13 -62.52 -60.69
CA GLN G 264 15.90 -62.36 -61.45
C GLN G 264 14.71 -62.13 -60.53
N ASN G 265 13.62 -61.69 -61.17
CA ASN G 265 12.32 -61.43 -60.56
C ASN G 265 12.43 -60.30 -59.52
N CYS G 266 13.17 -59.26 -59.89
CA CYS G 266 13.26 -58.07 -59.05
C CYS G 266 13.07 -56.85 -59.94
N SER G 267 12.53 -55.79 -59.36
CA SER G 267 12.14 -54.59 -60.10
C SER G 267 13.10 -53.45 -59.81
N ILE G 268 14.07 -53.24 -60.69
CA ILE G 268 14.98 -52.11 -60.58
C ILE G 268 14.23 -50.90 -61.13
N GLY G 269 13.89 -49.96 -60.25
CA GLY G 269 13.07 -48.82 -60.64
C GLY G 269 13.84 -47.76 -61.39
N PRO G 270 13.26 -46.58 -61.56
CA PRO G 270 13.95 -45.53 -62.31
C PRO G 270 15.07 -44.91 -61.51
N ASN G 271 16.04 -44.36 -62.25
CA ASN G 271 16.98 -43.36 -61.77
C ASN G 271 17.94 -43.94 -60.72
N VAL G 272 18.57 -45.07 -61.02
CA VAL G 272 19.45 -45.71 -60.05
C VAL G 272 20.70 -46.24 -60.73
N SER G 273 21.86 -45.88 -60.18
CA SER G 273 23.16 -46.32 -60.63
C SER G 273 23.62 -47.46 -59.74
N LEU G 274 24.00 -48.58 -60.34
CA LEU G 274 24.59 -49.68 -59.59
C LEU G 274 26.09 -49.71 -59.85
N GLY G 275 26.87 -49.73 -58.77
CA GLY G 275 28.31 -49.68 -58.89
C GLY G 275 28.90 -51.00 -59.34
N PRO G 276 30.23 -51.02 -59.49
CA PRO G 276 30.91 -52.26 -59.88
C PRO G 276 30.87 -53.29 -58.76
N GLY G 277 30.57 -54.54 -59.14
CA GLY G 277 30.67 -55.66 -58.23
C GLY G 277 29.56 -55.79 -57.21
N VAL G 278 28.48 -55.04 -57.35
CA VAL G 278 27.39 -55.13 -56.39
C VAL G 278 26.57 -56.38 -56.69
N VAL G 279 25.93 -56.91 -55.66
CA VAL G 279 25.14 -58.14 -55.76
C VAL G 279 23.72 -57.82 -55.33
N VAL G 280 22.80 -57.80 -56.29
CA VAL G 280 21.37 -57.65 -56.03
C VAL G 280 20.73 -59.03 -56.15
N GLU G 281 20.05 -59.45 -55.10
CA GLU G 281 19.44 -60.77 -55.06
C GLU G 281 18.00 -60.66 -55.60
N ASP G 282 17.23 -61.73 -55.44
CA ASP G 282 15.89 -61.79 -56.01
C ASP G 282 14.84 -61.11 -55.13
N GLY G 283 13.97 -60.35 -55.79
CA GLY G 283 12.88 -59.68 -55.11
C GLY G 283 13.20 -58.31 -54.57
N VAL G 284 14.32 -57.72 -54.96
CA VAL G 284 14.74 -56.43 -54.43
C VAL G 284 14.24 -55.33 -55.34
N CYS G 285 13.46 -54.42 -54.80
CA CYS G 285 13.03 -53.22 -55.51
C CYS G 285 13.96 -52.08 -55.14
N ILE G 286 14.60 -51.46 -56.15
CA ILE G 286 15.48 -50.32 -55.94
C ILE G 286 15.05 -49.21 -56.89
N ARG G 287 14.56 -48.10 -56.34
CA ARG G 287 14.21 -46.91 -57.11
C ARG G 287 14.95 -45.71 -56.54
N ARG G 288 15.48 -44.86 -57.41
CA ARG G 288 16.14 -43.60 -57.08
C ARG G 288 17.33 -43.74 -56.12
N CYS G 289 18.00 -44.88 -56.03
CA CYS G 289 19.10 -45.02 -55.09
C CYS G 289 20.44 -44.99 -55.85
N THR G 290 21.53 -45.00 -55.09
CA THR G 290 22.87 -45.07 -55.66
C THR G 290 23.65 -46.07 -54.82
N VAL G 291 24.02 -47.17 -55.43
CA VAL G 291 24.64 -48.29 -54.75
C VAL G 291 26.10 -48.31 -55.19
N LEU G 292 26.99 -47.98 -54.28
CA LEU G 292 28.41 -47.93 -54.56
C LEU G 292 29.00 -49.34 -54.50
N ARG G 293 30.31 -49.44 -54.69
CA ARG G 293 31.02 -50.69 -55.00
C ARG G 293 30.95 -51.71 -53.86
N ASP G 294 30.71 -52.98 -54.24
CA ASP G 294 30.80 -54.22 -53.43
C ASP G 294 29.65 -54.32 -52.43
N ALA G 295 28.66 -53.44 -52.55
CA ALA G 295 27.55 -53.41 -51.64
C ALA G 295 26.54 -54.48 -52.04
N ARG G 296 26.38 -55.46 -51.18
CA ARG G 296 25.46 -56.56 -51.41
C ARG G 296 24.12 -56.24 -50.78
N ILE G 297 23.06 -56.30 -51.57
CA ILE G 297 21.71 -56.08 -51.09
C ILE G 297 20.98 -57.42 -51.18
N ARG G 298 20.63 -57.96 -50.03
CA ARG G 298 20.02 -59.29 -49.97
C ARG G 298 18.55 -59.23 -50.37
N SER G 299 17.93 -60.40 -50.42
CA SER G 299 16.66 -60.62 -51.09
C SER G 299 15.49 -59.91 -50.41
N HIS G 300 14.47 -59.59 -51.23
CA HIS G 300 13.17 -59.04 -50.81
C HIS G 300 13.29 -57.70 -50.09
N SER G 301 14.31 -56.93 -50.39
CA SER G 301 14.46 -55.61 -49.81
C SER G 301 13.73 -54.58 -50.66
N TRP G 302 13.36 -53.48 -50.02
CA TRP G 302 12.81 -52.32 -50.71
C TRP G 302 13.67 -51.12 -50.38
N LEU G 303 14.07 -50.41 -51.42
CA LEU G 303 15.02 -49.31 -51.29
C LEU G 303 14.56 -48.16 -52.17
N GLU G 304 14.30 -47.01 -51.55
CA GLU G 304 13.98 -45.80 -52.29
C GLU G 304 14.80 -44.64 -51.75
N SER G 305 15.42 -43.86 -52.66
CA SER G 305 16.15 -42.62 -52.38
C SER G 305 17.30 -42.88 -51.41
N CYS G 306 18.25 -43.69 -51.83
CA CYS G 306 19.25 -44.03 -50.85
C CYS G 306 20.63 -44.18 -51.36
N ILE G 307 21.56 -43.93 -50.46
CA ILE G 307 22.95 -43.98 -50.84
C ILE G 307 23.55 -45.14 -50.06
N VAL G 308 23.90 -46.22 -50.76
CA VAL G 308 24.45 -47.41 -50.12
C VAL G 308 25.95 -47.36 -50.30
N GLY G 309 26.67 -47.32 -49.19
CA GLY G 309 28.11 -47.15 -49.22
C GLY G 309 28.85 -48.41 -49.66
N TRP G 310 30.17 -48.33 -49.58
CA TRP G 310 31.02 -49.39 -50.09
C TRP G 310 31.06 -50.57 -49.13
N ARG G 311 30.99 -51.77 -49.71
CA ARG G 311 31.07 -53.07 -49.01
C ARG G 311 29.98 -53.21 -47.95
N CYS G 312 28.78 -52.76 -48.29
CA CYS G 312 27.66 -52.84 -47.38
C CYS G 312 26.97 -54.20 -47.51
N ARG G 313 26.17 -54.52 -46.50
CA ARG G 313 25.37 -55.74 -46.53
C ARG G 313 23.97 -55.40 -46.00
N VAL G 314 23.09 -54.98 -46.90
CA VAL G 314 21.70 -54.75 -46.56
C VAL G 314 21.01 -56.10 -46.50
N GLY G 315 20.40 -56.40 -45.36
CA GLY G 315 19.82 -57.72 -45.14
C GLY G 315 18.52 -57.98 -45.88
N GLN G 316 17.78 -58.99 -45.44
CA GLN G 316 16.54 -59.38 -46.09
C GLN G 316 15.37 -58.64 -45.47
N TRP G 317 14.40 -58.27 -46.33
CA TRP G 317 13.18 -57.54 -45.99
C TRP G 317 13.47 -56.20 -45.32
N VAL G 318 14.48 -55.49 -45.81
CA VAL G 318 14.84 -54.21 -45.23
C VAL G 318 14.22 -53.11 -46.07
N ARG G 319 13.50 -52.21 -45.43
CA ARG G 319 12.91 -51.05 -46.07
C ARG G 319 13.78 -49.85 -45.76
N MET G 320 14.21 -49.14 -46.80
CA MET G 320 15.02 -47.95 -46.64
C MET G 320 14.47 -46.84 -47.52
N GLU G 321 14.09 -45.73 -46.88
CA GLU G 321 13.52 -44.60 -47.60
C GLU G 321 14.00 -43.32 -46.95
N ASN G 322 13.74 -42.20 -47.61
CA ASN G 322 14.13 -40.86 -47.18
C ASN G 322 15.63 -40.61 -47.12
N VAL G 323 16.29 -40.82 -48.25
CA VAL G 323 17.74 -40.62 -48.41
C VAL G 323 18.65 -40.98 -47.23
N THR G 324 18.50 -42.20 -46.74
CA THR G 324 19.33 -42.70 -45.66
C THR G 324 20.68 -43.05 -46.26
N VAL G 325 21.75 -42.41 -45.83
CA VAL G 325 23.05 -42.72 -46.40
C VAL G 325 23.74 -43.74 -45.49
N LEU G 326 24.16 -44.86 -46.08
CA LEU G 326 25.00 -45.80 -45.37
C LEU G 326 26.46 -45.53 -45.72
N GLY G 327 27.33 -45.60 -44.71
CA GLY G 327 28.75 -45.43 -44.90
C GLY G 327 29.41 -46.69 -45.42
N GLU G 328 30.72 -46.78 -45.23
CA GLU G 328 31.45 -47.97 -45.65
C GLU G 328 31.29 -49.09 -44.63
N ASP G 329 30.96 -50.29 -45.13
CA ASP G 329 30.93 -51.56 -44.38
C ASP G 329 29.88 -51.52 -43.26
N VAL G 330 28.65 -51.15 -43.63
CA VAL G 330 27.51 -51.06 -42.73
C VAL G 330 26.70 -52.35 -42.86
N ILE G 331 26.45 -53.02 -41.74
CA ILE G 331 25.77 -54.32 -41.72
C ILE G 331 24.36 -54.09 -41.21
N VAL G 332 23.38 -54.02 -42.12
CA VAL G 332 21.99 -53.85 -41.74
C VAL G 332 21.38 -55.23 -41.58
N ASN G 333 20.80 -55.49 -40.41
CA ASN G 333 20.22 -56.78 -40.13
C ASN G 333 18.90 -56.97 -40.88
N ASP G 334 18.38 -58.19 -40.77
CA ASP G 334 17.16 -58.58 -41.46
C ASP G 334 15.95 -57.92 -40.84
N GLU G 335 14.99 -57.55 -41.71
CA GLU G 335 13.65 -57.03 -41.37
C GLU G 335 13.72 -55.76 -40.54
N LEU G 336 14.41 -54.75 -41.08
CA LEU G 336 14.51 -53.46 -40.42
C LEU G 336 13.95 -52.38 -41.33
N TYR G 337 13.73 -51.20 -40.74
CA TYR G 337 13.19 -50.05 -41.45
C TYR G 337 14.07 -48.84 -41.13
N LEU G 338 14.59 -48.20 -42.17
CA LEU G 338 15.48 -47.06 -42.03
C LEU G 338 14.85 -45.87 -42.77
N ASN G 339 14.70 -44.76 -42.06
CA ASN G 339 14.10 -43.54 -42.58
C ASN G 339 14.98 -42.38 -42.12
N GLY G 340 15.78 -41.84 -43.04
CA GLY G 340 16.64 -40.72 -42.71
C GLY G 340 17.91 -41.06 -41.96
N ALA G 341 18.21 -42.34 -41.78
CA ALA G 341 19.36 -42.75 -40.98
C ALA G 341 20.65 -42.54 -41.76
N SER G 342 21.38 -41.47 -41.43
CA SER G 342 22.76 -41.31 -41.89
C SER G 342 23.65 -42.13 -40.96
N VAL G 343 24.06 -43.30 -41.44
CA VAL G 343 24.77 -44.26 -40.62
C VAL G 343 26.26 -44.15 -40.89
N LEU G 344 27.05 -43.97 -39.83
CA LEU G 344 28.48 -43.82 -39.92
C LEU G 344 29.14 -45.14 -40.32
N PRO G 345 30.37 -45.11 -40.87
CA PRO G 345 31.00 -46.35 -41.32
C PRO G 345 31.32 -47.34 -40.20
N HIS G 346 31.39 -48.62 -40.60
CA HIS G 346 31.70 -49.78 -39.76
C HIS G 346 30.70 -49.93 -38.61
N LYS G 347 29.43 -49.71 -38.92
CA LYS G 347 28.34 -49.86 -37.97
C LYS G 347 27.50 -51.09 -38.30
N SER G 348 26.88 -51.66 -37.28
CA SER G 348 25.96 -52.77 -37.42
C SER G 348 24.62 -52.36 -36.82
N ILE G 349 23.58 -52.33 -37.63
CA ILE G 349 22.26 -51.88 -37.20
C ILE G 349 21.37 -53.08 -36.95
N GLY G 350 20.81 -53.16 -35.75
CA GLY G 350 19.85 -54.20 -35.42
C GLY G 350 18.51 -53.65 -34.96
N GLU G 351 18.35 -52.33 -35.07
CA GLU G 351 17.16 -51.63 -34.66
C GLU G 351 16.63 -50.76 -35.79
N SER G 352 15.31 -50.69 -35.91
CA SER G 352 14.68 -49.84 -36.90
C SER G 352 14.88 -48.37 -36.55
N VAL G 353 15.07 -47.54 -37.57
CA VAL G 353 15.23 -46.10 -37.38
C VAL G 353 14.02 -45.40 -37.98
N PRO G 354 13.02 -45.01 -37.17
CA PRO G 354 11.77 -44.53 -37.75
C PRO G 354 11.78 -43.07 -38.18
N GLU G 355 12.53 -42.22 -37.49
CA GLU G 355 12.67 -40.82 -37.88
C GLU G 355 14.13 -40.51 -38.25
N PRO G 356 14.38 -39.44 -39.06
CA PRO G 356 15.76 -39.11 -39.44
C PRO G 356 16.65 -38.71 -38.29
N ARG G 357 17.64 -39.57 -38.01
CA ARG G 357 18.66 -39.29 -37.01
C ARG G 357 19.95 -39.94 -37.46
N ILE G 358 21.06 -39.54 -36.83
CA ILE G 358 22.38 -40.01 -37.18
C ILE G 358 22.74 -41.17 -36.27
N ILE G 359 23.17 -42.28 -36.87
CA ILE G 359 23.58 -43.46 -36.13
C ILE G 359 25.10 -43.48 -36.05
N MET G 360 25.64 -43.51 -34.84
CA MET G 360 27.07 -43.59 -34.64
C MET G 360 27.41 -44.50 -33.47
N MET H 1 56.68 -64.53 -18.96
CA MET H 1 55.25 -64.28 -18.95
C MET H 1 54.90 -63.22 -20.00
N LYS H 2 53.69 -63.28 -20.54
CA LYS H 2 53.29 -62.47 -21.69
C LYS H 2 51.90 -61.86 -21.47
N ALA H 3 51.54 -60.93 -22.34
CA ALA H 3 50.24 -60.25 -22.22
C ALA H 3 49.75 -59.77 -23.57
N LEU H 4 48.54 -60.20 -23.96
CA LEU H 4 47.79 -59.56 -25.05
C LEU H 4 47.08 -58.29 -24.65
N ILE H 5 47.00 -57.37 -25.60
CA ILE H 5 46.11 -56.22 -25.56
C ILE H 5 45.15 -56.31 -26.73
N LEU H 6 43.85 -56.27 -26.40
CA LEU H 6 42.79 -56.10 -27.38
C LEU H 6 42.66 -54.62 -27.68
N VAL H 7 43.11 -54.21 -28.87
CA VAL H 7 43.47 -52.82 -29.15
C VAL H 7 42.81 -52.36 -30.45
N GLY H 8 42.25 -53.31 -31.19
CA GLY H 8 42.14 -53.18 -32.64
C GLY H 8 41.29 -52.12 -33.31
N GLY H 9 39.97 -52.29 -33.36
CA GLY H 9 39.23 -51.60 -34.40
C GLY H 9 38.02 -50.77 -34.03
N TYR H 10 38.13 -49.45 -34.31
CA TYR H 10 37.09 -48.42 -34.37
C TYR H 10 36.00 -48.50 -33.31
N GLY H 11 36.37 -48.27 -32.04
CA GLY H 11 35.44 -48.22 -30.94
C GLY H 11 34.29 -47.26 -31.18
N THR H 12 33.15 -47.84 -31.55
CA THR H 12 31.99 -47.07 -31.97
C THR H 12 31.55 -45.97 -31.01
N ARG H 13 31.57 -46.27 -29.73
CA ARG H 13 31.19 -45.27 -28.74
C ARG H 13 32.32 -44.22 -28.76
N LEU H 14 32.02 -43.01 -28.29
CA LEU H 14 32.98 -41.90 -28.29
C LEU H 14 33.56 -41.71 -29.71
N ARG H 15 32.68 -41.92 -30.69
CA ARG H 15 32.98 -41.80 -32.11
C ARG H 15 33.54 -40.45 -32.60
N PRO H 16 33.21 -39.27 -32.04
CA PRO H 16 33.93 -38.06 -32.51
C PRO H 16 35.42 -38.03 -32.17
N LEU H 17 35.86 -38.79 -31.17
CA LEU H 17 37.29 -38.92 -30.91
C LEU H 17 37.90 -40.07 -31.70
N THR H 18 37.14 -41.15 -31.93
CA THR H 18 37.63 -42.33 -32.62
C THR H 18 37.85 -42.05 -34.11
N LEU H 19 37.14 -41.08 -34.68
CA LEU H 19 37.28 -40.78 -36.10
C LEU H 19 38.63 -40.13 -36.43
N SER H 20 39.28 -39.50 -35.46
CA SER H 20 40.59 -38.88 -35.72
C SER H 20 41.75 -39.81 -35.37
N THR H 21 41.84 -40.20 -34.11
CA THR H 21 42.83 -41.15 -33.63
C THR H 21 42.15 -42.42 -33.20
N PRO H 22 42.85 -43.56 -33.18
CA PRO H 22 42.25 -44.79 -32.64
C PRO H 22 41.91 -44.67 -31.16
N LYS H 23 40.97 -45.52 -30.74
CA LYS H 23 40.46 -45.50 -29.38
C LYS H 23 41.51 -45.74 -28.28
N PRO H 24 42.51 -46.64 -28.41
CA PRO H 24 43.55 -46.67 -27.38
C PRO H 24 44.56 -45.54 -27.46
N LEU H 25 44.48 -44.67 -28.47
CA LEU H 25 45.43 -43.58 -28.63
C LEU H 25 44.93 -42.24 -28.13
N VAL H 26 43.65 -42.15 -27.74
CA VAL H 26 43.13 -40.90 -27.20
C VAL H 26 43.72 -40.68 -25.80
N ASP H 27 43.90 -39.42 -25.44
CA ASP H 27 44.59 -39.15 -24.18
C ASP H 27 43.60 -39.17 -23.03
N PHE H 28 43.88 -40.01 -22.04
CA PHE H 28 43.09 -40.11 -20.83
C PHE H 28 43.96 -39.62 -19.68
N CYS H 29 43.64 -38.42 -19.18
CA CYS H 29 44.43 -37.68 -18.20
C CYS H 29 45.88 -37.52 -18.67
N ASN H 30 46.01 -36.86 -19.82
CA ASN H 30 47.27 -36.37 -20.39
C ASN H 30 48.21 -37.50 -20.76
N LYS H 31 47.64 -38.66 -21.09
CA LYS H 31 48.39 -39.87 -21.44
C LYS H 31 47.47 -40.78 -22.22
N PRO H 32 47.94 -41.43 -23.29
CA PRO H 32 47.12 -42.44 -23.95
C PRO H 32 46.86 -43.63 -23.05
N ILE H 33 45.70 -44.23 -23.26
CA ILE H 33 45.16 -45.23 -22.36
C ILE H 33 45.88 -46.57 -22.52
N LEU H 34 46.34 -46.85 -23.75
CA LEU H 34 47.27 -47.94 -23.97
C LEU H 34 48.61 -47.73 -23.27
N LEU H 35 49.07 -46.48 -23.15
CA LEU H 35 50.31 -46.23 -22.42
C LEU H 35 50.14 -46.47 -20.93
N HIS H 36 48.96 -46.14 -20.38
CA HIS H 36 48.58 -46.52 -19.01
C HIS H 36 48.68 -48.03 -18.82
N GLN H 37 48.08 -48.79 -19.74
CA GLN H 37 48.09 -50.26 -19.62
C GLN H 37 49.48 -50.86 -19.78
N VAL H 38 50.28 -50.35 -20.72
CA VAL H 38 51.60 -50.95 -20.90
C VAL H 38 52.60 -50.46 -19.85
N GLU H 39 52.40 -49.30 -19.23
CA GLU H 39 53.26 -48.94 -18.11
C GLU H 39 52.92 -49.74 -16.86
N ALA H 40 51.63 -50.07 -16.67
CA ALA H 40 51.31 -50.96 -15.55
C ALA H 40 51.81 -52.38 -15.81
N LEU H 41 51.80 -52.82 -17.07
CA LEU H 41 52.41 -54.11 -17.40
C LEU H 41 53.92 -54.11 -17.21
N ALA H 42 54.60 -53.02 -17.58
CA ALA H 42 56.04 -52.98 -17.34
C ALA H 42 56.38 -52.83 -15.87
N ALA H 43 55.47 -52.26 -15.07
CA ALA H 43 55.62 -52.31 -13.63
C ALA H 43 55.36 -53.71 -13.08
N ALA H 44 54.54 -54.50 -13.77
CA ALA H 44 54.32 -55.88 -13.35
C ALA H 44 55.57 -56.73 -13.57
N GLY H 45 56.37 -56.38 -14.57
CA GLY H 45 57.52 -57.17 -14.95
C GLY H 45 57.35 -58.03 -16.18
N VAL H 46 56.33 -57.79 -17.00
CA VAL H 46 56.13 -58.61 -18.19
C VAL H 46 57.13 -58.11 -19.23
N ASP H 47 57.72 -59.03 -19.99
CA ASP H 47 58.87 -58.63 -20.82
C ASP H 47 58.51 -58.33 -22.26
N HIS H 48 57.42 -58.90 -22.77
CA HIS H 48 56.93 -58.50 -24.08
C HIS H 48 55.40 -58.61 -24.10
N VAL H 49 54.79 -57.67 -24.80
CA VAL H 49 53.34 -57.53 -24.85
C VAL H 49 52.94 -57.47 -26.32
N ILE H 50 51.94 -58.26 -26.68
CA ILE H 50 51.42 -58.32 -28.04
C ILE H 50 50.09 -57.60 -28.06
N LEU H 51 49.98 -56.58 -28.91
CA LEU H 51 48.73 -55.86 -29.11
C LEU H 51 48.23 -56.11 -30.52
N ALA H 52 46.99 -56.59 -30.63
CA ALA H 52 46.50 -57.15 -31.89
C ALA H 52 45.50 -56.22 -32.59
N VAL H 53 45.93 -55.60 -33.68
CA VAL H 53 45.12 -54.61 -34.37
C VAL H 53 44.47 -55.26 -35.60
N SER H 54 43.31 -54.73 -35.99
CA SER H 54 42.70 -55.06 -37.27
C SER H 54 42.53 -53.84 -38.16
N TYR H 55 42.22 -52.69 -37.56
CA TYR H 55 42.33 -51.41 -38.25
C TYR H 55 43.78 -51.16 -38.59
N MET H 56 44.04 -50.79 -39.85
CA MET H 56 45.38 -50.36 -40.23
C MET H 56 45.74 -49.07 -39.51
N SER H 57 46.69 -49.16 -38.58
CA SER H 57 46.97 -48.10 -37.63
C SER H 57 48.46 -47.81 -37.66
N GLN H 58 48.87 -46.93 -38.57
CA GLN H 58 50.28 -46.59 -38.72
C GLN H 58 50.75 -45.70 -37.58
N VAL H 59 49.89 -44.80 -37.11
CA VAL H 59 50.28 -43.89 -36.03
C VAL H 59 50.37 -44.67 -34.71
N LEU H 60 49.55 -45.70 -34.54
CA LEU H 60 49.63 -46.55 -33.36
C LEU H 60 50.93 -47.32 -33.32
N GLU H 61 51.37 -47.90 -34.43
CA GLU H 61 52.56 -48.71 -34.33
C GLU H 61 53.82 -47.85 -34.47
N LYS H 62 53.67 -46.61 -34.96
CA LYS H 62 54.67 -45.56 -34.75
C LYS H 62 54.88 -45.27 -33.27
N GLU H 63 53.79 -44.97 -32.56
CA GLU H 63 53.83 -44.71 -31.12
C GLU H 63 54.29 -45.94 -30.35
N MET H 64 54.03 -47.13 -30.89
CA MET H 64 54.41 -48.34 -30.19
C MET H 64 55.88 -48.69 -30.36
N LYS H 65 56.53 -48.42 -31.51
CA LYS H 65 57.97 -48.68 -31.48
C LYS H 65 58.74 -47.54 -30.81
N ALA H 66 58.17 -46.33 -30.77
CA ALA H 66 58.73 -45.30 -29.87
C ALA H 66 58.61 -45.70 -28.40
N GLN H 67 57.46 -46.27 -28.02
CA GLN H 67 57.26 -46.76 -26.65
C GLN H 67 58.06 -48.01 -26.36
N GLU H 68 58.35 -48.80 -27.40
CA GLU H 68 59.20 -49.98 -27.26
C GLU H 68 60.62 -49.57 -26.94
N GLN H 69 61.10 -48.52 -27.59
CA GLN H 69 62.42 -48.02 -27.21
C GLN H 69 62.39 -47.24 -25.91
N ARG H 70 61.22 -46.73 -25.49
CA ARG H 70 61.14 -46.02 -24.21
C ARG H 70 61.16 -46.97 -23.01
N LEU H 71 60.28 -47.98 -23.02
CA LEU H 71 59.99 -48.77 -21.82
C LEU H 71 61.00 -49.88 -21.54
N GLY H 72 61.75 -50.34 -22.54
CA GLY H 72 62.65 -51.45 -22.35
C GLY H 72 62.01 -52.82 -22.51
N ILE H 73 60.74 -52.89 -22.84
CA ILE H 73 60.07 -54.15 -23.12
C ILE H 73 59.80 -54.23 -24.61
N ARG H 74 59.83 -55.45 -25.13
CA ARG H 74 59.50 -55.68 -26.53
C ARG H 74 58.00 -55.54 -26.75
N ILE H 75 57.62 -55.13 -27.95
CA ILE H 75 56.21 -55.12 -28.36
C ILE H 75 56.11 -55.83 -29.70
N SER H 76 55.31 -56.88 -29.75
CA SER H 76 54.97 -57.55 -31.00
C SER H 76 53.64 -57.01 -31.51
N MET H 77 53.41 -57.16 -32.81
CA MET H 77 52.33 -56.51 -33.52
C MET H 77 51.57 -57.53 -34.34
N SER H 78 50.53 -58.11 -33.74
CA SER H 78 49.66 -59.05 -34.45
C SER H 78 48.75 -58.28 -35.39
N HIS H 79 48.73 -58.69 -36.66
CA HIS H 79 48.17 -57.83 -37.69
C HIS H 79 47.04 -58.57 -38.41
N GLU H 80 45.83 -58.04 -38.32
CA GLU H 80 44.65 -58.65 -38.92
C GLU H 80 44.19 -57.82 -40.11
N GLU H 81 43.72 -58.50 -41.17
CA GLU H 81 43.24 -57.80 -42.36
C GLU H 81 41.73 -57.63 -42.33
N GLU H 82 41.03 -58.64 -41.86
CA GLU H 82 39.60 -58.54 -41.60
C GLU H 82 39.43 -58.49 -40.08
N PRO H 83 38.33 -57.93 -39.57
CA PRO H 83 38.04 -58.00 -38.13
C PRO H 83 37.91 -59.43 -37.63
N LEU H 84 38.76 -59.78 -36.66
CA LEU H 84 38.69 -61.09 -36.01
C LEU H 84 37.97 -61.06 -34.67
N GLY H 85 37.39 -59.93 -34.30
CA GLY H 85 36.67 -59.84 -33.04
C GLY H 85 37.58 -59.75 -31.83
N THR H 86 37.26 -60.52 -30.77
CA THR H 86 38.05 -60.53 -29.55
C THR H 86 38.65 -61.89 -29.20
N ALA H 87 38.15 -62.99 -29.78
CA ALA H 87 38.80 -64.28 -29.61
C ALA H 87 39.74 -64.62 -30.76
N GLY H 88 39.39 -64.23 -31.99
CA GLY H 88 40.29 -64.29 -33.12
C GLY H 88 41.68 -63.68 -33.00
N PRO H 89 41.82 -62.52 -32.33
CA PRO H 89 43.19 -62.04 -32.01
C PRO H 89 44.00 -62.96 -31.09
N LEU H 90 43.36 -63.81 -30.30
CA LEU H 90 44.11 -64.82 -29.56
C LEU H 90 44.58 -65.93 -30.50
N ALA H 91 43.72 -66.37 -31.42
CA ALA H 91 44.07 -67.48 -32.29
C ALA H 91 45.00 -67.09 -33.42
N LEU H 92 45.09 -65.78 -33.74
CA LEU H 92 46.05 -65.37 -34.76
C LEU H 92 47.49 -65.44 -34.24
N ALA H 93 47.71 -64.94 -33.02
CA ALA H 93 49.03 -64.88 -32.41
C ALA H 93 49.35 -66.11 -31.59
N ARG H 94 48.66 -67.22 -31.89
CA ARG H 94 48.60 -68.37 -30.99
C ARG H 94 49.89 -69.18 -30.94
N ASP H 95 50.74 -69.10 -31.96
CA ASP H 95 52.07 -69.69 -31.85
C ASP H 95 53.01 -68.83 -31.01
N LEU H 96 52.70 -67.54 -30.85
CA LEU H 96 53.51 -66.70 -29.99
C LEU H 96 53.13 -66.88 -28.53
N LEU H 97 51.98 -67.51 -28.24
CA LEU H 97 51.58 -67.79 -26.87
C LEU H 97 51.61 -69.28 -26.52
N SER H 98 51.68 -70.15 -27.51
CA SER H 98 51.90 -71.58 -27.30
C SER H 98 53.37 -71.92 -27.12
N GLU H 99 54.23 -70.90 -27.05
CA GLU H 99 55.68 -71.03 -27.18
C GLU H 99 56.30 -71.33 -25.82
N THR H 100 55.70 -70.79 -24.76
CA THR H 100 55.93 -71.16 -23.37
C THR H 100 54.61 -71.50 -22.69
N ALA H 101 54.58 -72.62 -21.98
CA ALA H 101 53.43 -73.06 -21.21
C ALA H 101 53.43 -72.27 -19.90
N ASP H 102 52.89 -71.06 -19.97
CA ASP H 102 52.89 -70.15 -18.85
C ASP H 102 51.64 -69.30 -19.03
N PRO H 103 50.90 -69.02 -17.94
CA PRO H 103 49.64 -68.28 -18.07
C PRO H 103 49.88 -66.83 -18.44
N PHE H 104 48.97 -66.28 -19.25
CA PHE H 104 49.16 -64.97 -19.86
C PHE H 104 47.99 -64.06 -19.53
N PHE H 105 48.28 -62.78 -19.33
CA PHE H 105 47.24 -61.77 -19.28
C PHE H 105 46.72 -61.50 -20.68
N VAL H 106 45.42 -61.24 -20.78
CA VAL H 106 44.88 -60.43 -21.87
C VAL H 106 44.08 -59.30 -21.24
N LEU H 107 44.17 -58.14 -21.87
CA LEU H 107 43.61 -56.90 -21.37
C LEU H 107 42.66 -56.34 -22.41
N ASN H 108 41.55 -55.76 -21.95
CA ASN H 108 40.76 -54.87 -22.79
C ASN H 108 41.36 -53.48 -22.70
N SER H 109 41.27 -52.72 -23.79
CA SER H 109 41.97 -51.43 -23.80
C SER H 109 41.22 -50.40 -22.97
N ASP H 110 39.89 -50.39 -23.04
CA ASP H 110 39.03 -49.39 -22.44
C ASP H 110 38.92 -49.48 -20.92
N VAL H 111 39.61 -50.43 -20.28
CA VAL H 111 39.57 -50.56 -18.84
C VAL H 111 40.64 -49.68 -18.21
N ILE H 112 40.21 -48.79 -17.31
CA ILE H 112 41.10 -47.99 -16.47
C ILE H 112 40.78 -48.28 -15.02
N CYS H 113 41.81 -48.70 -14.28
CA CYS H 113 41.67 -49.11 -12.89
C CYS H 113 43.08 -49.13 -12.29
N ASP H 114 43.13 -49.39 -10.99
CA ASP H 114 44.38 -49.88 -10.39
C ASP H 114 44.54 -51.33 -10.78
N PHE H 115 45.62 -51.64 -11.49
CA PHE H 115 45.84 -52.97 -12.03
C PHE H 115 46.59 -53.82 -11.01
N PRO H 116 45.95 -54.82 -10.38
CA PRO H 116 46.61 -55.69 -9.41
C PRO H 116 47.16 -56.95 -10.09
N PHE H 117 48.26 -56.76 -10.83
CA PHE H 117 48.76 -57.80 -11.73
C PHE H 117 49.38 -58.97 -10.96
N GLN H 118 50.25 -58.68 -9.99
CA GLN H 118 50.89 -59.75 -9.22
C GLN H 118 49.92 -60.43 -8.26
N ALA H 119 48.93 -59.70 -7.72
CA ALA H 119 47.91 -60.33 -6.89
C ALA H 119 47.01 -61.24 -7.70
N MET H 120 46.70 -60.85 -8.93
CA MET H 120 46.01 -61.71 -9.89
C MET H 120 46.82 -62.98 -10.16
N VAL H 121 48.14 -62.84 -10.29
CA VAL H 121 49.03 -63.98 -10.54
C VAL H 121 49.04 -64.95 -9.34
N GLN H 122 49.04 -64.41 -8.11
CA GLN H 122 48.98 -65.32 -6.96
C GLN H 122 47.60 -65.94 -6.81
N PHE H 123 46.55 -65.25 -7.25
CA PHE H 123 45.21 -65.86 -7.26
C PHE H 123 45.12 -66.98 -8.27
N HIS H 124 45.73 -66.79 -9.45
CA HIS H 124 45.69 -67.80 -10.49
C HIS H 124 46.56 -68.99 -10.15
N ARG H 125 47.66 -68.78 -9.44
CA ARG H 125 48.45 -69.89 -8.94
C ARG H 125 47.76 -70.59 -7.77
N HIS H 126 46.97 -69.86 -6.99
CA HIS H 126 46.27 -70.44 -5.85
C HIS H 126 45.13 -71.35 -6.31
N HIS H 127 44.31 -70.89 -7.25
CA HIS H 127 43.16 -71.71 -7.64
C HIS H 127 43.54 -72.80 -8.62
N GLY H 128 44.50 -72.52 -9.52
CA GLY H 128 45.17 -73.60 -10.24
C GLY H 128 44.40 -74.25 -11.36
N GLN H 129 43.45 -73.55 -11.97
CA GLN H 129 42.74 -74.13 -13.10
C GLN H 129 42.92 -73.18 -14.28
N GLU H 130 42.14 -73.34 -15.35
CA GLU H 130 42.49 -72.82 -16.67
C GLU H 130 42.48 -71.29 -16.74
N GLY H 131 41.33 -70.67 -16.52
CA GLY H 131 41.18 -69.24 -16.76
C GLY H 131 40.68 -68.51 -15.54
N SER H 132 41.23 -67.33 -15.29
CA SER H 132 40.78 -66.47 -14.21
C SER H 132 40.27 -65.16 -14.78
N ILE H 133 39.17 -64.67 -14.21
CA ILE H 133 38.46 -63.47 -14.65
C ILE H 133 38.48 -62.47 -13.50
N LEU H 134 38.70 -61.19 -13.81
CA LEU H 134 38.59 -60.18 -12.78
C LEU H 134 37.23 -59.49 -12.85
N VAL H 135 36.64 -59.26 -11.67
CA VAL H 135 35.25 -58.87 -11.54
C VAL H 135 35.21 -57.65 -10.62
N THR H 136 34.19 -56.80 -10.78
CA THR H 136 33.98 -55.60 -9.95
C THR H 136 32.50 -55.44 -9.64
N LYS H 137 32.18 -54.40 -8.84
CA LYS H 137 30.81 -53.95 -8.61
C LYS H 137 30.54 -52.72 -9.47
N VAL H 138 29.27 -52.51 -9.84
CA VAL H 138 28.78 -51.19 -10.22
C VAL H 138 27.33 -51.11 -9.76
N GLU H 139 26.79 -49.89 -9.73
CA GLU H 139 25.52 -49.65 -9.08
C GLU H 139 24.32 -50.09 -9.91
N GLU H 140 24.48 -50.19 -11.23
CA GLU H 140 23.41 -50.61 -12.14
C GLU H 140 23.72 -52.04 -12.56
N PRO H 141 23.02 -53.04 -12.01
CA PRO H 141 23.16 -54.39 -12.58
C PRO H 141 22.45 -54.54 -13.90
N SER H 142 21.54 -53.62 -14.21
CA SER H 142 20.57 -53.70 -15.28
C SER H 142 21.13 -53.21 -16.62
N LYS H 143 22.45 -53.03 -16.70
CA LYS H 143 23.13 -52.66 -17.93
C LYS H 143 24.18 -53.65 -18.37
N TYR H 144 24.99 -54.20 -17.46
CA TYR H 144 26.04 -55.13 -17.84
C TYR H 144 25.72 -56.54 -17.38
N GLY H 145 26.50 -57.47 -17.92
CA GLY H 145 26.25 -58.88 -17.66
C GLY H 145 26.85 -59.34 -16.35
N VAL H 146 26.08 -60.13 -15.62
CA VAL H 146 26.39 -60.46 -14.24
C VAL H 146 27.02 -61.84 -14.15
N VAL H 147 27.85 -62.02 -13.11
CA VAL H 147 28.70 -63.19 -12.90
C VAL H 147 28.54 -63.65 -11.45
N VAL H 148 28.01 -64.86 -11.24
CA VAL H 148 27.80 -65.38 -9.89
C VAL H 148 29.12 -65.92 -9.36
N CYS H 149 29.38 -65.67 -8.07
CA CYS H 149 30.63 -66.06 -7.43
C CYS H 149 30.32 -66.70 -6.09
N GLU H 150 31.00 -67.80 -5.79
CA GLU H 150 30.92 -68.42 -4.48
C GLU H 150 31.99 -67.81 -3.57
N ALA H 151 31.67 -67.71 -2.29
CA ALA H 151 32.63 -67.19 -1.33
C ALA H 151 33.75 -68.21 -1.08
N ASP H 152 34.95 -67.67 -0.86
CA ASP H 152 36.20 -68.31 -0.42
C ASP H 152 36.86 -69.18 -1.49
N THR H 153 36.19 -69.39 -2.62
CA THR H 153 36.83 -70.01 -3.79
C THR H 153 36.83 -69.10 -5.00
N GLY H 154 35.76 -68.33 -5.20
CA GLY H 154 35.69 -67.48 -6.37
C GLY H 154 35.42 -68.21 -7.65
N ARG H 155 34.83 -69.40 -7.59
CA ARG H 155 34.52 -70.12 -8.82
C ARG H 155 33.21 -69.61 -9.42
N ILE H 156 33.19 -69.57 -10.75
CA ILE H 156 32.03 -69.06 -11.47
C ILE H 156 31.16 -70.24 -11.86
N HIS H 157 29.94 -70.27 -11.32
CA HIS H 157 28.96 -71.29 -11.70
C HIS H 157 28.36 -70.97 -13.06
N ARG H 158 27.94 -69.73 -13.26
CA ARG H 158 27.06 -69.37 -14.37
C ARG H 158 27.40 -67.99 -14.89
N PHE H 159 27.52 -67.87 -16.21
CA PHE H 159 27.78 -66.58 -16.85
C PHE H 159 26.49 -66.12 -17.51
N VAL H 160 26.00 -64.95 -17.10
CA VAL H 160 24.76 -64.41 -17.63
C VAL H 160 25.07 -63.15 -18.43
N GLU H 161 24.68 -63.15 -19.70
CA GLU H 161 24.86 -61.94 -20.50
C GLU H 161 23.86 -60.88 -20.13
N LYS H 162 22.60 -61.27 -19.90
CA LYS H 162 21.59 -60.24 -19.89
C LYS H 162 20.93 -60.09 -18.52
N PRO H 163 20.72 -58.86 -18.08
CA PRO H 163 20.26 -58.59 -16.72
C PRO H 163 18.77 -58.81 -16.46
N GLN H 164 18.32 -58.18 -15.36
CA GLN H 164 16.95 -58.01 -14.83
C GLN H 164 16.49 -59.20 -13.98
N VAL H 165 17.39 -60.10 -13.59
CA VAL H 165 17.02 -61.19 -12.71
C VAL H 165 17.66 -61.09 -11.33
N PHE H 166 18.77 -60.36 -11.21
CA PHE H 166 19.54 -60.14 -9.98
C PHE H 166 19.97 -61.46 -9.33
N VAL H 167 20.82 -62.18 -10.06
CA VAL H 167 21.53 -63.31 -9.48
C VAL H 167 22.91 -62.90 -8.94
N SER H 168 23.43 -61.74 -9.34
CA SER H 168 24.76 -61.29 -8.94
C SER H 168 24.88 -59.78 -9.15
N ASN H 169 25.71 -59.11 -8.34
CA ASN H 169 25.98 -57.73 -8.77
C ASN H 169 27.39 -57.60 -9.32
N LYS H 170 28.09 -58.70 -9.52
CA LYS H 170 29.46 -58.68 -10.01
C LYS H 170 29.50 -58.73 -11.54
N ILE H 171 30.32 -57.85 -12.10
CA ILE H 171 30.41 -57.57 -13.53
C ILE H 171 31.85 -57.70 -13.99
N ASN H 172 32.02 -58.33 -15.15
CA ASN H 172 33.31 -58.57 -15.78
C ASN H 172 34.07 -57.27 -15.97
N ALA H 173 35.37 -57.30 -15.67
CA ALA H 173 36.18 -56.09 -15.68
C ALA H 173 37.23 -56.07 -16.78
N GLY H 174 37.16 -56.97 -17.76
CA GLY H 174 38.01 -56.87 -18.94
C GLY H 174 39.42 -57.35 -18.77
N MET H 175 39.70 -58.07 -17.69
CA MET H 175 41.04 -58.53 -17.37
C MET H 175 41.01 -60.04 -17.18
N TYR H 176 41.75 -60.76 -18.03
CA TYR H 176 41.73 -62.20 -18.01
C TYR H 176 43.15 -62.74 -17.89
N ILE H 177 43.32 -63.84 -17.16
CA ILE H 177 44.52 -64.66 -17.26
C ILE H 177 44.10 -66.00 -17.81
N LEU H 178 44.66 -66.37 -18.95
CA LEU H 178 44.33 -67.68 -19.48
C LEU H 178 45.58 -68.53 -19.66
N SER H 179 45.35 -69.84 -19.66
CA SER H 179 46.33 -70.87 -19.88
C SER H 179 46.40 -71.19 -21.37
N PRO H 180 47.46 -71.88 -21.83
CA PRO H 180 47.51 -72.29 -23.24
C PRO H 180 46.44 -73.29 -23.68
N ALA H 181 45.80 -74.02 -22.76
CA ALA H 181 44.72 -74.95 -23.14
C ALA H 181 43.48 -74.21 -23.61
N VAL H 182 43.28 -73.01 -23.05
CA VAL H 182 42.25 -72.10 -23.54
C VAL H 182 42.54 -71.71 -24.99
N LEU H 183 43.82 -71.50 -25.32
CA LEU H 183 44.21 -71.18 -26.68
C LEU H 183 44.10 -72.39 -27.61
N GLN H 184 44.26 -73.59 -27.06
CA GLN H 184 43.90 -74.82 -27.78
C GLN H 184 42.42 -74.82 -28.15
N ARG H 185 41.58 -74.25 -27.28
CA ARG H 185 40.15 -74.22 -27.58
C ARG H 185 39.77 -73.14 -28.61
N ILE H 186 40.48 -72.01 -28.64
CA ILE H 186 40.03 -70.87 -29.47
C ILE H 186 40.36 -71.11 -30.94
N GLN H 187 39.36 -70.87 -31.80
CA GLN H 187 39.48 -70.99 -33.25
C GLN H 187 39.70 -69.63 -33.89
N LEU H 188 40.08 -69.65 -35.18
CA LEU H 188 40.58 -68.46 -35.86
C LEU H 188 39.47 -67.56 -36.39
N GLN H 189 38.29 -68.11 -36.65
CA GLN H 189 37.23 -67.34 -37.29
C GLN H 189 36.66 -66.30 -36.31
N PRO H 190 36.17 -65.14 -36.83
CA PRO H 190 35.84 -64.00 -35.93
C PRO H 190 34.65 -64.20 -35.01
N THR H 191 34.89 -64.96 -33.94
CA THR H 191 33.97 -65.10 -32.83
C THR H 191 34.55 -64.25 -31.69
N SER H 192 33.69 -63.70 -30.84
CA SER H 192 34.15 -63.06 -29.62
C SER H 192 34.37 -64.06 -28.49
N ILE H 193 35.29 -63.71 -27.58
CA ILE H 193 35.69 -64.63 -26.51
C ILE H 193 34.60 -64.72 -25.43
N GLU H 194 34.01 -63.59 -25.06
CA GLU H 194 33.05 -63.57 -23.97
C GLU H 194 31.68 -64.11 -24.39
N LYS H 195 31.39 -64.17 -25.68
CA LYS H 195 30.05 -64.61 -26.06
C LYS H 195 29.96 -66.14 -26.07
N GLU H 196 31.01 -66.85 -26.56
CA GLU H 196 30.92 -68.31 -26.36
C GLU H 196 32.03 -68.91 -25.52
N VAL H 197 33.31 -68.53 -25.73
CA VAL H 197 34.42 -69.31 -25.18
C VAL H 197 34.48 -69.20 -23.67
N PHE H 198 34.12 -68.06 -23.13
CA PHE H 198 33.95 -67.90 -21.69
C PHE H 198 32.67 -68.59 -21.21
N PRO H 199 31.60 -68.63 -22.03
CA PRO H 199 30.34 -69.25 -21.57
C PRO H 199 30.47 -70.77 -21.43
N ILE H 200 31.13 -71.38 -22.41
CA ILE H 200 31.40 -72.80 -22.39
C ILE H 200 32.45 -73.14 -21.32
N MET H 201 33.31 -72.18 -20.97
CA MET H 201 34.32 -72.42 -19.96
C MET H 201 33.69 -72.35 -18.57
N ALA H 202 32.75 -71.41 -18.38
CA ALA H 202 32.00 -71.31 -17.12
C ALA H 202 30.99 -72.43 -16.99
N LYS H 203 30.54 -73.00 -18.12
CA LYS H 203 29.69 -74.19 -18.09
C LYS H 203 30.49 -75.40 -17.62
N GLU H 204 31.74 -75.53 -18.07
CA GLU H 204 32.66 -76.53 -17.53
C GLU H 204 33.20 -76.14 -16.16
N GLY H 205 32.93 -74.90 -15.73
CA GLY H 205 33.32 -74.42 -14.43
C GLY H 205 34.79 -74.08 -14.27
N GLN H 206 35.54 -73.99 -15.37
CA GLN H 206 36.97 -73.74 -15.30
C GLN H 206 37.29 -72.28 -14.99
N LEU H 207 36.30 -71.40 -15.14
CA LEU H 207 36.52 -69.99 -14.85
C LEU H 207 36.47 -69.72 -13.34
N TYR H 208 37.39 -68.88 -12.88
CA TYR H 208 37.37 -68.42 -11.51
C TYR H 208 37.34 -66.90 -11.50
N ALA H 209 36.92 -66.33 -10.37
CA ALA H 209 36.58 -64.91 -10.29
C ALA H 209 37.41 -64.25 -9.21
N MET H 210 38.03 -63.11 -9.54
CA MET H 210 38.83 -62.34 -8.60
C MET H 210 38.30 -60.90 -8.54
N GLU H 211 38.11 -60.38 -7.33
CA GLU H 211 37.42 -59.13 -7.09
C GLU H 211 38.39 -57.97 -6.89
N LEU H 212 38.25 -56.92 -7.68
CA LEU H 212 39.09 -55.74 -7.53
C LEU H 212 38.62 -54.90 -6.33
N GLN H 213 39.54 -54.13 -5.76
CA GLN H 213 39.36 -53.30 -4.57
C GLN H 213 38.34 -52.18 -4.81
N GLY H 214 38.65 -51.25 -5.72
CA GLY H 214 37.76 -50.15 -6.07
C GLY H 214 38.43 -49.36 -7.18
N PHE H 215 37.73 -48.35 -7.70
CA PHE H 215 38.18 -47.54 -8.86
C PHE H 215 38.39 -48.47 -10.07
N TRP H 216 37.26 -48.85 -10.64
CA TRP H 216 37.23 -49.45 -11.97
C TRP H 216 36.33 -48.62 -12.87
N MET H 217 36.76 -48.41 -14.11
CA MET H 217 35.85 -47.84 -15.11
C MET H 217 36.25 -48.28 -16.50
N ASP H 218 35.27 -48.78 -17.24
CA ASP H 218 35.37 -48.93 -18.69
C ASP H 218 34.97 -47.58 -19.28
N ILE H 219 35.81 -47.06 -20.18
CA ILE H 219 35.60 -45.70 -20.66
C ILE H 219 35.41 -45.69 -22.18
N GLY H 220 34.77 -46.74 -22.70
CA GLY H 220 34.45 -46.80 -24.11
C GLY H 220 33.42 -45.80 -24.57
N GLN H 221 32.59 -45.25 -23.63
CA GLN H 221 31.54 -44.24 -23.78
C GLN H 221 32.04 -42.88 -23.31
N PRO H 222 31.51 -41.77 -23.84
CA PRO H 222 32.00 -40.45 -23.41
C PRO H 222 31.60 -40.04 -22.00
N LYS H 223 30.38 -40.35 -21.56
CA LYS H 223 30.03 -40.05 -20.17
C LYS H 223 30.76 -40.98 -19.22
N ASP H 224 31.04 -42.21 -19.66
CA ASP H 224 31.90 -43.09 -18.89
C ASP H 224 33.35 -42.64 -18.91
N PHE H 225 33.78 -42.01 -20.01
CA PHE H 225 35.10 -41.38 -20.07
C PHE H 225 35.21 -40.27 -19.02
N LEU H 226 34.17 -39.46 -18.87
CA LEU H 226 34.22 -38.39 -17.88
C LEU H 226 34.13 -38.91 -16.46
N THR H 227 33.32 -39.95 -16.24
CA THR H 227 33.23 -40.55 -14.90
C THR H 227 34.54 -41.25 -14.52
N GLY H 228 35.17 -41.95 -15.46
CA GLY H 228 36.47 -42.55 -15.20
C GLY H 228 37.57 -41.52 -15.03
N MET H 229 37.44 -40.36 -15.67
CA MET H 229 38.40 -39.29 -15.44
C MET H 229 38.26 -38.69 -14.05
N CYS H 230 37.02 -38.58 -13.56
CA CYS H 230 36.78 -38.18 -12.16
C CYS H 230 37.39 -39.19 -11.18
N LEU H 231 37.14 -40.48 -11.41
CA LEU H 231 37.65 -41.50 -10.51
C LEU H 231 39.17 -41.62 -10.58
N PHE H 232 39.76 -41.43 -11.76
CA PHE H 232 41.21 -41.47 -11.88
C PHE H 232 41.86 -40.27 -11.22
N LEU H 233 41.22 -39.09 -11.29
CA LEU H 233 41.77 -37.95 -10.57
C LEU H 233 41.60 -38.09 -9.07
N GLN H 234 40.56 -38.82 -8.62
CA GLN H 234 40.43 -39.12 -7.18
C GLN H 234 41.53 -40.07 -6.71
N SER H 235 41.78 -41.14 -7.48
CA SER H 235 42.85 -42.07 -7.13
C SER H 235 44.23 -41.42 -7.24
N LEU H 236 44.39 -40.50 -8.19
CA LEU H 236 45.63 -39.73 -8.30
C LEU H 236 45.78 -38.73 -7.17
N ARG H 237 44.67 -38.25 -6.59
CA ARG H 237 44.76 -37.43 -5.40
C ARG H 237 45.20 -38.26 -4.20
N GLN H 238 44.64 -39.46 -4.05
CA GLN H 238 44.98 -40.27 -2.89
C GLN H 238 46.32 -40.98 -3.03
N LYS H 239 46.90 -41.05 -4.23
CA LYS H 239 48.17 -41.73 -4.41
C LYS H 239 49.33 -40.76 -4.68
N GLN H 240 49.19 -39.83 -5.63
CA GLN H 240 50.21 -38.83 -5.93
C GLN H 240 49.64 -37.41 -5.85
N PRO H 241 49.40 -36.89 -4.65
CA PRO H 241 48.84 -35.55 -4.53
C PRO H 241 49.80 -34.42 -4.90
N GLU H 242 51.10 -34.68 -5.03
CA GLU H 242 52.01 -33.67 -5.57
C GLU H 242 51.79 -33.39 -7.04
N ARG H 243 51.25 -34.34 -7.80
CA ARG H 243 51.22 -34.25 -9.25
C ARG H 243 50.04 -33.44 -9.77
N LEU H 244 48.96 -33.37 -9.02
CA LEU H 244 47.86 -32.49 -9.38
C LEU H 244 48.24 -31.05 -9.10
N CYS H 245 47.94 -30.17 -10.06
CA CYS H 245 48.31 -28.77 -9.92
C CYS H 245 47.40 -28.05 -8.93
N SER H 246 48.01 -27.29 -8.02
CA SER H 246 47.31 -26.53 -7.00
C SER H 246 47.51 -25.05 -7.26
N GLY H 247 46.50 -24.26 -6.94
CA GLY H 247 46.57 -22.84 -7.14
C GLY H 247 45.46 -22.08 -6.43
N PRO H 248 45.47 -20.75 -6.54
CA PRO H 248 44.37 -19.97 -5.93
C PRO H 248 43.06 -20.09 -6.69
N GLY H 249 43.09 -20.08 -8.02
CA GLY H 249 41.88 -20.20 -8.81
C GLY H 249 41.62 -21.62 -9.26
N ILE H 250 42.13 -22.60 -8.53
CA ILE H 250 42.01 -24.02 -8.87
C ILE H 250 41.22 -24.71 -7.76
N VAL H 251 40.14 -25.37 -8.13
CA VAL H 251 39.25 -26.04 -7.19
C VAL H 251 39.32 -27.54 -7.45
N GLY H 252 39.44 -28.32 -6.38
CA GLY H 252 39.35 -29.77 -6.51
C GLY H 252 40.62 -30.40 -7.05
N ASN H 253 40.45 -31.53 -7.74
CA ASN H 253 41.56 -32.30 -8.27
C ASN H 253 41.74 -31.97 -9.75
N VAL H 254 42.73 -31.15 -10.06
CA VAL H 254 42.97 -30.68 -11.42
C VAL H 254 44.35 -31.13 -11.86
N LEU H 255 44.41 -31.79 -13.02
CA LEU H 255 45.67 -32.21 -13.62
C LEU H 255 45.98 -31.29 -14.81
N VAL H 256 47.12 -30.63 -14.76
CA VAL H 256 47.54 -29.67 -15.78
C VAL H 256 48.90 -30.10 -16.30
N ASP H 257 49.03 -30.21 -17.62
CA ASP H 257 50.32 -30.48 -18.25
C ASP H 257 51.24 -29.28 -18.08
N PRO H 258 52.56 -29.49 -18.01
CA PRO H 258 53.50 -28.35 -18.01
C PRO H 258 53.44 -27.47 -19.26
N SER H 259 53.06 -28.03 -20.41
CA SER H 259 52.91 -27.24 -21.63
C SER H 259 51.62 -26.42 -21.63
N ALA H 260 50.67 -26.77 -20.77
CA ALA H 260 49.38 -26.09 -20.76
C ALA H 260 49.49 -24.72 -20.11
N ARG H 261 48.65 -23.80 -20.58
CA ARG H 261 48.63 -22.44 -20.06
C ARG H 261 47.24 -22.12 -19.55
N ILE H 262 47.17 -21.46 -18.40
CA ILE H 262 45.92 -21.03 -17.79
C ILE H 262 46.01 -19.53 -17.53
N GLY H 263 45.04 -18.78 -18.04
CA GLY H 263 45.07 -17.34 -17.95
C GLY H 263 44.68 -16.82 -16.58
N GLN H 264 44.75 -15.49 -16.46
CA GLN H 264 44.49 -14.81 -15.21
C GLN H 264 42.99 -14.75 -14.93
N ASN H 265 42.64 -14.81 -13.64
CA ASN H 265 41.28 -14.57 -13.12
C ASN H 265 40.26 -15.57 -13.66
N CYS H 266 40.58 -16.86 -13.59
CA CYS H 266 39.67 -17.87 -14.08
C CYS H 266 39.60 -19.02 -13.09
N SER H 267 38.48 -19.72 -13.08
CA SER H 267 38.17 -20.73 -12.06
C SER H 267 38.12 -22.11 -12.69
N ILE H 268 39.21 -22.86 -12.57
CA ILE H 268 39.26 -24.23 -13.07
C ILE H 268 38.71 -25.16 -12.00
N GLY H 269 37.50 -25.64 -12.19
CA GLY H 269 36.79 -26.38 -11.17
C GLY H 269 37.24 -27.81 -11.05
N PRO H 270 36.48 -28.62 -10.31
CA PRO H 270 36.95 -29.96 -9.95
C PRO H 270 36.93 -30.94 -11.11
N ASN H 271 37.86 -31.89 -11.04
CA ASN H 271 37.98 -33.03 -11.96
C ASN H 271 38.21 -32.59 -13.40
N VAL H 272 39.23 -31.74 -13.60
CA VAL H 272 39.57 -31.21 -14.91
C VAL H 272 40.97 -31.70 -15.27
N SER H 273 41.13 -32.23 -16.47
CA SER H 273 42.43 -32.63 -16.99
C SER H 273 42.72 -31.86 -18.26
N LEU H 274 43.74 -31.00 -18.23
CA LEU H 274 44.11 -30.15 -19.35
C LEU H 274 45.31 -30.75 -20.05
N GLY H 275 45.23 -30.89 -21.38
CA GLY H 275 46.24 -31.56 -22.15
C GLY H 275 47.46 -30.70 -22.39
N PRO H 276 48.42 -31.27 -23.12
CA PRO H 276 49.65 -30.51 -23.42
C PRO H 276 49.42 -29.47 -24.51
N GLY H 277 49.73 -28.22 -24.19
CA GLY H 277 49.65 -27.15 -25.15
C GLY H 277 48.32 -26.45 -25.24
N VAL H 278 47.42 -26.67 -24.28
CA VAL H 278 46.15 -25.97 -24.30
C VAL H 278 46.36 -24.55 -23.81
N VAL H 279 45.52 -23.64 -24.30
CA VAL H 279 45.56 -22.24 -23.94
C VAL H 279 44.20 -21.88 -23.38
N VAL H 280 44.13 -21.72 -22.06
CA VAL H 280 42.91 -21.28 -21.39
C VAL H 280 43.07 -19.80 -21.09
N GLU H 281 42.13 -18.99 -21.58
CA GLU H 281 42.24 -17.55 -21.47
C GLU H 281 41.57 -17.08 -20.19
N ASP H 282 41.32 -15.77 -20.10
CA ASP H 282 40.85 -15.17 -18.85
C ASP H 282 39.37 -15.39 -18.63
N GLY H 283 39.00 -15.65 -17.38
CA GLY H 283 37.59 -15.77 -17.03
C GLY H 283 36.91 -17.03 -17.50
N VAL H 284 37.65 -18.08 -17.79
CA VAL H 284 37.06 -19.34 -18.26
C VAL H 284 36.83 -20.25 -17.06
N CYS H 285 35.60 -20.71 -16.91
CA CYS H 285 35.25 -21.66 -15.86
C CYS H 285 35.13 -23.04 -16.49
N ILE H 286 35.96 -23.98 -16.06
CA ILE H 286 35.96 -25.35 -16.58
C ILE H 286 35.81 -26.29 -15.39
N ARG H 287 34.77 -27.11 -15.40
CA ARG H 287 34.53 -28.12 -14.38
C ARG H 287 34.20 -29.43 -15.07
N ARG H 288 34.80 -30.53 -14.60
CA ARG H 288 34.52 -31.89 -15.07
C ARG H 288 34.77 -32.10 -16.57
N CYS H 289 35.61 -31.28 -17.22
CA CYS H 289 35.85 -31.43 -18.65
C CYS H 289 37.26 -31.96 -18.89
N THR H 290 37.41 -32.68 -20.00
CA THR H 290 38.71 -33.15 -20.47
C THR H 290 39.08 -32.38 -21.72
N VAL H 291 40.12 -31.56 -21.63
CA VAL H 291 40.59 -30.77 -22.76
C VAL H 291 41.84 -31.45 -23.30
N LEU H 292 41.73 -32.04 -24.48
CA LEU H 292 42.85 -32.72 -25.10
C LEU H 292 43.80 -31.68 -25.71
N ARG H 293 44.88 -32.17 -26.34
CA ARG H 293 46.06 -31.33 -26.59
C ARG H 293 45.79 -30.29 -27.68
N ASP H 294 46.54 -29.18 -27.56
CA ASP H 294 46.59 -28.06 -28.50
C ASP H 294 45.24 -27.35 -28.69
N ALA H 295 44.31 -27.49 -27.75
CA ALA H 295 42.98 -26.92 -27.89
C ALA H 295 42.91 -25.60 -27.14
N ARG H 296 42.42 -24.57 -27.82
CA ARG H 296 42.35 -23.22 -27.26
C ARG H 296 40.92 -22.91 -26.84
N ILE H 297 40.76 -22.50 -25.59
CA ILE H 297 39.47 -22.07 -25.07
C ILE H 297 39.56 -20.59 -24.78
N ARG H 298 38.82 -19.79 -25.53
CA ARG H 298 38.93 -18.35 -25.41
C ARG H 298 38.14 -17.84 -24.21
N SER H 299 38.17 -16.52 -24.02
CA SER H 299 37.86 -15.91 -22.74
C SER H 299 36.37 -15.92 -22.43
N HIS H 300 36.07 -15.86 -21.13
CA HIS H 300 34.72 -15.77 -20.55
C HIS H 300 33.83 -16.96 -20.94
N SER H 301 34.41 -18.11 -21.20
CA SER H 301 33.62 -19.28 -21.53
C SER H 301 33.19 -20.00 -20.26
N TRP H 302 32.29 -20.97 -20.42
CA TRP H 302 31.84 -21.82 -19.33
C TRP H 302 31.69 -23.23 -19.86
N LEU H 303 32.27 -24.19 -19.15
CA LEU H 303 32.41 -25.55 -19.66
C LEU H 303 32.15 -26.51 -18.52
N GLU H 304 31.15 -27.37 -18.67
CA GLU H 304 30.88 -28.43 -17.69
C GLU H 304 30.63 -29.73 -18.42
N SER H 305 31.32 -30.82 -18.01
CA SER H 305 31.22 -32.16 -18.61
C SER H 305 31.51 -32.10 -20.12
N CYS H 306 32.74 -31.89 -20.51
CA CYS H 306 32.94 -31.83 -21.92
C CYS H 306 34.28 -32.34 -22.33
N ILE H 307 34.27 -32.94 -23.50
CA ILE H 307 35.47 -33.51 -24.09
C ILE H 307 35.83 -32.62 -25.26
N VAL H 308 36.87 -31.82 -25.09
CA VAL H 308 37.31 -30.88 -26.12
C VAL H 308 38.43 -31.56 -26.88
N GLY H 309 38.24 -31.75 -28.18
CA GLY H 309 39.17 -32.51 -28.98
C GLY H 309 40.44 -31.75 -29.30
N TRP H 310 41.26 -32.36 -30.15
CA TRP H 310 42.56 -31.80 -30.48
C TRP H 310 42.43 -30.61 -31.42
N ARG H 311 43.16 -29.54 -31.12
CA ARG H 311 43.26 -28.32 -31.92
C ARG H 311 41.90 -27.64 -32.10
N CYS H 312 41.08 -27.68 -31.07
CA CYS H 312 39.80 -26.98 -31.13
C CYS H 312 40.01 -25.49 -30.87
N ARG H 313 38.96 -24.72 -31.12
CA ARG H 313 38.94 -23.30 -30.79
C ARG H 313 37.54 -22.99 -30.29
N VAL H 314 37.37 -23.04 -28.98
CA VAL H 314 36.11 -22.65 -28.35
C VAL H 314 36.13 -21.14 -28.20
N GLY H 315 35.14 -20.46 -28.78
CA GLY H 315 35.11 -19.01 -28.80
C GLY H 315 34.78 -18.37 -27.48
N GLN H 316 34.48 -17.08 -27.51
CA GLN H 316 34.20 -16.34 -26.29
C GLN H 316 32.72 -16.41 -25.93
N TRP H 317 32.45 -16.44 -24.63
CA TRP H 317 31.10 -16.55 -24.03
C TRP H 317 30.34 -17.78 -24.50
N VAL H 318 31.05 -18.86 -24.74
CA VAL H 318 30.43 -20.12 -25.14
C VAL H 318 30.12 -20.91 -23.89
N ARG H 319 28.90 -21.43 -23.80
CA ARG H 319 28.49 -22.31 -22.74
C ARG H 319 28.39 -23.71 -23.32
N MET H 320 29.06 -24.67 -22.68
CA MET H 320 29.02 -26.07 -23.09
C MET H 320 28.70 -26.91 -21.87
N GLU H 321 27.60 -27.65 -21.93
CA GLU H 321 27.24 -28.53 -20.83
C GLU H 321 26.72 -29.83 -21.40
N ASN H 322 26.42 -30.75 -20.49
CA ASN H 322 25.84 -32.06 -20.77
C ASN H 322 26.58 -32.92 -21.79
N VAL H 323 27.67 -33.52 -21.34
CA VAL H 323 28.51 -34.43 -22.12
C VAL H 323 28.64 -34.15 -23.63
N THR H 324 29.01 -32.93 -23.99
CA THR H 324 29.19 -32.61 -25.40
C THR H 324 30.62 -32.94 -25.79
N VAL H 325 30.79 -33.68 -26.88
CA VAL H 325 32.14 -34.04 -27.32
C VAL H 325 32.43 -33.28 -28.61
N LEU H 326 33.55 -32.58 -28.64
CA LEU H 326 34.05 -31.96 -29.86
C LEU H 326 35.13 -32.83 -30.46
N GLY H 327 35.11 -33.00 -31.78
CA GLY H 327 36.13 -33.75 -32.49
C GLY H 327 37.38 -32.92 -32.68
N GLU H 328 38.21 -33.34 -33.64
CA GLU H 328 39.43 -32.59 -33.91
C GLU H 328 39.11 -31.38 -34.79
N ASP H 329 39.76 -30.26 -34.48
CA ASP H 329 39.73 -29.03 -35.28
C ASP H 329 38.31 -28.46 -35.45
N VAL H 330 37.55 -28.49 -34.36
CA VAL H 330 36.21 -27.94 -34.31
C VAL H 330 36.30 -26.49 -33.85
N ILE H 331 35.74 -25.59 -34.62
CA ILE H 331 35.72 -24.17 -34.29
C ILE H 331 34.30 -23.83 -33.82
N VAL H 332 34.18 -23.36 -32.59
CA VAL H 332 32.89 -22.91 -32.05
C VAL H 332 32.91 -21.40 -32.01
N ASN H 333 31.93 -20.77 -32.65
CA ASN H 333 31.88 -19.32 -32.73
C ASN H 333 31.48 -18.72 -31.38
N ASP H 334 31.54 -17.39 -31.30
CA ASP H 334 31.32 -16.72 -30.04
C ASP H 334 29.84 -16.66 -29.69
N GLU H 335 29.57 -16.68 -28.38
CA GLU H 335 28.23 -16.56 -27.78
C GLU H 335 27.29 -17.69 -28.24
N LEU H 336 27.75 -18.93 -28.12
CA LEU H 336 26.94 -20.07 -28.49
C LEU H 336 26.68 -20.94 -27.26
N TYR H 337 25.69 -21.81 -27.38
CA TYR H 337 25.32 -22.70 -26.29
C TYR H 337 25.21 -24.11 -26.86
N LEU H 338 25.98 -25.04 -26.29
CA LEU H 338 25.99 -26.42 -26.73
C LEU H 338 25.59 -27.33 -25.58
N ASN H 339 24.62 -28.19 -25.82
CA ASN H 339 24.08 -29.11 -24.83
C ASN H 339 23.92 -30.46 -25.52
N GLY H 340 24.83 -31.39 -25.24
CA GLY H 340 24.76 -32.70 -25.85
C GLY H 340 25.25 -32.77 -27.27
N ALA H 341 25.89 -31.72 -27.77
CA ALA H 341 26.31 -31.65 -29.17
C ALA H 341 27.51 -32.56 -29.38
N SER H 342 27.29 -33.67 -30.06
CA SER H 342 28.39 -34.57 -30.42
C SER H 342 28.86 -34.14 -31.79
N VAL H 343 29.91 -33.34 -31.84
CA VAL H 343 30.32 -32.64 -33.06
C VAL H 343 31.42 -33.42 -33.75
N LEU H 344 31.23 -33.68 -35.04
CA LEU H 344 32.19 -34.42 -35.85
C LEU H 344 33.41 -33.53 -36.15
N PRO H 345 34.55 -34.13 -36.50
CA PRO H 345 35.76 -33.33 -36.74
C PRO H 345 35.66 -32.38 -37.92
N HIS H 346 36.47 -31.32 -37.84
CA HIS H 346 36.63 -30.27 -38.86
C HIS H 346 35.32 -29.55 -39.15
N LYS H 347 34.53 -29.33 -38.11
CA LYS H 347 33.26 -28.62 -38.22
C LYS H 347 33.40 -27.21 -37.67
N SER H 348 32.63 -26.29 -38.23
CA SER H 348 32.52 -24.93 -37.74
C SER H 348 31.08 -24.71 -37.30
N ILE H 349 30.88 -24.43 -36.02
CA ILE H 349 29.55 -24.26 -35.44
C ILE H 349 29.26 -22.78 -35.28
N GLY H 350 28.14 -22.33 -35.83
CA GLY H 350 27.74 -20.94 -35.70
C GLY H 350 26.35 -20.80 -35.13
N GLU H 351 25.76 -21.93 -34.73
CA GLU H 351 24.41 -22.00 -34.22
C GLU H 351 24.44 -22.66 -32.85
N SER H 352 23.54 -22.25 -31.97
CA SER H 352 23.44 -22.95 -30.70
C SER H 352 22.79 -24.32 -30.88
N VAL H 353 23.21 -25.26 -30.05
CA VAL H 353 22.62 -26.60 -30.02
C VAL H 353 21.92 -26.77 -28.67
N PRO H 354 20.61 -26.53 -28.60
CA PRO H 354 19.95 -26.53 -27.29
C PRO H 354 19.61 -27.90 -26.74
N GLU H 355 19.44 -28.88 -27.61
CA GLU H 355 19.10 -30.25 -27.23
C GLU H 355 20.15 -31.19 -27.79
N PRO H 356 20.38 -32.37 -27.14
CA PRO H 356 21.44 -33.27 -27.60
C PRO H 356 21.22 -33.87 -28.98
N ARG H 357 22.06 -33.46 -29.93
CA ARG H 357 22.02 -34.02 -31.28
C ARG H 357 23.43 -34.01 -31.84
N ILE H 358 23.61 -34.76 -32.92
CA ILE H 358 24.90 -34.94 -33.56
C ILE H 358 25.03 -33.94 -34.69
N ILE H 359 26.13 -33.19 -34.69
CA ILE H 359 26.39 -32.18 -35.70
C ILE H 359 27.39 -32.74 -36.70
N MET H 360 27.03 -32.71 -37.97
CA MET H 360 27.95 -33.14 -39.02
C MET H 360 27.81 -32.25 -40.25
N MET I 1 -23.09 84.93 2.79
CA MET I 1 -23.33 83.73 3.59
C MET I 1 -22.02 83.16 4.10
N LYS I 2 -21.98 82.80 5.37
CA LYS I 2 -20.76 82.35 6.03
C LYS I 2 -20.87 80.89 6.44
N ALA I 3 -19.79 80.39 7.04
CA ALA I 3 -19.72 79.02 7.53
C ALA I 3 -18.68 78.90 8.64
N LEU I 4 -19.08 78.29 9.74
CA LEU I 4 -18.18 77.94 10.82
C LEU I 4 -17.77 76.47 10.70
N ILE I 5 -16.49 76.23 10.87
CA ILE I 5 -15.92 74.89 10.92
C ILE I 5 -15.27 74.62 12.26
N LEU I 6 -15.67 73.48 12.83
CA LEU I 6 -15.24 73.02 14.15
C LEU I 6 -13.99 72.17 13.96
N VAL I 7 -12.85 72.70 14.38
CA VAL I 7 -11.57 72.01 14.23
C VAL I 7 -10.62 72.30 15.39
N GLY I 8 -9.62 71.43 15.52
CA GLY I 8 -8.64 71.55 16.58
C GLY I 8 -9.02 70.54 17.63
N GLY I 9 -9.15 70.99 18.88
CA GLY I 9 -9.54 70.18 20.03
C GLY I 9 -9.14 68.72 20.05
N TYR I 10 -7.84 68.48 19.86
CA TYR I 10 -7.18 67.16 19.85
C TYR I 10 -8.02 65.88 19.70
N GLY I 11 -8.23 65.45 18.46
CA GLY I 11 -8.97 64.22 18.17
C GLY I 11 -8.29 63.10 18.92
N THR I 12 -9.02 62.47 19.84
CA THR I 12 -8.41 61.45 20.69
C THR I 12 -8.32 60.11 19.97
N ARG I 13 -9.18 59.91 18.99
CA ARG I 13 -9.06 58.73 18.18
C ARG I 13 -7.86 58.95 17.24
N LEU I 14 -7.48 57.92 16.51
CA LEU I 14 -6.35 57.98 15.56
C LEU I 14 -5.16 58.77 16.11
N ARG I 15 -5.07 58.75 17.44
CA ARG I 15 -4.07 59.46 18.22
C ARG I 15 -2.62 59.37 17.75
N PRO I 16 -2.10 58.27 17.15
CA PRO I 16 -0.74 58.34 16.60
C PRO I 16 -0.57 59.32 15.43
N LEU I 17 -1.65 59.65 14.72
CA LEU I 17 -1.56 60.70 13.71
C LEU I 17 -1.78 62.08 14.33
N THR I 18 -2.67 62.19 15.31
CA THR I 18 -3.03 63.46 15.94
C THR I 18 -1.87 64.04 16.76
N LEU I 19 -0.98 63.18 17.26
CA LEU I 19 0.12 63.65 18.10
C LEU I 19 1.15 64.46 17.32
N SER I 20 1.25 64.26 16.01
CA SER I 20 2.23 65.01 15.22
C SER I 20 1.63 66.27 14.63
N THR I 21 0.67 66.11 13.73
CA THR I 21 -0.08 67.20 13.12
C THR I 21 -1.50 67.16 13.65
N PRO I 22 -2.23 68.30 13.64
CA PRO I 22 -3.62 68.27 14.10
C PRO I 22 -4.52 67.42 13.22
N LYS I 23 -5.63 66.99 13.83
CA LYS I 23 -6.58 66.11 13.14
C LYS I 23 -7.18 66.68 11.84
N PRO I 24 -7.47 67.99 11.69
CA PRO I 24 -7.82 68.48 10.36
C PRO I 24 -6.66 68.62 9.38
N LEU I 25 -5.42 68.39 9.80
CA LEU I 25 -4.27 68.58 8.94
C LEU I 25 -3.65 67.29 8.42
N VAL I 26 -4.09 66.12 8.90
CA VAL I 26 -3.60 64.87 8.35
C VAL I 26 -4.21 64.66 6.96
N ASP I 27 -3.48 63.96 6.11
CA ASP I 27 -3.85 63.87 4.71
C ASP I 27 -4.85 62.74 4.48
N PHE I 28 -5.97 63.07 3.86
CA PHE I 28 -6.97 62.09 3.47
C PHE I 28 -7.05 62.09 1.95
N CYS I 29 -6.49 61.03 1.35
CA CYS I 29 -6.32 60.87 -0.10
C CYS I 29 -5.54 62.02 -0.71
N ASN I 30 -4.29 62.17 -0.22
CA ASN I 30 -3.28 63.13 -0.69
C ASN I 30 -3.76 64.58 -0.55
N LYS I 31 -4.58 64.83 0.46
CA LYS I 31 -5.17 66.14 0.70
C LYS I 31 -5.64 66.17 2.14
N PRO I 32 -5.40 67.25 2.87
CA PRO I 32 -5.99 67.37 4.20
C PRO I 32 -7.50 67.50 4.13
N ILE I 33 -8.12 67.07 5.21
CA ILE I 33 -9.57 67.01 5.27
C ILE I 33 -10.16 68.42 5.35
N LEU I 34 -9.47 69.35 6.00
CA LEU I 34 -9.94 70.74 6.05
C LEU I 34 -9.86 71.41 4.67
N LEU I 35 -8.90 70.97 3.85
CA LEU I 35 -8.83 71.36 2.44
C LEU I 35 -10.05 70.87 1.66
N HIS I 36 -10.47 69.62 1.90
CA HIS I 36 -11.66 69.07 1.26
C HIS I 36 -12.89 69.89 1.59
N GLN I 37 -13.06 70.21 2.88
CA GLN I 37 -14.22 70.94 3.37
C GLN I 37 -14.27 72.36 2.82
N VAL I 38 -13.13 73.06 2.86
CA VAL I 38 -13.11 74.44 2.38
C VAL I 38 -13.08 74.54 0.85
N GLU I 39 -12.63 73.50 0.12
CA GLU I 39 -12.71 73.51 -1.34
C GLU I 39 -14.14 73.28 -1.81
N ALA I 40 -14.86 72.35 -1.18
CA ALA I 40 -16.28 72.16 -1.52
C ALA I 40 -17.13 73.34 -1.04
N LEU I 41 -16.65 73.97 0.02
CA LEU I 41 -17.28 75.13 0.61
C LEU I 41 -17.21 76.29 -0.38
N ALA I 42 -16.03 76.52 -0.92
CA ALA I 42 -15.82 77.60 -1.88
C ALA I 42 -16.41 77.28 -3.25
N ALA I 43 -16.60 76.00 -3.58
CA ALA I 43 -17.44 75.64 -4.71
C ALA I 43 -18.91 75.94 -4.44
N ALA I 44 -19.31 75.96 -3.16
CA ALA I 44 -20.66 76.39 -2.82
C ALA I 44 -20.85 77.89 -3.05
N GLY I 45 -19.83 78.70 -2.76
CA GLY I 45 -19.92 80.13 -2.94
C GLY I 45 -19.86 80.94 -1.67
N VAL I 46 -19.51 80.33 -0.54
CA VAL I 46 -19.37 81.06 0.72
C VAL I 46 -18.10 81.89 0.66
N ASP I 47 -18.24 83.21 0.88
CA ASP I 47 -17.15 84.15 0.68
C ASP I 47 -16.17 84.22 1.84
N HIS I 48 -16.58 83.93 3.06
CA HIS I 48 -15.61 83.79 4.14
C HIS I 48 -16.05 82.71 5.12
N VAL I 49 -15.08 81.94 5.59
CA VAL I 49 -15.32 80.92 6.59
C VAL I 49 -14.55 81.27 7.85
N ILE I 50 -15.09 80.82 8.98
CA ILE I 50 -14.45 80.97 10.28
C ILE I 50 -14.23 79.58 10.82
N LEU I 51 -13.02 79.32 11.30
CA LEU I 51 -12.70 78.05 11.92
C LEU I 51 -12.23 78.31 13.33
N ALA I 52 -12.72 77.51 14.27
CA ALA I 52 -12.57 77.85 15.68
C ALA I 52 -11.70 76.86 16.43
N VAL I 53 -10.52 77.32 16.87
CA VAL I 53 -9.43 76.43 17.27
C VAL I 53 -9.00 76.75 18.69
N SER I 54 -9.00 75.74 19.56
CA SER I 54 -8.57 75.86 20.95
C SER I 54 -7.14 75.39 21.20
N TYR I 55 -6.71 74.30 20.56
CA TYR I 55 -5.31 73.88 20.59
C TYR I 55 -4.47 74.95 19.91
N MET I 56 -3.31 75.31 20.46
CA MET I 56 -2.53 76.27 19.70
C MET I 56 -1.86 75.64 18.49
N SER I 57 -2.27 76.09 17.30
CA SER I 57 -2.06 75.38 16.05
C SER I 57 -1.40 76.39 15.09
N GLN I 58 -0.08 76.54 15.17
CA GLN I 58 0.57 77.59 14.40
C GLN I 58 0.81 77.15 12.95
N VAL I 59 1.01 75.85 12.72
CA VAL I 59 1.12 75.37 11.35
C VAL I 59 -0.25 75.36 10.67
N LEU I 60 -1.34 75.32 11.45
CA LEU I 60 -2.68 75.49 10.90
C LEU I 60 -2.91 76.93 10.45
N GLU I 61 -2.49 77.90 11.28
CA GLU I 61 -2.37 79.32 10.87
C GLU I 61 -1.60 79.47 9.58
N LYS I 62 -0.48 78.75 9.47
CA LYS I 62 0.46 78.87 8.35
C LYS I 62 -0.17 78.39 7.04
N GLU I 63 -0.65 77.14 7.05
CA GLU I 63 -1.30 76.54 5.89
C GLU I 63 -2.59 77.27 5.56
N MET I 64 -3.27 77.81 6.57
CA MET I 64 -4.58 78.38 6.31
C MET I 64 -4.44 79.77 5.74
N LYS I 65 -3.35 80.47 6.07
CA LYS I 65 -3.09 81.79 5.51
C LYS I 65 -2.58 81.67 4.08
N ALA I 66 -1.73 80.67 3.83
CA ALA I 66 -1.32 80.34 2.46
C ALA I 66 -2.53 79.93 1.61
N GLN I 67 -3.50 79.26 2.21
CA GLN I 67 -4.68 78.90 1.44
C GLN I 67 -5.73 80.02 1.38
N GLU I 68 -5.66 81.01 2.29
CA GLU I 68 -6.37 82.27 2.04
C GLU I 68 -5.90 82.87 0.73
N GLN I 69 -4.59 82.90 0.53
CA GLN I 69 -4.05 83.36 -0.75
C GLN I 69 -4.47 82.45 -1.92
N ARG I 70 -4.46 81.13 -1.73
CA ARG I 70 -4.71 80.21 -2.84
C ARG I 70 -6.17 80.20 -3.29
N LEU I 71 -7.11 80.30 -2.34
CA LEU I 71 -8.51 80.01 -2.67
C LEU I 71 -9.30 81.23 -3.16
N GLY I 72 -9.01 82.42 -2.65
CA GLY I 72 -9.75 83.62 -2.99
C GLY I 72 -10.84 83.99 -2.02
N ILE I 73 -11.13 83.12 -1.04
CA ILE I 73 -12.09 83.41 0.00
C ILE I 73 -11.34 83.82 1.27
N ARG I 74 -11.95 84.73 2.03
CA ARG I 74 -11.37 85.13 3.31
C ARG I 74 -11.52 84.01 4.33
N ILE I 75 -10.61 83.99 5.32
CA ILE I 75 -10.64 83.01 6.41
C ILE I 75 -10.39 83.74 7.72
N SER I 76 -11.33 83.64 8.65
CA SER I 76 -11.23 84.26 9.95
C SER I 76 -10.92 83.22 11.01
N MET I 77 -10.18 83.63 12.03
CA MET I 77 -9.48 82.71 12.93
C MET I 77 -9.95 82.98 14.36
N SER I 78 -11.01 82.32 14.82
CA SER I 78 -11.44 82.53 16.19
C SER I 78 -10.55 81.72 17.14
N HIS I 79 -9.88 82.40 18.07
CA HIS I 79 -8.90 81.77 18.96
C HIS I 79 -9.42 81.62 20.38
N GLU I 80 -9.21 80.43 20.94
CA GLU I 80 -9.88 79.96 22.15
C GLU I 80 -8.81 79.49 23.12
N GLU I 81 -8.86 79.95 24.37
CA GLU I 81 -7.69 79.71 25.20
C GLU I 81 -7.91 78.53 26.16
N GLU I 82 -9.16 78.27 26.51
CA GLU I 82 -9.65 77.03 27.12
C GLU I 82 -10.38 76.22 26.05
N PRO I 83 -10.51 74.91 26.22
CA PRO I 83 -11.45 74.16 25.36
C PRO I 83 -12.88 74.64 25.56
N LEU I 84 -13.46 75.28 24.54
CA LEU I 84 -14.87 75.64 24.63
C LEU I 84 -15.83 74.56 24.10
N GLY I 85 -15.34 73.35 23.76
CA GLY I 85 -16.22 72.30 23.25
C GLY I 85 -16.66 72.52 21.81
N THR I 86 -17.95 72.34 21.56
CA THR I 86 -18.50 72.51 20.23
C THR I 86 -19.73 73.41 20.15
N ALA I 87 -20.21 73.96 21.26
CA ALA I 87 -21.14 75.09 21.20
C ALA I 87 -20.48 76.42 21.51
N GLY I 88 -19.60 76.46 22.51
CA GLY I 88 -18.71 77.56 22.79
C GLY I 88 -17.97 78.21 21.62
N PRO I 89 -17.54 77.43 20.61
CA PRO I 89 -17.09 78.06 19.35
C PRO I 89 -18.13 78.89 18.64
N LEU I 90 -19.42 78.55 18.72
CA LEU I 90 -20.40 79.41 18.08
C LEU I 90 -20.58 80.71 18.87
N ALA I 91 -20.52 80.62 20.20
CA ALA I 91 -20.71 81.80 21.04
C ALA I 91 -19.48 82.68 21.13
N LEU I 92 -18.29 82.17 20.80
CA LEU I 92 -17.13 83.05 20.82
C LEU I 92 -17.02 83.85 19.54
N ALA I 93 -17.39 83.27 18.40
CA ALA I 93 -17.46 84.03 17.15
C ALA I 93 -18.87 84.51 16.87
N ARG I 94 -19.61 84.93 17.90
CA ARG I 94 -21.05 85.13 17.76
C ARG I 94 -21.41 86.48 17.16
N ASP I 95 -20.57 87.51 17.32
CA ASP I 95 -20.84 88.79 16.69
C ASP I 95 -20.53 88.78 15.22
N LEU I 96 -19.60 87.94 14.78
CA LEU I 96 -19.34 87.81 13.35
C LEU I 96 -20.48 87.09 12.64
N LEU I 97 -21.23 86.26 13.35
CA LEU I 97 -22.39 85.61 12.76
C LEU I 97 -23.67 86.40 13.01
N SER I 98 -23.62 87.36 13.95
CA SER I 98 -24.69 88.34 14.12
C SER I 98 -24.53 89.58 13.25
N GLU I 99 -23.46 89.66 12.44
CA GLU I 99 -23.28 90.73 11.46
C GLU I 99 -24.42 90.75 10.44
N THR I 100 -24.83 89.58 9.96
CA THR I 100 -25.78 89.44 8.86
C THR I 100 -26.81 88.39 9.26
N ALA I 101 -28.09 88.77 9.24
CA ALA I 101 -29.16 87.83 9.57
C ALA I 101 -29.42 86.96 8.33
N ASP I 102 -28.57 85.94 8.16
CA ASP I 102 -28.77 85.01 7.07
C ASP I 102 -28.19 83.69 7.57
N PRO I 103 -28.76 82.55 7.16
CA PRO I 103 -28.39 81.27 7.80
C PRO I 103 -26.98 80.82 7.41
N PHE I 104 -26.28 80.25 8.39
CA PHE I 104 -24.89 79.88 8.23
C PHE I 104 -24.71 78.37 8.34
N PHE I 105 -23.72 77.84 7.65
CA PHE I 105 -23.32 76.46 7.83
C PHE I 105 -22.49 76.31 9.09
N VAL I 106 -22.70 75.20 9.79
CA VAL I 106 -21.79 74.70 10.81
C VAL I 106 -21.38 73.30 10.41
N LEU I 107 -20.08 73.09 10.28
CA LEU I 107 -19.53 71.83 9.80
C LEU I 107 -18.57 71.26 10.82
N ASN I 108 -18.64 69.93 10.97
CA ASN I 108 -17.67 69.13 11.69
C ASN I 108 -16.49 68.83 10.76
N SER I 109 -15.32 68.61 11.36
CA SER I 109 -14.14 68.41 10.54
C SER I 109 -14.07 66.98 10.03
N ASP I 110 -14.35 66.02 10.90
CA ASP I 110 -14.03 64.61 10.64
C ASP I 110 -14.96 63.95 9.62
N VAL I 111 -15.94 64.66 9.06
CA VAL I 111 -16.86 64.06 8.11
C VAL I 111 -16.34 64.22 6.69
N ILE I 112 -16.37 63.13 5.92
CA ILE I 112 -16.23 63.14 4.47
C ILE I 112 -17.52 62.59 3.88
N CYS I 113 -18.01 63.29 2.85
CA CYS I 113 -19.16 62.87 2.04
C CYS I 113 -19.14 63.67 0.74
N ASP I 114 -20.13 63.42 -0.12
CA ASP I 114 -20.44 64.36 -1.19
C ASP I 114 -21.30 65.48 -0.63
N PHE I 115 -20.81 66.70 -0.73
CA PHE I 115 -21.33 67.81 0.05
C PHE I 115 -22.44 68.52 -0.73
N PRO I 116 -23.71 68.38 -0.34
CA PRO I 116 -24.84 69.01 -1.05
C PRO I 116 -25.24 70.36 -0.45
N PHE I 117 -24.41 71.38 -0.70
CA PHE I 117 -24.55 72.65 0.00
C PHE I 117 -25.73 73.44 -0.52
N GLN I 118 -25.88 73.55 -1.84
CA GLN I 118 -26.99 74.33 -2.39
C GLN I 118 -28.31 73.62 -2.21
N ALA I 119 -28.32 72.28 -2.22
CA ALA I 119 -29.54 71.54 -1.90
C ALA I 119 -29.94 71.71 -0.44
N MET I 120 -28.95 71.78 0.47
CA MET I 120 -29.18 72.12 1.86
C MET I 120 -29.79 73.51 2.02
N VAL I 121 -29.29 74.48 1.25
CA VAL I 121 -29.84 75.84 1.25
C VAL I 121 -31.28 75.84 0.73
N GLN I 122 -31.54 75.03 -0.31
CA GLN I 122 -32.89 74.91 -0.89
C GLN I 122 -33.85 74.30 0.12
N PHE I 123 -33.38 73.32 0.89
CA PHE I 123 -34.20 72.66 1.89
C PHE I 123 -34.46 73.57 3.09
N HIS I 124 -33.44 74.34 3.51
CA HIS I 124 -33.58 75.23 4.65
C HIS I 124 -34.50 76.40 4.32
N ARG I 125 -34.50 76.84 3.07
CA ARG I 125 -35.46 77.86 2.66
C ARG I 125 -36.86 77.29 2.48
N HIS I 126 -36.97 76.01 2.12
CA HIS I 126 -38.29 75.40 1.96
C HIS I 126 -38.97 75.17 3.32
N HIS I 127 -38.24 74.64 4.30
CA HIS I 127 -38.91 74.33 5.56
C HIS I 127 -39.09 75.57 6.45
N GLY I 128 -38.17 76.52 6.40
CA GLY I 128 -38.40 77.84 6.96
C GLY I 128 -38.35 77.98 8.46
N GLN I 129 -37.62 77.11 9.17
CA GLN I 129 -37.46 77.23 10.62
C GLN I 129 -35.99 77.47 10.96
N GLU I 130 -35.69 77.32 12.26
CA GLU I 130 -34.42 77.76 12.82
C GLU I 130 -33.25 76.91 12.34
N GLY I 131 -33.27 75.62 12.61
CA GLY I 131 -32.13 74.76 12.37
C GLY I 131 -32.46 73.58 11.46
N SER I 132 -31.56 73.28 10.55
CA SER I 132 -31.65 72.12 9.68
C SER I 132 -30.45 71.23 9.93
N ILE I 133 -30.70 69.93 10.12
CA ILE I 133 -29.65 68.96 10.32
C ILE I 133 -29.53 68.13 9.06
N LEU I 134 -28.36 67.55 8.86
CA LEU I 134 -28.17 66.50 7.87
C LEU I 134 -28.14 65.15 8.58
N VAL I 135 -28.81 64.16 7.97
CA VAL I 135 -28.87 62.80 8.49
C VAL I 135 -28.46 61.82 7.40
N THR I 136 -28.08 60.62 7.84
CA THR I 136 -27.63 59.59 6.91
C THR I 136 -28.09 58.24 7.43
N LYS I 137 -28.02 57.25 6.53
CA LYS I 137 -28.20 55.86 6.92
C LYS I 137 -26.89 55.29 7.46
N VAL I 138 -27.00 54.55 8.57
CA VAL I 138 -25.95 53.65 9.05
C VAL I 138 -26.63 52.31 9.32
N GLU I 139 -25.99 51.24 8.84
CA GLU I 139 -26.44 49.86 9.03
C GLU I 139 -26.42 49.43 10.50
N GLU I 140 -25.58 50.08 11.30
CA GLU I 140 -25.26 49.70 12.68
C GLU I 140 -25.89 50.77 13.58
N PRO I 141 -27.14 50.59 14.02
CA PRO I 141 -27.76 51.65 14.86
C PRO I 141 -27.29 51.63 16.30
N SER I 142 -26.61 50.55 16.71
CA SER I 142 -26.13 50.34 18.06
C SER I 142 -24.81 51.04 18.35
N LYS I 143 -24.41 51.96 17.49
CA LYS I 143 -23.17 52.72 17.67
C LYS I 143 -23.39 54.21 17.79
N TYR I 144 -24.43 54.77 17.15
CA TYR I 144 -24.58 56.21 17.08
C TYR I 144 -26.00 56.60 17.51
N GLY I 145 -26.15 57.89 17.80
CA GLY I 145 -27.44 58.40 18.25
C GLY I 145 -28.41 58.58 17.10
N VAL I 146 -29.65 58.14 17.31
CA VAL I 146 -30.64 58.10 16.25
C VAL I 146 -31.55 59.33 16.32
N VAL I 147 -32.13 59.66 15.15
CA VAL I 147 -32.98 60.84 14.92
C VAL I 147 -34.20 60.44 14.09
N VAL I 148 -35.41 60.69 14.66
CA VAL I 148 -36.67 60.23 14.08
C VAL I 148 -37.16 61.23 13.05
N CYS I 149 -37.58 60.70 11.90
CA CYS I 149 -37.95 61.50 10.74
C CYS I 149 -39.35 61.13 10.31
N GLU I 150 -40.21 62.12 10.13
CA GLU I 150 -41.48 61.88 9.45
C GLU I 150 -41.31 62.21 7.98
N ALA I 151 -42.00 61.47 7.13
CA ALA I 151 -41.87 61.64 5.71
C ALA I 151 -42.54 62.92 5.25
N ASP I 152 -42.01 63.46 4.14
CA ASP I 152 -42.44 64.58 3.31
C ASP I 152 -42.23 65.95 3.95
N THR I 153 -41.84 65.99 5.22
CA THR I 153 -41.41 67.24 5.85
C THR I 153 -40.01 67.19 6.39
N GLY I 154 -39.62 66.06 6.99
CA GLY I 154 -38.30 65.93 7.55
C GLY I 154 -38.13 66.57 8.92
N ARG I 155 -39.22 66.82 9.64
CA ARG I 155 -39.13 67.38 10.98
C ARG I 155 -38.71 66.32 11.99
N ILE I 156 -37.93 66.75 12.98
CA ILE I 156 -37.57 65.88 14.10
C ILE I 156 -38.81 65.81 14.99
N HIS I 157 -38.98 64.67 15.67
CA HIS I 157 -39.82 64.66 16.85
C HIS I 157 -38.95 64.63 18.08
N ARG I 158 -38.02 63.68 18.13
CA ARG I 158 -37.11 63.59 19.26
C ARG I 158 -35.70 63.22 18.83
N PHE I 159 -34.75 63.56 19.68
CA PHE I 159 -33.35 63.31 19.42
C PHE I 159 -32.85 62.44 20.58
N VAL I 160 -32.29 61.28 20.22
CA VAL I 160 -31.96 60.24 21.19
C VAL I 160 -30.46 59.97 21.08
N GLU I 161 -29.73 60.24 22.17
CA GLU I 161 -28.34 59.76 22.28
C GLU I 161 -28.25 58.24 22.22
N LYS I 162 -29.06 57.58 22.94
CA LYS I 162 -28.76 56.17 23.15
C LYS I 162 -29.30 55.30 22.03
N PRO I 163 -28.60 54.21 21.74
CA PRO I 163 -29.12 53.19 20.82
C PRO I 163 -30.07 52.22 21.48
N GLN I 164 -30.34 51.13 20.74
CA GLN I 164 -30.72 49.81 21.24
C GLN I 164 -32.22 49.81 21.51
N VAL I 165 -32.92 50.83 21.02
CA VAL I 165 -34.37 50.87 21.05
C VAL I 165 -34.94 50.64 19.68
N PHE I 166 -34.19 50.99 18.63
CA PHE I 166 -34.59 51.03 17.22
C PHE I 166 -35.84 51.90 17.03
N VAL I 167 -35.68 53.20 17.27
CA VAL I 167 -36.71 54.15 16.88
C VAL I 167 -36.40 54.82 15.54
N SER I 168 -35.16 54.73 15.06
CA SER I 168 -34.79 55.33 13.80
C SER I 168 -33.64 54.55 13.18
N ASN I 169 -33.51 54.74 11.87
CA ASN I 169 -32.33 54.33 11.15
C ASN I 169 -31.34 55.48 11.01
N LYS I 170 -31.84 56.72 11.00
CA LYS I 170 -31.04 57.87 10.61
C LYS I 170 -30.13 58.35 11.74
N ILE I 171 -28.95 58.80 11.33
CA ILE I 171 -27.84 59.20 12.18
C ILE I 171 -27.47 60.63 11.79
N ASN I 172 -27.04 61.43 12.76
CA ASN I 172 -26.54 62.78 12.51
C ASN I 172 -25.31 62.75 11.61
N ALA I 173 -25.27 63.63 10.62
CA ALA I 173 -24.21 63.64 9.62
C ALA I 173 -23.18 64.73 9.82
N GLY I 174 -23.27 65.51 10.89
CA GLY I 174 -22.28 66.52 11.17
C GLY I 174 -22.38 67.79 10.38
N MET I 175 -23.50 68.02 9.69
CA MET I 175 -23.75 69.25 8.97
C MET I 175 -25.02 69.91 9.49
N TYR I 176 -24.89 71.16 9.92
CA TYR I 176 -26.01 71.92 10.44
C TYR I 176 -26.11 73.23 9.66
N ILE I 177 -27.32 73.70 9.40
CA ILE I 177 -27.57 75.09 9.00
C ILE I 177 -28.32 75.75 10.15
N LEU I 178 -27.75 76.83 10.67
CA LEU I 178 -28.35 77.46 11.83
C LEU I 178 -28.63 78.92 11.53
N SER I 179 -29.75 79.41 12.09
CA SER I 179 -30.14 80.81 12.07
C SER I 179 -29.42 81.57 13.19
N PRO I 180 -29.38 82.90 13.14
CA PRO I 180 -28.80 83.65 14.27
C PRO I 180 -29.58 83.57 15.59
N ALA I 181 -30.86 83.14 15.59
CA ALA I 181 -31.62 82.97 16.83
C ALA I 181 -31.14 81.76 17.62
N VAL I 182 -30.62 80.76 16.90
CA VAL I 182 -29.99 79.62 17.54
C VAL I 182 -28.71 80.04 18.25
N LEU I 183 -27.88 80.84 17.59
CA LEU I 183 -26.67 81.39 18.20
C LEU I 183 -27.00 82.38 19.33
N GLN I 184 -28.11 83.11 19.20
CA GLN I 184 -28.71 83.88 20.30
C GLN I 184 -28.97 82.98 21.51
N ARG I 185 -29.38 81.73 21.27
CA ARG I 185 -29.61 80.79 22.37
C ARG I 185 -28.31 80.23 22.97
N ILE I 186 -27.24 80.08 22.17
CA ILE I 186 -25.99 79.48 22.65
C ILE I 186 -25.26 80.46 23.55
N GLN I 187 -24.75 79.94 24.67
CA GLN I 187 -24.07 80.62 25.75
C GLN I 187 -22.56 80.38 25.63
N LEU I 188 -21.78 81.19 26.37
CA LEU I 188 -20.32 81.18 26.25
C LEU I 188 -19.67 79.92 26.84
N GLN I 189 -20.36 79.20 27.75
CA GLN I 189 -19.78 78.09 28.53
C GLN I 189 -19.32 76.96 27.61
N PRO I 190 -18.29 76.22 28.01
CA PRO I 190 -17.93 75.01 27.26
C PRO I 190 -18.93 73.87 27.46
N THR I 191 -20.07 73.97 26.77
CA THR I 191 -21.06 72.92 26.63
C THR I 191 -20.95 72.47 25.17
N SER I 192 -21.23 71.21 24.90
CA SER I 192 -21.32 70.83 23.50
C SER I 192 -22.74 71.04 22.97
N ILE I 193 -22.82 71.31 21.66
CA ILE I 193 -24.09 71.75 21.07
C ILE I 193 -25.06 70.58 20.93
N GLU I 194 -24.55 69.39 20.58
CA GLU I 194 -25.43 68.28 20.25
C GLU I 194 -25.91 67.55 21.48
N LYS I 195 -25.30 67.81 22.63
CA LYS I 195 -25.77 67.16 23.84
C LYS I 195 -26.93 67.94 24.47
N GLU I 196 -26.85 69.27 24.45
CA GLU I 196 -27.85 70.09 25.13
C GLU I 196 -28.65 70.97 24.17
N VAL I 197 -27.98 71.77 23.33
CA VAL I 197 -28.65 72.81 22.54
C VAL I 197 -29.51 72.21 21.43
N PHE I 198 -29.04 71.15 20.79
CA PHE I 198 -29.84 70.43 19.80
C PHE I 198 -31.01 69.69 20.45
N PRO I 199 -30.87 69.29 21.72
CA PRO I 199 -31.96 68.54 22.36
C PRO I 199 -33.15 69.42 22.71
N ILE I 200 -32.87 70.62 23.22
CA ILE I 200 -33.93 71.56 23.55
C ILE I 200 -34.61 72.11 22.30
N MET I 201 -33.88 72.39 21.22
CA MET I 201 -34.57 72.91 20.05
C MET I 201 -35.15 71.77 19.19
N ALA I 202 -34.76 70.52 19.49
CA ALA I 202 -35.54 69.37 19.05
C ALA I 202 -36.79 69.16 19.90
N LYS I 203 -36.79 69.60 21.16
CA LYS I 203 -37.96 69.49 22.02
C LYS I 203 -39.02 70.52 21.64
N GLU I 204 -38.58 71.72 21.24
CA GLU I 204 -39.52 72.68 20.67
C GLU I 204 -39.87 72.35 19.24
N GLY I 205 -39.15 71.43 18.60
CA GLY I 205 -39.48 71.01 17.27
C GLY I 205 -39.03 71.94 16.17
N GLN I 206 -38.12 72.85 16.47
CA GLN I 206 -37.57 73.74 15.45
C GLN I 206 -36.67 73.04 14.46
N LEU I 207 -36.19 71.85 14.81
CA LEU I 207 -35.08 71.23 14.13
C LEU I 207 -35.65 70.37 13.00
N TYR I 208 -35.07 70.46 11.80
CA TYR I 208 -35.55 69.67 10.68
C TYR I 208 -34.37 68.87 10.13
N ALA I 209 -34.68 67.86 9.32
CA ALA I 209 -33.66 66.90 8.91
C ALA I 209 -33.68 66.67 7.40
N MET I 210 -32.50 66.74 6.81
CA MET I 210 -32.27 66.54 5.38
C MET I 210 -31.43 65.29 5.19
N GLU I 211 -31.77 64.48 4.20
CA GLU I 211 -31.16 63.17 4.00
C GLU I 211 -30.11 63.21 2.91
N LEU I 212 -28.94 62.61 3.17
CA LEU I 212 -28.04 62.33 2.06
C LEU I 212 -28.58 61.18 1.22
N GLN I 213 -27.94 60.96 0.08
CA GLN I 213 -28.23 59.80 -0.73
C GLN I 213 -27.18 58.69 -0.56
N GLY I 214 -25.90 59.04 -0.43
CA GLY I 214 -24.91 58.00 -0.24
C GLY I 214 -23.54 58.58 0.04
N PHE I 215 -22.62 57.68 0.38
CA PHE I 215 -21.20 57.98 0.63
C PHE I 215 -21.05 59.01 1.76
N TRP I 216 -21.22 58.53 2.98
CA TRP I 216 -20.91 59.32 4.18
C TRP I 216 -19.99 58.52 5.10
N MET I 217 -19.01 59.20 5.71
CA MET I 217 -18.21 58.59 6.75
C MET I 217 -17.56 59.66 7.60
N ASP I 218 -17.69 59.53 8.92
CA ASP I 218 -16.84 60.29 9.83
C ASP I 218 -15.59 59.47 10.06
N ILE I 219 -14.43 60.11 9.91
CA ILE I 219 -13.16 59.40 9.89
C ILE I 219 -12.34 59.78 11.12
N GLY I 220 -13.02 60.03 12.23
CA GLY I 220 -12.33 60.36 13.47
C GLY I 220 -11.53 59.23 14.08
N GLN I 221 -11.83 57.96 13.71
CA GLN I 221 -11.35 56.62 14.03
C GLN I 221 -10.47 56.08 12.91
N PRO I 222 -9.43 55.29 13.22
CA PRO I 222 -8.55 54.80 12.15
C PRO I 222 -9.19 53.76 11.23
N LYS I 223 -10.01 52.85 11.78
CA LYS I 223 -10.73 51.92 10.92
C LYS I 223 -11.80 52.65 10.12
N ASP I 224 -12.41 53.68 10.71
CA ASP I 224 -13.32 54.53 9.94
C ASP I 224 -12.58 55.40 8.94
N PHE I 225 -11.32 55.77 9.25
CA PHE I 225 -10.47 56.45 8.27
C PHE I 225 -10.24 55.59 7.04
N LEU I 226 -9.95 54.31 7.26
CA LEU I 226 -9.71 53.41 6.13
C LEU I 226 -10.98 53.10 5.36
N THR I 227 -12.11 53.00 6.07
CA THR I 227 -13.38 52.75 5.39
C THR I 227 -13.83 53.97 4.59
N GLY I 228 -13.64 55.17 5.13
CA GLY I 228 -13.91 56.38 4.40
C GLY I 228 -12.97 56.62 3.24
N MET I 229 -11.74 56.14 3.34
CA MET I 229 -10.82 56.19 2.21
C MET I 229 -11.25 55.25 1.09
N CYS I 230 -11.77 54.06 1.45
CA CYS I 230 -12.37 53.15 0.47
C CYS I 230 -13.56 53.79 -0.24
N LEU I 231 -14.45 54.41 0.54
CA LEU I 231 -15.64 55.02 -0.05
C LEU I 231 -15.32 56.27 -0.87
N PHE I 232 -14.29 57.01 -0.47
CA PHE I 232 -13.87 58.17 -1.24
C PHE I 232 -13.21 57.76 -2.55
N LEU I 233 -12.47 56.65 -2.54
CA LEU I 233 -11.91 56.19 -3.82
C LEU I 233 -12.98 55.57 -4.71
N GLN I 234 -14.07 55.02 -4.12
CA GLN I 234 -15.24 54.62 -4.93
C GLN I 234 -15.88 55.81 -5.62
N SER I 235 -16.19 56.86 -4.85
CA SER I 235 -16.77 58.09 -5.38
C SER I 235 -15.85 58.77 -6.39
N LEU I 236 -14.53 58.70 -6.17
CA LEU I 236 -13.58 59.24 -7.11
C LEU I 236 -13.49 58.40 -8.38
N ARG I 237 -13.75 57.09 -8.26
CA ARG I 237 -13.77 56.25 -9.45
C ARG I 237 -14.97 56.57 -10.32
N GLN I 238 -16.15 56.71 -9.74
CA GLN I 238 -17.22 57.06 -10.68
C GLN I 238 -17.58 58.55 -10.67
N LYS I 239 -16.67 59.44 -10.27
CA LYS I 239 -16.79 60.86 -10.62
C LYS I 239 -15.68 61.37 -11.52
N GLN I 240 -14.40 61.29 -11.14
CA GLN I 240 -13.30 61.53 -12.07
C GLN I 240 -12.43 60.29 -12.18
N PRO I 241 -12.75 59.38 -13.12
CA PRO I 241 -11.99 58.14 -13.22
C PRO I 241 -10.62 58.29 -13.85
N GLU I 242 -10.32 59.41 -14.50
CA GLU I 242 -8.99 59.61 -15.04
C GLU I 242 -7.99 60.11 -13.99
N ARG I 243 -8.45 60.42 -12.78
CA ARG I 243 -7.53 60.88 -11.74
C ARG I 243 -6.90 59.75 -10.96
N LEU I 244 -7.59 58.63 -10.81
CA LEU I 244 -6.97 57.43 -10.26
C LEU I 244 -5.96 56.88 -11.26
N CYS I 245 -4.84 56.39 -10.74
CA CYS I 245 -3.76 55.92 -11.60
C CYS I 245 -3.95 54.47 -11.99
N SER I 246 -3.84 54.23 -13.30
CA SER I 246 -4.02 52.91 -13.88
C SER I 246 -2.66 52.36 -14.29
N GLY I 247 -2.53 51.03 -14.25
CA GLY I 247 -1.29 50.39 -14.61
C GLY I 247 -1.42 48.89 -14.71
N PRO I 248 -0.33 48.22 -15.10
CA PRO I 248 -0.39 46.75 -15.16
C PRO I 248 -0.32 46.10 -13.79
N GLY I 249 0.47 46.64 -12.87
CA GLY I 249 0.55 46.09 -11.53
C GLY I 249 -0.27 46.88 -10.54
N ILE I 250 -1.38 47.45 -10.99
CA ILE I 250 -2.27 48.27 -10.17
C ILE I 250 -3.66 47.68 -10.26
N VAL I 251 -4.23 47.33 -9.11
CA VAL I 251 -5.53 46.67 -9.03
C VAL I 251 -6.50 47.61 -8.31
N GLY I 252 -7.71 47.74 -8.85
CA GLY I 252 -8.75 48.50 -8.17
C GLY I 252 -8.57 50.00 -8.31
N ASN I 253 -9.05 50.72 -7.30
CA ASN I 253 -9.02 52.19 -7.29
C ASN I 253 -7.82 52.66 -6.49
N VAL I 254 -6.77 53.09 -7.18
CA VAL I 254 -5.52 53.49 -6.55
C VAL I 254 -5.23 54.94 -6.89
N LEU I 255 -5.02 55.76 -5.87
CA LEU I 255 -4.68 57.17 -6.05
C LEU I 255 -3.21 57.38 -5.71
N VAL I 256 -2.42 57.80 -6.69
CA VAL I 256 -0.99 58.01 -6.52
C VAL I 256 -0.67 59.46 -6.81
N ASP I 257 -0.05 60.14 -5.86
CA ASP I 257 0.46 61.49 -6.07
C ASP I 257 1.58 61.46 -7.10
N PRO I 258 1.69 62.50 -7.95
CA PRO I 258 2.78 62.51 -8.95
C PRO I 258 4.19 62.54 -8.38
N SER I 259 4.38 62.95 -7.13
CA SER I 259 5.69 62.87 -6.50
C SER I 259 6.01 61.47 -5.99
N ALA I 260 5.01 60.59 -5.91
CA ALA I 260 5.25 59.24 -5.40
C ALA I 260 5.92 58.36 -6.45
N ARG I 261 6.71 57.41 -5.96
CA ARG I 261 7.44 56.47 -6.81
C ARG I 261 7.04 55.06 -6.46
N ILE I 262 6.75 54.25 -7.48
CA ILE I 262 6.38 52.85 -7.31
C ILE I 262 7.38 52.01 -8.08
N GLY I 263 8.01 51.06 -7.38
CA GLY I 263 9.04 50.26 -8.00
C GLY I 263 8.49 49.25 -8.98
N GLN I 264 9.42 48.57 -9.65
CA GLN I 264 9.10 47.47 -10.55
C GLN I 264 8.49 46.30 -9.79
N ASN I 265 7.67 45.51 -10.50
CA ASN I 265 7.25 44.16 -10.14
C ASN I 265 6.54 44.08 -8.78
N CYS I 266 5.64 45.03 -8.55
CA CYS I 266 4.95 45.09 -7.27
C CYS I 266 3.47 45.31 -7.52
N SER I 267 2.65 44.76 -6.63
CA SER I 267 1.20 44.69 -6.84
C SER I 267 0.49 45.61 -5.85
N ILE I 268 0.16 46.82 -6.29
CA ILE I 268 -0.60 47.76 -5.47
C ILE I 268 -2.08 47.39 -5.60
N GLY I 269 -2.65 46.86 -4.53
CA GLY I 269 -4.00 46.35 -4.56
C GLY I 269 -5.05 47.44 -4.41
N PRO I 270 -6.29 47.04 -4.16
CA PRO I 270 -7.40 47.99 -4.23
C PRO I 270 -7.45 48.93 -3.03
N ASN I 271 -7.99 50.14 -3.29
CA ASN I 271 -8.26 51.19 -2.30
C ASN I 271 -7.00 51.65 -1.58
N VAL I 272 -6.00 52.04 -2.36
CA VAL I 272 -4.72 52.50 -1.82
C VAL I 272 -4.52 53.95 -2.23
N SER I 273 -4.16 54.80 -1.27
CA SER I 273 -3.83 56.19 -1.54
C SER I 273 -2.40 56.45 -1.09
N LEU I 274 -1.51 56.67 -2.04
CA LEU I 274 -0.11 56.93 -1.78
C LEU I 274 0.13 58.43 -1.80
N GLY I 275 0.79 58.95 -0.76
CA GLY I 275 0.99 60.37 -0.62
C GLY I 275 2.07 60.91 -1.52
N PRO I 276 2.39 62.19 -1.33
CA PRO I 276 3.49 62.80 -2.12
C PRO I 276 4.85 62.43 -1.56
N GLY I 277 5.74 62.01 -2.45
CA GLY I 277 7.10 61.67 -2.07
C GLY I 277 7.29 60.28 -1.52
N VAL I 278 6.31 59.40 -1.66
CA VAL I 278 6.39 58.03 -1.17
C VAL I 278 7.28 57.21 -2.09
N VAL I 279 8.14 56.38 -1.51
CA VAL I 279 8.98 55.47 -2.28
C VAL I 279 8.54 54.06 -1.97
N VAL I 280 7.82 53.44 -2.90
CA VAL I 280 7.44 52.05 -2.81
C VAL I 280 8.45 51.25 -3.62
N GLU I 281 9.09 50.31 -2.97
CA GLU I 281 10.18 49.56 -3.56
C GLU I 281 9.67 48.30 -4.26
N ASP I 282 10.59 47.38 -4.46
CA ASP I 282 10.51 46.34 -5.45
C ASP I 282 9.81 45.13 -4.85
N GLY I 283 8.60 44.81 -5.35
CA GLY I 283 7.89 43.66 -4.84
C GLY I 283 7.04 43.88 -3.61
N VAL I 284 6.52 45.08 -3.41
CA VAL I 284 5.68 45.41 -2.25
C VAL I 284 4.22 45.26 -2.63
N CYS I 285 3.47 44.50 -1.83
CA CYS I 285 2.03 44.37 -2.02
C CYS I 285 1.33 45.28 -1.01
N ILE I 286 0.56 46.24 -1.49
CA ILE I 286 -0.19 47.17 -0.64
C ILE I 286 -1.65 47.11 -1.05
N ARG I 287 -2.53 46.71 -0.13
CA ARG I 287 -3.97 46.74 -0.33
C ARG I 287 -4.61 47.48 0.83
N ARG I 288 -5.56 48.35 0.54
CA ARG I 288 -6.40 49.05 1.53
C ARG I 288 -5.60 49.91 2.52
N CYS I 289 -4.42 50.34 2.14
CA CYS I 289 -3.58 51.12 3.01
C CYS I 289 -3.48 52.59 2.65
N THR I 290 -3.30 53.44 3.66
CA THR I 290 -3.08 54.86 3.37
C THR I 290 -1.66 55.21 3.77
N VAL I 291 -0.83 55.51 2.79
CA VAL I 291 0.57 55.84 3.04
C VAL I 291 0.70 57.35 2.89
N LEU I 292 0.99 58.02 4.00
CA LEU I 292 1.13 59.46 4.00
C LEU I 292 2.50 59.85 3.46
N ARG I 293 2.80 61.15 3.49
CA ARG I 293 3.88 61.70 2.69
C ARG I 293 5.25 61.34 3.25
N ASP I 294 6.24 61.25 2.35
CA ASP I 294 7.66 61.03 2.61
C ASP I 294 7.95 59.67 3.26
N ALA I 295 6.99 58.74 3.25
CA ALA I 295 7.19 57.42 3.87
C ALA I 295 7.81 56.49 2.84
N ARG I 296 8.78 55.69 3.27
CA ARG I 296 9.45 54.74 2.40
C ARG I 296 9.13 53.32 2.83
N ILE I 297 8.59 52.53 1.92
CA ILE I 297 8.28 51.13 2.18
C ILE I 297 9.25 50.29 1.38
N ARG I 298 10.12 49.56 2.06
CA ARG I 298 11.19 48.82 1.40
C ARG I 298 10.65 47.53 0.81
N SER I 299 11.55 46.79 0.16
CA SER I 299 11.20 45.73 -0.78
C SER I 299 10.59 44.52 -0.08
N HIS I 300 9.77 43.79 -0.84
CA HIS I 300 9.17 42.50 -0.46
C HIS I 300 8.27 42.59 0.77
N SER I 301 7.72 43.76 1.05
CA SER I 301 6.82 43.92 2.17
C SER I 301 5.40 43.56 1.77
N TRP I 302 4.56 43.37 2.78
CA TRP I 302 3.13 43.13 2.57
C TRP I 302 2.37 44.00 3.54
N LEU I 303 1.36 44.69 3.03
CA LEU I 303 0.64 45.68 3.78
C LEU I 303 -0.83 45.56 3.45
N GLU I 304 -1.66 45.29 4.45
CA GLU I 304 -3.10 45.31 4.27
C GLU I 304 -3.74 46.11 5.38
N SER I 305 -4.58 47.08 5.00
CA SER I 305 -5.37 47.91 5.93
C SER I 305 -4.46 48.66 6.91
N CYS I 306 -3.67 49.59 6.42
CA CYS I 306 -2.72 50.24 7.30
C CYS I 306 -2.52 51.72 7.04
N ILE I 307 -2.24 52.44 8.10
CA ILE I 307 -2.01 53.89 8.03
C ILE I 307 -0.54 54.11 8.32
N VAL I 308 0.24 54.40 7.28
CA VAL I 308 1.67 54.60 7.42
C VAL I 308 1.93 56.09 7.54
N GLY I 309 2.57 56.50 8.63
CA GLY I 309 2.71 57.91 8.93
C GLY I 309 3.77 58.59 8.10
N TRP I 310 4.02 59.84 8.45
CA TRP I 310 4.96 60.67 7.70
C TRP I 310 6.39 60.28 8.02
N ARG I 311 7.21 60.17 6.97
CA ARG I 311 8.65 59.87 7.03
C ARG I 311 8.94 58.54 7.71
N CYS I 312 8.08 57.56 7.47
CA CYS I 312 8.29 56.23 8.01
C CYS I 312 9.28 55.45 7.15
N ARG I 313 9.81 54.38 7.73
CA ARG I 313 10.70 53.48 7.00
C ARG I 313 10.29 52.05 7.37
N VAL I 314 9.38 51.49 6.58
CA VAL I 314 9.00 50.10 6.73
C VAL I 314 10.08 49.25 6.07
N GLY I 315 10.63 48.31 6.83
CA GLY I 315 11.75 47.51 6.34
C GLY I 315 11.36 46.44 5.34
N GLN I 316 12.26 45.49 5.11
CA GLN I 316 12.03 44.44 4.14
C GLN I 316 11.39 43.23 4.78
N TRP I 317 10.53 42.55 4.02
CA TRP I 317 9.72 41.40 4.43
C TRP I 317 8.90 41.68 5.68
N VAL I 318 8.35 42.87 5.78
CA VAL I 318 7.49 43.25 6.89
C VAL I 318 6.05 42.99 6.49
N ARG I 319 5.32 42.30 7.34
CA ARG I 319 3.89 42.10 7.16
C ARG I 319 3.15 42.97 8.15
N MET I 320 2.22 43.78 7.66
CA MET I 320 1.42 44.67 8.50
C MET I 320 -0.04 44.50 8.14
N GLU I 321 -0.85 44.08 9.09
CA GLU I 321 -2.28 43.88 8.86
C GLU I 321 -3.03 44.37 10.07
N ASN I 322 -4.35 44.43 9.97
CA ASN I 322 -5.21 44.83 11.08
C ASN I 322 -5.02 46.26 11.54
N VAL I 323 -5.29 47.22 10.67
CA VAL I 323 -5.20 48.66 10.94
C VAL I 323 -4.09 49.14 11.89
N THR I 324 -2.85 48.74 11.63
CA THR I 324 -1.76 49.16 12.49
C THR I 324 -1.37 50.57 12.07
N VAL I 325 -1.60 51.56 12.93
CA VAL I 325 -1.27 52.91 12.56
C VAL I 325 0.16 53.19 13.01
N LEU I 326 1.02 53.58 12.08
CA LEU I 326 2.35 54.06 12.41
C LEU I 326 2.32 55.58 12.50
N GLY I 327 3.00 56.12 13.50
CA GLY I 327 3.09 57.56 13.67
C GLY I 327 4.14 58.16 12.76
N GLU I 328 4.55 59.38 13.09
CA GLU I 328 5.59 60.04 12.32
C GLU I 328 6.96 59.51 12.69
N ASP I 329 7.75 59.18 11.66
CA ASP I 329 9.17 58.79 11.73
C ASP I 329 9.35 57.47 12.50
N VAL I 330 8.56 56.47 12.13
CA VAL I 330 8.61 55.15 12.77
C VAL I 330 9.44 54.23 11.87
N ILE I 331 10.48 53.62 12.44
CA ILE I 331 11.39 52.76 11.69
C ILE I 331 11.11 51.32 12.08
N VAL I 332 10.43 50.59 11.19
CA VAL I 332 10.16 49.17 11.40
C VAL I 332 11.32 48.39 10.81
N ASN I 333 11.93 47.52 11.63
CA ASN I 333 13.05 46.73 11.17
C ASN I 333 12.58 45.61 10.23
N ASP I 334 13.56 44.92 9.65
CA ASP I 334 13.25 43.91 8.64
C ASP I 334 12.68 42.65 9.28
N GLU I 335 11.84 41.95 8.50
CA GLU I 335 11.26 40.64 8.84
C GLU I 335 10.44 40.67 10.12
N LEU I 336 9.53 41.63 10.21
CA LEU I 336 8.67 41.77 11.38
C LEU I 336 7.21 41.60 10.98
N TYR I 337 6.36 41.44 11.98
CA TYR I 337 4.93 41.26 11.77
C TYR I 337 4.20 42.16 12.75
N LEU I 338 3.35 43.03 12.22
CA LEU I 338 2.57 43.96 13.04
C LEU I 338 1.10 43.71 12.78
N ASN I 339 0.35 43.51 13.86
CA ASN I 339 -1.08 43.23 13.84
C ASN I 339 -1.73 44.09 14.90
N GLY I 340 -2.40 45.15 14.49
CA GLY I 340 -3.06 46.02 15.45
C GLY I 340 -2.15 46.98 16.17
N ALA I 341 -0.89 47.08 15.77
CA ALA I 341 0.09 47.87 16.49
C ALA I 341 -0.12 49.35 16.19
N SER I 342 -0.76 50.06 17.10
CA SER I 342 -0.80 51.53 17.06
C SER I 342 0.51 52.03 17.65
N VAL I 343 1.42 52.43 16.77
CA VAL I 343 2.78 52.79 17.16
C VAL I 343 2.87 54.31 17.27
N LEU I 344 3.36 54.77 18.41
CA LEU I 344 3.53 56.19 18.67
C LEU I 344 4.69 56.73 17.83
N PRO I 345 4.75 58.05 17.59
CA PRO I 345 5.80 58.60 16.72
C PRO I 345 7.21 58.42 17.25
N HIS I 346 8.17 58.56 16.35
CA HIS I 346 9.60 58.45 16.68
C HIS I 346 9.95 57.19 17.41
N LYS I 347 9.41 56.07 16.94
CA LYS I 347 9.68 54.78 17.54
C LYS I 347 10.47 53.90 16.58
N SER I 348 11.28 53.01 17.14
CA SER I 348 12.00 51.99 16.37
C SER I 348 11.53 50.63 16.81
N ILE I 349 10.92 49.87 15.90
CA ILE I 349 10.36 48.56 16.22
C ILE I 349 11.33 47.48 15.79
N GLY I 350 11.70 46.61 16.71
CA GLY I 350 12.56 45.49 16.40
C GLY I 350 11.95 44.16 16.78
N GLU I 351 10.73 44.17 17.28
CA GLU I 351 10.05 42.95 17.69
C GLU I 351 8.69 42.89 17.00
N SER I 352 8.25 41.68 16.69
CA SER I 352 6.93 41.52 16.09
C SER I 352 5.84 41.77 17.11
N VAL I 353 4.72 42.31 16.65
CA VAL I 353 3.57 42.60 17.49
C VAL I 353 2.43 41.69 17.03
N PRO I 354 2.21 40.54 17.69
CA PRO I 354 1.27 39.55 17.14
C PRO I 354 -0.20 39.82 17.44
N GLU I 355 -0.53 40.49 18.54
CA GLU I 355 -1.89 40.92 18.84
C GLU I 355 -1.96 42.44 18.93
N PRO I 356 -3.18 43.05 18.73
CA PRO I 356 -3.32 44.50 18.85
C PRO I 356 -2.97 45.09 20.20
N ARG I 357 -1.89 45.87 20.22
CA ARG I 357 -1.48 46.61 21.41
C ARG I 357 -0.80 47.89 20.96
N ILE I 358 -0.66 48.83 21.90
CA ILE I 358 -0.07 50.13 21.63
C ILE I 358 1.40 50.08 21.98
N ILE I 359 2.24 50.53 21.05
CA ILE I 359 3.68 50.50 21.23
C ILE I 359 4.15 51.88 21.63
N MET I 360 4.82 51.97 22.76
CA MET I 360 5.40 53.22 23.22
C MET I 360 6.73 52.93 23.90
N MET J 1 40.72 69.52 29.40
CA MET J 1 39.98 68.27 29.25
C MET J 1 38.47 68.53 29.19
N LYS J 2 37.82 67.86 28.25
CA LYS J 2 36.43 68.10 27.88
C LYS J 2 35.63 66.80 27.94
N ALA J 3 34.33 66.92 27.67
CA ALA J 3 33.41 65.80 27.78
C ALA J 3 32.22 65.99 26.84
N LEU J 4 31.93 64.97 26.02
CA LEU J 4 30.70 64.93 25.24
C LEU J 4 29.59 64.24 26.02
N ILE J 5 28.38 64.76 25.88
CA ILE J 5 27.17 64.15 26.40
C ILE J 5 26.25 63.80 25.24
N LEU J 6 25.84 62.54 25.19
CA LEU J 6 24.81 62.09 24.26
C LEU J 6 23.44 62.35 24.87
N VAL J 7 22.63 63.23 24.31
CA VAL J 7 21.31 63.49 24.91
C VAL J 7 20.32 63.95 23.85
N GLY J 8 20.71 63.69 22.62
CA GLY J 8 20.00 64.09 21.43
C GLY J 8 18.50 63.99 21.48
N GLY J 9 17.95 62.87 21.05
CA GLY J 9 16.51 62.76 20.98
C GLY J 9 15.68 61.86 21.88
N TYR J 10 14.38 62.10 21.79
CA TYR J 10 13.31 61.40 22.50
C TYR J 10 13.58 59.96 22.89
N GLY J 11 13.75 59.71 24.18
CA GLY J 11 13.96 58.38 24.69
C GLY J 11 12.63 57.69 24.46
N THR J 12 12.60 56.70 23.59
CA THR J 12 11.35 56.03 23.25
C THR J 12 10.72 55.39 24.47
N ARG J 13 11.55 54.86 25.36
CA ARG J 13 11.02 54.31 26.61
C ARG J 13 10.54 55.49 27.47
N LEU J 14 9.75 55.22 28.50
CA LEU J 14 9.22 56.26 29.39
C LEU J 14 8.56 57.40 28.62
N ARG J 15 8.02 57.02 27.46
CA ARG J 15 7.35 57.90 26.49
C ARG J 15 6.35 58.93 27.03
N PRO J 16 5.54 58.69 28.09
CA PRO J 16 4.66 59.79 28.54
C PRO J 16 5.38 60.96 29.17
N LEU J 17 6.62 60.79 29.62
CA LEU J 17 7.39 61.94 30.07
C LEU J 17 8.18 62.55 28.93
N THR J 18 8.65 61.73 27.99
CA THR J 18 9.47 62.22 26.88
C THR J 18 8.63 63.01 25.88
N LEU J 19 7.31 62.79 25.85
CA LEU J 19 6.46 63.52 24.92
C LEU J 19 6.30 64.99 25.32
N SER J 20 6.50 65.31 26.60
CA SER J 20 6.31 66.67 27.09
C SER J 20 7.61 67.46 27.09
N THR J 21 8.61 66.99 27.84
CA THR J 21 9.93 67.56 27.89
C THR J 21 10.92 66.54 27.35
N PRO J 22 12.14 66.94 26.96
CA PRO J 22 13.15 65.94 26.56
C PRO J 22 13.55 65.02 27.71
N LYS J 23 14.09 63.85 27.33
CA LYS J 23 14.50 62.83 28.30
C LYS J 23 15.61 63.26 29.28
N PRO J 24 16.65 64.03 28.90
CA PRO J 24 17.57 64.52 29.93
C PRO J 24 17.01 65.62 30.79
N LEU J 25 15.82 66.13 30.49
CA LEU J 25 15.32 67.32 31.14
C LEU J 25 14.20 66.98 32.11
N VAL J 26 13.82 65.70 32.21
CA VAL J 26 12.84 65.32 33.21
C VAL J 26 13.54 65.25 34.58
N ASP J 27 12.75 65.45 35.63
CA ASP J 27 13.31 65.59 36.96
C ASP J 27 13.54 64.23 37.62
N PHE J 28 14.79 63.99 38.03
CA PHE J 28 15.17 62.77 38.73
C PHE J 28 15.67 63.16 40.11
N CYS J 29 14.81 62.97 41.13
CA CYS J 29 14.99 63.47 42.49
C CYS J 29 15.31 64.96 42.50
N ASN J 30 14.33 65.72 41.99
CA ASN J 30 14.20 67.18 42.14
C ASN J 30 15.27 67.94 41.36
N LYS J 31 15.90 67.27 40.39
CA LYS J 31 16.95 67.75 39.51
C LYS J 31 16.73 67.09 38.16
N PRO J 32 16.98 67.79 37.05
CA PRO J 32 17.13 67.08 35.77
C PRO J 32 18.37 66.20 35.76
N ILE J 33 18.33 65.20 34.87
CA ILE J 33 19.38 64.19 34.78
C ILE J 33 20.68 64.79 34.22
N LEU J 34 20.55 65.68 33.23
CA LEU J 34 21.70 66.39 32.69
C LEU J 34 22.34 67.31 33.73
N LEU J 35 21.54 67.83 34.67
CA LEU J 35 22.07 68.64 35.75
C LEU J 35 22.92 67.82 36.71
N HIS J 36 22.50 66.58 37.00
CA HIS J 36 23.32 65.62 37.71
C HIS J 36 24.65 65.38 36.99
N GLN J 37 24.59 65.16 35.68
CA GLN J 37 25.80 64.84 34.92
C GLN J 37 26.76 66.01 34.82
N VAL J 38 26.27 67.21 34.53
CA VAL J 38 27.18 68.36 34.44
C VAL J 38 27.59 68.88 35.82
N GLU J 39 26.77 68.66 36.86
CA GLU J 39 27.14 68.89 38.25
C GLU J 39 28.38 68.06 38.62
N ALA J 40 28.34 66.75 38.33
CA ALA J 40 29.48 65.89 38.61
C ALA J 40 30.66 66.17 37.68
N LEU J 41 30.39 66.64 36.46
CA LEU J 41 31.47 66.98 35.53
C LEU J 41 32.24 68.22 35.98
N ALA J 42 31.53 69.21 36.50
CA ALA J 42 32.19 70.37 37.09
C ALA J 42 32.82 70.07 38.43
N ALA J 43 32.33 69.04 39.12
CA ALA J 43 33.06 68.52 40.27
C ALA J 43 34.37 67.86 39.86
N ALA J 44 34.42 67.29 38.65
CA ALA J 44 35.66 66.68 38.16
C ALA J 44 36.69 67.73 37.77
N GLY J 45 36.25 68.87 37.22
CA GLY J 45 37.15 69.89 36.73
C GLY J 45 37.15 70.08 35.23
N VAL J 46 36.19 69.49 34.52
CA VAL J 46 36.07 69.72 33.08
C VAL J 46 35.60 71.15 32.83
N ASP J 47 36.41 71.90 32.08
CA ASP J 47 36.16 73.31 31.86
C ASP J 47 35.06 73.60 30.85
N HIS J 48 34.88 72.76 29.82
CA HIS J 48 33.72 72.94 28.95
C HIS J 48 33.19 71.58 28.51
N VAL J 49 31.86 71.48 28.48
CA VAL J 49 31.14 70.24 28.26
C VAL J 49 30.23 70.42 27.06
N ILE J 50 30.45 69.58 26.05
CA ILE J 50 29.71 69.66 24.79
C ILE J 50 28.69 68.53 24.77
N LEU J 51 27.50 68.82 24.28
CA LEU J 51 26.48 67.79 24.11
C LEU J 51 25.86 67.92 22.73
N ALA J 52 25.29 66.82 22.25
CA ALA J 52 24.88 66.78 20.84
C ALA J 52 23.41 66.43 20.73
N VAL J 53 22.61 67.37 20.22
CA VAL J 53 21.16 67.24 20.11
C VAL J 53 20.79 67.14 18.64
N SER J 54 19.97 66.15 18.31
CA SER J 54 19.29 66.12 17.01
C SER J 54 17.88 66.68 17.06
N TYR J 55 17.17 66.41 18.15
CA TYR J 55 15.83 66.95 18.31
C TYR J 55 15.95 68.44 18.66
N MET J 56 15.20 69.27 17.94
CA MET J 56 15.13 70.69 18.23
C MET J 56 14.65 70.94 19.64
N SER J 57 15.54 71.44 20.47
CA SER J 57 15.32 71.52 21.91
C SER J 57 15.60 72.96 22.31
N GLN J 58 14.58 73.81 22.21
CA GLN J 58 14.75 75.22 22.57
C GLN J 58 14.76 75.39 24.08
N VAL J 59 13.89 74.65 24.78
CA VAL J 59 13.79 74.74 26.24
C VAL J 59 15.06 74.23 26.91
N LEU J 60 15.64 73.12 26.41
CA LEU J 60 16.88 72.56 26.94
C LEU J 60 18.04 73.52 26.70
N GLU J 61 18.01 74.19 25.55
CA GLU J 61 19.07 75.09 25.15
C GLU J 61 19.04 76.34 26.02
N LYS J 62 17.84 76.84 26.34
CA LYS J 62 17.79 78.03 27.18
C LYS J 62 18.03 77.69 28.66
N GLU J 63 17.58 76.51 29.11
CA GLU J 63 17.87 76.06 30.48
C GLU J 63 19.36 75.85 30.72
N MET J 64 20.04 75.48 29.63
CA MET J 64 21.46 75.25 29.61
C MET J 64 22.16 76.60 29.70
N LYS J 65 21.81 77.52 28.79
CA LYS J 65 22.47 78.82 28.83
C LYS J 65 22.41 79.40 30.24
N ALA J 66 21.27 79.19 30.93
CA ALA J 66 21.18 79.49 32.35
C ALA J 66 22.17 78.67 33.18
N GLN J 67 22.33 77.37 32.89
CA GLN J 67 23.36 76.59 33.57
C GLN J 67 24.78 77.01 33.19
N GLU J 68 24.97 77.57 32.00
CA GLU J 68 26.28 78.06 31.56
C GLU J 68 26.71 79.28 32.36
N GLN J 69 25.76 80.15 32.73
CA GLN J 69 26.14 81.14 33.75
C GLN J 69 26.14 80.59 35.18
N ARG J 70 25.34 79.55 35.47
CA ARG J 70 25.26 79.05 36.85
C ARG J 70 26.57 78.42 37.31
N LEU J 71 27.11 77.52 36.50
CA LEU J 71 28.12 76.58 36.98
C LEU J 71 29.56 77.07 36.79
N GLY J 72 29.79 78.07 35.94
CA GLY J 72 31.11 78.58 35.70
C GLY J 72 31.88 77.88 34.60
N ILE J 73 31.29 76.87 33.99
CA ILE J 73 31.90 76.16 32.87
C ILE J 73 31.16 76.52 31.59
N ARG J 74 31.91 76.56 30.49
CA ARG J 74 31.30 76.81 29.19
C ARG J 74 30.53 75.57 28.74
N ILE J 75 29.48 75.79 27.95
CA ILE J 75 28.71 74.72 27.34
C ILE J 75 28.57 75.00 25.86
N SER J 76 29.14 74.12 25.04
CA SER J 76 28.94 74.17 23.61
C SER J 76 27.84 73.18 23.24
N MET J 77 27.15 73.48 22.14
CA MET J 77 25.97 72.73 21.71
C MET J 77 26.11 72.46 20.22
N SER J 78 26.33 71.20 19.86
CA SER J 78 26.44 70.81 18.46
C SER J 78 25.07 70.42 17.92
N HIS J 79 24.61 71.11 16.88
CA HIS J 79 23.24 70.99 16.40
C HIS J 79 23.19 70.09 15.18
N GLU J 80 22.30 69.10 15.21
CA GLU J 80 22.30 68.00 14.26
C GLU J 80 20.95 67.99 13.56
N GLU J 81 20.96 67.99 12.23
CA GLU J 81 19.71 68.29 11.54
C GLU J 81 18.92 67.01 11.25
N GLU J 82 19.61 65.89 11.10
CA GLU J 82 19.13 64.52 10.99
C GLU J 82 19.58 63.75 12.23
N PRO J 83 18.89 62.67 12.61
CA PRO J 83 19.38 61.81 13.71
C PRO J 83 20.69 61.14 13.33
N LEU J 84 21.76 61.54 14.01
CA LEU J 84 23.10 61.10 13.66
C LEU J 84 23.52 59.93 14.53
N GLY J 85 22.61 59.45 15.39
CA GLY J 85 22.84 58.30 16.22
C GLY J 85 23.64 58.53 17.49
N THR J 86 24.63 57.66 17.72
CA THR J 86 25.48 57.72 18.90
C THR J 86 26.95 57.94 18.55
N ALA J 87 27.37 57.52 17.36
CA ALA J 87 28.74 57.68 16.90
C ALA J 87 28.91 58.95 16.09
N GLY J 88 27.92 59.25 15.25
CA GLY J 88 27.82 60.50 14.53
C GLY J 88 27.96 61.79 15.33
N PRO J 89 27.36 61.88 16.54
CA PRO J 89 27.68 63.00 17.43
C PRO J 89 29.16 63.20 17.75
N LEU J 90 29.96 62.13 17.76
CA LEU J 90 31.38 62.32 18.02
C LEU J 90 32.06 62.91 16.79
N ALA J 91 31.56 62.55 15.59
CA ALA J 91 32.13 63.03 14.35
C ALA J 91 31.61 64.40 13.92
N LEU J 92 30.46 64.84 14.43
CA LEU J 92 30.01 66.18 14.10
C LEU J 92 30.79 67.23 14.86
N ALA J 93 31.11 66.96 16.13
CA ALA J 93 31.92 67.85 16.95
C ALA J 93 33.37 67.41 16.99
N ARG J 94 33.87 66.87 15.87
CA ARG J 94 35.18 66.23 15.83
C ARG J 94 36.33 67.23 15.71
N ASP J 95 36.10 68.39 15.11
CA ASP J 95 37.20 69.34 14.93
C ASP J 95 37.49 70.10 16.21
N LEU J 96 36.47 70.23 17.07
CA LEU J 96 36.66 70.83 18.39
C LEU J 96 37.19 69.82 19.39
N LEU J 97 37.02 68.53 19.12
CA LEU J 97 37.53 67.45 19.95
C LEU J 97 38.91 66.99 19.48
N SER J 98 39.29 67.43 18.28
CA SER J 98 40.63 67.25 17.75
C SER J 98 41.58 68.42 18.06
N GLU J 99 41.11 69.55 18.57
CA GLU J 99 42.06 70.66 18.73
C GLU J 99 42.90 70.56 20.00
N THR J 100 42.65 69.56 20.86
CA THR J 100 43.57 69.24 21.94
C THR J 100 43.71 67.73 22.06
N ALA J 101 44.94 67.23 21.92
CA ALA J 101 45.24 65.81 22.05
C ALA J 101 45.31 65.45 23.53
N ASP J 102 44.14 65.10 24.08
CA ASP J 102 43.93 64.85 25.49
C ASP J 102 42.65 64.00 25.51
N PRO J 103 42.66 62.88 26.25
CA PRO J 103 41.48 62.02 26.31
C PRO J 103 40.25 62.72 26.86
N PHE J 104 39.09 62.39 26.28
CA PHE J 104 37.84 63.05 26.58
C PHE J 104 36.81 62.05 27.06
N PHE J 105 35.98 62.47 28.01
CA PHE J 105 34.85 61.67 28.43
C PHE J 105 33.78 61.73 27.35
N VAL J 106 33.00 60.65 27.26
CA VAL J 106 31.69 60.68 26.61
C VAL J 106 30.69 59.93 27.49
N LEU J 107 29.58 60.57 27.79
CA LEU J 107 28.66 59.92 28.70
C LEU J 107 27.19 59.97 28.34
N ASN J 108 26.60 58.79 28.41
CA ASN J 108 25.18 58.61 28.11
C ASN J 108 24.38 59.36 29.17
N SER J 109 23.21 59.85 28.76
CA SER J 109 22.43 60.67 29.68
C SER J 109 21.69 59.81 30.69
N ASP J 110 21.10 58.69 30.25
CA ASP J 110 20.23 57.87 31.09
C ASP J 110 20.93 57.16 32.24
N VAL J 111 22.26 57.07 32.24
CA VAL J 111 22.92 56.32 33.30
C VAL J 111 23.17 57.25 34.49
N ILE J 112 22.78 56.80 35.68
CA ILE J 112 22.96 57.54 36.93
C ILE J 112 23.74 56.65 37.89
N CYS J 113 24.79 57.23 38.47
CA CYS J 113 25.68 56.52 39.39
C CYS J 113 26.42 57.57 40.22
N ASP J 114 27.19 57.09 41.18
CA ASP J 114 28.36 57.84 41.62
C ASP J 114 29.37 57.84 40.49
N PHE J 115 29.78 59.02 40.06
CA PHE J 115 30.66 59.17 38.91
C PHE J 115 32.10 59.24 39.38
N PRO J 116 32.91 58.18 39.19
CA PRO J 116 34.35 58.22 39.52
C PRO J 116 35.15 58.73 38.32
N PHE J 117 35.07 60.06 38.13
CA PHE J 117 35.70 60.68 36.97
C PHE J 117 37.21 60.66 37.06
N GLN J 118 37.76 61.21 38.16
CA GLN J 118 39.20 61.26 38.36
C GLN J 118 39.81 59.87 38.51
N ALA J 119 39.05 58.91 39.05
CA ALA J 119 39.55 57.53 39.15
C ALA J 119 39.65 56.88 37.78
N MET J 120 38.70 57.18 36.89
CA MET J 120 38.82 56.74 35.51
C MET J 120 39.96 57.44 34.77
N VAL J 121 40.26 58.70 35.12
CA VAL J 121 41.46 59.34 34.57
C VAL J 121 42.73 58.62 35.02
N GLN J 122 42.79 58.25 36.32
CA GLN J 122 43.89 57.44 36.85
C GLN J 122 44.01 56.11 36.12
N PHE J 123 42.87 55.45 35.86
CA PHE J 123 42.88 54.17 35.15
C PHE J 123 43.28 54.32 33.68
N HIS J 124 42.82 55.39 33.02
CA HIS J 124 43.13 55.58 31.61
C HIS J 124 44.58 55.99 31.40
N ARG J 125 45.16 56.73 32.34
CA ARG J 125 46.60 56.99 32.29
C ARG J 125 47.40 55.74 32.68
N HIS J 126 46.80 54.85 33.48
CA HIS J 126 47.50 53.61 33.84
C HIS J 126 47.61 52.66 32.66
N HIS J 127 46.48 52.35 32.00
CA HIS J 127 46.57 51.32 30.96
C HIS J 127 47.15 51.87 29.65
N GLY J 128 46.95 53.15 29.37
CA GLY J 128 47.69 53.81 28.32
C GLY J 128 47.32 53.46 26.89
N GLN J 129 46.11 52.99 26.64
CA GLN J 129 45.65 52.68 25.28
C GLN J 129 44.51 53.62 24.90
N GLU J 130 43.81 53.29 23.81
CA GLU J 130 42.95 54.25 23.13
C GLU J 130 41.63 54.50 23.89
N GLY J 131 40.86 53.46 24.15
CA GLY J 131 39.54 53.61 24.74
C GLY J 131 39.37 52.86 26.05
N SER J 132 38.67 53.47 26.99
CA SER J 132 38.37 52.85 28.28
C SER J 132 36.87 52.86 28.53
N ILE J 133 36.31 51.68 28.79
CA ILE J 133 34.88 51.50 29.05
C ILE J 133 34.71 51.41 30.56
N LEU J 134 33.57 51.87 31.07
CA LEU J 134 33.23 51.60 32.46
C LEU J 134 32.14 50.53 32.48
N VAL J 135 32.30 49.53 33.35
CA VAL J 135 31.41 48.37 33.39
C VAL J 135 30.87 48.17 34.80
N THR J 136 29.83 47.33 34.92
CA THR J 136 29.14 47.07 36.17
C THR J 136 28.60 45.65 36.23
N LYS J 137 28.29 45.23 37.45
CA LYS J 137 27.48 44.05 37.73
C LYS J 137 26.02 44.31 37.37
N VAL J 138 25.30 43.22 37.09
CA VAL J 138 23.85 43.27 36.96
C VAL J 138 23.33 41.96 37.54
N GLU J 139 22.07 41.94 37.96
CA GLU J 139 21.53 40.72 38.54
C GLU J 139 21.05 39.73 37.50
N GLU J 140 20.68 40.17 36.30
CA GLU J 140 20.30 39.24 35.25
C GLU J 140 21.04 39.53 33.94
N PRO J 141 21.90 38.60 33.50
CA PRO J 141 22.71 38.83 32.29
C PRO J 141 21.90 38.73 31.00
N SER J 142 20.68 38.19 31.05
CA SER J 142 19.82 37.98 29.89
C SER J 142 19.07 39.23 29.44
N LYS J 143 19.51 40.42 29.88
CA LYS J 143 18.89 41.68 29.53
C LYS J 143 19.81 42.63 28.80
N TYR J 144 21.13 42.43 28.83
CA TYR J 144 22.09 43.43 28.40
C TYR J 144 23.32 42.77 27.80
N GLY J 145 24.08 43.56 27.03
CA GLY J 145 25.22 43.03 26.31
C GLY J 145 26.40 42.83 27.24
N VAL J 146 27.01 41.65 27.15
CA VAL J 146 28.05 41.23 28.10
C VAL J 146 29.44 41.49 27.55
N VAL J 147 30.39 41.72 28.48
CA VAL J 147 31.72 42.20 28.18
C VAL J 147 32.72 41.43 29.03
N VAL J 148 33.66 40.70 28.39
CA VAL J 148 34.57 39.84 29.14
C VAL J 148 35.77 40.66 29.57
N CYS J 149 36.42 40.21 30.64
CA CYS J 149 37.47 40.98 31.30
C CYS J 149 38.38 40.01 32.04
N GLU J 150 39.70 40.20 31.90
CA GLU J 150 40.67 39.43 32.66
C GLU J 150 41.17 40.27 33.83
N ALA J 151 41.62 39.59 34.87
CA ALA J 151 41.99 40.26 36.11
C ALA J 151 43.34 40.97 35.99
N ASP J 152 43.50 42.04 36.78
CA ASP J 152 44.67 42.93 36.92
C ASP J 152 45.03 43.78 35.71
N THR J 153 44.36 43.61 34.57
CA THR J 153 44.61 44.49 33.45
C THR J 153 43.38 45.25 32.99
N GLY J 154 42.21 44.60 32.98
CA GLY J 154 40.99 45.23 32.56
C GLY J 154 40.67 45.16 31.09
N ARG J 155 41.47 44.43 30.31
CA ARG J 155 41.38 44.47 28.85
C ARG J 155 40.17 43.71 28.32
N ILE J 156 39.78 44.04 27.08
CA ILE J 156 38.58 43.50 26.45
C ILE J 156 39.00 42.51 25.37
N HIS J 157 38.75 41.23 25.63
CA HIS J 157 38.95 40.23 24.60
C HIS J 157 37.83 40.28 23.57
N ARG J 158 36.58 40.33 24.04
CA ARG J 158 35.43 40.15 23.18
C ARG J 158 34.30 41.06 23.64
N PHE J 159 33.52 41.55 22.68
CA PHE J 159 32.32 42.34 22.94
C PHE J 159 31.13 41.58 22.36
N VAL J 160 30.21 41.18 23.24
CA VAL J 160 29.03 40.40 22.86
C VAL J 160 27.79 41.24 23.16
N GLU J 161 26.95 41.49 22.13
CA GLU J 161 25.67 42.11 22.43
C GLU J 161 24.67 41.09 22.98
N LYS J 162 24.69 39.87 22.46
CA LYS J 162 23.54 39.04 22.75
C LYS J 162 23.82 38.06 23.88
N PRO J 163 22.90 37.96 24.84
CA PRO J 163 23.10 37.09 26.00
C PRO J 163 22.78 35.63 25.74
N GLN J 164 22.63 34.89 26.85
CA GLN J 164 22.23 33.48 27.03
C GLN J 164 23.39 32.50 26.86
N VAL J 165 24.63 32.98 26.82
CA VAL J 165 25.79 32.11 26.81
C VAL J 165 26.58 32.14 28.11
N PHE J 166 26.45 33.20 28.92
CA PHE J 166 27.15 33.44 30.19
C PHE J 166 28.67 33.36 30.01
N VAL J 167 29.19 34.32 29.24
CA VAL J 167 30.65 34.45 29.16
C VAL J 167 31.19 35.47 30.15
N SER J 168 30.39 36.46 30.59
CA SER J 168 30.78 37.34 31.69
C SER J 168 29.55 37.98 32.33
N ASN J 169 29.77 38.51 33.53
CA ASN J 169 28.77 39.22 34.32
C ASN J 169 28.59 40.67 33.91
N LYS J 170 29.64 41.31 33.42
CA LYS J 170 29.66 42.77 33.41
C LYS J 170 29.11 43.40 32.12
N ILE J 171 28.42 44.52 32.34
CA ILE J 171 27.64 45.29 31.36
C ILE J 171 28.33 46.64 31.27
N ASN J 172 28.34 47.29 30.10
CA ASN J 172 28.96 48.61 30.12
C ASN J 172 28.00 49.59 30.78
N ALA J 173 28.60 50.58 31.42
CA ALA J 173 27.87 51.54 32.23
C ALA J 173 27.52 52.81 31.45
N GLY J 174 27.67 52.81 30.12
CA GLY J 174 27.30 53.97 29.32
C GLY J 174 28.24 55.15 29.45
N MET J 175 29.45 54.84 29.87
CA MET J 175 30.46 55.85 30.12
C MET J 175 31.71 55.40 29.43
N TYR J 176 32.36 56.33 28.76
CA TYR J 176 33.59 55.98 28.05
C TYR J 176 34.61 57.13 28.09
N ILE J 177 35.90 56.78 28.05
CA ILE J 177 36.97 57.75 27.87
C ILE J 177 37.70 57.39 26.59
N LEU J 178 37.73 58.33 25.63
CA LEU J 178 38.30 58.03 24.34
C LEU J 178 39.44 59.00 24.00
N SER J 179 40.36 58.51 23.16
CA SER J 179 41.46 59.27 22.60
C SER J 179 41.04 59.89 21.26
N PRO J 180 41.76 60.91 20.77
CA PRO J 180 41.41 61.48 19.46
C PRO J 180 41.60 60.56 18.26
N ALA J 181 42.43 59.51 18.36
CA ALA J 181 42.59 58.57 17.26
C ALA J 181 41.33 57.73 17.07
N VAL J 182 40.64 57.43 18.18
CA VAL J 182 39.30 56.82 18.15
C VAL J 182 38.34 57.68 17.35
N LEU J 183 38.35 58.99 17.61
CA LEU J 183 37.50 59.92 16.84
C LEU J 183 38.00 60.11 15.41
N GLN J 184 39.26 59.83 15.12
CA GLN J 184 39.66 59.76 13.72
C GLN J 184 39.08 58.52 13.04
N ARG J 185 38.77 57.47 13.80
CA ARG J 185 38.14 56.30 13.20
C ARG J 185 36.66 56.51 12.85
N ILE J 186 35.93 57.35 13.60
CA ILE J 186 34.48 57.52 13.37
C ILE J 186 34.23 58.41 12.15
N GLN J 187 33.10 58.15 11.49
CA GLN J 187 32.65 58.78 10.25
C GLN J 187 31.39 59.63 10.51
N LEU J 188 31.12 60.53 9.56
CA LEU J 188 30.08 61.56 9.70
C LEU J 188 28.66 61.03 9.50
N GLN J 189 28.53 59.75 9.15
CA GLN J 189 27.25 59.16 8.75
C GLN J 189 26.66 58.28 9.86
N PRO J 190 25.29 58.32 10.03
CA PRO J 190 24.67 57.84 11.28
C PRO J 190 24.72 56.34 11.56
N THR J 191 25.82 55.89 12.14
CA THR J 191 25.87 54.69 12.94
C THR J 191 25.94 55.03 14.43
N SER J 192 25.79 54.00 15.25
CA SER J 192 26.06 54.10 16.69
C SER J 192 27.40 53.45 17.01
N ILE J 193 28.04 53.96 18.07
CA ILE J 193 29.42 53.59 18.37
C ILE J 193 29.47 52.18 18.95
N GLU J 194 28.44 51.79 19.70
CA GLU J 194 28.48 50.50 20.38
C GLU J 194 28.04 49.33 19.50
N LYS J 195 27.45 49.56 18.32
CA LYS J 195 27.34 48.43 17.39
C LYS J 195 28.69 48.02 16.82
N GLU J 196 29.38 48.97 16.18
CA GLU J 196 30.60 48.50 15.54
C GLU J 196 31.88 49.26 15.87
N VAL J 197 31.84 50.57 16.21
CA VAL J 197 33.11 51.28 16.48
C VAL J 197 33.81 50.71 17.72
N PHE J 198 33.03 50.42 18.76
CA PHE J 198 33.53 49.64 19.89
C PHE J 198 33.81 48.18 19.51
N PRO J 199 33.11 47.59 18.52
CA PRO J 199 33.41 46.20 18.15
C PRO J 199 34.64 46.02 17.28
N ILE J 200 35.10 47.02 16.52
CA ILE J 200 36.44 46.81 15.95
C ILE J 200 37.47 47.03 17.05
N MET J 201 37.17 47.97 17.96
CA MET J 201 38.15 48.39 18.95
C MET J 201 38.33 47.34 20.04
N ALA J 202 37.29 46.55 20.28
CA ALA J 202 37.38 45.46 21.25
C ALA J 202 38.36 44.40 20.74
N LYS J 203 38.28 44.14 19.44
CA LYS J 203 39.13 43.16 18.76
C LYS J 203 40.60 43.58 18.80
N GLU J 204 40.84 44.87 18.66
CA GLU J 204 42.19 45.40 18.66
C GLU J 204 42.91 45.13 19.97
N GLY J 205 42.19 45.25 21.07
CA GLY J 205 42.78 45.07 22.38
C GLY J 205 43.09 46.40 23.04
N GLN J 206 42.87 47.48 22.29
CA GLN J 206 43.07 48.83 22.80
C GLN J 206 42.07 49.09 23.93
N LEU J 207 40.84 48.62 23.73
CA LEU J 207 39.78 48.78 24.71
C LEU J 207 40.10 48.06 26.01
N TYR J 208 39.71 48.68 27.12
CA TYR J 208 39.92 48.19 28.46
C TYR J 208 38.69 48.53 29.29
N ALA J 209 38.48 47.82 30.40
CA ALA J 209 37.29 48.04 31.23
C ALA J 209 37.68 48.39 32.65
N MET J 210 36.97 49.34 33.25
CA MET J 210 37.07 49.62 34.67
C MET J 210 35.71 49.39 35.31
N GLU J 211 35.71 48.86 36.53
CA GLU J 211 34.50 48.46 37.24
C GLU J 211 34.19 49.45 38.35
N LEU J 212 32.92 49.82 38.49
CA LEU J 212 32.53 50.58 39.68
C LEU J 212 32.38 49.68 40.90
N GLN J 213 32.10 50.33 42.03
CA GLN J 213 31.75 49.66 43.27
C GLN J 213 30.30 49.18 43.23
N GLY J 214 29.36 50.13 43.20
CA GLY J 214 27.94 49.83 43.14
C GLY J 214 27.17 51.10 42.83
N PHE J 215 25.83 51.01 42.94
CA PHE J 215 24.89 52.09 42.61
C PHE J 215 25.08 52.54 41.16
N TRP J 216 24.60 51.70 40.25
CA TRP J 216 24.47 52.06 38.84
C TRP J 216 23.06 51.75 38.36
N MET J 217 22.45 52.69 37.62
CA MET J 217 21.17 52.41 36.98
C MET J 217 20.97 53.28 35.75
N ASP J 218 20.69 52.65 34.61
CA ASP J 218 20.20 53.36 33.43
C ASP J 218 18.68 53.48 33.57
N ILE J 219 18.18 54.72 33.53
CA ILE J 219 16.80 54.98 33.90
C ILE J 219 15.98 55.34 32.67
N GLY J 220 16.34 54.76 31.52
CA GLY J 220 15.54 54.91 30.33
C GLY J 220 14.20 54.21 30.37
N GLN J 221 13.99 53.37 31.28
CA GLN J 221 12.69 52.74 31.41
C GLN J 221 11.99 53.26 32.66
N PRO J 222 10.65 53.31 32.69
CA PRO J 222 9.97 53.86 33.87
C PRO J 222 10.11 53.02 35.13
N LYS J 223 10.14 51.68 35.02
CA LYS J 223 10.43 50.88 36.19
C LYS J 223 11.92 50.96 36.56
N ASP J 224 12.78 51.16 35.56
CA ASP J 224 14.18 51.44 35.84
C ASP J 224 14.36 52.84 36.40
N PHE J 225 13.49 53.78 36.00
CA PHE J 225 13.46 55.10 36.62
C PHE J 225 13.10 54.99 38.10
N LEU J 226 12.14 54.14 38.44
CA LEU J 226 11.74 53.98 39.83
C LEU J 226 12.82 53.25 40.63
N THR J 227 13.48 52.26 40.04
CA THR J 227 14.43 51.50 40.83
C THR J 227 15.76 52.26 40.94
N GLY J 228 16.02 53.15 39.98
CA GLY J 228 17.16 54.05 40.10
C GLY J 228 16.90 55.18 41.06
N MET J 229 15.65 55.63 41.17
CA MET J 229 15.29 56.58 42.22
C MET J 229 15.42 55.95 43.60
N CYS J 230 15.08 54.65 43.71
CA CYS J 230 15.27 53.88 44.93
C CYS J 230 16.74 53.82 45.33
N LEU J 231 17.61 53.45 44.37
CA LEU J 231 19.06 53.39 44.62
C LEU J 231 19.66 54.76 44.88
N PHE J 232 19.16 55.82 44.23
CA PHE J 232 19.71 57.16 44.46
C PHE J 232 19.31 57.69 45.82
N LEU J 233 18.10 57.38 46.28
CA LEU J 233 17.71 57.82 47.61
C LEU J 233 18.44 57.02 48.68
N GLN J 234 18.82 55.78 48.38
CA GLN J 234 19.54 54.97 49.34
C GLN J 234 21.00 55.43 49.46
N SER J 235 21.63 55.77 48.32
CA SER J 235 22.97 56.35 48.36
C SER J 235 22.96 57.76 48.94
N LEU J 236 21.86 58.49 48.76
CA LEU J 236 21.78 59.85 49.29
C LEU J 236 21.47 59.83 50.78
N ARG J 237 20.84 58.76 51.27
CA ARG J 237 20.74 58.57 52.71
C ARG J 237 22.11 58.24 53.30
N GLN J 238 22.86 57.40 52.60
CA GLN J 238 24.10 56.86 53.15
C GLN J 238 25.27 57.84 52.97
N LYS J 239 25.06 58.96 52.25
CA LYS J 239 26.12 59.93 52.01
C LYS J 239 25.70 61.38 52.29
N GLN J 240 24.41 61.69 52.31
CA GLN J 240 23.92 63.04 52.62
C GLN J 240 22.64 62.93 53.46
N PRO J 241 22.72 62.43 54.70
CA PRO J 241 21.48 62.07 55.42
C PRO J 241 20.70 63.26 55.95
N GLU J 242 21.29 64.43 55.94
CA GLU J 242 20.66 65.69 56.32
C GLU J 242 19.66 66.21 55.31
N ARG J 243 19.78 65.83 54.04
CA ARG J 243 19.00 66.46 53.00
C ARG J 243 17.60 65.86 52.85
N LEU J 244 17.43 64.60 53.22
CA LEU J 244 16.11 64.01 53.15
C LEU J 244 15.26 64.44 54.33
N CYS J 245 14.02 64.82 54.05
CA CYS J 245 13.13 65.31 55.07
C CYS J 245 12.64 64.16 55.94
N SER J 246 12.83 64.30 57.26
CA SER J 246 12.32 63.32 58.20
C SER J 246 11.21 63.97 59.01
N GLY J 247 10.27 63.14 59.47
CA GLY J 247 9.13 63.61 60.22
C GLY J 247 8.42 62.48 60.91
N PRO J 248 7.29 62.79 61.54
CA PRO J 248 6.51 61.72 62.20
C PRO J 248 5.76 60.84 61.21
N GLY J 249 5.20 61.42 60.15
CA GLY J 249 4.50 60.65 59.15
C GLY J 249 5.35 60.31 57.94
N ILE J 250 6.67 60.36 58.12
CA ILE J 250 7.65 60.10 57.07
C ILE J 250 8.28 58.74 57.35
N VAL J 251 8.22 57.83 56.39
CA VAL J 251 8.81 56.49 56.53
C VAL J 251 9.91 56.34 55.50
N GLY J 252 11.08 55.87 55.95
CA GLY J 252 12.17 55.58 55.02
C GLY J 252 12.87 56.84 54.54
N ASN J 253 13.45 56.74 53.34
CA ASN J 253 14.22 57.83 52.75
C ASN J 253 13.29 58.64 51.85
N VAL J 254 12.95 59.86 52.26
CA VAL J 254 12.01 60.69 51.52
C VAL J 254 12.67 62.03 51.20
N LEU J 255 12.79 62.34 49.90
CA LEU J 255 13.33 63.62 49.46
C LEU J 255 12.16 64.55 49.19
N VAL J 256 12.19 65.74 49.80
CA VAL J 256 11.08 66.68 49.70
C VAL J 256 11.69 68.03 49.31
N ASP J 257 11.13 68.66 48.28
CA ASP J 257 11.58 69.99 47.88
C ASP J 257 10.97 71.03 48.82
N PRO J 258 11.69 72.13 49.10
CA PRO J 258 11.16 73.13 50.05
C PRO J 258 9.88 73.84 49.64
N SER J 259 9.51 73.84 48.36
CA SER J 259 8.21 74.41 48.04
C SER J 259 7.12 73.35 47.96
N ALA J 260 7.46 72.09 48.21
CA ALA J 260 6.45 71.04 48.28
C ALA J 260 5.72 71.10 49.62
N ARG J 261 4.42 70.81 49.57
CA ARG J 261 3.53 70.92 50.72
C ARG J 261 2.88 69.57 51.00
N ILE J 262 3.06 69.06 52.22
CA ILE J 262 2.48 67.79 52.66
C ILE J 262 1.43 68.09 53.73
N GLY J 263 0.21 67.59 53.53
CA GLY J 263 -0.87 67.80 54.47
C GLY J 263 -0.76 66.96 55.73
N GLN J 264 -1.71 67.16 56.64
CA GLN J 264 -1.69 66.47 57.92
C GLN J 264 -2.23 65.05 57.77
N ASN J 265 -1.86 64.20 58.74
CA ASN J 265 -2.35 62.82 58.89
C ASN J 265 -2.17 61.96 57.63
N CYS J 266 -0.99 62.03 57.03
CA CYS J 266 -0.73 61.21 55.85
C CYS J 266 0.63 60.55 55.99
N SER J 267 0.76 59.37 55.39
CA SER J 267 1.94 58.54 55.55
C SER J 267 2.71 58.45 54.24
N ILE J 268 3.76 59.26 54.12
CA ILE J 268 4.65 59.22 52.95
C ILE J 268 5.63 58.07 53.16
N GLY J 269 5.46 57.00 52.39
CA GLY J 269 6.24 55.79 52.58
C GLY J 269 7.65 55.89 52.04
N PRO J 270 8.33 54.75 51.94
CA PRO J 270 9.76 54.75 51.60
C PRO J 270 10.02 55.05 50.14
N ASN J 271 11.15 55.70 49.92
CA ASN J 271 11.75 55.97 48.61
C ASN J 271 10.85 56.87 47.77
N VAL J 272 10.44 58.00 48.34
CA VAL J 272 9.57 58.94 47.65
C VAL J 272 10.29 60.26 47.44
N SER J 273 10.29 60.73 46.19
CA SER J 273 10.80 62.05 45.85
C SER J 273 9.67 62.92 45.31
N LEU J 274 9.31 63.97 46.05
CA LEU J 274 8.27 64.89 45.60
C LEU J 274 8.87 66.18 45.08
N GLY J 275 8.34 66.68 43.97
CA GLY J 275 8.95 67.76 43.25
C GLY J 275 8.58 69.11 43.83
N PRO J 276 9.09 70.16 43.19
CA PRO J 276 8.83 71.52 43.69
C PRO J 276 7.41 71.98 43.37
N GLY J 277 6.68 72.40 44.39
CA GLY J 277 5.36 72.93 44.21
C GLY J 277 4.26 71.91 44.22
N VAL J 278 4.54 70.67 44.61
CA VAL J 278 3.49 69.67 44.69
C VAL J 278 2.67 69.90 45.96
N VAL J 279 1.41 69.49 45.91
CA VAL J 279 0.47 69.65 47.01
C VAL J 279 -0.07 68.27 47.35
N VAL J 280 0.30 67.75 48.51
CA VAL J 280 -0.21 66.49 49.02
C VAL J 280 -1.20 66.80 50.13
N GLU J 281 -2.42 66.31 49.98
CA GLU J 281 -3.51 66.62 50.90
C GLU J 281 -3.55 65.57 52.01
N ASP J 282 -4.62 65.57 52.80
CA ASP J 282 -4.65 64.74 54.00
C ASP J 282 -4.95 63.29 53.69
N GLY J 283 -4.27 62.38 54.37
CA GLY J 283 -4.55 60.97 54.26
C GLY J 283 -4.05 60.32 52.98
N VAL J 284 -3.04 60.88 52.35
CA VAL J 284 -2.50 60.33 51.11
C VAL J 284 -1.31 59.47 51.45
N CYS J 285 -1.32 58.22 51.01
CA CYS J 285 -0.20 57.31 51.22
C CYS J 285 0.57 57.20 49.91
N ILE J 286 1.85 57.57 49.93
CA ILE J 286 2.70 57.54 48.74
C ILE J 286 3.94 56.74 49.10
N ARG J 287 4.16 55.65 48.38
CA ARG J 287 5.36 54.81 48.56
C ARG J 287 5.98 54.56 47.20
N ARG J 288 7.30 54.73 47.11
CA ARG J 288 8.10 54.41 45.92
C ARG J 288 7.67 55.17 44.66
N CYS J 289 7.02 56.32 44.79
CA CYS J 289 6.59 57.09 43.63
C CYS J 289 7.43 58.36 43.51
N THR J 290 7.60 58.79 42.26
CA THR J 290 8.15 60.11 41.97
C THR J 290 7.04 61.02 41.50
N VAL J 291 6.83 62.10 42.24
CA VAL J 291 5.88 63.12 41.87
C VAL J 291 6.68 64.29 41.34
N LEU J 292 6.54 64.55 40.04
CA LEU J 292 7.20 65.70 39.43
C LEU J 292 6.42 66.97 39.77
N ARG J 293 6.94 68.10 39.31
CA ARG J 293 6.59 69.40 39.86
C ARG J 293 5.16 69.83 39.52
N ASP J 294 4.59 70.69 40.39
CA ASP J 294 3.27 71.33 40.29
C ASP J 294 2.10 70.35 40.48
N ALA J 295 2.36 69.04 40.56
CA ALA J 295 1.29 68.03 40.57
C ALA J 295 0.63 67.95 41.93
N ARG J 296 -0.69 67.99 41.93
CA ARG J 296 -1.46 67.95 43.16
C ARG J 296 -2.14 66.59 43.29
N ILE J 297 -1.88 65.90 44.40
CA ILE J 297 -2.56 64.66 44.72
C ILE J 297 -3.57 64.99 45.81
N ARG J 298 -4.85 64.78 45.54
CA ARG J 298 -5.90 65.12 46.49
C ARG J 298 -6.04 64.04 47.56
N SER J 299 -6.99 64.26 48.47
CA SER J 299 -7.02 63.59 49.77
C SER J 299 -7.46 62.13 49.67
N HIS J 300 -7.03 61.34 50.68
CA HIS J 300 -7.38 59.94 50.89
C HIS J 300 -6.95 59.04 49.74
N SER J 301 -5.85 59.36 49.09
CA SER J 301 -5.46 58.66 47.88
C SER J 301 -4.29 57.74 48.15
N TRP J 302 -4.18 56.66 47.37
CA TRP J 302 -3.12 55.68 47.56
C TRP J 302 -2.28 55.58 46.31
N LEU J 303 -0.96 55.57 46.49
CA LEU J 303 -0.02 55.65 45.39
C LEU J 303 1.17 54.76 45.72
N GLU J 304 1.41 53.75 44.90
CA GLU J 304 2.58 52.89 45.08
C GLU J 304 3.24 52.66 43.73
N SER J 305 4.56 52.91 43.65
CA SER J 305 5.37 52.74 42.43
C SER J 305 4.81 53.56 41.27
N CYS J 306 4.94 54.87 41.38
CA CYS J 306 4.32 55.72 40.39
C CYS J 306 5.13 56.89 39.88
N ILE J 307 4.86 57.25 38.63
CA ILE J 307 5.46 58.49 38.12
C ILE J 307 4.33 59.44 37.80
N VAL J 308 4.17 60.47 38.62
CA VAL J 308 3.12 61.47 38.42
C VAL J 308 3.73 62.64 37.66
N GLY J 309 3.15 62.98 36.51
CA GLY J 309 3.70 63.99 35.64
C GLY J 309 3.46 65.40 36.13
N TRP J 310 3.90 66.36 35.32
CA TRP J 310 3.82 67.76 35.70
C TRP J 310 2.39 68.28 35.59
N ARG J 311 1.98 69.07 36.60
CA ARG J 311 0.68 69.74 36.67
C ARG J 311 -0.48 68.75 36.62
N CYS J 312 -0.29 67.59 37.26
CA CYS J 312 -1.33 66.58 37.35
C CYS J 312 -2.30 66.92 38.47
N ARG J 313 -3.50 66.36 38.38
CA ARG J 313 -4.49 66.47 39.46
C ARG J 313 -5.05 65.07 39.71
N VAL J 314 -4.42 64.36 40.63
CA VAL J 314 -4.88 63.04 41.05
C VAL J 314 -6.00 63.23 42.06
N GLY J 315 -7.15 62.60 41.81
CA GLY J 315 -8.34 62.86 42.60
C GLY J 315 -8.38 62.27 43.99
N GLN J 316 -9.58 62.10 44.53
CA GLN J 316 -9.75 61.53 45.87
C GLN J 316 -10.05 60.04 45.77
N TRP J 317 -9.51 59.27 46.72
CA TRP J 317 -9.68 57.81 46.82
C TRP J 317 -9.24 57.07 45.55
N VAL J 318 -8.29 57.60 44.81
CA VAL J 318 -7.69 56.86 43.71
C VAL J 318 -6.56 55.97 44.19
N ARG J 319 -6.56 54.74 43.71
CA ARG J 319 -5.50 53.78 43.92
C ARG J 319 -4.68 53.69 42.65
N MET J 320 -3.36 53.76 42.77
CA MET J 320 -2.47 53.65 41.63
C MET J 320 -1.31 52.73 41.99
N GLU J 321 -1.22 51.57 41.34
CA GLU J 321 -0.01 50.76 41.50
C GLU J 321 0.46 50.26 40.14
N ASN J 322 1.49 49.43 40.14
CA ASN J 322 2.03 48.89 38.89
C ASN J 322 2.66 49.98 38.04
N VAL J 323 3.40 50.87 38.69
CA VAL J 323 4.12 52.00 38.06
C VAL J 323 3.45 52.67 36.85
N THR J 324 2.23 53.14 37.07
CA THR J 324 1.44 53.84 36.06
C THR J 324 2.02 55.23 35.82
N VAL J 325 2.58 55.49 34.64
CA VAL J 325 3.12 56.82 34.43
C VAL J 325 1.99 57.73 33.96
N LEU J 326 1.86 58.88 34.60
CA LEU J 326 0.98 59.93 34.12
C LEU J 326 1.81 60.95 33.35
N GLY J 327 1.27 61.43 32.23
CA GLY J 327 1.91 62.47 31.46
C GLY J 327 1.67 63.84 32.07
N GLU J 328 1.89 64.88 31.28
CA GLU J 328 1.64 66.22 31.78
C GLU J 328 0.15 66.55 31.70
N ASP J 329 -0.34 67.25 32.73
CA ASP J 329 -1.71 67.79 32.81
C ASP J 329 -2.77 66.70 32.70
N VAL J 330 -2.60 65.63 33.47
CA VAL J 330 -3.53 64.51 33.49
C VAL J 330 -4.44 64.70 34.70
N ILE J 331 -5.75 64.73 34.46
CA ILE J 331 -6.72 64.87 35.53
C ILE J 331 -7.40 63.52 35.73
N VAL J 332 -7.09 62.86 36.84
CA VAL J 332 -7.71 61.59 37.20
C VAL J 332 -8.89 61.88 38.09
N ASN J 333 -10.06 61.40 37.69
CA ASN J 333 -11.27 61.60 38.47
C ASN J 333 -11.23 60.81 39.76
N ASP J 334 -12.07 61.20 40.70
CA ASP J 334 -12.03 60.56 42.00
C ASP J 334 -12.70 59.18 42.02
N GLU J 335 -12.20 58.34 42.93
CA GLU J 335 -12.59 56.92 43.12
C GLU J 335 -12.35 56.08 41.86
N LEU J 336 -11.10 56.06 41.40
CA LEU J 336 -10.70 55.24 40.27
C LEU J 336 -9.53 54.35 40.66
N TYR J 337 -9.24 53.38 39.81
CA TYR J 337 -8.15 52.44 40.06
C TYR J 337 -7.29 52.35 38.80
N LEU J 338 -5.99 52.58 38.96
CA LEU J 338 -5.04 52.55 37.85
C LEU J 338 -3.96 51.52 38.15
N ASN J 339 -3.77 50.60 37.21
CA ASN J 339 -2.78 49.53 37.31
C ASN J 339 -2.10 49.42 35.96
N GLY J 340 -0.88 49.93 35.86
CA GLY J 340 -0.15 49.86 34.61
C GLY J 340 -0.56 50.85 33.55
N ALA J 341 -1.38 51.83 33.90
CA ALA J 341 -1.90 52.79 32.93
C ALA J 341 -0.83 53.83 32.61
N SER J 342 -0.13 53.64 31.49
CA SER J 342 0.72 54.69 30.94
C SER J 342 -0.19 55.67 30.23
N VAL J 343 -0.47 56.80 30.87
CA VAL J 343 -1.45 57.76 30.38
C VAL J 343 -0.73 58.88 29.65
N LEU J 344 -1.21 59.18 28.45
CA LEU J 344 -0.66 60.20 27.58
C LEU J 344 -0.98 61.59 28.13
N PRO J 345 -0.22 62.62 27.73
CA PRO J 345 -0.47 63.97 28.26
C PRO J 345 -1.80 64.55 27.84
N HIS J 346 -2.29 65.48 28.69
CA HIS J 346 -3.53 66.24 28.51
C HIS J 346 -4.75 65.32 28.40
N LYS J 347 -4.77 64.28 29.22
CA LYS J 347 -5.83 63.29 29.23
C LYS J 347 -6.67 63.41 30.50
N SER J 348 -7.97 63.16 30.37
CA SER J 348 -8.87 63.08 31.51
C SER J 348 -9.36 61.65 31.63
N ILE J 349 -9.06 61.02 32.77
CA ILE J 349 -9.46 59.64 33.02
C ILE J 349 -10.69 59.63 33.90
N GLY J 350 -11.76 58.98 33.43
CA GLY J 350 -12.95 58.80 34.21
C GLY J 350 -13.31 57.34 34.29
N GLU J 351 -12.34 56.49 34.00
CA GLU J 351 -12.54 55.05 33.90
C GLU J 351 -11.44 54.36 34.71
N SER J 352 -11.79 53.25 35.35
CA SER J 352 -10.78 52.46 36.04
C SER J 352 -9.99 51.63 35.02
N VAL J 353 -8.68 51.52 35.25
CA VAL J 353 -7.81 50.76 34.36
C VAL J 353 -7.29 49.55 35.13
N PRO J 354 -7.91 48.38 34.97
CA PRO J 354 -7.55 47.24 35.83
C PRO J 354 -6.26 46.50 35.43
N GLU J 355 -5.99 46.35 34.14
CA GLU J 355 -4.73 45.77 33.69
C GLU J 355 -3.85 46.80 32.98
N PRO J 356 -2.50 46.55 32.88
CA PRO J 356 -1.62 47.48 32.17
C PRO J 356 -1.93 47.68 30.70
N ARG J 357 -2.38 48.88 30.37
CA ARG J 357 -2.61 49.28 28.99
C ARG J 357 -2.32 50.77 28.86
N ILE J 358 -2.22 51.23 27.63
CA ILE J 358 -1.86 52.62 27.34
C ILE J 358 -3.13 53.39 27.02
N ILE J 359 -3.34 54.49 27.74
CA ILE J 359 -4.50 55.34 27.55
C ILE J 359 -4.10 56.49 26.63
N MET J 360 -4.81 56.61 25.52
CA MET J 360 -4.59 57.72 24.60
C MET J 360 -5.90 58.45 24.28
N MET K 1 3.60 15.86 86.56
CA MET K 1 3.98 16.48 85.30
C MET K 1 2.77 16.54 84.35
N LYS K 2 2.58 17.69 83.70
CA LYS K 2 1.38 17.95 82.92
C LYS K 2 1.75 18.34 81.49
N ALA K 3 0.74 18.76 80.73
CA ALA K 3 0.92 19.15 79.35
C ALA K 3 -0.23 20.07 78.92
N LEU K 4 0.13 21.23 78.39
CA LEU K 4 -0.81 22.13 77.75
C LEU K 4 -0.92 21.80 76.27
N ILE K 5 -2.16 21.81 75.77
CA ILE K 5 -2.44 21.53 74.37
C ILE K 5 -3.16 22.74 73.79
N LEU K 6 -2.57 23.33 72.76
CA LEU K 6 -3.20 24.38 71.98
C LEU K 6 -4.24 23.75 71.06
N VAL K 7 -5.50 24.09 71.31
CA VAL K 7 -6.62 23.30 70.80
C VAL K 7 -7.70 24.21 70.21
N GLY K 8 -7.54 25.51 70.38
CA GLY K 8 -8.68 26.41 70.40
C GLY K 8 -9.53 26.68 69.18
N GLY K 9 -9.02 27.48 68.23
CA GLY K 9 -9.96 28.13 67.35
C GLY K 9 -9.73 28.13 65.85
N TYR K 10 -10.69 27.52 65.13
CA TYR K 10 -10.97 27.61 63.68
C TYR K 10 -9.74 27.58 62.78
N GLY K 11 -9.07 26.42 62.71
CA GLY K 11 -7.97 26.22 61.79
C GLY K 11 -8.35 26.51 60.35
N THR K 12 -7.79 27.60 59.81
CA THR K 12 -8.31 28.19 58.58
C THR K 12 -7.98 27.33 57.37
N ARG K 13 -6.88 26.61 57.40
CA ARG K 13 -6.65 25.59 56.38
C ARG K 13 -7.38 24.31 56.79
N LEU K 14 -7.75 23.51 55.80
CA LEU K 14 -8.52 22.33 56.11
C LEU K 14 -9.93 22.81 56.49
N ARG K 15 -10.32 23.96 55.94
CA ARG K 15 -11.60 24.61 56.22
C ARG K 15 -12.89 23.87 55.83
N PRO K 16 -12.84 23.08 54.75
CA PRO K 16 -14.07 22.34 54.42
C PRO K 16 -14.47 21.42 55.57
N LEU K 17 -13.47 20.97 56.34
CA LEU K 17 -13.64 20.09 57.48
C LEU K 17 -13.80 20.87 58.78
N THR K 18 -13.14 22.04 58.88
CA THR K 18 -13.18 22.89 60.07
C THR K 18 -14.55 23.51 60.30
N LEU K 19 -15.33 23.73 59.24
CA LEU K 19 -16.63 24.38 59.39
C LEU K 19 -17.66 23.48 60.07
N SER K 20 -17.45 22.16 60.06
CA SER K 20 -18.39 21.24 60.70
C SER K 20 -17.98 20.88 62.12
N THR K 21 -16.82 20.27 62.27
CA THR K 21 -16.22 19.92 63.55
C THR K 21 -14.98 20.77 63.77
N PRO K 22 -14.53 20.97 65.01
CA PRO K 22 -13.25 21.63 65.23
C PRO K 22 -12.07 20.84 64.67
N LYS K 23 -10.97 21.55 64.48
CA LYS K 23 -9.77 20.98 63.86
C LYS K 23 -9.12 19.82 64.63
N PRO K 24 -9.03 19.80 65.96
CA PRO K 24 -8.53 18.57 66.62
C PRO K 24 -9.54 17.42 66.66
N LEU K 25 -10.79 17.65 66.25
CA LEU K 25 -11.82 16.64 66.26
C LEU K 25 -12.03 15.94 64.91
N VAL K 26 -11.28 16.33 63.88
CA VAL K 26 -11.39 15.63 62.60
C VAL K 26 -10.65 14.30 62.70
N ASP K 27 -11.22 13.26 62.11
CA ASP K 27 -10.64 11.93 62.27
C ASP K 27 -9.42 11.78 61.37
N PHE K 28 -8.29 11.46 61.97
CA PHE K 28 -7.05 11.18 61.26
C PHE K 28 -6.72 9.71 61.48
N CYS K 29 -6.93 8.91 60.43
CA CYS K 29 -6.82 7.45 60.44
C CYS K 29 -7.71 6.83 61.51
N ASN K 30 -9.02 7.09 61.35
CA ASN K 30 -10.12 6.52 62.15
C ASN K 30 -10.02 6.89 63.62
N LYS K 31 -9.46 8.06 63.91
CA LYS K 31 -9.28 8.54 65.28
C LYS K 31 -9.08 10.04 65.21
N PRO K 32 -9.69 10.82 66.09
CA PRO K 32 -9.40 12.26 66.12
C PRO K 32 -7.97 12.52 66.52
N ILE K 33 -7.48 13.68 66.07
CA ILE K 33 -6.08 14.05 66.24
C ILE K 33 -5.74 14.28 67.71
N LEU K 34 -6.70 14.82 68.46
CA LEU K 34 -6.51 15.03 69.89
C LEU K 34 -6.46 13.72 70.65
N LEU K 35 -7.20 12.69 70.21
CA LEU K 35 -7.11 11.39 70.89
C LEU K 35 -5.76 10.74 70.67
N HIS K 36 -5.14 10.98 69.50
CA HIS K 36 -3.76 10.58 69.24
C HIS K 36 -2.81 11.24 70.23
N GLN K 37 -2.95 12.56 70.41
CA GLN K 37 -2.01 13.28 71.27
C GLN K 37 -2.20 12.96 72.76
N VAL K 38 -3.45 12.92 73.23
CA VAL K 38 -3.71 12.56 74.63
C VAL K 38 -3.44 11.07 74.89
N GLU K 39 -3.64 10.20 73.90
CA GLU K 39 -3.31 8.79 74.00
C GLU K 39 -1.80 8.60 74.19
N ALA K 40 -1.00 9.33 73.41
CA ALA K 40 0.45 9.29 73.58
C ALA K 40 0.90 9.95 74.89
N LEU K 41 0.17 10.97 75.33
CA LEU K 41 0.52 11.64 76.59
C LEU K 41 0.23 10.75 77.79
N ALA K 42 -0.83 9.95 77.72
CA ALA K 42 -1.12 8.98 78.77
C ALA K 42 -0.20 7.77 78.70
N ALA K 43 0.30 7.44 77.51
CA ALA K 43 1.40 6.49 77.42
C ALA K 43 2.68 7.05 78.05
N ALA K 44 2.87 8.37 78.00
CA ALA K 44 4.05 8.97 78.63
C ALA K 44 3.94 8.94 80.15
N GLY K 45 2.74 8.98 80.68
CA GLY K 45 2.53 9.04 82.11
C GLY K 45 2.16 10.41 82.64
N VAL K 46 1.70 11.32 81.78
CA VAL K 46 1.29 12.64 82.24
C VAL K 46 -0.01 12.52 83.01
N ASP K 47 0.02 13.00 84.24
CA ASP K 47 -1.04 13.10 85.22
C ASP K 47 -2.34 13.67 84.67
N HIS K 48 -2.29 14.88 84.14
CA HIS K 48 -3.46 15.56 83.63
C HIS K 48 -3.03 16.49 82.51
N VAL K 49 -3.86 16.58 81.48
CA VAL K 49 -3.55 17.35 80.29
C VAL K 49 -4.60 18.44 80.16
N ILE K 50 -4.13 19.67 80.02
CA ILE K 50 -4.96 20.84 80.01
C ILE K 50 -4.99 21.35 78.58
N LEU K 51 -6.18 21.64 78.07
CA LEU K 51 -6.33 22.07 76.69
C LEU K 51 -7.04 23.41 76.72
N ALA K 52 -6.61 24.32 75.86
CA ALA K 52 -7.09 25.70 76.00
C ALA K 52 -7.88 26.13 74.77
N VAL K 53 -9.20 26.29 74.94
CA VAL K 53 -10.12 26.57 73.85
C VAL K 53 -10.56 28.02 73.90
N SER K 54 -10.60 28.67 72.73
CA SER K 54 -11.24 29.97 72.57
C SER K 54 -12.56 29.89 71.84
N TYR K 55 -12.64 29.09 70.79
CA TYR K 55 -13.91 28.79 70.15
C TYR K 55 -14.79 28.02 71.14
N MET K 56 -16.05 28.45 71.29
CA MET K 56 -17.02 27.60 71.97
C MET K 56 -17.22 26.27 71.27
N SER K 57 -16.76 25.22 71.94
CA SER K 57 -16.74 23.86 71.42
C SER K 57 -17.34 22.96 72.49
N GLN K 58 -18.67 22.86 72.46
CA GLN K 58 -19.36 22.03 73.43
C GLN K 58 -19.22 20.55 73.10
N VAL K 59 -19.13 20.22 71.81
CA VAL K 59 -18.89 18.84 71.39
C VAL K 59 -17.48 18.40 71.78
N LEU K 60 -16.53 19.33 71.84
CA LEU K 60 -15.20 19.01 72.32
C LEU K 60 -15.18 18.79 73.83
N GLU K 61 -15.85 19.68 74.61
CA GLU K 61 -16.19 19.43 76.02
C GLU K 61 -16.75 18.03 76.23
N LYS K 62 -17.66 17.61 75.36
CA LYS K 62 -18.41 16.36 75.47
C LYS K 62 -17.51 15.14 75.26
N GLU K 63 -16.77 15.11 74.13
CA GLU K 63 -15.84 13.99 73.90
C GLU K 63 -14.64 14.05 74.85
N MET K 64 -14.34 15.21 75.43
CA MET K 64 -13.22 15.27 76.36
C MET K 64 -13.60 14.83 77.77
N LYS K 65 -14.87 15.00 78.20
CA LYS K 65 -15.24 14.35 79.45
C LYS K 65 -15.45 12.84 79.28
N ALA K 66 -15.88 12.41 78.07
CA ALA K 66 -15.89 10.98 77.77
C ALA K 66 -14.47 10.39 77.75
N GLN K 67 -13.52 11.12 77.18
CA GLN K 67 -12.12 10.68 77.18
C GLN K 67 -11.49 10.83 78.55
N GLU K 68 -11.99 11.76 79.37
CA GLU K 68 -11.54 11.90 80.75
C GLU K 68 -11.90 10.67 81.57
N GLN K 69 -13.10 10.13 81.37
CA GLN K 69 -13.36 8.88 82.06
C GLN K 69 -12.85 7.66 81.30
N ARG K 70 -12.43 7.83 80.06
CA ARG K 70 -11.87 6.70 79.32
C ARG K 70 -10.44 6.40 79.74
N LEU K 71 -9.56 7.41 79.67
CA LEU K 71 -8.12 7.18 79.80
C LEU K 71 -7.60 7.19 81.23
N GLY K 72 -8.40 7.59 82.21
CA GLY K 72 -7.96 7.60 83.60
C GLY K 72 -7.16 8.80 84.02
N ILE K 73 -6.93 9.75 83.12
CA ILE K 73 -6.21 10.98 83.45
C ILE K 73 -7.21 12.13 83.44
N ARG K 74 -6.99 13.10 84.33
CA ARG K 74 -7.85 14.26 84.40
C ARG K 74 -7.64 15.16 83.19
N ILE K 75 -8.69 15.88 82.81
CA ILE K 75 -8.67 16.85 81.71
C ILE K 75 -9.18 18.18 82.27
N SER K 76 -8.38 19.22 82.16
CA SER K 76 -8.78 20.56 82.59
C SER K 76 -9.03 21.43 81.37
N MET K 77 -10.07 22.27 81.43
CA MET K 77 -10.50 23.03 80.27
C MET K 77 -10.35 24.53 80.55
N SER K 78 -9.31 25.15 80.01
CA SER K 78 -9.19 26.61 80.04
C SER K 78 -10.05 27.23 78.94
N HIS K 79 -10.94 28.14 79.31
CA HIS K 79 -11.85 28.77 78.37
C HIS K 79 -11.48 30.23 78.14
N GLU K 80 -11.44 30.62 76.87
CA GLU K 80 -11.14 31.98 76.47
C GLU K 80 -12.35 32.54 75.74
N GLU K 81 -12.73 33.78 76.09
CA GLU K 81 -13.83 34.48 75.44
C GLU K 81 -13.42 35.10 74.10
N GLU K 82 -12.31 35.85 74.02
CA GLU K 82 -11.90 36.20 72.67
C GLU K 82 -10.52 35.56 72.42
N PRO K 83 -10.07 35.42 71.16
CA PRO K 83 -8.79 34.72 70.87
C PRO K 83 -7.58 35.26 71.61
N LEU K 84 -6.96 34.41 72.40
CA LEU K 84 -5.70 34.73 73.05
C LEU K 84 -4.49 34.23 72.27
N GLY K 85 -4.72 33.67 71.09
CA GLY K 85 -3.62 33.21 70.26
C GLY K 85 -3.03 31.91 70.75
N THR K 86 -1.70 31.83 70.77
CA THR K 86 -1.03 30.64 71.24
C THR K 86 -0.09 30.88 72.42
N ALA K 87 0.24 32.12 72.75
CA ALA K 87 0.97 32.40 73.99
C ALA K 87 0.04 32.78 75.13
N GLY K 88 -1.02 33.54 74.86
CA GLY K 88 -2.09 33.81 75.81
C GLY K 88 -2.72 32.62 76.55
N PRO K 89 -2.95 31.48 75.87
CA PRO K 89 -3.34 30.27 76.60
C PRO K 89 -2.35 29.76 77.65
N LEU K 90 -1.07 30.10 77.52
CA LEU K 90 -0.14 29.80 78.60
C LEU K 90 -0.38 30.73 79.77
N ALA K 91 -0.76 31.98 79.49
CA ALA K 91 -0.95 32.98 80.52
C ALA K 91 -2.28 32.87 81.22
N LEU K 92 -3.29 32.27 80.57
CA LEU K 92 -4.59 32.19 81.21
C LEU K 92 -4.62 31.06 82.23
N ALA K 93 -3.98 29.95 81.90
CA ALA K 93 -3.89 28.78 82.77
C ALA K 93 -2.64 28.82 83.63
N ARG K 94 -2.12 30.00 83.92
CA ARG K 94 -0.78 30.17 84.43
C ARG K 94 -0.65 29.86 85.92
N ASP K 95 -1.73 30.02 86.70
CA ASP K 95 -1.67 29.69 88.12
C ASP K 95 -1.70 28.18 88.34
N LEU K 96 -2.21 27.41 87.37
CA LEU K 96 -2.17 25.96 87.48
C LEU K 96 -0.82 25.40 87.06
N LEU K 97 -0.17 26.00 86.07
CA LEU K 97 1.18 25.54 85.77
C LEU K 97 2.24 26.19 86.66
N SER K 98 1.84 27.16 87.50
CA SER K 98 2.71 27.66 88.55
C SER K 98 2.58 26.88 89.85
N GLU K 99 1.60 25.99 89.98
CA GLU K 99 1.45 25.25 91.23
C GLU K 99 2.60 24.29 91.50
N THR K 100 3.20 23.72 90.48
CA THR K 100 4.31 22.79 90.67
C THR K 100 5.46 23.22 89.80
N ALA K 101 6.66 23.29 90.38
CA ALA K 101 7.86 23.66 89.63
C ALA K 101 8.42 22.42 88.93
N ASP K 102 7.67 21.94 87.94
CA ASP K 102 8.04 20.96 86.92
C ASP K 102 8.17 21.60 85.56
N PRO K 103 9.05 21.08 84.70
CA PRO K 103 8.92 21.37 83.27
C PRO K 103 7.67 20.71 82.70
N PHE K 104 6.98 21.42 81.82
CA PHE K 104 5.73 20.93 81.25
C PHE K 104 5.82 20.89 79.74
N PHE K 105 5.07 19.97 79.14
CA PHE K 105 4.91 19.98 77.69
C PHE K 105 3.90 21.05 77.29
N VAL K 106 4.13 21.66 76.15
CA VAL K 106 3.10 22.40 75.44
C VAL K 106 3.15 22.01 73.96
N LEU K 107 1.98 21.70 73.42
CA LEU K 107 1.85 20.94 72.18
C LEU K 107 0.93 21.65 71.20
N ASN K 108 1.23 21.51 69.92
CA ASN K 108 0.32 21.90 68.86
C ASN K 108 -0.49 20.68 68.45
N SER K 109 -1.76 20.89 68.12
CA SER K 109 -2.58 19.72 67.81
C SER K 109 -2.33 19.22 66.39
N ASP K 110 -2.06 20.12 65.44
CA ASP K 110 -1.94 19.74 64.03
C ASP K 110 -0.70 18.91 63.71
N VAL K 111 0.20 18.69 64.67
CA VAL K 111 1.36 17.87 64.42
C VAL K 111 1.04 16.42 64.77
N ILE K 112 1.23 15.52 63.80
CA ILE K 112 1.20 14.09 64.05
C ILE K 112 2.58 13.52 63.75
N CYS K 113 3.08 12.71 64.68
CA CYS K 113 4.44 12.16 64.62
C CYS K 113 4.53 11.02 65.60
N ASP K 114 5.71 10.40 65.66
CA ASP K 114 6.03 9.45 66.71
C ASP K 114 6.59 10.21 67.90
N PHE K 115 5.81 10.29 68.98
CA PHE K 115 6.08 11.24 70.06
C PHE K 115 7.15 10.71 71.00
N PRO K 116 8.35 11.31 71.05
CA PRO K 116 9.40 10.89 71.99
C PRO K 116 9.35 11.70 73.28
N PHE K 117 8.37 11.40 74.14
CA PHE K 117 8.11 12.23 75.31
C PHE K 117 9.20 12.08 76.37
N GLN K 118 9.48 10.84 76.78
CA GLN K 118 10.48 10.60 77.83
C GLN K 118 11.90 10.85 77.35
N ALA K 119 12.17 10.67 76.05
CA ALA K 119 13.46 11.08 75.49
C ALA K 119 13.63 12.59 75.54
N MET K 120 12.53 13.33 75.33
CA MET K 120 12.55 14.79 75.46
C MET K 120 12.73 15.21 76.91
N VAL K 121 12.15 14.44 77.85
CA VAL K 121 12.36 14.68 79.28
C VAL K 121 13.81 14.47 79.67
N GLN K 122 14.43 13.40 79.14
CA GLN K 122 15.84 13.14 79.40
C GLN K 122 16.74 14.21 78.80
N PHE K 123 16.39 14.69 77.59
CA PHE K 123 17.13 15.77 76.95
C PHE K 123 17.00 17.08 77.72
N HIS K 124 15.80 17.37 78.22
CA HIS K 124 15.57 18.60 78.98
C HIS K 124 16.25 18.55 80.34
N ARG K 125 16.34 17.37 80.95
CA ARG K 125 17.08 17.24 82.20
C ARG K 125 18.58 17.30 81.97
N HIS K 126 19.04 16.83 80.80
CA HIS K 126 20.48 16.85 80.52
C HIS K 126 20.97 18.26 80.21
N HIS K 127 20.23 19.01 79.37
CA HIS K 127 20.74 20.34 79.04
C HIS K 127 20.49 21.34 80.17
N GLY K 128 19.44 21.13 80.95
CA GLY K 128 19.28 21.83 82.22
C GLY K 128 18.92 23.29 82.18
N GLN K 129 18.35 23.76 81.08
CA GLN K 129 18.00 25.16 80.94
C GLN K 129 16.51 25.32 80.71
N GLU K 130 16.15 26.52 80.29
CA GLU K 130 14.78 27.01 80.42
C GLU K 130 13.80 26.32 79.48
N GLY K 131 14.03 26.38 78.17
CA GLY K 131 13.10 25.82 77.20
C GLY K 131 13.76 24.89 76.20
N SER K 132 13.07 23.80 75.87
CA SER K 132 13.53 22.81 74.91
C SER K 132 12.56 22.72 73.75
N ILE K 133 13.10 22.73 72.52
CA ILE K 133 12.30 22.73 71.30
C ILE K 133 12.50 21.39 70.59
N LEU K 134 11.43 20.85 69.98
CA LEU K 134 11.60 19.74 69.05
C LEU K 134 11.77 20.25 67.63
N VAL K 135 12.78 19.75 66.92
CA VAL K 135 13.04 20.13 65.54
C VAL K 135 13.06 18.88 64.68
N THR K 136 12.91 19.08 63.37
CA THR K 136 12.86 18.00 62.40
C THR K 136 13.33 18.52 61.04
N LYS K 137 13.61 17.57 60.14
CA LYS K 137 14.04 17.86 58.77
C LYS K 137 12.88 18.26 57.87
N VAL K 138 13.23 18.77 56.68
CA VAL K 138 12.31 19.13 55.62
C VAL K 138 13.04 19.00 54.29
N GLU K 139 12.28 18.92 53.20
CA GLU K 139 12.91 18.89 51.88
C GLU K 139 12.94 20.27 51.21
N GLU K 140 11.93 21.12 51.43
CA GLU K 140 12.01 22.52 51.00
C GLU K 140 12.13 23.42 52.22
N PRO K 141 13.29 24.07 52.43
CA PRO K 141 13.39 25.05 53.52
C PRO K 141 12.66 26.35 53.23
N SER K 142 12.23 26.58 51.99
CA SER K 142 11.60 27.83 51.54
C SER K 142 10.13 27.94 51.93
N LYS K 143 9.64 27.05 52.80
CA LYS K 143 8.26 27.08 53.25
C LYS K 143 8.10 27.35 54.74
N TYR K 144 9.09 27.05 55.57
CA TYR K 144 8.93 27.06 57.02
C TYR K 144 10.12 27.77 57.66
N GLY K 145 9.94 28.24 58.88
CA GLY K 145 11.00 28.97 59.56
C GLY K 145 12.11 28.06 60.05
N VAL K 146 13.35 28.48 59.83
CA VAL K 146 14.50 27.66 60.07
C VAL K 146 15.14 28.03 61.40
N VAL K 147 15.80 27.06 62.02
CA VAL K 147 16.37 27.23 63.35
C VAL K 147 17.71 26.50 63.44
N VAL K 148 18.78 27.22 63.83
CA VAL K 148 20.14 26.71 63.72
C VAL K 148 20.47 25.83 64.91
N CYS K 149 21.35 24.85 64.69
CA CYS K 149 21.66 23.82 65.67
C CYS K 149 23.17 23.62 65.77
N GLU K 150 23.71 23.73 66.98
CA GLU K 150 25.09 23.35 67.24
C GLU K 150 25.12 21.85 67.52
N ALA K 151 26.12 21.18 66.94
CA ALA K 151 26.31 19.76 67.22
C ALA K 151 26.73 19.55 68.66
N ASP K 152 26.22 18.46 69.25
CA ASP K 152 26.53 17.87 70.56
C ASP K 152 26.01 18.68 71.74
N THR K 153 25.42 19.85 71.50
CA THR K 153 24.68 20.60 72.53
C THR K 153 23.24 20.86 72.14
N GLY K 154 22.95 21.09 70.87
CA GLY K 154 21.59 21.36 70.45
C GLY K 154 21.06 22.73 70.82
N ARG K 155 21.94 23.67 71.17
CA ARG K 155 21.48 25.00 71.55
C ARG K 155 21.11 25.82 70.31
N ILE K 156 20.15 26.71 70.49
CA ILE K 156 19.68 27.57 69.41
C ILE K 156 20.34 28.94 69.53
N HIS K 157 21.22 29.25 68.59
CA HIS K 157 21.79 30.59 68.48
C HIS K 157 20.75 31.59 67.98
N ARG K 158 20.04 31.24 66.91
CA ARG K 158 19.23 32.21 66.18
C ARG K 158 17.95 31.55 65.69
N PHE K 159 16.84 32.28 65.83
CA PHE K 159 15.55 31.85 65.32
C PHE K 159 15.17 32.73 64.14
N VAL K 160 15.09 32.12 62.96
CA VAL K 160 14.76 32.82 61.72
C VAL K 160 13.37 32.37 61.29
N GLU K 161 12.45 33.32 61.20
CA GLU K 161 11.11 32.99 60.71
C GLU K 161 11.08 32.94 59.19
N LYS K 162 11.84 33.81 58.53
CA LYS K 162 11.71 33.87 57.08
C LYS K 162 12.81 33.06 56.41
N PRO K 163 12.43 32.26 55.42
CA PRO K 163 13.39 31.36 54.74
C PRO K 163 14.34 32.04 53.77
N GLN K 164 14.94 31.22 52.89
CA GLN K 164 15.44 31.58 51.54
C GLN K 164 16.84 32.18 51.64
N VAL K 165 17.48 31.98 52.80
CA VAL K 165 18.91 32.24 53.00
C VAL K 165 19.72 30.96 53.27
N PHE K 166 19.06 29.85 53.65
CA PHE K 166 19.63 28.54 53.98
C PHE K 166 20.81 28.64 54.96
N VAL K 167 20.43 29.08 56.17
CA VAL K 167 21.29 28.96 57.35
C VAL K 167 21.05 27.66 58.10
N SER K 168 19.84 27.10 58.03
CA SER K 168 19.53 25.87 58.76
C SER K 168 18.58 24.99 57.95
N ASN K 169 18.71 23.69 58.19
CA ASN K 169 17.81 22.68 57.64
C ASN K 169 16.59 22.49 58.55
N LYS K 170 16.78 22.59 59.87
CA LYS K 170 15.81 22.14 60.84
C LYS K 170 14.63 23.10 60.97
N ILE K 171 13.46 22.51 61.22
CA ILE K 171 12.18 23.17 61.33
C ILE K 171 11.60 22.86 62.70
N ASN K 172 10.92 23.84 63.28
CA ASN K 172 10.09 23.66 64.47
C ASN K 172 9.08 22.53 64.27
N ALA K 173 9.02 21.62 65.25
CA ALA K 173 8.13 20.46 65.19
C ALA K 173 6.91 20.57 66.08
N GLY K 174 6.70 21.72 66.73
CA GLY K 174 5.45 21.96 67.41
C GLY K 174 5.34 21.41 68.82
N MET K 175 6.43 20.89 69.38
CA MET K 175 6.47 20.46 70.78
C MET K 175 7.53 21.23 71.54
N TYR K 176 7.14 21.76 72.69
CA TYR K 176 8.04 22.51 73.54
C TYR K 176 7.96 21.98 74.96
N ILE K 177 9.10 21.94 75.64
CA ILE K 177 9.12 21.71 77.08
C ILE K 177 9.57 23.01 77.73
N LEU K 178 8.72 23.54 78.61
CA LEU K 178 8.94 24.87 79.16
C LEU K 178 8.98 24.83 80.69
N SER K 179 9.77 25.75 81.24
CA SER K 179 9.91 25.98 82.66
C SER K 179 8.74 26.82 83.17
N PRO K 180 8.54 26.89 84.49
CA PRO K 180 7.65 27.94 85.03
C PRO K 180 8.16 29.36 84.80
N ALA K 181 9.46 29.59 84.63
CA ALA K 181 9.91 30.97 84.49
C ALA K 181 9.64 31.51 83.07
N VAL K 182 9.46 30.61 82.10
CA VAL K 182 8.88 30.98 80.81
C VAL K 182 7.48 31.57 80.99
N LEU K 183 6.68 30.93 81.84
CA LEU K 183 5.32 31.45 82.01
C LEU K 183 5.27 32.62 82.98
N GLN K 184 6.34 32.86 83.74
CA GLN K 184 6.43 34.16 84.37
C GLN K 184 6.78 35.22 83.35
N ARG K 185 7.54 34.87 82.30
CA ARG K 185 7.78 35.85 81.22
C ARG K 185 6.53 36.10 80.39
N ILE K 186 5.58 35.18 80.37
CA ILE K 186 4.50 35.20 79.39
C ILE K 186 3.41 36.16 79.89
N GLN K 187 2.66 36.75 78.97
CA GLN K 187 1.76 37.85 79.27
C GLN K 187 0.35 37.58 78.75
N LEU K 188 -0.63 38.31 79.30
CA LEU K 188 -2.04 37.98 79.09
C LEU K 188 -2.59 38.51 77.77
N GLN K 189 -1.79 39.20 76.98
CA GLN K 189 -2.25 39.75 75.70
C GLN K 189 -2.19 38.74 74.55
N PRO K 190 -3.23 38.71 73.70
CA PRO K 190 -3.13 37.78 72.57
C PRO K 190 -1.93 38.03 71.66
N THR K 191 -0.76 37.60 72.14
CA THR K 191 0.46 37.47 71.35
C THR K 191 0.63 35.97 71.09
N SER K 192 1.34 35.62 70.04
CA SER K 192 1.73 34.24 69.84
C SER K 192 3.18 34.03 70.27
N ILE K 193 3.47 32.82 70.76
CA ILE K 193 4.74 32.55 71.43
C ILE K 193 5.88 32.46 70.42
N GLU K 194 5.61 31.92 69.24
CA GLU K 194 6.64 31.69 68.25
C GLU K 194 6.93 32.94 67.44
N LYS K 195 6.12 34.00 67.62
CA LYS K 195 6.47 35.31 67.10
C LYS K 195 7.57 35.98 67.92
N GLU K 196 7.31 36.19 69.22
CA GLU K 196 8.04 37.07 70.14
C GLU K 196 8.75 36.35 71.27
N VAL K 197 8.10 35.39 71.93
CA VAL K 197 8.60 34.89 73.20
C VAL K 197 9.73 33.89 72.97
N PHE K 198 9.59 33.02 71.98
CA PHE K 198 10.66 32.11 71.57
C PHE K 198 11.81 32.89 70.93
N PRO K 199 11.54 34.04 70.31
CA PRO K 199 12.64 34.82 69.74
C PRO K 199 13.51 35.52 70.78
N ILE K 200 12.92 35.99 71.89
CA ILE K 200 13.76 36.58 72.93
C ILE K 200 14.39 35.49 73.81
N MET K 201 13.77 34.31 73.88
CA MET K 201 14.47 33.21 74.53
C MET K 201 15.60 32.67 73.66
N ALA K 202 15.45 32.74 72.34
CA ALA K 202 16.56 32.40 71.47
C ALA K 202 17.61 33.49 71.45
N LYS K 203 17.21 34.74 71.70
CA LYS K 203 18.12 35.87 71.77
C LYS K 203 19.00 35.80 73.00
N GLU K 204 18.44 35.31 74.11
CA GLU K 204 19.20 35.01 75.31
C GLU K 204 19.94 33.67 75.22
N GLY K 205 19.77 32.92 74.14
CA GLY K 205 20.41 31.62 74.00
C GLY K 205 19.81 30.56 74.88
N GLN K 206 18.62 30.81 75.39
CA GLN K 206 18.04 30.01 76.44
C GLN K 206 17.36 28.77 75.89
N LEU K 207 17.06 28.79 74.59
CA LEU K 207 16.41 27.67 73.92
C LEU K 207 17.41 26.61 73.48
N TYR K 208 17.00 25.35 73.60
CA TYR K 208 17.78 24.22 73.09
C TYR K 208 16.88 23.41 72.18
N ALA K 209 17.48 22.59 71.31
CA ALA K 209 16.75 21.91 70.26
C ALA K 209 17.04 20.41 70.26
N MET K 210 15.96 19.62 70.26
CA MET K 210 15.97 18.15 70.19
C MET K 210 15.45 17.74 68.82
N GLU K 211 16.11 16.78 68.18
CA GLU K 211 15.82 16.42 66.81
C GLU K 211 15.01 15.13 66.73
N LEU K 212 14.00 15.12 65.88
CA LEU K 212 13.21 13.92 65.65
C LEU K 212 13.98 12.95 64.73
N GLN K 213 13.57 11.68 64.75
CA GLN K 213 14.24 10.71 63.88
C GLN K 213 13.61 10.81 62.50
N GLY K 214 12.29 10.72 62.45
CA GLY K 214 11.55 10.74 61.20
C GLY K 214 10.09 10.60 61.51
N PHE K 215 9.27 10.65 60.45
CA PHE K 215 7.80 10.64 60.54
C PHE K 215 7.33 11.82 61.40
N TRP K 216 7.48 13.00 60.82
CA TRP K 216 6.87 14.22 61.33
C TRP K 216 5.95 14.78 60.25
N MET K 217 4.77 15.24 60.65
CA MET K 217 3.96 16.01 59.71
C MET K 217 3.10 17.01 60.45
N ASP K 218 2.99 18.19 59.86
CA ASP K 218 1.98 19.18 60.23
C ASP K 218 0.84 19.02 59.24
N ILE K 219 -0.35 18.68 59.74
CA ILE K 219 -1.46 18.34 58.85
C ILE K 219 -2.55 19.40 58.94
N GLY K 220 -2.14 20.65 59.15
CA GLY K 220 -3.09 21.75 59.17
C GLY K 220 -3.76 22.03 57.83
N GLN K 221 -3.12 21.62 56.70
CA GLN K 221 -3.44 21.74 55.29
C GLN K 221 -3.96 20.41 54.74
N PRO K 222 -4.83 20.43 53.71
CA PRO K 222 -5.41 19.17 53.24
C PRO K 222 -4.46 18.28 52.45
N LYS K 223 -3.58 18.86 51.62
CA LYS K 223 -2.56 18.05 50.97
C LYS K 223 -1.55 17.54 51.99
N ASP K 224 -1.26 18.33 53.02
CA ASP K 224 -0.45 17.88 54.13
C ASP K 224 -1.18 16.84 54.98
N PHE K 225 -2.51 16.93 55.07
CA PHE K 225 -3.31 15.90 55.72
C PHE K 225 -3.18 14.57 55.00
N LEU K 226 -3.19 14.59 53.67
CA LEU K 226 -3.06 13.34 52.92
C LEU K 226 -1.63 12.80 52.97
N THR K 227 -0.64 13.69 52.96
CA THR K 227 0.75 13.25 53.08
C THR K 227 1.05 12.68 54.47
N GLY K 228 0.50 13.31 55.51
CA GLY K 228 0.65 12.77 56.85
C GLY K 228 -0.12 11.49 57.06
N MET K 229 -1.23 11.31 56.34
CA MET K 229 -1.94 10.04 56.39
C MET K 229 -1.14 8.93 55.72
N CYS K 230 -0.43 9.25 54.63
CA CYS K 230 0.49 8.31 54.01
C CYS K 230 1.63 7.93 54.95
N LEU K 231 2.22 8.92 55.61
CA LEU K 231 3.32 8.67 56.54
C LEU K 231 2.87 7.89 57.77
N PHE K 232 1.66 8.18 58.26
CA PHE K 232 1.13 7.45 59.42
C PHE K 232 0.80 6.01 59.05
N LEU K 233 0.29 5.76 57.84
CA LEU K 233 0.03 4.38 57.47
C LEU K 233 1.32 3.61 57.20
N GLN K 234 2.38 4.31 56.77
CA GLN K 234 3.69 3.68 56.65
C GLN K 234 4.26 3.29 58.02
N SER K 235 4.19 4.21 58.98
CA SER K 235 4.68 3.93 60.33
C SER K 235 3.82 2.88 61.03
N LEU K 236 2.51 2.86 60.73
CA LEU K 236 1.63 1.82 61.25
C LEU K 236 1.91 0.47 60.60
N ARG K 237 2.38 0.47 59.34
CA ARG K 237 2.80 -0.77 58.71
C ARG K 237 4.07 -1.31 59.37
N GLN K 238 5.00 -0.43 59.71
CA GLN K 238 6.23 -0.91 60.32
C GLN K 238 6.11 -1.17 61.82
N LYS K 239 5.03 -0.71 62.47
CA LYS K 239 4.87 -0.94 63.90
C LYS K 239 3.78 -1.95 64.24
N GLN K 240 2.57 -1.78 63.70
CA GLN K 240 1.48 -2.75 63.90
C GLN K 240 0.97 -3.23 62.55
N PRO K 241 1.70 -4.14 61.89
CA PRO K 241 1.32 -4.54 60.52
C PRO K 241 0.06 -5.38 60.45
N GLU K 242 -0.35 -5.99 61.55
CA GLU K 242 -1.55 -6.81 61.68
C GLU K 242 -2.80 -5.99 62.00
N ARG K 243 -2.67 -4.67 62.15
CA ARG K 243 -3.83 -3.80 62.33
C ARG K 243 -4.39 -3.27 61.02
N LEU K 244 -3.53 -3.08 60.01
CA LEU K 244 -4.02 -2.74 58.68
C LEU K 244 -4.70 -3.94 58.05
N CYS K 245 -5.84 -3.69 57.40
CA CYS K 245 -6.62 -4.76 56.83
C CYS K 245 -6.02 -5.23 55.52
N SER K 246 -5.89 -6.56 55.39
CA SER K 246 -5.29 -7.19 54.22
C SER K 246 -6.38 -7.97 53.48
N GLY K 247 -6.21 -8.13 52.18
CA GLY K 247 -7.19 -8.81 51.36
C GLY K 247 -6.75 -9.00 49.93
N PRO K 248 -7.61 -9.64 49.11
CA PRO K 248 -7.24 -9.83 47.70
C PRO K 248 -7.39 -8.57 46.87
N GLY K 249 -8.40 -7.75 47.13
CA GLY K 249 -8.59 -6.51 46.38
C GLY K 249 -8.04 -5.30 47.09
N ILE K 250 -7.06 -5.50 47.97
CA ILE K 250 -6.50 -4.43 48.78
C ILE K 250 -5.00 -4.33 48.46
N VAL K 251 -4.58 -3.13 48.07
CA VAL K 251 -3.19 -2.85 47.70
C VAL K 251 -2.60 -1.91 48.73
N GLY K 252 -1.37 -2.19 49.16
CA GLY K 252 -0.64 -1.27 50.02
C GLY K 252 -1.10 -1.29 51.47
N ASN K 253 -0.89 -0.16 52.14
CA ASN K 253 -1.22 -0.01 53.55
C ASN K 253 -2.61 0.61 53.68
N VAL K 254 -3.61 -0.19 53.98
CA VAL K 254 -5.01 0.24 54.03
C VAL K 254 -5.55 0.00 55.43
N LEU K 255 -6.07 1.04 56.06
CA LEU K 255 -6.70 0.95 57.36
C LEU K 255 -8.22 1.03 57.20
N VAL K 256 -8.91 -0.02 57.65
CA VAL K 256 -10.36 -0.11 57.52
C VAL K 256 -10.96 -0.29 58.91
N ASP K 257 -11.88 0.59 59.28
CA ASP K 257 -12.60 0.47 60.53
C ASP K 257 -13.53 -0.75 60.49
N PRO K 258 -13.77 -1.42 61.61
CA PRO K 258 -14.67 -2.60 61.61
C PRO K 258 -16.12 -2.32 61.24
N SER K 259 -16.64 -1.10 61.39
CA SER K 259 -17.97 -0.82 60.87
C SER K 259 -18.00 -0.56 59.37
N ALA K 260 -16.84 -0.35 58.74
CA ALA K 260 -16.81 -0.06 57.33
C ALA K 260 -17.12 -1.30 56.50
N ARG K 261 -17.86 -1.10 55.42
CA ARG K 261 -18.21 -2.16 54.49
C ARG K 261 -17.56 -1.87 53.15
N ILE K 262 -16.95 -2.89 52.55
CA ILE K 262 -16.30 -2.78 51.25
C ILE K 262 -16.96 -3.79 50.33
N GLY K 263 -17.44 -3.32 49.18
CA GLY K 263 -18.15 -4.18 48.26
C GLY K 263 -17.25 -5.15 47.53
N GLN K 264 -17.89 -6.01 46.76
CA GLN K 264 -17.21 -6.99 45.92
C GLN K 264 -16.48 -6.28 44.78
N ASN K 265 -15.41 -6.92 44.30
CA ASN K 265 -14.77 -6.65 43.00
C ASN K 265 -14.30 -5.20 42.84
N CYS K 266 -13.71 -4.67 43.90
CA CYS K 266 -13.25 -3.29 43.92
C CYS K 266 -11.82 -3.26 44.44
N SER K 267 -11.07 -2.26 44.00
CA SER K 267 -9.63 -2.19 44.23
C SER K 267 -9.30 -1.00 45.12
N ILE K 268 -9.16 -1.25 46.41
CA ILE K 268 -8.77 -0.23 47.36
C ILE K 268 -7.25 -0.10 47.32
N GLY K 269 -6.77 0.99 46.74
CA GLY K 269 -5.35 1.18 46.52
C GLY K 269 -4.61 1.64 47.76
N PRO K 270 -3.36 2.03 47.60
CA PRO K 270 -2.49 2.27 48.75
C PRO K 270 -2.82 3.55 49.50
N ASN K 271 -2.49 3.52 50.81
CA ASN K 271 -2.62 4.65 51.74
C ASN K 271 -4.05 5.15 51.84
N VAL K 272 -4.97 4.24 52.16
CA VAL K 272 -6.40 4.56 52.26
C VAL K 272 -6.87 4.26 53.67
N SER K 273 -7.47 5.27 54.31
CA SER K 273 -8.07 5.10 55.63
C SER K 273 -9.57 5.31 55.52
N LEU K 274 -10.32 4.23 55.73
CA LEU K 274 -11.78 4.28 55.67
C LEU K 274 -12.35 4.37 57.08
N GLY K 275 -13.24 5.33 57.30
CA GLY K 275 -13.76 5.59 58.62
C GLY K 275 -14.81 4.59 59.05
N PRO K 276 -15.36 4.81 60.23
CA PRO K 276 -16.41 3.92 60.74
C PRO K 276 -17.75 4.15 60.04
N GLY K 277 -18.33 3.09 59.53
CA GLY K 277 -19.65 3.16 58.96
C GLY K 277 -19.71 3.55 57.50
N VAL K 278 -18.58 3.60 56.81
CA VAL K 278 -18.58 3.95 55.40
C VAL K 278 -19.02 2.73 54.59
N VAL K 279 -19.63 3.00 53.44
CA VAL K 279 -20.13 1.97 52.55
C VAL K 279 -19.46 2.17 51.21
N VAL K 280 -18.49 1.32 50.90
CA VAL K 280 -17.85 1.33 49.59
C VAL K 280 -18.52 0.25 48.75
N GLU K 281 -19.07 0.67 47.63
CA GLU K 281 -19.86 -0.20 46.78
C GLU K 281 -19.00 -0.91 45.75
N ASP K 282 -19.67 -1.39 44.72
CA ASP K 282 -19.18 -2.41 43.83
C ASP K 282 -18.31 -1.77 42.75
N GLY K 283 -17.03 -2.14 42.70
CA GLY K 283 -16.17 -1.63 41.64
C GLY K 283 -15.59 -0.24 41.86
N VAL K 284 -15.41 0.19 43.11
CA VAL K 284 -14.84 1.50 43.41
C VAL K 284 -13.35 1.39 43.59
N CYS K 285 -12.58 2.22 42.88
CA CYS K 285 -11.14 2.32 43.07
C CYS K 285 -10.85 3.54 43.94
N ILE K 286 -10.19 3.32 45.08
CA ILE K 286 -9.84 4.39 46.02
C ILE K 286 -8.35 4.25 46.30
N ARG K 287 -7.58 5.27 45.94
CA ARG K 287 -6.15 5.35 46.28
C ARG K 287 -5.90 6.66 47.00
N ARG K 288 -5.04 6.64 48.02
CA ARG K 288 -4.51 7.82 48.71
C ARG K 288 -5.59 8.72 49.32
N CYS K 289 -6.77 8.20 49.62
CA CYS K 289 -7.88 9.04 50.05
C CYS K 289 -8.28 8.71 51.48
N THR K 290 -8.83 9.70 52.16
CA THR K 290 -9.33 9.58 53.53
C THR K 290 -10.84 9.74 53.50
N VAL K 291 -11.55 8.67 53.81
CA VAL K 291 -13.01 8.69 53.82
C VAL K 291 -13.47 8.70 55.27
N LEU K 292 -14.00 9.83 55.72
CA LEU K 292 -14.46 9.98 57.08
C LEU K 292 -15.79 9.26 57.27
N ARG K 293 -16.32 9.31 58.50
CA ARG K 293 -17.35 8.38 58.94
C ARG K 293 -18.70 8.65 58.26
N ASP K 294 -19.50 7.57 58.15
CA ASP K 294 -20.85 7.54 57.61
C ASP K 294 -20.94 7.97 56.14
N ALA K 295 -19.84 7.97 55.39
CA ALA K 295 -19.84 8.45 54.01
C ALA K 295 -19.98 7.29 53.05
N ARG K 296 -20.93 7.40 52.12
CA ARG K 296 -21.21 6.34 51.16
C ARG K 296 -20.63 6.71 49.80
N ILE K 297 -19.86 5.80 49.22
CA ILE K 297 -19.28 5.97 47.89
C ILE K 297 -19.89 4.92 46.99
N ARG K 298 -20.71 5.35 46.04
CA ARG K 298 -21.48 4.42 45.22
C ARG K 298 -20.59 3.82 44.13
N SER K 299 -21.20 2.96 43.32
CA SER K 299 -20.48 2.00 42.50
C SER K 299 -19.74 2.66 41.34
N HIS K 300 -18.66 1.99 40.91
CA HIS K 300 -17.85 2.34 39.74
C HIS K 300 -17.19 3.72 39.83
N SER K 301 -16.97 4.23 41.03
CA SER K 301 -16.29 5.51 41.18
C SER K 301 -14.79 5.32 41.17
N TRP K 302 -14.08 6.44 41.01
CA TRP K 302 -12.63 6.48 41.06
C TRP K 302 -12.21 7.67 41.88
N LEU K 303 -11.44 7.42 42.92
CA LEU K 303 -11.07 8.44 43.90
C LEU K 303 -9.58 8.35 44.12
N GLU K 304 -8.86 9.44 43.91
CA GLU K 304 -7.43 9.47 44.21
C GLU K 304 -7.08 10.79 44.83
N SER K 305 -6.43 10.74 46.00
CA SER K 305 -5.96 11.90 46.76
C SER K 305 -7.13 12.84 47.07
N CYS K 306 -8.01 12.37 47.96
CA CYS K 306 -9.21 13.11 48.30
C CYS K 306 -9.64 12.89 49.74
N ILE K 307 -10.35 13.87 50.28
CA ILE K 307 -10.86 13.81 51.65
C ILE K 307 -12.37 13.86 51.53
N VAL K 308 -13.04 12.77 51.86
CA VAL K 308 -14.49 12.68 51.78
C VAL K 308 -15.04 12.90 53.17
N GLY K 309 -15.87 13.91 53.33
CA GLY K 309 -16.36 14.33 54.63
C GLY K 309 -17.41 13.39 55.20
N TRP K 310 -17.97 13.81 56.32
CA TRP K 310 -18.94 13.00 57.04
C TRP K 310 -20.29 13.01 56.33
N ARG K 311 -20.89 11.81 56.21
CA ARG K 311 -22.22 11.58 55.63
C ARG K 311 -22.33 12.07 54.18
N CYS K 312 -21.26 11.90 53.43
CA CYS K 312 -21.30 12.24 52.01
C CYS K 312 -21.99 11.14 51.22
N ARG K 313 -22.34 11.47 49.98
CA ARG K 313 -22.88 10.49 49.04
C ARG K 313 -22.23 10.76 47.68
N VAL K 314 -21.12 10.10 47.43
CA VAL K 314 -20.47 10.19 46.12
C VAL K 314 -21.22 9.26 45.17
N GLY K 315 -21.70 9.81 44.06
CA GLY K 315 -22.51 9.04 43.14
C GLY K 315 -21.75 8.04 42.30
N GLN K 316 -22.39 7.53 41.27
CA GLN K 316 -21.79 6.51 40.43
C GLN K 316 -21.00 7.12 39.29
N TRP K 317 -19.90 6.46 38.91
CA TRP K 317 -18.95 6.89 37.88
C TRP K 317 -18.39 8.30 38.13
N VAL K 318 -18.20 8.67 39.39
CA VAL K 318 -17.62 9.94 39.74
C VAL K 318 -16.12 9.78 39.82
N ARG K 319 -15.39 10.68 39.16
CA ARG K 319 -13.94 10.74 39.25
C ARG K 319 -13.57 11.93 40.12
N MET K 320 -12.74 11.68 41.13
CA MET K 320 -12.27 12.73 42.02
C MET K 320 -10.75 12.62 42.12
N GLU K 321 -10.05 13.72 41.86
CA GLU K 321 -8.59 13.74 41.95
C GLU K 321 -8.16 15.13 42.40
N ASN K 322 -6.88 15.29 42.72
CA ASN K 322 -6.33 16.59 43.10
C ASN K 322 -6.82 17.21 44.41
N VAL K 323 -6.71 16.46 45.49
CA VAL K 323 -7.13 16.92 46.83
C VAL K 323 -8.45 17.70 46.89
N THR K 324 -9.51 17.06 46.43
CA THR K 324 -10.84 17.65 46.45
C THR K 324 -11.42 17.34 47.81
N VAL K 325 -11.56 18.33 48.69
CA VAL K 325 -12.09 18.03 50.00
C VAL K 325 -13.60 18.24 49.94
N LEU K 326 -14.36 17.21 50.28
CA LEU K 326 -15.79 17.35 50.43
C LEU K 326 -16.10 17.62 51.91
N GLY K 327 -17.01 18.54 52.16
CA GLY K 327 -17.43 18.86 53.50
C GLY K 327 -18.43 17.84 54.03
N GLU K 328 -19.15 18.24 55.07
CA GLU K 328 -20.15 17.36 55.63
C GLU K 328 -21.43 17.40 54.82
N ASP K 329 -21.93 16.20 54.49
CA ASP K 329 -23.24 15.96 53.85
C ASP K 329 -23.29 16.58 52.45
N VAL K 330 -22.34 16.16 51.61
CA VAL K 330 -22.21 16.64 50.24
C VAL K 330 -22.68 15.52 49.33
N ILE K 331 -23.66 15.80 48.48
CA ILE K 331 -24.22 14.82 47.57
C ILE K 331 -23.70 15.11 46.16
N VAL K 332 -22.72 14.34 45.71
CA VAL K 332 -22.17 14.45 44.36
C VAL K 332 -23.01 13.57 43.45
N ASN K 333 -23.53 14.16 42.38
CA ASN K 333 -24.37 13.43 41.44
C ASN K 333 -23.54 12.48 40.59
N ASP K 334 -24.22 11.66 39.81
CA ASP K 334 -23.52 10.63 39.04
C ASP K 334 -22.83 11.23 37.83
N GLU K 335 -21.73 10.57 37.43
CA GLU K 335 -20.94 10.86 36.22
C GLU K 335 -20.38 12.29 36.23
N LEU K 336 -19.75 12.65 37.34
CA LEU K 336 -19.14 13.96 37.48
C LEU K 336 -17.64 13.83 37.64
N TYR K 337 -16.95 14.94 37.45
CA TYR K 337 -15.50 14.98 37.57
C TYR K 337 -15.14 16.15 38.48
N LEU K 338 -14.40 15.87 39.54
CA LEU K 338 -13.97 16.88 40.50
C LEU K 338 -12.45 16.89 40.56
N ASN K 339 -11.86 18.05 40.30
CA ASN K 339 -10.41 18.23 40.31
C ASN K 339 -10.13 19.49 41.10
N GLY K 340 -9.72 19.34 42.36
CA GLY K 340 -9.45 20.49 43.18
C GLY K 340 -10.67 21.15 43.78
N ALA K 341 -11.83 20.51 43.68
CA ALA K 341 -13.08 21.08 44.16
C ALA K 341 -13.10 21.02 45.67
N SER K 342 -12.93 22.18 46.31
CA SER K 342 -12.95 22.25 47.76
C SER K 342 -14.37 22.66 48.12
N VAL K 343 -15.21 21.68 48.43
CA VAL K 343 -16.66 21.87 48.48
C VAL K 343 -17.08 22.10 49.92
N LEU K 344 -17.88 23.14 50.13
CA LEU K 344 -18.38 23.51 51.44
C LEU K 344 -19.47 22.53 51.89
N PRO K 345 -19.78 22.47 53.20
CA PRO K 345 -20.80 21.51 53.66
C PRO K 345 -22.21 21.81 53.15
N HIS K 346 -23.01 20.74 53.12
CA HIS K 346 -24.42 20.75 52.74
C HIS K 346 -24.64 21.26 51.32
N LYS K 347 -23.74 20.87 50.42
CA LYS K 347 -23.82 21.22 49.01
C LYS K 347 -24.28 20.01 48.22
N SER K 348 -24.91 20.27 47.08
CA SER K 348 -25.22 19.24 46.10
C SER K 348 -24.61 19.67 44.78
N ILE K 349 -23.73 18.82 44.24
CA ILE K 349 -22.99 19.13 43.02
C ILE K 349 -23.62 18.39 41.86
N GLY K 350 -23.97 19.12 40.81
CA GLY K 350 -24.52 18.52 39.62
C GLY K 350 -23.69 18.82 38.40
N GLU K 351 -22.60 19.57 38.59
CA GLU K 351 -21.72 19.98 37.52
C GLU K 351 -20.31 19.47 37.77
N SER K 352 -19.59 19.24 36.69
CA SER K 352 -18.19 18.86 36.81
C SER K 352 -17.35 20.08 37.19
N VAL K 353 -16.31 19.84 37.98
CA VAL K 353 -15.36 20.88 38.37
C VAL K 353 -14.00 20.54 37.76
N PRO K 354 -13.65 21.12 36.61
CA PRO K 354 -12.42 20.70 35.92
C PRO K 354 -11.11 21.29 36.46
N GLU K 355 -11.14 22.54 36.92
CA GLU K 355 -10.03 23.28 37.49
C GLU K 355 -10.23 23.36 39.00
N PRO K 356 -9.15 23.52 39.80
CA PRO K 356 -9.33 23.69 41.25
C PRO K 356 -9.99 25.00 41.67
N ARG K 357 -11.22 24.91 42.15
CA ARG K 357 -11.95 26.08 42.62
C ARG K 357 -12.82 25.66 43.81
N ILE K 358 -13.30 26.66 44.53
CA ILE K 358 -14.08 26.45 45.75
C ILE K 358 -15.55 26.52 45.40
N ILE K 359 -16.31 25.51 45.80
CA ILE K 359 -17.74 25.45 45.58
C ILE K 359 -18.44 25.81 46.87
N MET K 360 -19.16 26.93 46.88
CA MET K 360 -19.95 27.31 48.04
C MET K 360 -21.43 27.38 47.69
N MET L 1 -56.59 32.41 61.91
CA MET L 1 -55.82 32.25 60.68
C MET L 1 -54.33 32.18 60.98
N LYS L 2 -53.67 31.14 60.46
CA LYS L 2 -52.28 30.85 60.76
C LYS L 2 -51.42 31.08 59.53
N ALA L 3 -50.10 31.03 59.75
CA ALA L 3 -49.13 31.26 58.70
C ALA L 3 -47.88 30.44 58.96
N LEU L 4 -47.48 29.66 57.95
CA LEU L 4 -46.24 28.91 58.00
C LEU L 4 -45.12 29.70 57.33
N ILE L 5 -43.97 29.74 58.00
CA ILE L 5 -42.75 30.35 57.48
C ILE L 5 -41.75 29.23 57.25
N LEU L 6 -41.17 29.22 56.04
CA LEU L 6 -40.11 28.28 55.74
C LEU L 6 -38.78 28.91 56.11
N VAL L 7 -38.15 28.40 57.16
CA VAL L 7 -36.88 28.91 57.63
C VAL L 7 -36.14 27.72 58.18
N GLY L 8 -35.89 26.74 57.31
CA GLY L 8 -35.25 25.50 57.69
C GLY L 8 -33.78 25.58 58.04
N GLY L 9 -32.96 25.87 57.03
CA GLY L 9 -31.53 25.96 57.25
C GLY L 9 -30.67 26.29 56.04
N TYR L 10 -29.40 26.56 56.35
CA TYR L 10 -28.35 26.90 55.40
C TYR L 10 -28.70 27.44 54.01
N GLY L 11 -28.89 28.75 53.91
CA GLY L 11 -29.14 29.38 52.62
C GLY L 11 -27.82 29.13 51.94
N THR L 12 -27.79 28.40 50.83
CA THR L 12 -26.48 28.14 50.22
C THR L 12 -25.83 29.43 49.72
N ARG L 13 -26.60 30.23 49.00
CA ARG L 13 -26.09 31.46 48.46
C ARG L 13 -25.77 32.37 49.64
N LEU L 14 -24.97 33.39 49.40
CA LEU L 14 -24.56 34.32 50.45
C LEU L 14 -23.98 33.54 51.63
N ARG L 15 -23.30 32.46 51.29
CA ARG L 15 -22.65 31.54 52.21
C ARG L 15 -21.75 32.18 53.28
N PRO L 16 -20.98 33.27 53.03
CA PRO L 16 -20.22 33.84 54.16
C PRO L 16 -21.06 34.44 55.28
N LEU L 17 -22.31 34.81 55.02
CA LEU L 17 -23.17 35.26 56.11
C LEU L 17 -23.92 34.11 56.76
N THR L 18 -24.31 33.10 55.97
CA THR L 18 -25.08 31.97 56.47
C THR L 18 -24.21 31.04 57.34
N LEU L 19 -22.89 31.07 57.16
CA LEU L 19 -22.01 30.21 57.95
C LEU L 19 -21.93 30.65 59.41
N SER L 20 -22.30 31.89 59.72
CA SER L 20 -22.14 32.43 61.06
C SER L 20 -23.47 32.39 61.83
N THR L 21 -24.50 33.00 61.27
CA THR L 21 -25.86 32.93 61.79
C THR L 21 -26.76 32.39 60.68
N PRO L 22 -27.95 31.87 61.01
CA PRO L 22 -28.86 31.41 59.94
C PRO L 22 -29.32 32.52 58.99
N LYS L 23 -29.77 32.07 57.82
CA LYS L 23 -30.21 32.98 56.76
C LYS L 23 -31.39 33.89 57.11
N PRO L 24 -32.44 33.48 57.85
CA PRO L 24 -33.44 34.49 58.26
C PRO L 24 -32.97 35.41 59.39
N LEU L 25 -31.82 35.16 59.99
CA LEU L 25 -31.31 35.95 61.10
C LEU L 25 -30.28 36.98 60.70
N VAL L 26 -29.88 37.02 59.43
CA VAL L 26 -28.96 38.07 58.99
C VAL L 26 -29.72 39.39 58.92
N ASP L 27 -28.98 40.48 59.05
CA ASP L 27 -29.58 41.77 59.31
C ASP L 27 -29.84 42.46 57.96
N PHE L 28 -31.12 42.64 57.62
CA PHE L 28 -31.50 43.32 56.37
C PHE L 28 -32.13 44.65 56.72
N CYS L 29 -31.37 45.71 56.48
CA CYS L 29 -31.68 47.09 56.86
C CYS L 29 -31.93 47.17 58.38
N ASN L 30 -30.92 46.72 59.15
CA ASN L 30 -30.83 46.79 60.62
C ASN L 30 -31.93 46.03 61.35
N LYS L 31 -32.39 44.93 60.73
CA LYS L 31 -33.46 44.09 61.23
C LYS L 31 -33.38 42.76 60.48
N PRO L 32 -33.53 41.63 61.16
CA PRO L 32 -33.63 40.35 60.44
C PRO L 32 -34.89 40.26 59.59
N ILE L 33 -34.77 39.48 58.50
CA ILE L 33 -35.86 39.36 57.51
C ILE L 33 -37.05 38.63 58.12
N LEU L 34 -36.77 37.69 59.03
CA LEU L 34 -37.84 37.03 59.78
C LEU L 34 -38.59 38.00 60.68
N LEU L 35 -37.90 39.01 61.24
CA LEU L 35 -38.62 40.02 62.01
C LEU L 35 -39.47 40.90 61.11
N HIS L 36 -38.99 41.20 59.89
CA HIS L 36 -39.79 41.91 58.88
C HIS L 36 -41.06 41.13 58.56
N GLN L 37 -40.93 39.82 58.32
CA GLN L 37 -42.05 38.99 57.92
C GLN L 37 -43.06 38.79 59.05
N VAL L 38 -42.60 38.46 60.26
CA VAL L 38 -43.55 38.31 61.36
C VAL L 38 -44.07 39.65 61.85
N GLU L 39 -43.37 40.75 61.56
CA GLU L 39 -43.82 42.09 61.91
C GLU L 39 -44.99 42.49 61.01
N ALA L 40 -44.84 42.27 59.69
CA ALA L 40 -45.95 42.48 58.76
C ALA L 40 -47.07 41.46 58.97
N LEU L 41 -46.73 40.27 59.48
CA LEU L 41 -47.72 39.23 59.67
C LEU L 41 -48.58 39.50 60.90
N ALA L 42 -48.00 40.12 61.93
CA ALA L 42 -48.79 40.62 63.04
C ALA L 42 -49.50 41.92 62.72
N ALA L 43 -48.99 42.70 61.76
CA ALA L 43 -49.77 43.80 61.21
C ALA L 43 -50.98 43.31 60.43
N ALA L 44 -50.88 42.12 59.84
CA ALA L 44 -52.02 41.53 59.13
C ALA L 44 -53.11 41.08 60.11
N GLY L 45 -52.71 40.64 61.29
CA GLY L 45 -53.64 40.08 62.25
C GLY L 45 -53.58 38.58 62.40
N VAL L 46 -52.52 37.93 61.90
CA VAL L 46 -52.37 36.49 62.10
C VAL L 46 -52.05 36.22 63.56
N ASP L 47 -52.89 35.40 64.15
CA ASP L 47 -52.95 34.90 65.52
C ASP L 47 -51.64 34.29 66.02
N HIS L 48 -51.18 33.24 65.35
CA HIS L 48 -49.90 32.63 65.65
C HIS L 48 -49.24 32.20 64.34
N VAL L 49 -47.92 32.37 64.26
CA VAL L 49 -47.11 31.90 63.15
C VAL L 49 -46.45 30.60 63.57
N ILE L 50 -46.00 29.82 62.58
CA ILE L 50 -45.33 28.55 62.81
C ILE L 50 -44.11 28.51 61.88
N LEU L 51 -42.96 28.10 62.41
CA LEU L 51 -41.67 28.24 61.74
C LEU L 51 -41.00 26.88 61.63
N ALA L 52 -40.71 26.45 60.41
CA ALA L 52 -40.25 25.07 60.22
C ALA L 52 -38.75 24.99 59.97
N VAL L 53 -38.00 24.45 60.95
CA VAL L 53 -36.54 24.45 60.95
C VAL L 53 -35.96 23.04 60.99
N SER L 54 -35.15 22.71 59.98
CA SER L 54 -34.31 21.50 60.03
C SER L 54 -32.99 21.71 60.72
N TYR L 55 -32.29 22.79 60.41
CA TYR L 55 -31.06 23.12 61.11
C TYR L 55 -31.37 23.44 62.57
N MET L 56 -30.64 22.82 63.50
CA MET L 56 -30.69 23.29 64.88
C MET L 56 -30.19 24.71 65.00
N SER L 57 -31.07 25.56 65.53
CA SER L 57 -30.85 26.98 65.58
C SER L 57 -31.34 27.41 66.96
N GLN L 58 -30.46 27.28 67.96
CA GLN L 58 -30.83 27.62 69.33
C GLN L 58 -30.87 29.12 69.51
N VAL L 59 -30.02 29.84 68.77
CA VAL L 59 -30.06 31.30 68.79
C VAL L 59 -31.33 31.80 68.10
N LEU L 60 -31.86 31.05 67.13
CA LEU L 60 -33.11 31.44 66.50
C LEU L 60 -34.31 31.17 67.38
N GLU L 61 -34.33 30.04 68.12
CA GLU L 61 -35.40 29.84 69.11
C GLU L 61 -35.33 30.87 70.23
N LYS L 62 -34.11 31.26 70.63
CA LYS L 62 -33.92 32.33 71.61
C LYS L 62 -34.51 33.65 71.10
N GLU L 63 -34.18 34.02 69.84
CA GLU L 63 -34.68 35.25 69.25
C GLU L 63 -36.19 35.21 69.03
N MET L 64 -36.73 34.06 68.61
CA MET L 64 -38.16 33.99 68.33
C MET L 64 -38.99 33.82 69.59
N LYS L 65 -38.40 33.37 70.70
CA LYS L 65 -39.20 33.26 71.89
C LYS L 65 -39.19 34.58 72.66
N ALA L 66 -38.08 35.34 72.54
CA ALA L 66 -38.11 36.75 72.92
C ALA L 66 -39.05 37.56 72.01
N GLN L 67 -39.15 37.20 70.73
CA GLN L 67 -39.96 37.99 69.79
C GLN L 67 -41.44 37.64 69.92
N GLU L 68 -41.72 36.36 70.23
CA GLU L 68 -43.05 35.90 70.63
C GLU L 68 -43.56 36.64 71.85
N GLN L 69 -42.71 36.86 72.86
CA GLN L 69 -43.20 37.65 74.00
C GLN L 69 -43.15 39.16 73.71
N ARG L 70 -42.36 39.58 72.71
CA ARG L 70 -42.24 41.00 72.41
C ARG L 70 -43.48 41.52 71.70
N LEU L 71 -44.02 40.74 70.78
CA LEU L 71 -45.00 41.26 69.83
C LEU L 71 -46.45 40.95 70.19
N GLY L 72 -46.73 39.85 70.90
CA GLY L 72 -48.08 39.55 71.33
C GLY L 72 -48.75 38.39 70.63
N ILE L 73 -48.18 37.90 69.53
CA ILE L 73 -48.68 36.71 68.86
C ILE L 73 -47.86 35.52 69.32
N ARG L 74 -48.49 34.35 69.29
CA ARG L 74 -47.78 33.14 69.71
C ARG L 74 -46.91 32.65 68.56
N ILE L 75 -45.88 31.88 68.90
CA ILE L 75 -44.99 31.29 67.90
C ILE L 75 -44.80 29.83 68.25
N SER L 76 -45.33 28.94 67.42
CA SER L 76 -45.06 27.51 67.54
C SER L 76 -43.86 27.15 66.68
N MET L 77 -43.21 26.04 67.00
CA MET L 77 -41.82 25.81 66.64
C MET L 77 -41.74 24.43 65.98
N SER L 78 -41.87 24.36 64.66
CA SER L 78 -41.81 23.07 63.97
C SER L 78 -40.38 22.58 63.88
N HIS L 79 -40.08 21.42 64.46
CA HIS L 79 -38.70 20.99 64.60
C HIS L 79 -38.44 19.73 63.79
N GLU L 80 -37.37 19.74 63.01
CA GLU L 80 -37.07 18.60 62.17
C GLU L 80 -35.60 18.22 62.24
N GLU L 81 -35.32 16.92 62.14
CA GLU L 81 -33.97 16.43 62.17
C GLU L 81 -33.36 16.37 60.77
N GLU L 82 -33.97 15.59 59.89
CA GLU L 82 -33.49 15.43 58.53
C GLU L 82 -34.14 16.48 57.65
N PRO L 83 -33.35 17.08 56.73
CA PRO L 83 -33.84 18.12 55.83
C PRO L 83 -35.12 17.65 55.14
N LEU L 84 -36.21 18.36 55.39
CA LEU L 84 -37.49 17.90 54.88
C LEU L 84 -37.93 18.67 53.64
N GLY L 85 -37.11 19.60 53.16
CA GLY L 85 -37.39 20.32 51.93
C GLY L 85 -38.32 21.49 52.11
N THR L 86 -39.22 21.69 51.15
CA THR L 86 -40.18 22.77 51.21
C THR L 86 -41.64 22.33 51.31
N ALA L 87 -41.97 21.09 50.94
CA ALA L 87 -43.33 20.59 51.11
C ALA L 87 -43.51 19.83 52.42
N GLY L 88 -42.57 18.93 52.71
CA GLY L 88 -42.42 18.25 53.98
C GLY L 88 -42.62 19.06 55.25
N PRO L 89 -42.11 20.30 55.32
CA PRO L 89 -42.50 21.18 56.44
C PRO L 89 -43.98 21.47 56.58
N LEU L 90 -44.78 21.45 55.51
CA LEU L 90 -46.22 21.56 55.75
C LEU L 90 -46.79 20.27 56.29
N ALA L 91 -46.20 19.14 55.89
CA ALA L 91 -46.71 17.84 56.32
C ALA L 91 -46.21 17.43 57.69
N LEU L 92 -45.17 18.06 58.25
CA LEU L 92 -44.88 17.81 59.66
C LEU L 92 -45.80 18.61 60.56
N ALA L 93 -46.06 19.87 60.22
CA ALA L 93 -46.97 20.72 60.98
C ALA L 93 -48.40 20.57 60.48
N ARG L 94 -48.73 19.34 60.13
CA ARG L 94 -49.94 18.92 59.43
C ARG L 94 -51.20 19.03 60.27
N ASP L 95 -51.22 18.36 61.41
CA ASP L 95 -52.40 18.27 62.25
C ASP L 95 -52.80 19.60 62.85
N LEU L 96 -51.85 20.52 62.98
CA LEU L 96 -52.13 21.83 63.54
C LEU L 96 -52.77 22.76 62.51
N LEU L 97 -52.34 22.67 61.25
CA LEU L 97 -53.04 23.35 60.16
C LEU L 97 -54.32 22.64 59.77
N SER L 98 -54.50 21.39 60.21
CA SER L 98 -55.77 20.70 60.07
C SER L 98 -56.77 21.03 61.18
N GLU L 99 -56.34 21.70 62.26
CA GLU L 99 -57.21 22.00 63.40
C GLU L 99 -58.33 22.96 63.05
N THR L 100 -58.10 23.87 62.11
CA THR L 100 -59.13 24.81 61.68
C THR L 100 -59.15 24.83 60.16
N ALA L 101 -60.34 24.60 59.59
CA ALA L 101 -60.52 24.63 58.14
C ALA L 101 -60.61 26.08 57.69
N ASP L 102 -59.43 26.68 57.49
CA ASP L 102 -59.31 28.09 57.16
C ASP L 102 -58.01 28.23 56.40
N PRO L 103 -57.99 29.03 55.33
CA PRO L 103 -56.79 29.11 54.48
C PRO L 103 -55.62 29.78 55.21
N PHE L 104 -54.43 29.21 55.00
CA PHE L 104 -53.24 29.63 55.74
C PHE L 104 -52.20 30.17 54.78
N PHE L 105 -51.47 31.20 55.23
CA PHE L 105 -50.33 31.70 54.48
C PHE L 105 -49.18 30.71 54.53
N VAL L 106 -48.43 30.65 53.43
CA VAL L 106 -47.18 29.92 53.30
C VAL L 106 -46.17 30.90 52.72
N LEU L 107 -45.07 31.11 53.44
CA LEU L 107 -44.14 32.16 53.10
C LEU L 107 -42.72 31.64 53.06
N ASN L 108 -41.97 32.10 52.06
CA ASN L 108 -40.52 31.92 51.97
C ASN L 108 -39.84 33.03 52.76
N SER L 109 -38.66 32.72 53.30
CA SER L 109 -37.97 33.70 54.13
C SER L 109 -37.18 34.70 53.29
N ASP L 110 -36.66 34.26 52.15
CA ASP L 110 -35.73 35.09 51.39
C ASP L 110 -36.40 36.19 50.59
N VAL L 111 -37.72 36.26 50.56
CA VAL L 111 -38.40 37.33 49.84
C VAL L 111 -38.62 38.51 50.78
N ILE L 112 -38.18 39.70 50.37
CA ILE L 112 -38.59 40.94 50.99
C ILE L 112 -39.36 41.74 49.95
N CYS L 113 -40.53 42.22 50.36
CA CYS L 113 -41.42 42.99 49.49
C CYS L 113 -42.34 43.80 50.37
N ASP L 114 -43.29 44.43 49.72
CA ASP L 114 -44.33 45.16 50.43
C ASP L 114 -45.56 44.26 50.49
N PHE L 115 -45.84 43.71 51.68
CA PHE L 115 -46.69 42.53 51.80
C PHE L 115 -48.17 42.88 51.74
N PRO L 116 -48.91 42.47 50.70
CA PRO L 116 -50.37 42.67 50.65
C PRO L 116 -51.14 41.47 51.17
N PHE L 117 -51.15 41.33 52.50
CA PHE L 117 -51.71 40.13 53.13
C PHE L 117 -53.23 40.09 53.01
N GLN L 118 -53.91 41.16 53.43
CA GLN L 118 -55.37 41.17 53.42
C GLN L 118 -55.94 41.29 52.03
N ALA L 119 -55.23 41.97 51.13
CA ALA L 119 -55.58 41.95 49.70
C ALA L 119 -55.47 40.54 49.12
N MET L 120 -54.51 39.75 49.61
CA MET L 120 -54.39 38.37 49.15
C MET L 120 -55.48 37.48 49.73
N VAL L 121 -55.87 37.70 50.99
CA VAL L 121 -57.05 37.05 51.56
C VAL L 121 -58.29 37.40 50.75
N GLN L 122 -58.40 38.65 50.32
CA GLN L 122 -59.58 39.13 49.66
C GLN L 122 -59.64 38.59 48.22
N PHE L 123 -58.45 38.39 47.60
CA PHE L 123 -58.36 37.70 46.31
C PHE L 123 -58.69 36.21 46.42
N HIS L 124 -58.25 35.56 47.51
CA HIS L 124 -58.51 34.14 47.68
C HIS L 124 -59.99 33.89 47.96
N ARG L 125 -60.63 34.78 48.70
CA ARG L 125 -62.08 34.67 48.85
C ARG L 125 -62.81 35.02 47.56
N HIS L 126 -62.24 35.88 46.73
CA HIS L 126 -62.92 36.27 45.49
C HIS L 126 -62.82 35.18 44.43
N HIS L 127 -61.73 34.39 44.42
CA HIS L 127 -61.65 33.34 43.40
C HIS L 127 -62.19 32.00 43.92
N GLY L 128 -61.99 31.68 45.20
CA GLY L 128 -62.71 30.58 45.82
C GLY L 128 -62.26 29.16 45.52
N GLN L 129 -61.01 28.96 45.08
CA GLN L 129 -60.44 27.61 44.98
C GLN L 129 -59.29 27.40 45.94
N GLU L 130 -58.54 26.31 45.71
CA GLU L 130 -57.65 25.71 46.70
C GLU L 130 -56.47 26.62 47.03
N GLY L 131 -55.65 26.92 46.04
CA GLY L 131 -54.36 27.58 46.28
C GLY L 131 -54.28 28.89 45.54
N SER L 132 -53.75 29.90 46.21
CA SER L 132 -53.49 31.21 45.61
C SER L 132 -51.99 31.48 45.64
N ILE L 133 -51.45 31.92 44.52
CA ILE L 133 -50.01 32.12 44.36
C ILE L 133 -49.78 33.60 44.08
N LEU L 134 -48.66 34.14 44.58
CA LEU L 134 -48.30 35.52 44.32
C LEU L 134 -47.24 35.55 43.24
N VAL L 135 -47.46 36.43 42.25
CA VAL L 135 -46.58 36.56 41.09
C VAL L 135 -46.15 38.02 40.97
N THR L 136 -44.97 38.22 40.39
CA THR L 136 -44.41 39.55 40.15
C THR L 136 -43.80 39.62 38.76
N LYS L 137 -43.46 40.85 38.37
CA LYS L 137 -42.79 41.17 37.14
C LYS L 137 -41.28 41.19 37.37
N VAL L 138 -40.52 40.68 36.40
CA VAL L 138 -39.08 40.81 36.40
C VAL L 138 -38.66 41.37 35.06
N GLU L 139 -37.38 41.72 34.94
CA GLU L 139 -36.85 42.19 33.67
C GLU L 139 -36.11 41.11 32.90
N GLU L 140 -35.86 39.95 33.53
CA GLU L 140 -34.95 38.95 32.96
C GLU L 140 -35.63 37.59 33.09
N PRO L 141 -36.43 37.18 32.09
CA PRO L 141 -37.18 35.91 32.20
C PRO L 141 -36.30 34.68 32.12
N SER L 142 -35.04 34.83 31.69
CA SER L 142 -34.11 33.75 31.45
C SER L 142 -33.41 33.24 32.72
N LYS L 143 -33.97 33.56 33.90
CA LYS L 143 -33.41 33.11 35.17
C LYS L 143 -34.42 32.36 36.03
N TYR L 144 -35.70 32.70 36.00
CA TYR L 144 -36.66 32.17 36.93
C TYR L 144 -37.81 31.49 36.20
N GLY L 145 -38.54 30.64 36.92
CA GLY L 145 -39.62 29.89 36.31
C GLY L 145 -40.84 30.76 36.03
N VAL L 146 -41.25 30.77 34.77
CA VAL L 146 -42.31 31.65 34.32
C VAL L 146 -43.66 30.97 34.58
N VAL L 147 -44.67 31.81 34.76
CA VAL L 147 -46.03 31.34 35.03
C VAL L 147 -46.96 32.10 34.12
N VAL L 148 -48.00 31.45 33.65
CA VAL L 148 -48.91 32.10 32.71
C VAL L 148 -50.28 32.31 33.35
N CYS L 149 -50.79 33.55 33.22
CA CYS L 149 -52.01 33.98 33.89
C CYS L 149 -53.02 34.42 32.83
N GLU L 150 -54.29 34.17 33.11
CA GLU L 150 -55.41 34.69 32.33
C GLU L 150 -55.83 36.04 32.89
N ALA L 151 -56.18 36.97 32.00
CA ALA L 151 -56.69 38.27 32.45
C ALA L 151 -58.10 38.14 33.04
N ASP L 152 -58.38 39.00 34.04
CA ASP L 152 -59.60 39.05 34.87
C ASP L 152 -59.91 37.84 35.74
N THR L 153 -59.13 36.77 35.66
CA THR L 153 -59.29 35.67 36.60
C THR L 153 -58.00 35.34 37.32
N GLY L 154 -56.85 35.52 36.69
CA GLY L 154 -55.59 35.14 37.28
C GLY L 154 -55.39 33.66 37.45
N ARG L 155 -56.14 32.82 36.75
CA ARG L 155 -56.00 31.39 36.92
C ARG L 155 -54.73 30.91 36.25
N ILE L 156 -54.14 29.88 36.84
CA ILE L 156 -53.01 29.19 36.25
C ILE L 156 -53.53 28.43 35.03
N HIS L 157 -52.71 28.37 33.98
CA HIS L 157 -52.91 27.29 33.03
C HIS L 157 -51.76 26.31 33.13
N ARG L 158 -50.54 26.84 33.11
CA ARG L 158 -49.35 26.02 33.16
C ARG L 158 -48.28 26.60 34.06
N PHE L 159 -47.59 25.73 34.77
CA PHE L 159 -46.45 26.11 35.59
C PHE L 159 -45.20 25.62 34.87
N VAL L 160 -44.35 26.54 34.40
CA VAL L 160 -43.19 26.19 33.59
C VAL L 160 -41.95 26.46 34.42
N GLU L 161 -41.07 25.46 34.55
CA GLU L 161 -39.92 25.61 35.43
C GLU L 161 -38.73 26.19 34.69
N LYS L 162 -38.61 25.91 33.37
CA LYS L 162 -37.47 26.50 32.64
C LYS L 162 -37.84 27.63 31.69
N PRO L 163 -36.93 28.63 31.58
CA PRO L 163 -37.05 29.71 30.60
C PRO L 163 -36.65 29.36 29.19
N GLN L 164 -36.46 30.42 28.38
CA GLN L 164 -35.98 30.51 26.98
C GLN L 164 -37.06 30.20 25.96
N VAL L 165 -38.32 30.26 26.37
CA VAL L 165 -39.45 30.06 25.46
C VAL L 165 -40.38 31.28 25.43
N PHE L 166 -40.44 32.07 26.51
CA PHE L 166 -41.21 33.32 26.66
C PHE L 166 -42.71 33.08 26.43
N VAL L 167 -43.27 32.27 27.31
CA VAL L 167 -44.71 32.13 27.41
C VAL L 167 -45.29 33.07 28.46
N SER L 168 -44.46 33.61 29.33
CA SER L 168 -44.98 34.51 30.35
C SER L 168 -43.92 35.36 31.03
N ASN L 169 -44.34 36.57 31.39
CA ASN L 169 -43.47 37.50 32.09
C ASN L 169 -43.33 37.11 33.56
N LYS L 170 -44.39 36.58 34.17
CA LYS L 170 -44.52 36.63 35.62
C LYS L 170 -43.84 35.47 36.33
N ILE L 171 -43.37 35.75 37.54
CA ILE L 171 -42.49 34.89 38.31
C ILE L 171 -43.12 34.65 39.67
N ASN L 172 -42.97 33.43 40.20
CA ASN L 172 -43.25 33.10 41.61
C ASN L 172 -42.66 34.14 42.56
N ALA L 173 -43.47 34.59 43.51
CA ALA L 173 -43.02 35.57 44.49
C ALA L 173 -42.74 34.96 45.86
N GLY L 174 -43.07 33.69 46.06
CA GLY L 174 -42.82 33.05 47.34
C GLY L 174 -43.89 33.24 48.39
N MET L 175 -45.02 33.84 48.04
CA MET L 175 -46.19 33.83 48.92
C MET L 175 -47.27 32.96 48.32
N TYR L 176 -47.81 32.07 49.15
CA TYR L 176 -48.93 31.22 48.79
C TYR L 176 -49.95 31.32 49.91
N ILE L 177 -51.23 31.19 49.58
CA ILE L 177 -52.25 30.84 50.58
C ILE L 177 -52.82 29.51 50.16
N LEU L 178 -52.83 28.56 51.09
CA LEU L 178 -53.30 27.22 50.76
C LEU L 178 -54.45 26.81 51.67
N SER L 179 -55.33 25.99 51.11
CA SER L 179 -56.44 25.34 51.80
C SER L 179 -55.94 24.05 52.46
N PRO L 180 -56.68 23.52 53.45
CA PRO L 180 -56.27 22.26 54.08
C PRO L 180 -56.29 21.03 53.18
N ALA L 181 -57.05 21.03 52.08
CA ALA L 181 -57.03 19.89 51.16
C ALA L 181 -55.70 19.79 50.40
N VAL L 182 -55.08 20.96 50.13
CA VAL L 182 -53.73 21.01 49.59
C VAL L 182 -52.76 20.33 50.54
N LEU L 183 -52.87 20.64 51.84
CA LEU L 183 -52.10 19.96 52.88
C LEU L 183 -52.45 18.47 53.01
N GLN L 184 -53.68 18.07 52.67
CA GLN L 184 -53.99 16.64 52.62
C GLN L 184 -53.28 15.97 51.45
N ARG L 185 -52.98 16.72 50.39
CA ARG L 185 -52.25 16.15 49.27
C ARG L 185 -50.75 16.03 49.53
N ILE L 186 -50.21 16.75 50.51
CA ILE L 186 -48.77 16.79 50.77
C ILE L 186 -48.36 15.65 51.69
N GLN L 187 -47.34 14.88 51.28
CA GLN L 187 -46.84 13.75 52.06
C GLN L 187 -45.59 14.15 52.86
N LEU L 188 -45.14 13.22 53.73
CA LEU L 188 -44.09 13.51 54.72
C LEU L 188 -42.66 13.29 54.17
N GLN L 189 -42.51 12.71 52.97
CA GLN L 189 -41.19 12.58 52.35
C GLN L 189 -40.63 13.95 52.03
N PRO L 190 -39.30 14.12 52.09
CA PRO L 190 -38.70 15.40 51.70
C PRO L 190 -38.73 15.66 50.20
N THR L 191 -39.87 16.15 49.71
CA THR L 191 -39.97 16.57 48.32
C THR L 191 -40.27 18.08 48.34
N SER L 192 -40.01 18.76 47.23
CA SER L 192 -40.28 20.19 47.17
C SER L 192 -41.71 20.47 46.70
N ILE L 193 -42.30 21.55 47.23
CA ILE L 193 -43.69 21.87 46.90
C ILE L 193 -43.80 22.51 45.53
N GLU L 194 -42.88 23.43 45.20
CA GLU L 194 -42.93 24.15 43.93
C GLU L 194 -42.48 23.28 42.77
N LYS L 195 -41.88 22.11 43.05
CA LYS L 195 -41.39 21.22 42.00
C LYS L 195 -42.47 20.23 41.58
N GLU L 196 -43.21 19.66 42.55
CA GLU L 196 -44.27 18.71 42.21
C GLU L 196 -45.66 19.12 42.68
N VAL L 197 -45.81 19.58 43.93
CA VAL L 197 -47.14 19.79 44.50
C VAL L 197 -47.87 20.94 43.80
N PHE L 198 -47.15 21.99 43.45
CA PHE L 198 -47.73 23.10 42.68
C PHE L 198 -47.93 22.67 41.22
N PRO L 199 -47.11 21.76 40.70
CA PRO L 199 -47.32 21.32 39.31
C PRO L 199 -48.58 20.46 39.09
N ILE L 200 -48.96 19.58 40.02
CA ILE L 200 -50.19 18.83 39.77
C ILE L 200 -51.39 19.72 40.02
N MET L 201 -51.25 20.67 40.95
CA MET L 201 -52.33 21.62 41.21
C MET L 201 -52.52 22.56 40.03
N ALA L 202 -51.43 22.88 39.31
CA ALA L 202 -51.53 23.64 38.07
C ALA L 202 -52.06 22.79 36.93
N LYS L 203 -51.80 21.48 36.95
CA LYS L 203 -52.36 20.57 35.95
C LYS L 203 -53.85 20.34 36.22
N GLU L 204 -54.25 20.35 37.50
CA GLU L 204 -55.68 20.45 37.77
C GLU L 204 -56.23 21.86 37.56
N GLY L 205 -55.38 22.86 37.40
CA GLY L 205 -55.83 24.22 37.28
C GLY L 205 -56.30 24.82 38.59
N GLN L 206 -55.91 24.21 39.72
CA GLN L 206 -56.40 24.62 41.02
C GLN L 206 -55.80 25.94 41.47
N LEU L 207 -54.61 26.30 41.01
CA LEU L 207 -54.03 27.55 41.50
C LEU L 207 -54.56 28.76 40.75
N TYR L 208 -54.59 29.89 41.43
CA TYR L 208 -54.87 31.19 40.85
C TYR L 208 -53.74 32.13 41.22
N ALA L 209 -53.50 33.15 40.40
CA ALA L 209 -52.35 34.03 40.56
C ALA L 209 -52.79 35.46 40.82
N MET L 210 -52.25 36.05 41.90
CA MET L 210 -52.43 37.45 42.27
C MET L 210 -51.13 38.20 42.01
N GLU L 211 -51.23 39.40 41.41
CA GLU L 211 -50.08 40.19 41.02
C GLU L 211 -49.80 41.30 42.02
N LEU L 212 -48.52 41.61 42.19
CA LEU L 212 -48.07 42.66 43.10
C LEU L 212 -48.01 44.00 42.36
N GLN L 213 -47.76 45.07 43.13
CA GLN L 213 -47.60 46.39 42.55
C GLN L 213 -46.16 46.53 42.05
N GLY L 214 -45.22 46.45 42.98
CA GLY L 214 -43.81 46.53 42.70
C GLY L 214 -43.07 46.35 44.00
N PHE L 215 -41.74 46.56 43.93
CA PHE L 215 -40.81 46.34 45.04
C PHE L 215 -40.91 44.90 45.55
N TRP L 216 -40.38 44.00 44.72
CA TRP L 216 -40.19 42.62 45.09
C TRP L 216 -38.73 42.26 44.94
N MET L 217 -38.17 41.55 45.92
CA MET L 217 -36.85 40.96 45.72
C MET L 217 -36.67 39.75 46.61
N ASP L 218 -36.37 38.62 45.99
CA ASP L 218 -35.76 37.49 46.68
C ASP L 218 -34.30 37.88 46.91
N ILE L 219 -33.84 37.78 48.15
CA ILE L 219 -32.50 38.24 48.51
C ILE L 219 -31.65 37.08 49.02
N GLY L 220 -31.88 35.90 48.45
CA GLY L 220 -31.13 34.71 48.82
C GLY L 220 -29.67 34.72 48.40
N GLN L 221 -29.29 35.58 47.40
CA GLN L 221 -28.00 35.84 46.78
C GLN L 221 -27.44 37.17 47.26
N PRO L 222 -26.11 37.35 47.30
CA PRO L 222 -25.56 38.62 47.81
C PRO L 222 -25.78 39.81 46.89
N LYS L 223 -25.68 39.64 45.58
CA LYS L 223 -26.03 40.73 44.67
C LYS L 223 -27.53 41.01 44.70
N ASP L 224 -28.33 39.96 44.91
CA ASP L 224 -29.75 40.18 45.11
C ASP L 224 -30.06 40.81 46.47
N PHE L 225 -29.22 40.51 47.49
CA PHE L 225 -29.28 41.21 48.77
C PHE L 225 -29.04 42.70 48.58
N LEU L 226 -28.09 43.08 47.72
CA LEU L 226 -27.80 44.50 47.54
C LEU L 226 -28.83 45.21 46.66
N THR L 227 -29.39 44.51 45.66
CA THR L 227 -30.48 45.14 44.91
C THR L 227 -31.77 45.26 45.72
N GLY L 228 -32.10 44.26 46.54
CA GLY L 228 -33.24 44.39 47.44
C GLY L 228 -33.02 45.41 48.53
N MET L 229 -31.76 45.57 48.97
CA MET L 229 -31.33 46.67 49.83
C MET L 229 -31.67 48.02 49.22
N CYS L 230 -31.31 48.18 47.94
CA CYS L 230 -31.50 49.43 47.21
C CYS L 230 -32.99 49.74 47.07
N LEU L 231 -33.78 48.72 46.72
CA LEU L 231 -35.22 48.92 46.57
C LEU L 231 -35.94 49.10 47.90
N PHE L 232 -35.42 48.51 49.00
CA PHE L 232 -36.05 48.71 50.30
C PHE L 232 -35.77 50.10 50.84
N LEU L 233 -34.59 50.65 50.57
CA LEU L 233 -34.37 52.03 50.96
C LEU L 233 -35.15 53.01 50.11
N GLN L 234 -35.37 52.70 48.83
CA GLN L 234 -36.26 53.52 48.00
C GLN L 234 -37.71 53.48 48.53
N SER L 235 -38.19 52.29 48.90
CA SER L 235 -39.52 52.15 49.47
C SER L 235 -39.64 52.81 50.85
N LEU L 236 -38.58 52.79 51.67
CA LEU L 236 -38.63 53.55 52.92
C LEU L 236 -38.59 55.05 52.69
N ARG L 237 -37.87 55.51 51.68
CA ARG L 237 -37.86 56.93 51.37
C ARG L 237 -39.23 57.40 50.94
N GLN L 238 -39.95 56.55 50.22
CA GLN L 238 -41.28 56.94 49.76
C GLN L 238 -42.40 56.61 50.75
N LYS L 239 -42.13 55.85 51.83
CA LYS L 239 -43.17 55.61 52.83
C LYS L 239 -42.92 56.30 54.18
N GLN L 240 -41.70 56.23 54.72
CA GLN L 240 -41.35 56.89 55.98
C GLN L 240 -40.03 57.63 55.81
N PRO L 241 -40.09 58.83 55.24
CA PRO L 241 -38.86 59.56 54.90
C PRO L 241 -38.17 60.21 56.09
N GLU L 242 -38.78 60.21 57.27
CA GLU L 242 -38.12 60.73 58.46
C GLU L 242 -37.26 59.68 59.14
N ARG L 243 -37.35 58.42 58.72
CA ARG L 243 -36.58 57.37 59.37
C ARG L 243 -35.18 57.25 58.80
N LEU L 244 -34.97 57.64 57.56
CA LEU L 244 -33.63 57.71 57.01
C LEU L 244 -32.89 58.91 57.59
N CYS L 245 -31.61 58.72 57.93
CA CYS L 245 -30.82 59.79 58.51
C CYS L 245 -30.29 60.72 57.43
N SER L 246 -30.57 62.00 57.56
CA SER L 246 -30.12 62.99 56.59
C SER L 246 -29.10 63.91 57.24
N GLY L 247 -28.18 64.42 56.43
CA GLY L 247 -27.12 65.26 56.92
C GLY L 247 -26.36 65.94 55.80
N PRO L 248 -25.30 66.67 56.16
CA PRO L 248 -24.51 67.35 55.11
C PRO L 248 -23.62 66.41 54.32
N GLY L 249 -23.02 65.43 54.98
CA GLY L 249 -22.15 64.48 54.30
C GLY L 249 -22.87 63.20 53.90
N ILE L 250 -24.19 63.28 53.80
CA ILE L 250 -25.05 62.12 53.55
C ILE L 250 -25.74 62.33 52.22
N VAL L 251 -25.59 61.36 51.31
CA VAL L 251 -26.12 61.43 49.96
C VAL L 251 -27.14 60.33 49.79
N GLY L 252 -28.33 60.67 49.28
CA GLY L 252 -29.31 59.67 48.92
C GLY L 252 -30.07 59.11 50.11
N ASN L 253 -30.47 57.85 49.96
CA ASN L 253 -31.24 57.15 50.99
C ASN L 253 -30.29 56.39 51.90
N VAL L 254 -30.05 56.93 53.10
CA VAL L 254 -29.14 56.34 54.07
C VAL L 254 -29.89 56.09 55.36
N LEU L 255 -29.87 54.84 55.84
CA LEU L 255 -30.44 54.49 57.13
C LEU L 255 -29.35 54.03 58.08
N VAL L 256 -29.28 54.69 59.23
CA VAL L 256 -28.24 54.55 60.24
C VAL L 256 -28.92 54.25 61.57
N ASP L 257 -28.48 53.18 62.25
CA ASP L 257 -28.91 52.93 63.63
C ASP L 257 -28.50 54.07 64.56
N PRO L 258 -29.29 54.34 65.60
CA PRO L 258 -28.85 55.24 66.67
C PRO L 258 -27.58 54.81 67.39
N SER L 259 -27.24 53.52 67.41
CA SER L 259 -26.00 53.08 68.03
C SER L 259 -24.80 53.27 67.11
N ALA L 260 -25.03 53.46 65.82
CA ALA L 260 -23.93 53.62 64.87
C ALA L 260 -23.31 55.00 64.98
N ARG L 261 -21.99 55.06 64.79
CA ARG L 261 -21.25 56.32 64.84
C ARG L 261 -20.64 56.59 63.48
N ILE L 262 -20.72 57.85 63.04
CA ILE L 262 -20.18 58.29 61.76
C ILE L 262 -19.18 59.42 62.05
N GLY L 263 -17.97 59.30 61.52
CA GLY L 263 -16.92 60.26 61.79
C GLY L 263 -17.05 61.55 61.00
N GLN L 264 -16.14 62.46 61.30
CA GLN L 264 -16.12 63.78 60.69
C GLN L 264 -15.55 63.66 59.27
N ASN L 265 -16.13 64.45 58.35
CA ASN L 265 -15.60 64.69 56.99
C ASN L 265 -15.56 63.40 56.15
N CYS L 266 -16.68 62.72 56.04
CA CYS L 266 -16.78 61.56 55.17
C CYS L 266 -18.10 61.62 54.42
N SER L 267 -18.11 61.12 53.18
CA SER L 267 -19.33 61.16 52.38
C SER L 267 -19.88 59.75 52.27
N ILE L 268 -21.02 59.53 52.92
CA ILE L 268 -21.70 58.26 52.87
C ILE L 268 -22.76 58.33 51.77
N GLY L 269 -22.56 57.54 50.73
CA GLY L 269 -23.30 57.65 49.50
C GLY L 269 -24.65 56.97 49.54
N PRO L 270 -25.28 56.81 48.37
CA PRO L 270 -26.67 56.34 48.36
C PRO L 270 -26.80 54.86 48.66
N ASN L 271 -27.97 54.51 49.20
CA ASN L 271 -28.47 53.14 49.36
C ASN L 271 -27.60 52.29 50.28
N VAL L 272 -27.42 52.75 51.52
CA VAL L 272 -26.58 52.05 52.49
C VAL L 272 -27.36 51.85 53.79
N SER L 273 -27.03 50.77 54.50
CA SER L 273 -27.58 50.48 55.82
C SER L 273 -26.39 50.36 56.75
N LEU L 274 -26.36 51.11 57.82
CA LEU L 274 -25.33 50.88 58.80
C LEU L 274 -25.96 50.25 60.03
N GLY L 275 -25.37 49.14 60.47
CA GLY L 275 -25.90 48.36 61.55
C GLY L 275 -25.70 49.02 62.89
N PRO L 276 -26.21 48.37 63.93
CA PRO L 276 -26.08 48.94 65.28
C PRO L 276 -24.67 48.76 65.83
N GLY L 277 -24.08 49.87 66.27
CA GLY L 277 -22.79 49.85 66.90
C GLY L 277 -21.60 49.86 65.96
N VAL L 278 -21.81 50.16 64.68
CA VAL L 278 -20.68 50.29 63.76
C VAL L 278 -19.99 51.62 63.99
N VAL L 279 -18.71 51.66 63.64
CA VAL L 279 -17.87 52.84 63.84
C VAL L 279 -17.27 53.20 62.50
N VAL L 280 -17.68 54.35 61.96
CA VAL L 280 -17.14 54.87 60.71
C VAL L 280 -16.17 55.99 61.07
N GLU L 281 -14.95 55.87 60.58
CA GLU L 281 -13.93 56.84 60.91
C GLU L 281 -13.92 57.95 59.85
N ASP L 282 -12.89 58.78 59.84
CA ASP L 282 -12.89 59.97 59.01
C ASP L 282 -12.45 59.66 57.59
N GLY L 283 -13.15 60.24 56.62
CA GLY L 283 -12.75 60.14 55.24
C GLY L 283 -13.17 58.86 54.54
N VAL L 284 -14.18 58.19 55.05
CA VAL L 284 -14.59 56.89 54.53
C VAL L 284 -15.80 57.06 53.63
N CYS L 285 -15.68 56.60 52.40
CA CYS L 285 -16.76 56.70 51.42
C CYS L 285 -17.47 55.35 51.32
N ILE L 286 -18.77 55.34 51.58
CA ILE L 286 -19.59 54.14 51.59
C ILE L 286 -20.75 54.37 50.62
N ARG L 287 -20.79 53.61 49.53
CA ARG L 287 -21.92 53.66 48.61
C ARG L 287 -22.42 52.25 48.33
N ARG L 288 -23.74 52.07 48.40
CA ARG L 288 -24.44 50.82 48.09
C ARG L 288 -23.95 49.61 48.93
N CYS L 289 -23.35 49.81 50.11
CA CYS L 289 -22.88 48.72 50.95
C CYS L 289 -23.80 48.53 52.14
N THR L 290 -23.79 47.33 52.69
CA THR L 290 -24.53 47.00 53.90
C THR L 290 -23.50 46.62 54.97
N VAL L 291 -23.46 47.38 56.05
CA VAL L 291 -22.49 47.13 57.12
C VAL L 291 -23.28 46.59 58.29
N LEU L 292 -23.06 45.32 58.61
CA LEU L 292 -23.75 44.67 59.71
C LEU L 292 -23.12 45.09 61.04
N ARG L 293 -23.67 44.59 62.15
CA ARG L 293 -23.46 45.20 63.45
C ARG L 293 -22.04 44.99 63.98
N ASP L 294 -21.60 45.96 64.80
CA ASP L 294 -20.31 46.01 65.49
C ASP L 294 -19.10 45.99 64.55
N ALA L 295 -19.27 46.36 63.29
CA ALA L 295 -18.20 46.31 62.31
C ALA L 295 -17.52 47.68 62.19
N ARG L 296 -16.22 47.72 62.44
CA ARG L 296 -15.49 48.98 62.42
C ARG L 296 -14.80 49.17 61.06
N ILE L 297 -15.08 50.28 60.39
CA ILE L 297 -14.52 50.62 59.09
C ILE L 297 -13.58 51.80 59.31
N ARG L 298 -12.26 51.57 59.17
CA ARG L 298 -11.26 52.55 59.55
C ARG L 298 -11.11 53.63 58.46
N SER L 299 -10.23 54.59 58.73
CA SER L 299 -10.18 55.88 58.03
C SER L 299 -9.72 55.75 56.58
N HIS L 300 -10.20 56.69 55.75
CA HIS L 300 -9.82 56.86 54.35
C HIS L 300 -10.08 55.63 53.48
N SER L 301 -11.09 54.83 53.83
CA SER L 301 -11.44 53.67 53.02
C SER L 301 -12.52 54.02 52.00
N TRP L 302 -12.56 53.24 50.93
CA TRP L 302 -13.57 53.39 49.88
C TRP L 302 -14.28 52.07 49.70
N LEU L 303 -15.61 52.11 49.68
CA LEU L 303 -16.41 50.90 49.74
C LEU L 303 -17.60 51.06 48.81
N GLU L 304 -17.73 50.18 47.83
CA GLU L 304 -18.86 50.19 46.91
C GLU L 304 -19.39 48.78 46.72
N SER L 305 -20.71 48.63 46.80
CA SER L 305 -21.38 47.36 46.59
C SER L 305 -20.78 46.21 47.39
N CYS L 306 -20.93 46.27 48.71
CA CYS L 306 -20.39 45.22 49.57
C CYS L 306 -21.22 44.99 50.83
N ILE L 307 -20.98 43.83 51.43
CA ILE L 307 -21.63 43.32 52.63
C ILE L 307 -20.53 43.08 53.65
N VAL L 308 -20.42 43.98 54.62
CA VAL L 308 -19.43 43.85 55.69
C VAL L 308 -20.10 43.13 56.86
N GLY L 309 -19.52 41.99 57.25
CA GLY L 309 -20.12 41.16 58.26
C GLY L 309 -19.98 41.71 59.67
N TRP L 310 -20.34 40.88 60.63
CA TRP L 310 -20.33 41.30 62.03
C TRP L 310 -18.93 41.27 62.61
N ARG L 311 -18.59 42.34 63.35
CA ARG L 311 -17.32 42.51 64.07
C ARG L 311 -16.11 42.47 63.14
N CYS L 312 -16.27 43.03 61.94
CA CYS L 312 -15.12 43.15 61.05
C CYS L 312 -14.30 44.38 61.39
N ARG L 313 -13.11 44.43 60.81
CA ARG L 313 -12.18 45.56 60.93
C ARG L 313 -11.44 45.66 59.60
N VAL L 314 -11.91 46.57 58.75
CA VAL L 314 -11.26 46.88 57.48
C VAL L 314 -10.27 47.98 57.83
N GLY L 315 -9.02 47.87 57.38
CA GLY L 315 -8.00 48.83 57.76
C GLY L 315 -8.15 50.18 57.10
N GLN L 316 -7.05 50.91 56.99
CA GLN L 316 -7.08 52.21 56.35
C GLN L 316 -6.67 52.07 54.90
N TRP L 317 -7.25 52.92 54.05
CA TRP L 317 -7.04 52.96 52.60
C TRP L 317 -7.33 51.65 51.91
N VAL L 318 -8.32 50.89 52.37
CA VAL L 318 -8.81 49.74 51.60
C VAL L 318 -9.86 50.19 50.61
N ARG L 319 -9.76 49.64 49.41
CA ARG L 319 -10.74 49.78 48.35
C ARG L 319 -11.50 48.47 48.25
N MET L 320 -12.82 48.54 48.16
CA MET L 320 -13.68 47.38 48.23
C MET L 320 -14.83 47.56 47.24
N GLU L 321 -14.79 46.85 46.13
CA GLU L 321 -15.83 46.98 45.12
C GLU L 321 -16.29 45.63 44.57
N ASN L 322 -17.34 45.66 43.76
CA ASN L 322 -17.92 44.48 43.13
C ASN L 322 -18.37 43.38 44.10
N VAL L 323 -19.54 43.61 44.70
CA VAL L 323 -20.19 42.70 45.65
C VAL L 323 -19.36 41.72 46.48
N THR L 324 -18.30 42.18 47.12
CA THR L 324 -17.51 41.30 47.96
C THR L 324 -18.24 41.17 49.27
N VAL L 325 -18.28 39.97 49.84
CA VAL L 325 -18.94 39.79 51.13
C VAL L 325 -17.88 39.37 52.14
N LEU L 326 -17.82 40.07 53.26
CA LEU L 326 -16.97 39.66 54.37
C LEU L 326 -17.81 38.88 55.38
N GLY L 327 -17.25 37.79 55.90
CA GLY L 327 -17.89 37.03 56.95
C GLY L 327 -17.75 37.70 58.31
N GLU L 328 -18.04 36.94 59.35
CA GLU L 328 -17.89 37.49 60.69
C GLU L 328 -16.43 37.46 61.12
N ASP L 329 -16.03 38.52 61.81
CA ASP L 329 -14.71 38.72 62.42
C ASP L 329 -13.59 38.66 61.39
N VAL L 330 -13.77 39.37 60.28
CA VAL L 330 -12.76 39.41 59.23
C VAL L 330 -11.98 40.70 59.36
N ILE L 331 -10.68 40.58 59.59
CA ILE L 331 -9.81 41.75 59.65
C ILE L 331 -9.13 41.90 58.29
N VAL L 332 -9.20 43.09 57.73
CA VAL L 332 -8.53 43.42 56.49
C VAL L 332 -7.42 44.41 56.81
N ASN L 333 -6.20 44.11 56.38
CA ASN L 333 -5.07 44.97 56.67
C ASN L 333 -5.13 46.25 55.83
N ASP L 334 -4.21 47.15 56.15
CA ASP L 334 -4.19 48.47 55.54
C ASP L 334 -3.76 48.40 54.09
N GLU L 335 -4.34 49.29 53.27
CA GLU L 335 -3.96 49.54 51.87
C GLU L 335 -4.10 48.30 51.00
N LEU L 336 -5.30 47.72 50.99
CA LEU L 336 -5.57 46.52 50.21
C LEU L 336 -6.73 46.78 49.26
N TYR L 337 -6.83 45.94 48.24
CA TYR L 337 -7.87 46.07 47.22
C TYR L 337 -8.64 44.77 47.13
N LEU L 338 -9.96 44.84 47.29
CA LEU L 338 -10.82 43.67 47.27
C LEU L 338 -11.87 43.84 46.18
N ASN L 339 -11.92 42.87 45.26
CA ASN L 339 -12.84 42.88 44.13
C ASN L 339 -13.42 41.48 44.01
N GLY L 340 -14.68 41.31 44.44
CA GLY L 340 -15.31 40.00 44.34
C GLY L 340 -14.89 39.00 45.39
N ALA L 341 -14.15 39.42 46.41
CA ALA L 341 -13.63 38.50 47.42
C ALA L 341 -14.74 38.13 48.40
N SER L 342 -15.30 36.93 48.24
CA SER L 342 -16.18 36.34 49.26
C SER L 342 -15.29 35.72 50.31
N VAL L 343 -15.12 36.42 51.43
CA VAL L 343 -14.17 36.02 52.46
C VAL L 343 -14.92 35.28 53.55
N LEU L 344 -14.41 34.09 53.89
CA LEU L 344 -15.01 33.25 54.92
C LEU L 344 -14.75 33.86 56.30
N PRO L 345 -15.55 33.49 57.31
CA PRO L 345 -15.39 34.09 58.64
C PRO L 345 -14.06 33.75 59.30
N HIS L 346 -13.67 34.64 60.24
CA HIS L 346 -12.46 34.55 61.06
C HIS L 346 -11.20 34.49 60.21
N LYS L 347 -11.15 35.32 59.18
CA LYS L 347 -10.02 35.38 58.28
C LYS L 347 -9.28 36.71 58.44
N SER L 348 -7.98 36.67 58.15
CA SER L 348 -7.12 37.85 58.14
C SER L 348 -6.52 38.01 56.75
N ILE L 349 -6.89 39.08 56.06
CA ILE L 349 -6.44 39.32 54.70
C ILE L 349 -5.28 40.30 54.72
N GLY L 350 -4.18 39.93 54.05
CA GLY L 350 -3.04 40.80 53.90
C GLY L 350 -2.61 40.91 52.44
N GLU L 351 -3.29 40.16 51.57
CA GLU L 351 -3.13 40.26 50.13
C GLU L 351 -4.22 41.17 49.61
N SER L 352 -3.98 41.82 48.49
CA SER L 352 -5.10 42.35 47.72
C SER L 352 -5.66 41.27 46.79
N VAL L 353 -6.97 41.33 46.56
CA VAL L 353 -7.68 40.35 45.75
C VAL L 353 -8.20 41.06 44.51
N PRO L 354 -7.49 41.00 43.38
CA PRO L 354 -7.86 41.84 42.23
C PRO L 354 -9.05 41.30 41.46
N GLU L 355 -9.29 40.00 41.56
CA GLU L 355 -10.18 39.28 40.69
C GLU L 355 -11.11 38.42 41.56
N PRO L 356 -12.41 38.24 41.18
CA PRO L 356 -13.36 37.57 42.08
C PRO L 356 -13.07 36.11 42.39
N ARG L 357 -12.69 35.84 43.64
CA ARG L 357 -12.40 34.50 44.11
C ARG L 357 -12.78 34.44 45.59
N ILE L 358 -12.84 33.22 46.11
CA ILE L 358 -13.28 32.96 47.47
C ILE L 358 -12.04 32.76 48.35
N ILE L 359 -11.98 33.49 49.46
CA ILE L 359 -10.85 33.45 50.37
C ILE L 359 -11.21 32.58 51.56
N MET L 360 -10.44 31.52 51.77
CA MET L 360 -10.64 30.66 52.92
C MET L 360 -9.31 30.18 53.48
#